data_6ONC
#
_entry.id   6ONC
#
_cell.length_a   64.790
_cell.length_b   144.150
_cell.length_c   123.690
_cell.angle_alpha   90.00
_cell.angle_beta   98.50
_cell.angle_gamma   90.00
#
_symmetry.space_group_name_H-M   'P 1 21 1'
#
loop_
_entity.id
_entity.type
_entity.pdbx_description
1 polymer 'Carbon monoxide dehydrogenase'
2 non-polymer 'IRON/SULFUR CLUSTER'
3 non-polymer 'FE(4)-NI(1)-S(4) CLUSTER'
4 non-polymer 'FE (III) ION'
5 non-polymer GLYCEROL
6 non-polymer 'MAGNESIUM ION'
7 non-polymer 'FE2/S2 (INORGANIC) CLUSTER'
8 non-polymer 'CHLORIDE ION'
9 water water
#
_entity_poly.entity_id   1
_entity_poly.type   'polypeptide(L)'
_entity_poly.pdbx_seq_one_letter_code
;MWSHPAVRKSSSKTIRSRSIWDDAHAMLEKAKAEGISTVWDRAAEQTPACKFCELGTTCRNCIMGPCRIANRKDGKMRLG
VCGADADVIVARNFGRFIAGGAAGHSDHGRDLIETLEAVAEGKAPGYTIRDVAKLRRIAAELGVADAATRPAHDVAADLV
TICYNDFGSRRNALAFLARAPQVRRDLWQRLGMTPRGVDREIAEMMHRTHMGCDNDHTSLLVHAARTALADGWGGSMIGT
ELSDILFGTPRPRQSTVNLGVLRKDAVNILVHGHNPVVSEMILAATREPAVRQAAQDAGAADINVAGLCCTGNELLMRQG
IPMAGNHLMTELAIVTGAADAIVADYQCIMPSLVQIAACYHTRFVTTSPKGRFTGATHVEVHPHNAQERCREIVMLAIDA
YTRRDPARVDIPSQPVSIMSGFSNEAILEALGGTPKPLIDAVVAGQIRGFVGIVGCNNPKIRQDSANVTLTRELIRRDIM
VLATGCVTTAAGKAGLLVPEAASKAGEGLAAVCRSLGVPPVLHMGSCVDNSRILQLCALLATTLGVDISDLPVGASSPEW
YSEKAAAIAMYAVASGIPTHLGLPPNILGSENVTAMALHGLQDVVGAAFMVEPDPVKAADMLEAHIVARRARLGLTS
;
_entity_poly.pdbx_strand_id   A,B,C,D
#
loop_
_chem_comp.id
_chem_comp.type
_chem_comp.name
_chem_comp.formula
CL non-polymer 'CHLORIDE ION' 'Cl -1'
FE non-polymer 'FE (III) ION' 'Fe 3'
FES non-polymer 'FE2/S2 (INORGANIC) CLUSTER' 'Fe2 S2'
GOL non-polymer GLYCEROL 'C3 H8 O3'
MG non-polymer 'MAGNESIUM ION' 'Mg 2'
SF4 non-polymer 'IRON/SULFUR CLUSTER' 'Fe4 S4'
XCC non-polymer 'FE(4)-NI(1)-S(4) CLUSTER' 'Fe4 Ni S4'
#
# COMPACT_ATOMS: atom_id res chain seq x y z
N SER A 12 5.86 23.62 65.62
CA SER A 12 6.29 22.45 66.38
C SER A 12 7.40 21.70 65.65
N LYS A 13 8.03 20.75 66.35
CA LYS A 13 9.08 19.93 65.75
C LYS A 13 8.52 19.00 64.68
N THR A 14 7.36 18.40 64.92
CA THR A 14 6.73 17.57 63.90
C THR A 14 6.43 18.39 62.66
N ILE A 15 5.89 19.60 62.83
CA ILE A 15 5.57 20.45 61.69
C ILE A 15 6.83 20.75 60.88
N ARG A 16 7.92 21.12 61.57
CA ARG A 16 9.16 21.41 60.84
C ARG A 16 9.63 20.20 60.04
N SER A 17 9.38 18.98 60.53
CA SER A 17 9.82 17.77 59.86
C SER A 17 9.00 17.42 58.62
N ARG A 18 7.89 18.10 58.37
CA ARG A 18 7.03 17.74 57.26
C ARG A 18 7.38 18.47 55.97
N SER A 19 8.11 19.58 56.04
CA SER A 19 8.44 20.33 54.85
C SER A 19 9.69 21.15 55.12
N ILE A 20 10.39 21.53 54.05
CA ILE A 20 11.49 22.47 54.19
C ILE A 20 11.03 23.93 54.12
N TRP A 21 9.76 24.20 53.83
CA TRP A 21 9.32 25.55 53.46
C TRP A 21 8.59 26.27 54.58
N ASP A 22 8.92 27.56 54.74
CA ASP A 22 8.24 28.42 55.69
C ASP A 22 6.74 28.48 55.43
N ASP A 23 6.33 28.60 54.16
CA ASP A 23 4.90 28.74 53.90
C ASP A 23 4.15 27.48 54.32
N ALA A 24 4.73 26.31 54.09
CA ALA A 24 4.15 25.06 54.57
C ALA A 24 4.07 25.01 56.09
N HIS A 25 5.16 25.37 56.77
CA HIS A 25 5.14 25.38 58.24
C HIS A 25 4.04 26.30 58.78
N ALA A 26 3.94 27.52 58.22
CA ALA A 26 2.95 28.47 58.71
C ALA A 26 1.54 27.93 58.55
N MET A 27 1.25 27.29 57.41
CA MET A 27 -0.09 26.75 57.21
C MET A 27 -0.33 25.48 58.01
N LEU A 28 0.71 24.68 58.26
CA LEU A 28 0.54 23.53 59.14
C LEU A 28 0.24 23.97 60.57
N GLU A 29 0.91 25.04 61.02
CA GLU A 29 0.59 25.59 62.34
C GLU A 29 -0.84 26.10 62.39
N LYS A 30 -1.29 26.74 61.31
CA LYS A 30 -2.64 27.26 61.25
C LYS A 30 -3.67 26.13 61.20
N ALA A 31 -3.39 25.08 60.41
CA ALA A 31 -4.29 23.93 60.37
C ALA A 31 -4.40 23.28 61.74
N LYS A 32 -3.28 23.17 62.45
CA LYS A 32 -3.30 22.61 63.80
C LYS A 32 -4.14 23.47 64.74
N ALA A 33 -3.97 24.79 64.67
CA ALA A 33 -4.75 25.67 65.55
C ALA A 33 -6.24 25.59 65.25
N GLU A 34 -6.61 25.34 64.00
CA GLU A 34 -8.01 25.30 63.60
C GLU A 34 -8.59 23.89 63.63
N GLY A 35 -7.80 22.88 63.97
CA GLY A 35 -8.30 21.53 64.04
C GLY A 35 -8.50 20.86 62.70
N ILE A 36 -7.80 21.32 61.67
CA ILE A 36 -7.94 20.80 60.31
C ILE A 36 -6.85 19.76 60.08
N SER A 37 -7.26 18.55 59.71
CA SER A 37 -6.31 17.48 59.42
C SER A 37 -5.78 17.61 58.00
N THR A 38 -4.56 17.12 57.78
CA THR A 38 -3.94 17.21 56.47
C THR A 38 -3.47 15.84 56.01
N VAL A 39 -2.94 15.83 54.78
CA VAL A 39 -2.38 14.62 54.18
C VAL A 39 -1.34 13.96 55.10
N TRP A 40 -0.56 14.77 55.84
CA TRP A 40 0.44 14.19 56.73
C TRP A 40 -0.19 13.49 57.93
N ASP A 41 -1.32 14.00 58.43
CA ASP A 41 -2.02 13.32 59.52
C ASP A 41 -2.58 11.98 59.06
N ARG A 42 -3.13 11.94 57.84
CA ARG A 42 -3.67 10.69 57.34
C ARG A 42 -2.55 9.70 56.98
N ALA A 43 -1.41 10.20 56.51
CA ALA A 43 -0.27 9.30 56.29
C ALA A 43 0.17 8.64 57.60
N ALA A 44 0.18 9.40 58.71
CA ALA A 44 0.53 8.81 60.00
C ALA A 44 -0.48 7.75 60.42
N GLU A 45 -1.77 7.98 60.15
CA GLU A 45 -2.79 6.97 60.47
C GLU A 45 -2.58 5.69 59.66
N GLN A 46 -2.05 5.81 58.46
CA GLN A 46 -1.88 4.66 57.57
C GLN A 46 -0.51 4.02 57.70
N THR A 47 0.28 4.43 58.69
CA THR A 47 1.55 3.81 59.01
C THR A 47 1.41 3.14 60.37
N PRO A 48 1.77 1.86 60.50
CA PRO A 48 2.38 1.01 59.47
C PRO A 48 1.37 0.53 58.41
N ALA A 49 1.86 0.33 57.20
CA ALA A 49 1.03 -0.15 56.11
C ALA A 49 0.93 -1.67 56.14
N CYS A 50 -0.04 -2.20 55.41
CA CYS A 50 -0.14 -3.64 55.23
C CYS A 50 1.13 -4.14 54.54
N LYS A 51 1.77 -5.15 55.14
CA LYS A 51 3.05 -5.63 54.61
C LYS A 51 2.89 -6.24 53.21
N PHE A 52 1.82 -7.01 52.98
CA PHE A 52 1.66 -7.63 51.66
C PHE A 52 1.38 -6.59 50.58
N CYS A 53 0.52 -5.62 50.88
CA CYS A 53 0.27 -4.54 49.94
C CYS A 53 1.57 -3.78 49.61
N GLU A 54 2.37 -3.47 50.64
CA GLU A 54 3.63 -2.75 50.44
C GLU A 54 4.59 -3.56 49.58
N LEU A 55 4.64 -4.87 49.77
CA LEU A 55 5.55 -5.74 49.02
C LEU A 55 5.02 -6.07 47.64
N GLY A 56 3.72 -5.90 47.41
CA GLY A 56 3.09 -6.26 46.16
C GLY A 56 2.61 -7.70 46.11
N THR A 57 2.75 -8.45 47.20
CA THR A 57 2.43 -9.88 47.27
C THR A 57 0.99 -10.11 47.73
N THR A 58 0.08 -9.40 47.10
CA THR A 58 -1.36 -9.55 47.35
C THR A 58 -2.09 -9.35 46.03
N CYS A 59 -3.14 -10.14 45.81
CA CYS A 59 -3.84 -10.09 44.53
C CYS A 59 -5.34 -10.13 44.79
N ARG A 60 -6.06 -9.26 44.08
CA ARG A 60 -7.51 -9.15 44.17
C ARG A 60 -8.15 -9.22 42.80
N ASN A 61 -7.52 -9.90 41.85
CA ASN A 61 -7.96 -9.89 40.46
C ASN A 61 -9.09 -10.88 40.15
N CYS A 62 -9.52 -11.68 41.12
CA CYS A 62 -10.69 -12.55 40.94
C CYS A 62 -11.19 -12.95 42.32
N ILE A 63 -12.39 -13.50 42.39
CA ILE A 63 -12.97 -13.90 43.67
C ILE A 63 -12.79 -15.39 43.98
N MET A 64 -11.88 -16.07 43.27
CA MET A 64 -11.27 -17.23 43.90
C MET A 64 -10.38 -16.78 45.05
N GLY A 65 -9.80 -15.58 44.92
CA GLY A 65 -9.08 -14.93 45.99
C GLY A 65 -10.01 -14.11 46.85
N PRO A 66 -9.50 -13.05 47.50
CA PRO A 66 -8.16 -12.49 47.36
C PRO A 66 -7.07 -13.37 47.96
N CYS A 67 -5.86 -13.18 47.44
CA CYS A 67 -4.73 -14.02 47.78
C CYS A 67 -3.61 -13.18 48.36
N ARG A 68 -2.82 -13.79 49.25
CA ARG A 68 -1.58 -13.22 49.73
C ARG A 68 -0.48 -14.25 49.59
N ILE A 69 0.71 -13.81 49.23
CA ILE A 69 1.87 -14.69 49.10
C ILE A 69 2.75 -14.47 50.31
N ALA A 70 2.97 -15.54 51.07
CA ALA A 70 3.76 -15.48 52.28
C ALA A 70 4.89 -16.50 52.21
N ASN A 71 5.89 -16.33 53.08
CA ASN A 71 6.98 -17.30 53.22
C ASN A 71 6.77 -17.98 54.56
N ARG A 72 6.10 -19.13 54.52
CA ARG A 72 5.79 -19.88 55.73
C ARG A 72 6.61 -21.17 55.75
N LYS A 73 7.02 -21.57 56.96
CA LYS A 73 7.82 -22.78 57.09
C LYS A 73 7.09 -23.99 56.54
N ASP A 74 5.76 -24.03 56.69
CA ASP A 74 4.96 -25.13 56.18
C ASP A 74 4.76 -25.08 54.67
N GLY A 75 5.32 -24.08 53.99
CA GLY A 75 5.18 -23.94 52.55
C GLY A 75 3.82 -23.51 52.07
N LYS A 76 2.89 -23.18 52.96
CA LYS A 76 1.57 -22.76 52.52
C LYS A 76 1.59 -21.29 52.11
N MET A 77 0.63 -20.93 51.26
CA MET A 77 0.49 -19.57 50.75
C MET A 77 1.66 -19.13 49.89
N ARG A 78 2.38 -20.09 49.28
CA ARG A 78 3.40 -19.73 48.30
C ARG A 78 2.78 -19.31 46.98
N LEU A 79 1.57 -19.79 46.69
CA LEU A 79 0.89 -19.49 45.43
C LEU A 79 -0.53 -19.02 45.70
N GLY A 80 -1.08 -18.25 44.75
CA GLY A 80 -2.48 -17.91 44.79
C GLY A 80 -3.35 -19.09 44.43
N VAL A 81 -4.67 -18.90 44.53
CA VAL A 81 -5.61 -20.00 44.31
C VAL A 81 -5.49 -20.53 42.88
N CYS A 82 -5.21 -19.64 41.91
CA CYS A 82 -5.03 -20.04 40.53
C CYS A 82 -3.66 -20.66 40.25
N GLY A 83 -2.75 -20.67 41.21
CA GLY A 83 -1.40 -21.14 41.02
C GLY A 83 -0.35 -20.06 40.78
N ALA A 84 -0.75 -18.80 40.69
CA ALA A 84 0.22 -17.76 40.36
C ALA A 84 1.19 -17.54 41.53
N ASP A 85 2.46 -17.32 41.20
CA ASP A 85 3.48 -17.09 42.21
C ASP A 85 3.71 -15.60 42.47
N ALA A 86 4.67 -15.31 43.35
CA ALA A 86 4.92 -13.92 43.71
C ALA A 86 5.42 -13.11 42.51
N ASP A 87 6.22 -13.72 41.64
CA ASP A 87 6.71 -12.99 40.47
C ASP A 87 5.57 -12.52 39.59
N VAL A 88 4.61 -13.42 39.32
CA VAL A 88 3.49 -13.05 38.44
C VAL A 88 2.61 -12.01 39.12
N ILE A 89 2.27 -12.25 40.38
CA ILE A 89 1.37 -11.35 41.10
C ILE A 89 1.97 -9.95 41.18
N VAL A 90 3.27 -9.85 41.52
CA VAL A 90 3.90 -8.54 41.64
C VAL A 90 3.98 -7.85 40.28
N ALA A 91 4.35 -8.61 39.23
CA ALA A 91 4.47 -8.03 37.89
C ALA A 91 3.12 -7.58 37.37
N ARG A 92 2.07 -8.36 37.63
CA ARG A 92 0.73 -7.94 37.23
C ARG A 92 0.31 -6.68 37.97
N ASN A 93 0.58 -6.61 39.28
CA ASN A 93 0.20 -5.43 40.05
C ASN A 93 0.95 -4.19 39.53
N PHE A 94 2.23 -4.35 39.21
CA PHE A 94 3.01 -3.23 38.67
C PHE A 94 2.51 -2.84 37.28
N GLY A 95 2.15 -3.83 36.46
CA GLY A 95 1.61 -3.54 35.14
C GLY A 95 0.34 -2.71 35.20
N ARG A 96 -0.59 -3.08 36.09
CA ARG A 96 -1.82 -2.29 36.20
C ARG A 96 -1.54 -0.90 36.75
N PHE A 97 -0.57 -0.79 37.67
CA PHE A 97 -0.15 0.50 38.20
C PHE A 97 0.34 1.41 37.08
N ILE A 98 1.24 0.90 36.23
N ILE A 98 1.24 0.90 36.22
CA ILE A 98 1.71 1.64 35.06
CA ILE A 98 1.71 1.67 35.08
C ILE A 98 0.55 2.01 34.14
C ILE A 98 0.55 2.01 34.13
N ALA A 99 -0.38 1.06 33.93
CA ALA A 99 -1.48 1.31 33.01
C ALA A 99 -2.36 2.45 33.49
N GLY A 100 -2.55 2.55 34.81
CA GLY A 100 -3.31 3.68 35.35
C GLY A 100 -2.65 5.02 35.07
N GLY A 101 -1.32 5.06 35.16
CA GLY A 101 -0.62 6.29 34.82
C GLY A 101 -0.72 6.63 33.35
N ALA A 102 -0.48 5.64 32.49
CA ALA A 102 -0.64 5.85 31.06
C ALA A 102 -2.05 6.29 30.72
N ALA A 103 -3.05 5.73 31.40
CA ALA A 103 -4.43 6.10 31.11
C ALA A 103 -4.72 7.55 31.46
N GLY A 104 -4.13 8.06 32.54
CA GLY A 104 -4.31 9.47 32.85
C GLY A 104 -3.80 10.37 31.74
N HIS A 105 -2.64 10.04 31.19
CA HIS A 105 -2.10 10.84 30.09
C HIS A 105 -2.85 10.57 28.79
N SER A 106 -3.40 9.37 28.62
CA SER A 106 -4.18 9.07 27.42
C SER A 106 -5.40 10.00 27.33
N ASP A 107 -6.18 10.06 28.41
CA ASP A 107 -7.38 10.87 28.36
C ASP A 107 -7.04 12.34 28.25
N HIS A 108 -5.91 12.75 28.84
CA HIS A 108 -5.46 14.14 28.73
C HIS A 108 -5.22 14.50 27.27
N GLY A 109 -4.43 13.69 26.57
CA GLY A 109 -4.18 13.94 25.16
C GLY A 109 -5.44 13.87 24.33
N ARG A 110 -6.32 12.92 24.65
CA ARG A 110 -7.56 12.78 23.90
C ARG A 110 -8.40 14.04 23.98
N ASP A 111 -8.45 14.66 25.17
CA ASP A 111 -9.21 15.91 25.32
C ASP A 111 -8.65 17.03 24.46
N LEU A 112 -7.33 17.06 24.26
CA LEU A 112 -6.76 18.08 23.38
C LEU A 112 -7.15 17.81 21.93
N ILE A 113 -7.16 16.53 21.52
CA ILE A 113 -7.61 16.21 20.17
C ILE A 113 -9.05 16.68 19.98
N GLU A 114 -9.92 16.39 20.95
N GLU A 114 -9.91 16.38 20.95
CA GLU A 114 -11.32 16.76 20.82
CA GLU A 114 -11.32 16.75 20.84
C GLU A 114 -11.49 18.27 20.75
C GLU A 114 -11.48 18.27 20.75
N THR A 115 -10.66 19.01 21.52
CA THR A 115 -10.74 20.47 21.48
C THR A 115 -10.22 21.01 20.15
N LEU A 116 -9.12 20.47 19.64
CA LEU A 116 -8.61 20.93 18.34
C LEU A 116 -9.62 20.62 17.24
N GLU A 117 -10.27 19.47 17.31
CA GLU A 117 -11.30 19.13 16.34
C GLU A 117 -12.47 20.11 16.41
N ALA A 118 -12.89 20.46 17.63
CA ALA A 118 -13.96 21.44 17.80
C ALA A 118 -13.58 22.80 17.21
N VAL A 119 -12.31 23.21 17.35
CA VAL A 119 -11.86 24.43 16.70
C VAL A 119 -11.97 24.31 15.19
N ALA A 120 -11.49 23.19 14.64
CA ALA A 120 -11.55 22.99 13.18
C ALA A 120 -12.99 22.99 12.68
N GLU A 121 -13.93 22.49 13.49
CA GLU A 121 -15.34 22.47 13.12
C GLU A 121 -16.02 23.82 13.31
N GLY A 122 -15.36 24.77 13.97
CA GLY A 122 -16.03 26.01 14.31
C GLY A 122 -17.04 25.88 15.42
N LYS A 123 -16.83 24.95 16.34
CA LYS A 123 -17.77 24.66 17.43
C LYS A 123 -17.08 24.74 18.78
N ALA A 124 -16.25 25.77 18.98
CA ALA A 124 -15.52 25.94 20.23
C ALA A 124 -15.29 27.42 20.48
N PRO A 125 -16.35 28.16 20.83
CA PRO A 125 -16.19 29.62 21.04
C PRO A 125 -15.11 29.93 22.07
N GLY A 126 -14.19 30.81 21.70
CA GLY A 126 -13.11 31.21 22.58
C GLY A 126 -11.83 30.40 22.42
N TYR A 127 -11.89 29.27 21.73
CA TYR A 127 -10.69 28.52 21.40
C TYR A 127 -10.27 28.83 19.98
N THR A 128 -8.96 28.84 19.74
CA THR A 128 -8.42 29.17 18.43
C THR A 128 -7.13 28.39 18.23
N ILE A 129 -6.59 28.48 17.02
N ILE A 129 -6.63 28.45 17.00
CA ILE A 129 -5.25 28.00 16.73
CA ILE A 129 -5.26 28.04 16.70
C ILE A 129 -4.32 29.16 17.08
C ILE A 129 -4.36 29.21 17.10
N ARG A 130 -3.75 29.12 18.28
CA ARG A 130 -2.88 30.20 18.73
C ARG A 130 -1.51 30.15 18.08
N ASP A 131 -1.02 28.97 17.71
CA ASP A 131 0.27 28.83 17.05
C ASP A 131 0.07 28.16 15.69
N VAL A 132 -0.32 28.98 14.70
CA VAL A 132 -0.57 28.46 13.36
C VAL A 132 0.71 27.88 12.75
N ALA A 133 1.83 28.57 12.92
CA ALA A 133 3.08 28.04 12.36
C ALA A 133 3.39 26.66 12.93
N LYS A 134 3.21 26.47 14.25
CA LYS A 134 3.48 25.14 14.81
C LYS A 134 2.47 24.11 14.29
N LEU A 135 1.20 24.50 14.14
CA LEU A 135 0.23 23.60 13.52
C LEU A 135 0.71 23.11 12.16
N ARG A 136 1.16 24.05 11.32
CA ARG A 136 1.61 23.65 9.99
C ARG A 136 2.87 22.80 10.07
N ARG A 137 3.78 23.10 11.00
CA ARG A 137 4.99 22.32 11.13
C ARG A 137 4.70 20.89 11.62
N ILE A 138 3.88 20.76 12.66
CA ILE A 138 3.55 19.44 13.17
C ILE A 138 2.76 18.65 12.14
N ALA A 139 1.80 19.30 11.49
CA ALA A 139 1.03 18.60 10.47
C ALA A 139 1.92 18.08 9.35
N ALA A 140 2.83 18.93 8.85
CA ALA A 140 3.75 18.48 7.81
C ALA A 140 4.61 17.33 8.30
N GLU A 141 5.09 17.42 9.54
CA GLU A 141 5.97 16.37 10.08
C GLU A 141 5.26 15.03 10.08
N LEU A 142 3.96 15.03 10.35
CA LEU A 142 3.17 13.80 10.42
C LEU A 142 2.53 13.41 9.10
N GLY A 143 2.73 14.18 8.03
CA GLY A 143 2.35 13.76 6.69
C GLY A 143 1.13 14.45 6.08
N VAL A 144 0.60 15.50 6.69
CA VAL A 144 -0.53 16.21 6.10
C VAL A 144 -0.08 16.88 4.81
N ALA A 145 -0.79 16.61 3.72
CA ALA A 145 -0.44 17.20 2.43
C ALA A 145 -0.71 18.71 2.44
N ASP A 146 0.21 19.45 1.83
CA ASP A 146 0.09 20.91 1.69
C ASP A 146 -0.26 21.59 3.01
N ALA A 147 0.30 21.06 4.09
CA ALA A 147 0.11 21.66 5.42
C ALA A 147 0.63 23.09 5.48
N ALA A 148 1.61 23.43 4.63
CA ALA A 148 2.19 24.76 4.66
C ALA A 148 1.27 25.83 4.09
N THR A 149 0.35 25.44 3.19
CA THR A 149 -0.37 26.41 2.37
C THR A 149 -1.89 26.42 2.50
N ARG A 150 -2.50 25.33 2.96
CA ARG A 150 -3.95 25.23 3.02
C ARG A 150 -4.49 26.07 4.19
N PRO A 151 -5.79 26.40 4.16
CA PRO A 151 -6.38 27.13 5.30
C PRO A 151 -6.10 26.38 6.59
N ALA A 152 -5.78 27.14 7.65
CA ALA A 152 -5.33 26.55 8.90
C ALA A 152 -6.33 25.53 9.46
N HIS A 153 -7.62 25.83 9.42
CA HIS A 153 -8.57 24.89 10.00
C HIS A 153 -8.67 23.60 9.19
N ASP A 154 -8.43 23.65 7.88
CA ASP A 154 -8.37 22.42 7.10
C ASP A 154 -7.19 21.57 7.51
N VAL A 155 -6.03 22.20 7.73
CA VAL A 155 -4.87 21.46 8.20
C VAL A 155 -5.12 20.87 9.58
N ALA A 156 -5.78 21.63 10.47
CA ALA A 156 -6.09 21.13 11.80
C ALA A 156 -6.95 19.88 11.75
N ALA A 157 -7.94 19.85 10.86
CA ALA A 157 -8.81 18.69 10.73
C ALA A 157 -8.02 17.46 10.33
N ASP A 158 -7.01 17.63 9.46
CA ASP A 158 -6.22 16.48 9.04
C ASP A 158 -5.26 16.03 10.14
N LEU A 159 -4.72 16.97 10.93
CA LEU A 159 -3.91 16.59 12.07
C LEU A 159 -4.75 15.84 13.12
N VAL A 160 -5.97 16.32 13.36
CA VAL A 160 -6.91 15.64 14.26
C VAL A 160 -7.05 14.17 13.87
N THR A 161 -7.24 13.91 12.58
CA THR A 161 -7.43 12.53 12.11
C THR A 161 -6.20 11.67 12.41
N ILE A 162 -5.00 12.20 12.18
CA ILE A 162 -3.77 11.46 12.46
C ILE A 162 -3.67 11.13 13.95
N CYS A 163 -3.94 12.13 14.80
CA CYS A 163 -3.86 11.90 16.24
C CYS A 163 -4.90 10.87 16.69
N TYR A 164 -6.12 10.97 16.18
CA TYR A 164 -7.13 9.98 16.55
C TYR A 164 -6.75 8.59 16.07
N ASN A 165 -6.07 8.47 14.92
CA ASN A 165 -5.63 7.15 14.46
C ASN A 165 -4.66 6.51 15.45
N ASP A 166 -3.88 7.32 16.18
CA ASP A 166 -3.03 6.78 17.25
C ASP A 166 -3.83 6.30 18.45
N PHE A 167 -5.09 6.74 18.58
CA PHE A 167 -6.04 6.20 19.56
C PHE A 167 -6.93 5.11 18.96
N GLY A 168 -6.55 4.57 17.80
CA GLY A 168 -7.22 3.44 17.21
C GLY A 168 -6.32 2.21 17.24
N SER A 169 -6.77 1.18 16.53
CA SER A 169 -6.18 -0.15 16.63
C SER A 169 -5.57 -0.66 15.32
N ARG A 170 -5.20 0.25 14.40
CA ARG A 170 -4.73 -0.17 13.09
C ARG A 170 -3.27 0.21 12.80
N ARG A 171 -2.58 0.88 13.71
N ARG A 171 -2.58 0.87 13.72
CA ARG A 171 -1.20 1.30 13.49
CA ARG A 171 -1.21 1.28 13.47
C ARG A 171 -0.23 0.19 13.88
C ARG A 171 -0.23 0.19 13.88
N ASN A 172 0.93 0.19 13.23
CA ASN A 172 2.04 -0.63 13.70
C ASN A 172 2.94 0.14 14.64
N ALA A 173 2.92 1.47 14.57
CA ALA A 173 3.71 2.32 15.43
C ALA A 173 3.02 3.68 15.51
N LEU A 174 3.04 4.28 16.70
CA LEU A 174 2.50 5.63 16.90
C LEU A 174 3.21 6.65 16.01
N ALA A 175 2.46 7.71 15.66
CA ALA A 175 2.94 8.69 14.67
C ALA A 175 4.21 9.40 15.14
N PHE A 176 4.27 9.81 16.41
CA PHE A 176 5.44 10.56 16.87
C PHE A 176 6.66 9.66 17.12
N LEU A 177 6.50 8.35 17.08
CA LEU A 177 7.63 7.45 17.27
C LEU A 177 8.71 7.68 16.23
N ALA A 178 8.35 8.22 15.06
CA ALA A 178 9.34 8.54 14.03
C ALA A 178 10.44 9.48 14.52
N ARG A 179 10.18 10.22 15.61
CA ARG A 179 11.22 11.08 16.17
C ARG A 179 12.36 10.28 16.81
N ALA A 180 12.06 9.10 17.35
CA ALA A 180 13.10 8.32 18.00
C ALA A 180 14.14 7.88 16.97
N PRO A 181 15.41 7.78 17.36
CA PRO A 181 16.44 7.35 16.41
C PRO A 181 16.15 5.95 15.90
N GLN A 182 16.60 5.69 14.67
CA GLN A 182 16.33 4.40 14.04
C GLN A 182 16.79 3.22 14.92
N VAL A 183 17.96 3.34 15.55
CA VAL A 183 18.49 2.23 16.36
C VAL A 183 17.55 1.91 17.52
N ARG A 184 16.93 2.95 18.10
CA ARG A 184 15.98 2.75 19.18
C ARG A 184 14.70 2.11 18.67
N ARG A 185 14.18 2.55 17.51
CA ARG A 185 12.99 1.91 16.95
C ARG A 185 13.26 0.45 16.59
N ASP A 186 14.44 0.17 16.02
CA ASP A 186 14.77 -1.21 15.68
C ASP A 186 14.82 -2.09 16.94
N LEU A 187 15.32 -1.53 18.04
CA LEU A 187 15.42 -2.27 19.29
C LEU A 187 14.03 -2.56 19.86
N TRP A 188 13.17 -1.54 19.94
CA TRP A 188 11.82 -1.77 20.41
C TRP A 188 11.11 -2.82 19.55
N GLN A 189 11.32 -2.78 18.24
CA GLN A 189 10.65 -3.73 17.35
C GLN A 189 11.07 -5.16 17.67
N ARG A 190 12.37 -5.40 17.89
N ARG A 190 12.38 -5.39 17.87
CA ARG A 190 12.78 -6.77 18.18
CA ARG A 190 12.88 -6.71 18.23
C ARG A 190 12.39 -7.23 19.59
C ARG A 190 12.28 -7.20 19.54
N LEU A 191 12.19 -6.30 20.52
CA LEU A 191 11.76 -6.65 21.87
C LEU A 191 10.25 -6.77 21.99
N GLY A 192 9.50 -6.40 20.97
CA GLY A 192 8.06 -6.36 21.09
C GLY A 192 7.53 -5.22 21.93
N MET A 193 8.26 -4.10 21.97
CA MET A 193 7.90 -2.94 22.79
C MET A 193 7.32 -1.78 22.00
N THR A 194 7.30 -1.84 20.68
CA THR A 194 6.90 -0.67 19.89
C THR A 194 5.47 -0.29 20.28
N PRO A 195 5.21 0.93 20.71
CA PRO A 195 3.81 1.28 21.02
C PRO A 195 3.02 1.47 19.74
N ARG A 196 1.81 0.92 19.73
CA ARG A 196 0.97 0.88 18.52
C ARG A 196 -0.27 1.73 18.61
N GLY A 197 -0.90 1.76 19.77
CA GLY A 197 -2.13 2.51 19.99
C GLY A 197 -2.18 2.96 21.42
N VAL A 198 -2.55 4.22 21.65
CA VAL A 198 -2.51 4.77 22.99
C VAL A 198 -3.47 4.02 23.91
N ASP A 199 -4.70 3.82 23.47
CA ASP A 199 -5.65 3.07 24.28
C ASP A 199 -5.40 1.58 24.17
N ARG A 200 -4.95 1.11 23.01
CA ARG A 200 -4.79 -0.33 22.83
C ARG A 200 -3.83 -0.92 23.85
N GLU A 201 -2.71 -0.26 24.13
CA GLU A 201 -1.75 -0.87 25.04
C GLU A 201 -2.31 -0.95 26.45
N ILE A 202 -3.10 0.05 26.86
CA ILE A 202 -3.74 0.00 28.18
C ILE A 202 -4.71 -1.17 28.25
N ALA A 203 -5.57 -1.31 27.24
CA ALA A 203 -6.52 -2.41 27.23
C ALA A 203 -5.79 -3.75 27.24
N GLU A 204 -4.73 -3.88 26.46
CA GLU A 204 -3.99 -5.14 26.44
C GLU A 204 -3.36 -5.43 27.80
N MET A 205 -2.92 -4.39 28.51
CA MET A 205 -2.37 -4.62 29.84
C MET A 205 -3.42 -5.17 30.78
N MET A 206 -4.62 -4.59 30.76
CA MET A 206 -5.69 -5.09 31.61
C MET A 206 -6.09 -6.51 31.25
N HIS A 207 -6.01 -6.87 29.97
CA HIS A 207 -6.26 -8.25 29.56
C HIS A 207 -5.16 -9.18 30.09
N ARG A 208 -3.89 -8.82 29.86
CA ARG A 208 -2.78 -9.67 30.28
C ARG A 208 -2.83 -9.94 31.79
N THR A 209 -3.34 -9.00 32.56
CA THR A 209 -3.34 -9.12 34.01
C THR A 209 -4.59 -9.79 34.58
N HIS A 210 -5.58 -10.12 33.75
CA HIS A 210 -6.69 -10.99 34.15
C HIS A 210 -6.12 -12.35 34.56
N MET A 211 -6.82 -13.04 35.47
CA MET A 211 -6.42 -14.39 35.83
C MET A 211 -6.20 -15.25 34.59
N GLY A 212 -5.10 -15.99 34.59
CA GLY A 212 -4.89 -16.98 33.55
C GLY A 212 -4.62 -16.44 32.17
N CYS A 213 -4.09 -15.22 32.07
N CYS A 213 -4.02 -15.24 32.08
CA CYS A 213 -3.61 -14.70 30.80
CA CYS A 213 -3.61 -14.68 30.81
C CYS A 213 -2.09 -14.65 30.85
C CYS A 213 -2.10 -14.64 30.79
N ASP A 214 -1.47 -13.49 31.05
CA ASP A 214 -0.01 -13.42 31.08
C ASP A 214 0.48 -13.83 32.45
N ASN A 215 1.22 -14.94 32.50
CA ASN A 215 1.76 -15.52 33.72
C ASN A 215 3.27 -15.68 33.60
N ASP A 216 3.91 -14.67 33.04
CA ASP A 216 5.37 -14.65 32.93
C ASP A 216 5.83 -13.24 33.28
N HIS A 217 6.60 -13.09 34.36
CA HIS A 217 6.92 -11.74 34.82
C HIS A 217 7.72 -10.95 33.80
N THR A 218 8.57 -11.60 33.01
CA THR A 218 9.34 -10.87 32.01
C THR A 218 8.42 -10.30 30.94
N SER A 219 7.50 -11.13 30.43
CA SER A 219 6.54 -10.68 29.44
C SER A 219 5.72 -9.51 29.96
N LEU A 220 5.28 -9.61 31.21
CA LEU A 220 4.46 -8.56 31.79
C LEU A 220 5.21 -7.23 31.86
N LEU A 221 6.49 -7.27 32.26
CA LEU A 221 7.26 -6.03 32.32
C LEU A 221 7.57 -5.48 30.94
N VAL A 222 7.77 -6.34 29.95
CA VAL A 222 7.96 -5.86 28.58
C VAL A 222 6.71 -5.14 28.10
N HIS A 223 5.54 -5.72 28.34
CA HIS A 223 4.33 -5.00 27.96
C HIS A 223 4.13 -3.74 28.80
N ALA A 224 4.57 -3.74 30.07
CA ALA A 224 4.52 -2.49 30.84
C ALA A 224 5.33 -1.39 30.15
N ALA A 225 6.49 -1.74 29.61
CA ALA A 225 7.31 -0.77 28.88
C ALA A 225 6.56 -0.27 27.64
N ARG A 226 5.96 -1.20 26.89
CA ARG A 226 5.20 -0.82 25.71
C ARG A 226 4.05 0.11 26.07
N THR A 227 3.35 -0.17 27.17
CA THR A 227 2.23 0.67 27.58
C THR A 227 2.71 2.06 27.95
N ALA A 228 3.83 2.13 28.68
CA ALA A 228 4.38 3.43 29.07
C ALA A 228 4.92 4.20 27.87
N LEU A 229 5.56 3.50 26.91
CA LEU A 229 6.01 4.15 25.68
C LEU A 229 4.84 4.73 24.88
N ALA A 230 3.66 4.09 24.94
CA ALA A 230 2.49 4.64 24.26
C ALA A 230 1.97 5.91 24.93
N ASP A 231 2.37 6.13 26.19
CA ASP A 231 2.14 7.41 26.85
C ASP A 231 3.18 8.44 26.38
N GLY A 232 4.46 8.19 26.67
CA GLY A 232 5.48 9.20 26.41
C GLY A 232 5.55 9.68 24.97
N TRP A 233 5.44 8.75 24.02
CA TRP A 233 5.48 9.04 22.59
C TRP A 233 4.09 9.09 21.96
N GLY A 234 3.04 9.08 22.79
CA GLY A 234 1.68 9.07 22.31
C GLY A 234 0.79 10.01 23.11
N GLY A 235 0.14 9.49 24.15
CA GLY A 235 -0.78 10.32 24.92
C GLY A 235 -0.17 11.63 25.39
N SER A 236 1.01 11.58 26.01
CA SER A 236 1.65 12.79 26.52
C SER A 236 2.14 13.68 25.38
N MET A 237 2.77 13.09 24.36
CA MET A 237 3.37 13.89 23.30
C MET A 237 2.29 14.59 22.47
N ILE A 238 1.19 13.90 22.19
CA ILE A 238 0.03 14.54 21.57
C ILE A 238 -0.49 15.65 22.46
N GLY A 239 -0.58 15.40 23.77
CA GLY A 239 -1.07 16.42 24.69
C GLY A 239 -0.22 17.69 24.64
N THR A 240 1.10 17.53 24.70
CA THR A 240 2.00 18.68 24.69
C THR A 240 1.92 19.44 23.37
N GLU A 241 2.07 18.73 22.24
CA GLU A 241 2.15 19.41 20.96
C GLU A 241 0.83 20.09 20.61
N LEU A 242 -0.31 19.43 20.86
CA LEU A 242 -1.60 20.07 20.61
C LEU A 242 -1.87 21.21 21.58
N SER A 243 -1.39 21.13 22.83
CA SER A 243 -1.55 22.26 23.74
C SER A 243 -0.80 23.49 23.23
N ASP A 244 0.41 23.29 22.68
CA ASP A 244 1.15 24.42 22.12
C ASP A 244 0.42 25.00 20.91
N ILE A 245 -0.22 24.14 20.10
CA ILE A 245 -0.97 24.61 18.95
C ILE A 245 -2.18 25.44 19.39
N LEU A 246 -2.92 24.96 20.39
CA LEU A 246 -4.14 25.65 20.82
C LEU A 246 -3.84 26.89 21.66
N PHE A 247 -2.77 26.87 22.45
CA PHE A 247 -2.55 27.90 23.45
C PHE A 247 -1.22 28.65 23.32
N GLY A 248 -0.39 28.27 22.38
CA GLY A 248 0.86 28.95 22.12
C GLY A 248 2.06 28.14 22.58
N THR A 249 3.16 28.29 21.84
CA THR A 249 4.38 27.60 22.24
C THR A 249 5.06 28.41 23.34
N PRO A 250 5.40 27.79 24.47
CA PRO A 250 6.03 28.55 25.56
C PRO A 250 7.31 29.23 25.12
N ARG A 251 7.52 30.43 25.64
CA ARG A 251 8.73 31.20 25.47
C ARG A 251 9.14 31.72 26.84
N PRO A 252 10.42 32.05 27.04
CA PRO A 252 10.88 32.39 28.39
C PRO A 252 10.20 33.64 28.92
N ARG A 253 9.78 33.59 30.19
CA ARG A 253 9.07 34.70 30.80
C ARG A 253 9.20 34.64 32.31
N GLN A 254 9.01 35.78 32.95
CA GLN A 254 9.16 35.90 34.40
C GLN A 254 7.84 35.60 35.10
N SER A 255 7.94 35.05 36.31
CA SER A 255 6.78 34.84 37.15
C SER A 255 7.23 34.66 38.59
N THR A 256 6.33 34.18 39.45
CA THR A 256 6.62 34.00 40.87
C THR A 256 5.96 32.71 41.35
N VAL A 257 6.40 32.26 42.52
N VAL A 257 6.42 32.23 42.51
CA VAL A 257 5.97 31.00 43.11
CA VAL A 257 5.92 31.01 43.10
C VAL A 257 5.85 31.15 44.62
C VAL A 257 5.85 31.15 44.61
N ASN A 258 4.94 30.35 45.22
CA ASN A 258 4.71 30.14 46.66
C ASN A 258 3.36 30.70 47.13
N LEU A 259 2.99 30.45 48.38
CA LEU A 259 1.65 30.84 48.81
C LEU A 259 1.47 32.34 48.80
N GLY A 260 2.58 33.09 48.77
CA GLY A 260 2.55 34.54 48.74
C GLY A 260 2.06 35.12 47.42
N VAL A 261 1.83 34.28 46.41
CA VAL A 261 1.22 34.77 45.19
C VAL A 261 -0.27 35.08 45.39
N LEU A 262 -0.88 34.53 46.44
CA LEU A 262 -2.25 34.91 46.77
C LEU A 262 -2.27 36.32 47.33
N ARG A 263 -3.38 37.02 47.08
CA ARG A 263 -3.48 38.44 47.43
C ARG A 263 -4.71 38.67 48.31
N LYS A 264 -4.50 39.26 49.47
CA LYS A 264 -5.63 39.60 50.32
C LYS A 264 -6.62 40.52 49.62
N ASP A 265 -6.13 41.43 48.78
CA ASP A 265 -6.98 42.45 48.18
C ASP A 265 -7.63 42.02 46.87
N ALA A 266 -7.52 40.74 46.49
CA ALA A 266 -8.04 40.29 45.21
C ALA A 266 -8.93 39.08 45.44
N VAL A 267 -9.74 38.78 44.42
CA VAL A 267 -10.47 37.51 44.34
C VAL A 267 -9.44 36.48 43.89
N ASN A 268 -9.12 35.52 44.76
CA ASN A 268 -8.13 34.50 44.41
C ASN A 268 -8.84 33.26 43.89
N ILE A 269 -8.47 32.83 42.69
CA ILE A 269 -9.02 31.64 42.07
C ILE A 269 -7.84 30.70 41.83
N LEU A 270 -7.85 29.55 42.51
CA LEU A 270 -6.83 28.54 42.31
C LEU A 270 -7.30 27.59 41.22
N VAL A 271 -6.46 27.34 40.21
CA VAL A 271 -6.76 26.32 39.20
C VAL A 271 -5.93 25.09 39.54
N HIS A 272 -6.59 23.93 39.59
CA HIS A 272 -5.98 22.71 40.08
C HIS A 272 -6.31 21.59 39.12
N GLY A 273 -5.39 20.64 39.00
CA GLY A 273 -5.59 19.56 38.05
C GLY A 273 -4.59 19.64 36.92
N HIS A 274 -5.05 19.44 35.66
CA HIS A 274 -4.12 19.14 34.58
C HIS A 274 -4.29 19.84 33.25
N ASN A 275 -5.53 20.00 32.76
CA ASN A 275 -5.67 20.28 31.33
C ASN A 275 -5.87 21.76 31.06
N PRO A 276 -5.00 22.38 30.25
CA PRO A 276 -5.15 23.82 29.97
C PRO A 276 -6.42 24.16 29.23
N VAL A 277 -7.13 23.19 28.67
CA VAL A 277 -8.41 23.53 28.03
C VAL A 277 -9.37 24.17 29.02
N VAL A 278 -9.25 23.87 30.31
CA VAL A 278 -10.04 24.57 31.31
C VAL A 278 -9.31 25.78 31.88
N SER A 279 -8.07 25.62 32.38
CA SER A 279 -7.43 26.74 33.07
C SER A 279 -7.22 27.94 32.15
N GLU A 280 -6.93 27.70 30.86
CA GLU A 280 -6.79 28.84 29.96
C GLU A 280 -8.10 29.58 29.82
N MET A 281 -9.22 28.85 29.84
CA MET A 281 -10.50 29.51 29.67
C MET A 281 -10.97 30.19 30.96
N ILE A 282 -10.61 29.67 32.12
CA ILE A 282 -10.80 30.40 33.37
C ILE A 282 -10.02 31.71 33.34
N LEU A 283 -8.74 31.63 32.96
CA LEU A 283 -7.93 32.84 32.88
C LEU A 283 -8.56 33.85 31.93
N ALA A 284 -9.02 33.39 30.76
CA ALA A 284 -9.64 34.30 29.81
C ALA A 284 -10.87 34.97 30.40
N ALA A 285 -11.68 34.22 31.14
CA ALA A 285 -12.88 34.80 31.74
C ALA A 285 -12.54 35.91 32.73
N THR A 286 -11.50 35.71 33.55
CA THR A 286 -11.12 36.74 34.51
C THR A 286 -10.61 38.00 33.83
N ARG A 287 -10.25 37.92 32.55
CA ARG A 287 -9.75 39.09 31.83
C ARG A 287 -10.83 39.87 31.12
N GLU A 288 -12.07 39.38 31.10
CA GLU A 288 -13.14 40.10 30.44
C GLU A 288 -13.53 41.33 31.25
N PRO A 289 -13.75 42.47 30.60
CA PRO A 289 -14.00 43.71 31.37
C PRO A 289 -15.16 43.63 32.34
N ALA A 290 -16.29 43.06 31.93
CA ALA A 290 -17.45 43.03 32.83
C ALA A 290 -17.20 42.13 34.03
N VAL A 291 -16.43 41.05 33.85
CA VAL A 291 -16.09 40.19 34.98
C VAL A 291 -15.18 40.92 35.95
N ARG A 292 -14.18 41.63 35.42
CA ARG A 292 -13.32 42.46 36.27
C ARG A 292 -14.15 43.49 37.04
N GLN A 293 -15.11 44.12 36.38
N GLN A 293 -15.11 44.12 36.38
CA GLN A 293 -15.94 45.12 37.05
CA GLN A 293 -15.94 45.12 37.05
C GLN A 293 -16.77 44.50 38.17
C GLN A 293 -16.76 44.49 38.18
N ALA A 294 -17.23 43.26 37.98
CA ALA A 294 -17.99 42.61 39.04
C ALA A 294 -17.12 42.36 40.27
N ALA A 295 -15.86 41.99 40.07
CA ALA A 295 -14.95 41.82 41.19
C ALA A 295 -14.73 43.15 41.90
N GLN A 296 -14.57 44.23 41.14
CA GLN A 296 -14.37 45.55 41.74
C GLN A 296 -15.62 46.01 42.50
N ASP A 297 -16.80 45.79 41.92
CA ASP A 297 -18.03 46.08 42.64
C ASP A 297 -18.11 45.32 43.96
N ALA A 298 -17.52 44.13 44.02
CA ALA A 298 -17.52 43.33 45.23
C ALA A 298 -16.53 43.79 46.28
N GLY A 299 -15.65 44.74 45.95
CA GLY A 299 -14.66 45.24 46.89
C GLY A 299 -13.23 44.80 46.61
N ALA A 300 -13.01 43.95 45.62
CA ALA A 300 -11.68 43.47 45.31
C ALA A 300 -10.94 44.45 44.40
N ALA A 301 -9.61 44.44 44.51
CA ALA A 301 -8.80 45.27 43.62
C ALA A 301 -8.76 44.69 42.22
N ASP A 302 -8.75 43.36 42.10
N ASP A 302 -8.78 43.36 42.10
CA ASP A 302 -8.65 42.66 40.83
CA ASP A 302 -8.82 42.69 40.81
C ASP A 302 -8.98 41.21 41.09
C ASP A 302 -9.08 41.21 41.07
N ILE A 303 -8.85 40.39 40.04
CA ILE A 303 -8.98 38.95 40.13
C ILE A 303 -7.58 38.38 39.96
N ASN A 304 -7.23 37.42 40.82
CA ASN A 304 -5.87 36.87 40.88
C ASN A 304 -5.97 35.37 40.66
N VAL A 305 -5.63 34.90 39.47
CA VAL A 305 -5.55 33.47 39.20
C VAL A 305 -4.18 32.97 39.65
N ALA A 306 -4.17 31.84 40.35
CA ALA A 306 -2.93 31.22 40.78
C ALA A 306 -3.00 29.71 40.55
N GLY A 307 -1.89 29.14 40.11
CA GLY A 307 -1.87 27.75 39.70
C GLY A 307 -1.46 26.77 40.79
N LEU A 308 -2.03 25.57 40.71
CA LEU A 308 -1.60 24.43 41.48
C LEU A 308 -1.25 23.29 40.54
N CYS A 309 -0.16 22.60 40.83
CA CYS A 309 0.13 21.33 40.15
C CYS A 309 0.24 21.56 38.63
N CYS A 310 -0.14 20.58 37.81
CA CYS A 310 0.26 20.63 36.41
C CYS A 310 -0.49 21.70 35.64
N THR A 311 -1.77 21.91 35.94
CA THR A 311 -2.45 22.98 35.24
C THR A 311 -1.82 24.33 35.60
N GLY A 312 -1.31 24.44 36.84
CA GLY A 312 -0.50 25.61 37.18
C GLY A 312 0.75 25.70 36.32
N ASN A 313 1.43 24.59 36.11
CA ASN A 313 2.60 24.59 35.23
C ASN A 313 2.22 25.05 33.83
N GLU A 314 1.08 24.61 33.31
CA GLU A 314 0.67 24.99 31.96
C GLU A 314 0.49 26.50 31.86
N LEU A 315 -0.21 27.11 32.84
CA LEU A 315 -0.41 28.56 32.81
C LEU A 315 0.90 29.31 33.05
N LEU A 316 1.81 28.75 33.81
CA LEU A 316 3.11 29.39 33.98
C LEU A 316 3.87 29.41 32.66
N MET A 317 3.89 28.26 31.97
CA MET A 317 4.67 28.14 30.74
C MET A 317 4.15 29.07 29.64
N ARG A 318 2.83 29.21 29.50
CA ARG A 318 2.26 29.94 28.37
C ARG A 318 1.81 31.35 28.72
N GLN A 319 1.52 31.63 29.97
CA GLN A 319 0.96 32.92 30.36
C GLN A 319 1.71 33.58 31.51
N GLY A 320 2.72 32.93 32.07
CA GLY A 320 3.44 33.46 33.22
C GLY A 320 2.61 33.61 34.47
N ILE A 321 1.53 32.85 34.60
CA ILE A 321 0.66 32.99 35.79
C ILE A 321 1.38 32.40 37.00
N PRO A 322 1.44 33.13 38.12
CA PRO A 322 2.16 32.62 39.30
C PRO A 322 1.58 31.31 39.80
N MET A 323 2.47 30.45 40.33
CA MET A 323 2.12 29.13 40.83
C MET A 323 2.11 29.17 42.36
N ALA A 324 0.96 28.84 42.94
CA ALA A 324 0.85 28.86 44.40
C ALA A 324 1.56 27.69 45.07
N GLY A 325 1.60 26.52 44.44
CA GLY A 325 2.22 25.39 45.12
C GLY A 325 2.13 24.11 44.32
N ASN A 326 2.83 23.10 44.83
CA ASN A 326 2.80 21.75 44.29
C ASN A 326 1.92 20.85 45.17
N HIS A 327 1.98 19.54 44.89
CA HIS A 327 1.09 18.54 45.49
C HIS A 327 0.82 18.73 46.98
N LEU A 328 1.86 18.68 47.82
CA LEU A 328 1.58 18.74 49.26
C LEU A 328 1.28 20.15 49.76
N MET A 329 1.40 21.17 48.89
CA MET A 329 0.92 22.51 49.26
C MET A 329 -0.57 22.71 49.06
N THR A 330 -1.26 21.77 48.40
CA THR A 330 -2.60 22.06 47.91
C THR A 330 -3.60 22.29 49.05
N GLU A 331 -3.57 21.44 50.09
CA GLU A 331 -4.46 21.66 51.23
C GLU A 331 -4.11 22.96 51.94
N LEU A 332 -2.81 23.26 52.02
CA LEU A 332 -2.32 24.41 52.74
C LEU A 332 -2.68 25.70 52.01
N ALA A 333 -2.84 25.65 50.68
CA ALA A 333 -3.30 26.83 49.96
C ALA A 333 -4.70 27.24 50.39
N ILE A 334 -5.57 26.26 50.69
CA ILE A 334 -6.91 26.62 51.16
C ILE A 334 -6.85 27.12 52.60
N VAL A 335 -5.92 26.59 53.40
CA VAL A 335 -5.76 27.00 54.79
C VAL A 335 -5.35 28.46 54.93
N THR A 336 -4.80 29.08 53.87
CA THR A 336 -4.56 30.52 53.93
C THR A 336 -5.83 31.30 54.22
N GLY A 337 -7.00 30.71 54.00
CA GLY A 337 -8.25 31.43 54.16
C GLY A 337 -8.56 32.41 53.05
N ALA A 338 -7.71 32.50 52.02
CA ALA A 338 -7.84 33.49 50.97
C ALA A 338 -8.25 32.90 49.62
N ALA A 339 -8.45 31.60 49.53
CA ALA A 339 -8.88 31.00 48.27
C ALA A 339 -10.39 31.17 48.16
N ASP A 340 -10.83 31.95 47.18
CA ASP A 340 -12.26 32.17 47.02
C ASP A 340 -12.90 31.08 46.18
N ALA A 341 -12.15 30.52 45.24
CA ALA A 341 -12.59 29.30 44.57
C ALA A 341 -11.39 28.47 44.20
N ILE A 342 -11.58 27.17 44.19
CA ILE A 342 -10.64 26.25 43.56
C ILE A 342 -11.40 25.57 42.43
N VAL A 343 -10.82 25.60 41.23
CA VAL A 343 -11.48 25.11 40.02
C VAL A 343 -10.66 23.91 39.55
N ALA A 344 -11.27 22.73 39.62
CA ALA A 344 -10.58 21.46 39.42
C ALA A 344 -11.05 20.82 38.12
N ASP A 345 -10.13 20.08 37.48
CA ASP A 345 -10.55 19.18 36.41
C ASP A 345 -10.29 17.72 36.77
N TYR A 346 -9.08 17.21 36.58
CA TYR A 346 -8.84 15.83 36.95
C TYR A 346 -7.38 15.58 37.27
N GLN A 347 -7.16 14.53 38.07
CA GLN A 347 -5.89 13.93 38.47
C GLN A 347 -5.18 14.68 39.58
N CYS A 348 -4.80 13.96 40.64
CA CYS A 348 -3.99 14.46 41.75
C CYS A 348 -4.73 15.47 42.62
N ILE A 349 -6.04 15.59 42.44
CA ILE A 349 -6.88 16.49 43.22
C ILE A 349 -7.35 15.68 44.44
N MET A 350 -6.76 15.95 45.60
CA MET A 350 -7.10 15.16 46.78
C MET A 350 -8.53 15.49 47.21
N PRO A 351 -9.39 14.49 47.40
CA PRO A 351 -10.77 14.78 47.82
C PRO A 351 -10.88 15.46 49.18
N SER A 352 -9.84 15.36 50.02
CA SER A 352 -9.85 16.14 51.26
C SER A 352 -10.05 17.63 51.01
N LEU A 353 -9.73 18.12 49.80
CA LEU A 353 -9.86 19.54 49.51
C LEU A 353 -11.32 20.00 49.53
N VAL A 354 -12.26 19.09 49.24
CA VAL A 354 -13.67 19.44 49.36
C VAL A 354 -14.03 19.75 50.81
N GLN A 355 -13.51 18.93 51.73
CA GLN A 355 -13.81 19.11 53.15
C GLN A 355 -13.11 20.33 53.71
N ILE A 356 -11.86 20.58 53.31
CA ILE A 356 -11.16 21.76 53.80
C ILE A 356 -11.82 23.02 53.26
N ALA A 357 -12.19 23.03 51.98
CA ALA A 357 -12.90 24.18 51.42
C ALA A 357 -14.19 24.46 52.19
N ALA A 358 -14.86 23.41 52.66
CA ALA A 358 -16.08 23.59 53.44
C ALA A 358 -15.83 24.19 54.81
N CYS A 359 -14.59 24.14 55.32
CA CYS A 359 -14.26 24.84 56.56
C CYS A 359 -14.21 26.34 56.36
N TYR A 360 -14.15 26.80 55.12
CA TYR A 360 -14.10 28.22 54.80
C TYR A 360 -15.26 28.62 53.90
N HIS A 361 -15.16 29.77 53.24
CA HIS A 361 -16.14 30.22 52.26
C HIS A 361 -15.83 29.69 50.87
N THR A 362 -14.67 29.05 50.70
CA THR A 362 -14.14 28.68 49.39
C THR A 362 -15.11 27.80 48.63
N ARG A 363 -15.35 28.13 47.35
CA ARG A 363 -16.13 27.25 46.48
C ARG A 363 -15.18 26.23 45.86
N PHE A 364 -15.59 24.97 45.86
CA PHE A 364 -14.85 23.89 45.20
C PHE A 364 -15.65 23.48 43.98
N VAL A 365 -15.13 23.78 42.80
CA VAL A 365 -15.85 23.64 41.54
C VAL A 365 -15.17 22.56 40.70
N THR A 366 -15.93 21.54 40.33
CA THR A 366 -15.49 20.53 39.38
C THR A 366 -16.03 20.88 37.99
N THR A 367 -15.28 20.49 36.96
CA THR A 367 -15.58 20.87 35.59
C THR A 367 -15.53 19.70 34.61
N SER A 368 -15.06 18.52 35.03
CA SER A 368 -14.93 17.44 34.09
C SER A 368 -15.92 16.34 34.44
N PRO A 369 -16.54 15.70 33.44
CA PRO A 369 -17.36 14.52 33.74
C PRO A 369 -16.56 13.37 34.32
N LYS A 370 -15.24 13.40 34.16
CA LYS A 370 -14.36 12.39 34.73
C LYS A 370 -13.90 12.71 36.13
N GLY A 371 -13.94 13.98 36.53
CA GLY A 371 -13.45 14.39 37.84
C GLY A 371 -14.56 14.80 38.77
N ARG A 372 -15.41 13.84 39.16
CA ARG A 372 -16.53 14.11 40.03
C ARG A 372 -16.12 13.91 41.49
N PHE A 373 -16.58 14.82 42.36
CA PHE A 373 -16.26 14.79 43.78
C PHE A 373 -17.56 15.00 44.53
N THR A 374 -17.95 14.01 45.34
CA THR A 374 -19.18 14.14 46.11
C THR A 374 -19.11 15.37 46.99
N GLY A 375 -20.13 16.24 46.87
CA GLY A 375 -20.19 17.48 47.61
C GLY A 375 -19.67 18.70 46.88
N ALA A 376 -19.05 18.52 45.70
CA ALA A 376 -18.54 19.65 44.95
C ALA A 376 -19.65 20.35 44.17
N THR A 377 -19.39 21.58 43.78
CA THR A 377 -20.27 22.31 42.85
C THR A 377 -19.80 21.97 41.46
N HIS A 378 -20.63 21.29 40.68
CA HIS A 378 -20.23 20.78 39.37
C HIS A 378 -20.75 21.73 38.29
N VAL A 379 -19.82 22.34 37.56
CA VAL A 379 -20.12 23.21 36.42
C VAL A 379 -19.36 22.63 35.24
N GLU A 380 -20.00 21.77 34.46
CA GLU A 380 -19.28 20.92 33.52
C GLU A 380 -18.86 21.68 32.27
N VAL A 381 -17.59 21.53 31.88
CA VAL A 381 -16.99 22.28 30.78
C VAL A 381 -16.75 21.37 29.57
N HIS A 382 -17.11 21.86 28.40
CA HIS A 382 -16.85 21.22 27.11
C HIS A 382 -16.47 22.30 26.12
N PRO A 383 -15.85 21.94 24.99
CA PRO A 383 -15.45 22.99 24.03
C PRO A 383 -16.58 23.92 23.63
N HIS A 384 -17.80 23.41 23.44
CA HIS A 384 -18.89 24.26 22.98
C HIS A 384 -19.36 25.25 24.04
N ASN A 385 -19.12 24.99 25.33
CA ASN A 385 -19.66 25.83 26.39
C ASN A 385 -18.62 26.44 27.31
N ALA A 386 -17.32 26.21 27.06
CA ALA A 386 -16.28 26.60 28.01
C ALA A 386 -16.30 28.09 28.28
N GLN A 387 -16.49 28.89 27.24
CA GLN A 387 -16.46 30.34 27.42
C GLN A 387 -17.60 30.82 28.32
N GLU A 388 -18.80 30.29 28.11
N GLU A 388 -18.80 30.31 28.09
CA GLU A 388 -19.95 30.61 28.95
CA GLU A 388 -19.92 30.62 28.99
C GLU A 388 -19.76 30.08 30.37
C GLU A 388 -19.64 30.11 30.39
N ARG A 389 -19.34 28.82 30.50
CA ARG A 389 -19.26 28.19 31.83
C ARG A 389 -18.11 28.77 32.65
N CYS A 390 -16.98 29.07 32.02
CA CYS A 390 -15.89 29.64 32.78
C CYS A 390 -16.24 31.04 33.28
N ARG A 391 -16.98 31.81 32.50
CA ARG A 391 -17.48 33.09 33.00
C ARG A 391 -18.36 32.88 34.23
N GLU A 392 -19.26 31.88 34.14
CA GLU A 392 -20.12 31.54 35.26
C GLU A 392 -19.31 31.14 36.50
N ILE A 393 -18.25 30.34 36.30
CA ILE A 393 -17.43 29.90 37.42
C ILE A 393 -16.71 31.08 38.08
N VAL A 394 -16.19 32.01 37.29
CA VAL A 394 -15.50 33.16 37.88
C VAL A 394 -16.48 34.01 38.68
N MET A 395 -17.70 34.17 38.17
CA MET A 395 -18.72 34.89 38.92
C MET A 395 -19.03 34.21 40.25
N LEU A 396 -19.01 32.88 40.30
CA LEU A 396 -19.18 32.18 41.57
C LEU A 396 -18.06 32.52 42.54
N ALA A 397 -16.82 32.61 42.03
CA ALA A 397 -15.70 32.97 42.88
C ALA A 397 -15.84 34.39 43.42
N ILE A 398 -16.28 35.33 42.57
CA ILE A 398 -16.45 36.71 43.03
C ILE A 398 -17.49 36.77 44.13
N ASP A 399 -18.59 36.04 43.95
CA ASP A 399 -19.64 36.01 44.97
C ASP A 399 -19.09 35.43 46.28
N ALA A 400 -18.31 34.34 46.20
CA ALA A 400 -17.76 33.76 47.42
C ALA A 400 -16.81 34.74 48.12
N TYR A 401 -16.07 35.52 47.34
CA TYR A 401 -15.16 36.51 47.92
C TYR A 401 -15.88 37.44 48.89
N THR A 402 -17.13 37.79 48.60
CA THR A 402 -17.88 38.72 49.46
C THR A 402 -18.16 38.15 50.85
N ARG A 403 -17.97 36.84 51.04
CA ARG A 403 -18.20 36.20 52.33
C ARG A 403 -16.92 35.69 52.98
N ARG A 404 -15.75 36.07 52.46
CA ARG A 404 -14.51 35.67 53.09
C ARG A 404 -14.44 36.21 54.52
N ASP A 405 -13.97 35.37 55.44
CA ASP A 405 -13.80 35.77 56.82
C ASP A 405 -12.39 36.34 56.98
N PRO A 406 -12.23 37.66 57.10
CA PRO A 406 -10.87 38.20 57.18
C PRO A 406 -10.11 37.77 58.43
N ALA A 407 -10.81 37.31 59.47
CA ALA A 407 -10.14 36.84 60.68
C ALA A 407 -9.31 35.58 60.43
N ARG A 408 -9.63 34.82 59.36
CA ARG A 408 -8.97 33.54 59.10
C ARG A 408 -8.07 33.58 57.88
N VAL A 409 -7.69 34.77 57.44
CA VAL A 409 -6.80 34.96 56.30
C VAL A 409 -5.37 35.11 56.81
N ASP A 410 -4.48 34.24 56.35
CA ASP A 410 -3.06 34.35 56.68
C ASP A 410 -2.30 33.88 55.45
N ILE A 411 -1.84 34.83 54.64
CA ILE A 411 -1.02 34.53 53.47
C ILE A 411 0.43 34.70 53.88
N PRO A 412 1.22 33.61 54.00
CA PRO A 412 2.40 33.62 54.89
C PRO A 412 3.74 34.13 54.37
N SER A 413 3.96 34.20 53.07
CA SER A 413 5.31 34.44 52.57
C SER A 413 5.33 35.52 51.51
N GLN A 414 6.55 35.94 51.13
CA GLN A 414 6.79 36.78 49.97
C GLN A 414 7.11 35.91 48.76
N PRO A 415 6.48 36.15 47.61
CA PRO A 415 6.69 35.26 46.47
C PRO A 415 8.11 35.33 45.93
N VAL A 416 8.56 34.20 45.38
CA VAL A 416 9.93 34.05 44.87
C VAL A 416 9.89 34.11 43.35
N SER A 417 10.80 34.89 42.76
CA SER A 417 10.81 35.06 41.31
C SER A 417 11.37 33.83 40.61
N ILE A 418 10.78 33.49 39.46
CA ILE A 418 11.23 32.39 38.62
C ILE A 418 11.18 32.81 37.17
N MET A 419 11.85 32.02 36.33
CA MET A 419 11.68 32.10 34.88
C MET A 419 11.12 30.78 34.41
N SER A 420 10.09 30.83 33.58
CA SER A 420 9.46 29.66 32.99
C SER A 420 9.53 29.77 31.47
N GLY A 421 9.03 28.74 30.79
CA GLY A 421 8.78 28.83 29.36
C GLY A 421 9.77 28.12 28.47
N PHE A 422 10.53 27.16 28.98
CA PHE A 422 11.57 26.52 28.18
C PHE A 422 11.03 25.30 27.43
N SER A 423 10.19 25.60 26.45
CA SER A 423 9.90 24.61 25.42
C SER A 423 11.19 24.31 24.64
N ASN A 424 11.19 23.21 23.88
CA ASN A 424 12.34 22.95 23.03
C ASN A 424 12.51 24.04 21.98
N GLU A 425 11.39 24.56 21.48
CA GLU A 425 11.45 25.69 20.57
C GLU A 425 12.20 26.87 21.19
N ALA A 426 11.91 27.17 22.47
CA ALA A 426 12.61 28.27 23.15
C ALA A 426 14.09 27.95 23.34
N ILE A 427 14.41 26.71 23.72
CA ILE A 427 15.79 26.33 23.93
C ILE A 427 16.59 26.47 22.64
N LEU A 428 16.07 25.92 21.54
N LEU A 428 16.06 25.92 21.54
CA LEU A 428 16.75 26.03 20.26
CA LEU A 428 16.75 26.03 20.26
C LEU A 428 16.90 27.48 19.83
C LEU A 428 16.89 27.48 19.82
N GLU A 429 15.91 28.33 20.15
CA GLU A 429 16.03 29.74 19.81
C GLU A 429 17.12 30.41 20.63
N ALA A 430 17.23 30.06 21.93
CA ALA A 430 18.31 30.62 22.72
C ALA A 430 19.68 30.18 22.22
N LEU A 431 19.75 29.02 21.57
CA LEU A 431 20.98 28.47 21.01
C LEU A 431 21.28 28.99 19.61
N GLY A 432 20.43 29.85 19.06
CA GLY A 432 20.64 30.36 17.72
C GLY A 432 20.01 29.55 16.62
N GLY A 433 19.21 28.54 16.94
CA GLY A 433 18.45 27.83 15.93
C GLY A 433 18.82 26.37 15.73
N THR A 434 19.96 25.91 16.24
CA THR A 434 20.38 24.54 16.11
C THR A 434 20.91 24.07 17.45
N PRO A 435 21.00 22.75 17.66
CA PRO A 435 21.57 22.25 18.92
C PRO A 435 23.08 22.30 18.99
N LYS A 436 23.73 22.84 17.95
CA LYS A 436 25.19 22.79 17.88
C LYS A 436 25.89 23.43 19.08
N PRO A 437 25.49 24.62 19.57
CA PRO A 437 26.17 25.16 20.76
C PRO A 437 25.98 24.30 22.01
N LEU A 438 24.87 23.56 22.10
CA LEU A 438 24.67 22.68 23.24
C LEU A 438 25.55 21.43 23.13
N ILE A 439 25.63 20.86 21.93
CA ILE A 439 26.53 19.73 21.70
C ILE A 439 27.97 20.13 22.00
N ASP A 440 28.38 21.31 21.53
CA ASP A 440 29.77 21.72 21.75
C ASP A 440 30.07 21.97 23.22
N ALA A 441 29.09 22.43 24.00
CA ALA A 441 29.31 22.57 25.43
C ALA A 441 29.44 21.22 26.10
N VAL A 442 28.73 20.20 25.60
CA VAL A 442 28.86 18.86 26.15
C VAL A 442 30.22 18.26 25.79
N VAL A 443 30.62 18.39 24.52
CA VAL A 443 31.92 17.89 24.10
C VAL A 443 33.04 18.56 24.88
N ALA A 444 32.92 19.87 25.10
CA ALA A 444 33.94 20.61 25.85
C ALA A 444 33.92 20.31 27.33
N GLY A 445 32.90 19.60 27.83
CA GLY A 445 32.85 19.30 29.25
C GLY A 445 32.34 20.41 30.12
N GLN A 446 31.85 21.51 29.53
CA GLN A 446 31.27 22.58 30.33
C GLN A 446 29.93 22.15 30.90
N ILE A 447 29.12 21.50 30.09
CA ILE A 447 27.93 20.80 30.55
C ILE A 447 28.24 19.32 30.41
N ARG A 448 28.35 18.64 31.54
CA ARG A 448 28.71 17.23 31.52
C ARG A 448 27.56 16.33 31.08
N GLY A 449 26.33 16.72 31.40
CA GLY A 449 25.16 15.95 31.02
C GLY A 449 23.91 16.71 31.41
N PHE A 450 22.77 16.07 31.22
CA PHE A 450 21.47 16.65 31.54
C PHE A 450 20.67 15.65 32.36
N VAL A 451 19.95 16.13 33.37
CA VAL A 451 19.05 15.29 34.14
C VAL A 451 17.69 15.96 34.21
N GLY A 452 16.65 15.24 33.79
CA GLY A 452 15.29 15.68 34.05
C GLY A 452 14.88 15.30 35.46
N ILE A 453 14.56 16.28 36.28
CA ILE A 453 14.02 16.03 37.61
C ILE A 453 12.53 16.33 37.56
N VAL A 454 11.73 15.29 37.82
CA VAL A 454 10.32 15.27 37.42
C VAL A 454 9.51 14.76 38.60
N GLY A 455 8.20 14.86 38.50
CA GLY A 455 7.35 14.20 39.49
C GLY A 455 7.09 14.99 40.76
N CYS A 456 6.77 14.25 41.82
CA CYS A 456 5.78 14.61 42.83
C CYS A 456 6.39 15.07 44.17
N ASN A 457 5.51 15.15 45.17
CA ASN A 457 5.84 15.08 46.60
C ASN A 457 5.23 13.80 47.14
N ASN A 458 5.68 13.41 48.34
CA ASN A 458 5.20 12.18 48.98
C ASN A 458 5.37 12.37 50.48
N PRO A 459 4.31 12.20 51.28
CA PRO A 459 4.45 12.44 52.73
C PRO A 459 5.54 11.61 53.40
N LYS A 460 5.99 10.52 52.77
CA LYS A 460 7.09 9.74 53.33
C LYS A 460 8.40 10.50 53.40
N ILE A 461 8.54 11.57 52.63
CA ILE A 461 9.78 12.34 52.52
C ILE A 461 9.46 13.79 52.87
N ARG A 462 10.27 14.39 53.75
CA ARG A 462 10.13 15.80 54.08
C ARG A 462 10.01 16.63 52.81
N GLN A 463 8.92 17.39 52.70
CA GLN A 463 8.48 17.91 51.40
C GLN A 463 9.56 18.76 50.75
N ASP A 464 9.95 18.39 49.53
CA ASP A 464 10.89 19.08 48.66
C ASP A 464 12.34 18.98 49.12
N SER A 465 12.61 18.33 50.26
CA SER A 465 13.99 18.19 50.72
C SER A 465 14.86 17.49 49.68
N ALA A 466 14.36 16.41 49.08
CA ALA A 466 15.17 15.68 48.11
C ALA A 466 15.15 16.35 46.74
N ASN A 467 14.01 16.90 46.34
CA ASN A 467 13.92 17.63 45.09
C ASN A 467 14.95 18.74 45.05
N VAL A 468 15.02 19.54 46.12
CA VAL A 468 15.94 20.68 46.14
C VAL A 468 17.39 20.21 46.23
N THR A 469 17.69 19.30 47.17
CA THR A 469 19.07 18.84 47.33
C THR A 469 19.61 18.23 46.03
N LEU A 470 18.82 17.37 45.38
CA LEU A 470 19.30 16.74 44.15
C LEU A 470 19.55 17.79 43.07
N THR A 471 18.64 18.76 42.91
CA THR A 471 18.84 19.81 41.91
C THR A 471 20.12 20.59 42.18
N ARG A 472 20.35 20.94 43.45
CA ARG A 472 21.55 21.71 43.80
C ARG A 472 22.82 20.91 43.54
N GLU A 473 22.82 19.62 43.92
CA GLU A 473 24.01 18.79 43.73
C GLU A 473 24.35 18.66 42.24
N LEU A 474 23.33 18.47 41.40
CA LEU A 474 23.60 18.24 39.99
C LEU A 474 24.16 19.48 39.32
N ILE A 475 23.54 20.65 39.55
CA ILE A 475 24.04 21.84 38.86
C ILE A 475 25.46 22.19 39.33
N ARG A 476 25.80 21.91 40.58
CA ARG A 476 27.14 22.20 41.06
C ARG A 476 28.16 21.31 40.37
N ARG A 477 27.74 20.13 39.93
CA ARG A 477 28.55 19.21 39.15
C ARG A 477 28.50 19.47 37.65
N ASP A 478 28.02 20.64 37.24
CA ASP A 478 27.95 21.03 35.83
C ASP A 478 26.99 20.13 35.03
N ILE A 479 25.93 19.65 35.69
CA ILE A 479 24.89 18.86 35.05
C ILE A 479 23.64 19.73 35.01
N MET A 480 23.22 20.09 33.81
CA MET A 480 22.05 20.94 33.67
C MET A 480 20.82 20.14 34.03
N VAL A 481 19.87 20.79 34.70
CA VAL A 481 18.65 20.13 35.18
C VAL A 481 17.47 20.66 34.36
N LEU A 482 16.63 19.74 33.90
CA LEU A 482 15.37 20.07 33.24
C LEU A 482 14.26 19.70 34.21
N ALA A 483 13.46 20.68 34.62
CA ALA A 483 12.51 20.49 35.71
C ALA A 483 11.08 20.50 35.15
N THR A 484 10.29 19.53 35.57
CA THR A 484 8.87 19.48 35.20
C THR A 484 8.03 19.12 36.42
N GLY A 485 6.73 19.34 36.28
CA GLY A 485 5.78 18.87 37.28
C GLY A 485 5.95 19.56 38.62
N CYS A 486 5.73 18.81 39.69
CA CYS A 486 5.77 19.41 41.02
C CYS A 486 7.18 19.79 41.47
N VAL A 487 8.21 19.21 40.85
CA VAL A 487 9.58 19.68 41.07
C VAL A 487 9.74 21.16 40.72
N THR A 488 8.99 21.65 39.73
CA THR A 488 9.08 23.05 39.33
C THR A 488 8.98 23.98 40.53
N THR A 489 7.97 23.76 41.37
CA THR A 489 7.72 24.62 42.52
C THR A 489 8.88 24.56 43.50
N ALA A 490 9.44 23.37 43.69
CA ALA A 490 10.56 23.19 44.62
C ALA A 490 11.80 23.95 44.13
N ALA A 491 12.16 23.74 42.86
CA ALA A 491 13.29 24.47 42.29
C ALA A 491 13.04 25.97 42.30
N GLY A 492 11.80 26.38 42.01
CA GLY A 492 11.47 27.79 42.01
C GLY A 492 11.61 28.43 43.37
N LYS A 493 11.05 27.77 44.40
CA LYS A 493 11.14 28.30 45.76
C LYS A 493 12.58 28.33 46.27
N ALA A 494 13.43 27.44 45.74
CA ALA A 494 14.83 27.44 46.11
C ALA A 494 15.65 28.47 45.33
N GLY A 495 15.03 29.27 44.46
CA GLY A 495 15.78 30.28 43.73
C GLY A 495 16.60 29.75 42.59
N LEU A 496 16.24 28.59 42.04
CA LEU A 496 17.04 27.93 41.04
C LEU A 496 16.56 28.18 39.60
N LEU A 497 15.42 28.85 39.42
CA LEU A 497 14.80 28.97 38.11
C LEU A 497 15.07 30.31 37.43
N VAL A 498 16.05 31.08 37.91
CA VAL A 498 16.33 32.39 37.34
C VAL A 498 17.72 32.42 36.72
N PRO A 499 17.96 33.26 35.72
CA PRO A 499 19.31 33.32 35.12
C PRO A 499 20.41 33.58 36.14
N GLU A 500 20.15 34.43 37.15
CA GLU A 500 21.17 34.68 38.17
C GLU A 500 21.53 33.43 38.96
N ALA A 501 20.69 32.39 38.92
CA ALA A 501 21.03 31.13 39.58
C ALA A 501 22.23 30.44 38.95
N ALA A 502 22.76 30.95 37.84
CA ALA A 502 24.03 30.45 37.33
C ALA A 502 25.11 30.50 38.41
N SER A 503 25.00 31.45 39.35
N SER A 503 25.01 31.45 39.34
CA SER A 503 25.93 31.54 40.46
CA SER A 503 25.92 31.55 40.48
C SER A 503 25.88 30.33 41.39
C SER A 503 25.91 30.30 41.35
N LYS A 504 24.85 29.50 41.28
CA LYS A 504 24.75 28.29 42.09
C LYS A 504 25.38 27.08 41.42
N ALA A 505 25.67 27.15 40.13
CA ALA A 505 26.16 26.03 39.36
C ALA A 505 27.69 25.98 39.36
N GLY A 506 28.22 24.87 38.85
CA GLY A 506 29.65 24.77 38.62
C GLY A 506 30.08 25.72 37.51
N GLU A 507 31.40 25.85 37.36
CA GLU A 507 31.94 26.91 36.51
C GLU A 507 31.57 26.71 35.05
N GLY A 508 31.55 25.47 34.57
CA GLY A 508 31.24 25.23 33.18
C GLY A 508 29.79 25.54 32.87
N LEU A 509 28.87 25.03 33.69
CA LEU A 509 27.45 25.25 33.46
C LEU A 509 27.10 26.73 33.66
N ALA A 510 27.67 27.36 34.69
CA ALA A 510 27.43 28.79 34.90
C ALA A 510 27.85 29.60 33.69
N ALA A 511 28.98 29.26 33.08
CA ALA A 511 29.46 30.04 31.93
C ALA A 511 28.54 29.88 30.73
N VAL A 512 28.08 28.66 30.46
CA VAL A 512 27.19 28.45 29.32
C VAL A 512 25.86 29.14 29.58
N CYS A 513 25.33 29.00 30.79
CA CYS A 513 24.07 29.64 31.15
C CYS A 513 24.16 31.16 30.96
N ARG A 514 25.26 31.76 31.43
CA ARG A 514 25.42 33.20 31.26
C ARG A 514 25.57 33.59 29.80
N SER A 515 26.20 32.72 29.00
CA SER A 515 26.33 32.99 27.58
C SER A 515 24.98 33.00 26.88
N LEU A 516 24.06 32.15 27.32
CA LEU A 516 22.75 32.02 26.68
C LEU A 516 21.67 32.85 27.35
N GLY A 517 21.93 33.35 28.57
CA GLY A 517 20.94 34.12 29.29
C GLY A 517 19.87 33.29 29.96
N VAL A 518 20.17 32.05 30.32
CA VAL A 518 19.16 31.10 30.80
C VAL A 518 19.57 30.62 32.19
N PRO A 519 18.62 30.10 32.97
CA PRO A 519 18.94 29.53 34.29
C PRO A 519 19.65 28.19 34.15
N PRO A 520 20.28 27.67 35.21
CA PRO A 520 20.88 26.33 35.15
C PRO A 520 19.86 25.21 35.30
N VAL A 521 18.64 25.57 35.69
CA VAL A 521 17.52 24.65 35.77
C VAL A 521 16.45 25.22 34.85
N LEU A 522 16.08 24.45 33.81
CA LEU A 522 15.15 24.94 32.80
C LEU A 522 13.79 24.33 33.07
N HIS A 523 12.78 25.19 33.25
CA HIS A 523 11.41 24.71 33.44
C HIS A 523 10.84 24.33 32.09
N MET A 524 10.65 23.02 31.87
CA MET A 524 10.16 22.52 30.60
C MET A 524 8.69 22.11 30.63
N GLY A 525 8.02 22.32 31.76
CA GLY A 525 6.58 22.29 31.77
C GLY A 525 5.93 21.34 32.76
N SER A 526 4.74 20.87 32.39
CA SER A 526 3.91 19.96 33.17
C SER A 526 4.42 18.53 33.02
N CYS A 527 3.70 17.58 33.63
N CYS A 527 3.69 17.58 33.61
CA CYS A 527 4.10 16.18 33.54
CA CYS A 527 4.10 16.19 33.54
C CYS A 527 3.95 15.63 32.13
C CYS A 527 3.94 15.61 32.13
N VAL A 528 2.92 16.06 31.38
CA VAL A 528 2.82 15.63 29.97
C VAL A 528 4.02 16.15 29.19
N ASP A 529 4.54 17.32 29.58
CA ASP A 529 5.68 17.97 28.94
C ASP A 529 7.00 17.23 29.18
N ASN A 530 7.01 16.15 29.96
CA ASN A 530 8.14 15.22 29.89
C ASN A 530 8.33 14.68 28.48
N SER A 531 7.27 14.72 27.65
CA SER A 531 7.41 14.42 26.23
C SER A 531 8.40 15.36 25.55
N ARG A 532 8.50 16.62 26.00
CA ARG A 532 9.52 17.52 25.46
C ARG A 532 10.92 16.99 25.71
N ILE A 533 11.14 16.40 26.90
CA ILE A 533 12.45 15.81 27.20
C ILE A 533 12.74 14.65 26.26
N LEU A 534 11.73 13.81 25.99
CA LEU A 534 11.91 12.74 25.02
C LEU A 534 12.28 13.32 23.66
N GLN A 535 11.56 14.36 23.24
CA GLN A 535 11.83 14.95 21.92
C GLN A 535 13.25 15.52 21.87
N LEU A 536 13.69 16.16 22.94
CA LEU A 536 15.04 16.72 22.98
C LEU A 536 16.08 15.62 22.91
N CYS A 537 15.91 14.54 23.69
CA CYS A 537 16.85 13.43 23.64
C CYS A 537 16.89 12.81 22.25
N ALA A 538 15.72 12.62 21.63
CA ALA A 538 15.68 12.05 20.29
C ALA A 538 16.39 12.95 19.27
N LEU A 539 16.21 14.27 19.41
CA LEU A 539 16.88 15.20 18.52
C LEU A 539 18.39 15.12 18.66
N LEU A 540 18.89 15.12 19.90
CA LEU A 540 20.34 15.04 20.11
C LEU A 540 20.89 13.70 19.63
N ALA A 541 20.19 12.61 19.93
CA ALA A 541 20.66 11.29 19.49
C ALA A 541 20.69 11.20 17.97
N THR A 542 19.62 11.64 17.30
CA THR A 542 19.60 11.61 15.85
C THR A 542 20.69 12.51 15.25
N THR A 543 20.87 13.70 15.82
CA THR A 543 21.93 14.60 15.36
C THR A 543 23.29 13.92 15.43
N LEU A 544 23.59 13.26 16.56
CA LEU A 544 24.89 12.62 16.75
C LEU A 544 24.98 11.25 16.11
N GLY A 545 23.88 10.72 15.57
CA GLY A 545 23.89 9.40 14.98
C GLY A 545 24.01 8.27 15.98
N VAL A 546 23.54 8.48 17.21
CA VAL A 546 23.62 7.47 18.27
C VAL A 546 22.22 7.17 18.80
N ASP A 547 22.14 6.33 19.83
CA ASP A 547 20.89 6.02 20.52
C ASP A 547 20.73 6.97 21.70
N ILE A 548 19.48 7.08 22.18
CA ILE A 548 19.25 7.80 23.42
C ILE A 548 20.06 7.17 24.57
N SER A 549 20.26 5.84 24.54
CA SER A 549 21.03 5.14 25.56
C SER A 549 22.52 5.46 25.52
N ASP A 550 22.97 6.22 24.52
CA ASP A 550 24.34 6.69 24.41
C ASP A 550 24.52 8.10 24.94
N LEU A 551 23.43 8.80 25.25
CA LEU A 551 23.55 10.20 25.59
C LEU A 551 23.84 10.37 27.07
N PRO A 552 24.58 11.42 27.43
CA PRO A 552 24.86 11.68 28.86
C PRO A 552 23.65 12.34 29.52
N VAL A 553 22.64 11.50 29.83
CA VAL A 553 21.36 11.95 30.37
C VAL A 553 20.94 11.04 31.54
N GLY A 554 19.98 11.54 32.30
CA GLY A 554 19.33 10.78 33.35
C GLY A 554 18.00 11.42 33.66
N ALA A 555 17.21 10.72 34.47
CA ALA A 555 15.94 11.23 34.96
C ALA A 555 15.79 10.83 36.42
N SER A 556 15.02 11.62 37.18
CA SER A 556 14.86 11.37 38.60
C SER A 556 13.53 11.90 39.08
N SER A 557 12.81 11.09 39.89
CA SER A 557 11.68 11.58 40.68
C SER A 557 11.98 11.25 42.14
N PRO A 558 12.67 12.16 42.85
CA PRO A 558 13.05 11.86 44.24
C PRO A 558 11.88 11.68 45.21
N GLU A 559 10.73 12.28 44.94
CA GLU A 559 9.61 12.27 45.87
C GLU A 559 8.32 11.83 45.19
N TRP A 560 8.41 10.84 44.30
CA TRP A 560 7.23 10.46 43.52
C TRP A 560 6.16 9.81 44.39
N TYR A 561 4.93 9.84 43.88
CA TYR A 561 3.82 9.13 44.50
C TYR A 561 2.89 8.43 43.50
N SER A 562 2.67 8.98 42.30
CA SER A 562 1.51 8.65 41.47
C SER A 562 1.80 7.52 40.48
N GLU A 563 0.71 6.88 40.02
CA GLU A 563 0.83 5.96 38.89
C GLU A 563 1.41 6.68 37.67
N LYS A 564 1.02 7.93 37.44
CA LYS A 564 1.56 8.68 36.31
C LYS A 564 3.08 8.79 36.40
N ALA A 565 3.61 9.03 37.60
CA ALA A 565 5.05 9.17 37.76
C ALA A 565 5.75 7.85 37.45
N ALA A 566 5.14 6.73 37.84
CA ALA A 566 5.75 5.44 37.51
C ALA A 566 5.74 5.19 36.02
N ALA A 567 4.67 5.62 35.32
CA ALA A 567 4.61 5.47 33.86
C ALA A 567 5.67 6.33 33.17
N ILE A 568 5.87 7.57 33.66
CA ILE A 568 6.95 8.42 33.13
C ILE A 568 8.31 7.76 33.33
N ALA A 569 8.59 7.29 34.54
CA ALA A 569 9.84 6.60 34.80
C ALA A 569 10.02 5.41 33.87
N MET A 570 8.97 4.63 33.66
CA MET A 570 9.10 3.47 32.79
C MET A 570 9.35 3.87 31.34
N TYR A 571 8.67 4.92 30.85
CA TYR A 571 8.96 5.27 29.45
C TYR A 571 10.33 5.90 29.30
N ALA A 572 10.84 6.55 30.35
CA ALA A 572 12.21 7.06 30.29
C ALA A 572 13.21 5.90 30.23
N VAL A 573 13.05 4.92 31.12
CA VAL A 573 13.92 3.74 31.10
C VAL A 573 13.84 3.03 29.76
N ALA A 574 12.61 2.79 29.26
CA ALA A 574 12.45 2.07 28.01
C ALA A 574 12.97 2.85 26.80
N SER A 575 13.12 4.17 26.93
CA SER A 575 13.72 4.99 25.88
C SER A 575 15.23 5.14 26.02
N GLY A 576 15.85 4.55 27.04
CA GLY A 576 17.28 4.61 27.21
C GLY A 576 17.79 5.57 28.26
N ILE A 577 16.94 6.10 29.12
CA ILE A 577 17.34 7.11 30.09
C ILE A 577 17.41 6.45 31.46
N PRO A 578 18.58 6.41 32.11
CA PRO A 578 18.67 5.91 33.48
C PRO A 578 17.76 6.74 34.38
N THR A 579 16.93 6.08 35.17
CA THR A 579 15.88 6.79 35.91
C THR A 579 15.93 6.46 37.39
N HIS A 580 16.09 7.48 38.22
CA HIS A 580 16.15 7.34 39.67
C HIS A 580 14.79 7.62 40.31
N LEU A 581 14.43 6.79 41.30
CA LEU A 581 13.26 7.01 42.14
C LEU A 581 13.68 7.07 43.60
N GLY A 582 13.11 8.01 44.35
CA GLY A 582 13.48 8.13 45.75
C GLY A 582 12.94 7.01 46.63
N LEU A 583 11.83 6.42 46.22
CA LEU A 583 11.11 5.40 46.97
C LEU A 583 10.80 4.23 46.05
N PRO A 584 10.74 3.01 46.59
CA PRO A 584 10.48 1.84 45.75
C PRO A 584 9.01 1.74 45.40
N PRO A 585 8.69 1.33 44.18
CA PRO A 585 7.33 0.86 43.89
C PRO A 585 7.04 -0.35 44.75
N ASN A 586 5.76 -0.77 44.79
CA ASN A 586 5.37 -1.91 45.61
C ASN A 586 5.69 -3.22 44.89
N ILE A 587 7.00 -3.51 44.80
CA ILE A 587 7.50 -4.65 44.04
C ILE A 587 8.52 -5.49 44.79
N LEU A 588 8.89 -5.11 46.02
CA LEU A 588 10.03 -5.79 46.64
C LEU A 588 9.70 -7.21 47.10
N GLY A 589 8.42 -7.57 47.12
CA GLY A 589 8.04 -8.95 47.39
C GLY A 589 8.49 -9.95 46.35
N SER A 590 8.91 -9.48 45.18
CA SER A 590 9.48 -10.34 44.14
C SER A 590 10.91 -9.91 43.87
N GLU A 591 11.87 -10.72 44.30
CA GLU A 591 13.26 -10.40 43.98
C GLU A 591 13.51 -10.40 42.48
N ASN A 592 12.82 -11.27 41.73
CA ASN A 592 13.05 -11.34 40.29
C ASN A 592 12.53 -10.09 39.58
N VAL A 593 11.34 -9.61 39.96
CA VAL A 593 10.84 -8.38 39.34
C VAL A 593 11.73 -7.20 39.73
N THR A 594 12.12 -7.15 41.01
CA THR A 594 13.00 -6.08 41.47
C THR A 594 14.32 -6.08 40.72
N ALA A 595 14.95 -7.26 40.60
CA ALA A 595 16.22 -7.36 39.88
C ALA A 595 16.06 -6.98 38.42
N MET A 596 14.93 -7.31 37.81
N MET A 596 14.93 -7.29 37.80
CA MET A 596 14.67 -6.89 36.43
CA MET A 596 14.72 -6.88 36.42
C MET A 596 14.61 -5.37 36.32
C MET A 596 14.61 -5.36 36.31
N ALA A 597 13.89 -4.74 37.24
CA ALA A 597 13.76 -3.28 37.21
C ALA A 597 15.10 -2.59 37.45
N LEU A 598 15.92 -3.12 38.36
CA LEU A 598 17.16 -2.46 38.76
C LEU A 598 18.38 -2.88 37.95
N HIS A 599 18.32 -4.03 37.27
CA HIS A 599 19.52 -4.56 36.63
C HIS A 599 19.20 -5.18 35.27
N GLY A 600 18.19 -6.04 35.21
CA GLY A 600 17.92 -6.76 33.97
C GLY A 600 17.59 -5.84 32.80
N LEU A 601 16.82 -4.78 33.06
CA LEU A 601 16.45 -3.88 31.97
C LEU A 601 17.68 -3.22 31.36
N GLN A 602 18.75 -3.07 32.15
CA GLN A 602 19.95 -2.40 31.64
C GLN A 602 20.48 -3.08 30.39
N ASP A 603 20.49 -4.41 30.39
CA ASP A 603 21.01 -5.12 29.23
C ASP A 603 19.98 -5.21 28.10
N VAL A 604 18.70 -5.08 28.42
CA VAL A 604 17.64 -5.19 27.42
C VAL A 604 17.39 -3.87 26.72
N VAL A 605 17.17 -2.77 27.46
CA VAL A 605 16.83 -1.48 26.86
C VAL A 605 17.92 -0.44 27.02
N GLY A 606 19.02 -0.77 27.67
CA GLY A 606 20.12 0.18 27.79
C GLY A 606 20.00 1.14 28.95
N ALA A 607 19.04 0.92 29.84
CA ALA A 607 18.82 1.75 31.02
C ALA A 607 18.04 0.94 32.04
N ALA A 608 18.03 1.42 33.28
CA ALA A 608 17.36 0.71 34.36
C ALA A 608 16.86 1.72 35.39
N PHE A 609 16.00 1.24 36.28
CA PHE A 609 15.59 2.01 37.44
C PHE A 609 16.66 1.98 38.52
N MET A 610 16.69 3.03 39.33
CA MET A 610 17.47 3.08 40.56
C MET A 610 16.53 3.52 41.68
N VAL A 611 16.73 2.99 42.88
CA VAL A 611 15.95 3.40 44.05
C VAL A 611 16.92 3.82 45.14
N GLU A 612 16.83 5.08 45.55
CA GLU A 612 17.80 5.66 46.48
C GLU A 612 17.20 6.86 47.20
N PRO A 613 16.95 6.77 48.52
CA PRO A 613 16.31 7.89 49.23
C PRO A 613 17.27 9.01 49.63
N ASP A 614 18.60 8.79 49.55
CA ASP A 614 19.56 9.84 49.87
C ASP A 614 19.82 10.63 48.60
N PRO A 615 19.39 11.89 48.50
CA PRO A 615 19.56 12.62 47.23
C PRO A 615 21.01 12.91 46.87
N VAL A 616 21.92 12.99 47.84
CA VAL A 616 23.33 13.11 47.50
C VAL A 616 23.84 11.82 46.85
N LYS A 617 23.45 10.67 47.42
CA LYS A 617 23.82 9.41 46.78
C LYS A 617 23.15 9.26 45.41
N ALA A 618 21.93 9.76 45.29
CA ALA A 618 21.27 9.74 43.98
C ALA A 618 22.03 10.58 42.98
N ALA A 619 22.51 11.76 43.39
CA ALA A 619 23.36 12.57 42.52
C ALA A 619 24.59 11.79 42.10
N ASP A 620 25.24 11.10 43.03
CA ASP A 620 26.43 10.33 42.69
C ASP A 620 26.12 9.29 41.63
N MET A 621 24.99 8.58 41.76
CA MET A 621 24.65 7.52 40.83
C MET A 621 24.29 8.07 39.46
N LEU A 622 23.52 9.16 39.41
CA LEU A 622 23.19 9.77 38.12
C LEU A 622 24.45 10.31 37.44
N GLU A 623 25.34 10.93 38.22
CA GLU A 623 26.59 11.40 37.65
C GLU A 623 27.43 10.25 37.11
N ALA A 624 27.46 9.12 37.83
CA ALA A 624 28.25 7.98 37.39
C ALA A 624 27.77 7.45 36.04
N HIS A 625 26.45 7.37 35.83
CA HIS A 625 25.93 6.97 34.52
C HIS A 625 26.36 7.98 33.45
N ILE A 626 26.29 9.28 33.77
CA ILE A 626 26.68 10.31 32.82
C ILE A 626 28.16 10.17 32.46
N VAL A 627 29.00 9.93 33.46
CA VAL A 627 30.43 9.75 33.20
C VAL A 627 30.70 8.54 32.32
N ALA A 628 30.02 7.43 32.59
CA ALA A 628 30.21 6.24 31.76
C ALA A 628 29.80 6.48 30.32
N ARG A 629 28.69 7.19 30.12
CA ARG A 629 28.24 7.44 28.75
C ARG A 629 29.15 8.44 28.04
N ARG A 630 29.65 9.45 28.76
CA ARG A 630 30.63 10.35 28.15
C ARG A 630 31.84 9.58 27.65
N ALA A 631 32.31 8.62 28.44
CA ALA A 631 33.47 7.82 28.04
C ALA A 631 33.20 7.08 26.74
N ARG A 632 32.02 6.45 26.61
N ARG A 632 32.02 6.46 26.61
CA ARG A 632 31.68 5.71 25.40
CA ARG A 632 31.69 5.72 25.39
C ARG A 632 31.46 6.62 24.19
C ARG A 632 31.44 6.62 24.19
N LEU A 633 31.22 7.92 24.40
CA LEU A 633 31.18 8.88 23.31
C LEU A 633 32.57 9.41 22.97
N GLY A 634 33.58 9.11 23.78
CA GLY A 634 34.92 9.57 23.55
C GLY A 634 35.23 10.91 24.19
N LEU A 635 34.59 11.23 25.30
CA LEU A 635 34.74 12.53 25.95
C LEU A 635 35.44 12.39 27.29
N THR A 636 36.19 13.42 27.64
CA THR A 636 36.79 13.55 28.96
C THR A 636 35.69 13.60 30.01
N SER B 12 -14.92 -40.64 49.87
CA SER B 12 -14.45 -39.74 50.92
C SER B 12 -15.34 -38.52 51.01
N LYS B 13 -15.65 -38.11 52.26
CA LYS B 13 -16.58 -36.99 52.45
C LYS B 13 -15.96 -35.66 52.05
N THR B 14 -14.68 -35.45 52.37
CA THR B 14 -14.02 -34.21 51.97
C THR B 14 -13.94 -34.07 50.47
N ILE B 15 -13.63 -35.17 49.76
CA ILE B 15 -13.56 -35.09 48.31
C ILE B 15 -14.94 -34.91 47.71
N ARG B 16 -15.95 -35.60 48.24
CA ARG B 16 -17.30 -35.43 47.72
C ARG B 16 -17.80 -34.01 47.92
N SER B 17 -17.28 -33.30 48.93
CA SER B 17 -17.72 -31.93 49.21
C SER B 17 -17.21 -30.94 48.17
N ARG B 18 -16.25 -31.32 47.34
CA ARG B 18 -15.63 -30.37 46.42
C ARG B 18 -16.33 -30.27 45.08
N SER B 19 -17.10 -31.28 44.70
CA SER B 19 -17.76 -31.31 43.40
C SER B 19 -18.93 -32.26 43.50
N ILE B 20 -19.91 -32.06 42.61
CA ILE B 20 -21.02 -33.00 42.52
C ILE B 20 -20.74 -34.18 41.58
N TRP B 21 -19.62 -34.17 40.86
CA TRP B 21 -19.41 -35.10 39.76
C TRP B 21 -18.48 -36.26 40.12
N ASP B 22 -18.84 -37.45 39.63
CA ASP B 22 -18.01 -38.64 39.80
C ASP B 22 -16.65 -38.47 39.14
N ASP B 23 -16.59 -37.85 37.95
CA ASP B 23 -15.28 -37.74 37.29
C ASP B 23 -14.33 -36.85 38.08
N ALA B 24 -14.86 -35.75 38.64
CA ALA B 24 -14.07 -34.91 39.54
C ALA B 24 -13.60 -35.67 40.78
N HIS B 25 -14.52 -36.39 41.44
CA HIS B 25 -14.14 -37.16 42.63
C HIS B 25 -12.98 -38.11 42.33
N ALA B 26 -13.08 -38.84 41.22
CA ALA B 26 -12.06 -39.82 40.88
C ALA B 26 -10.70 -39.16 40.68
N MET B 27 -10.68 -38.01 40.00
CA MET B 27 -9.40 -37.33 39.79
C MET B 27 -8.92 -36.62 41.04
N LEU B 28 -9.83 -36.17 41.91
CA LEU B 28 -9.42 -35.64 43.20
C LEU B 28 -8.75 -36.70 44.05
N GLU B 29 -9.24 -37.94 44.01
CA GLU B 29 -8.59 -39.02 44.73
C GLU B 29 -7.22 -39.33 44.14
N LYS B 30 -7.13 -39.35 42.81
CA LYS B 30 -5.85 -39.65 42.16
C LYS B 30 -4.85 -38.53 42.42
N ALA B 31 -5.30 -37.28 42.38
CA ALA B 31 -4.40 -36.17 42.68
C ALA B 31 -3.85 -36.27 44.10
N LYS B 32 -4.71 -36.59 45.07
CA LYS B 32 -4.26 -36.74 46.45
C LYS B 32 -3.24 -37.87 46.58
N ALA B 33 -3.53 -39.02 45.97
CA ALA B 33 -2.61 -40.15 46.05
C ALA B 33 -1.26 -39.81 45.45
N GLU B 34 -1.23 -38.95 44.44
CA GLU B 34 0.00 -38.60 43.75
C GLU B 34 0.67 -37.34 44.29
N GLY B 35 0.08 -36.70 45.29
CA GLY B 35 0.70 -35.53 45.88
C GLY B 35 0.55 -34.28 45.06
N ILE B 36 -0.48 -34.21 44.22
CA ILE B 36 -0.71 -33.08 43.32
C ILE B 36 -1.67 -32.12 43.99
N SER B 37 -1.23 -30.87 44.16
CA SER B 37 -2.08 -29.85 44.77
C SER B 37 -3.00 -29.27 43.71
N THR B 38 -4.27 -29.09 44.08
CA THR B 38 -5.27 -28.56 43.18
C THR B 38 -5.74 -27.18 43.63
N VAL B 39 -6.62 -26.60 42.81
CA VAL B 39 -7.21 -25.31 43.14
C VAL B 39 -7.95 -25.35 44.48
N TRP B 40 -8.55 -26.49 44.84
CA TRP B 40 -9.23 -26.59 46.13
C TRP B 40 -8.23 -26.56 47.30
N ASP B 41 -7.08 -27.22 47.12
CA ASP B 41 -6.05 -27.17 48.16
C ASP B 41 -5.53 -25.76 48.36
N ARG B 42 -5.30 -25.02 47.27
CA ARG B 42 -4.80 -23.66 47.41
C ARG B 42 -5.86 -22.72 47.96
N ALA B 43 -7.12 -22.94 47.60
CA ALA B 43 -8.20 -22.15 48.20
C ALA B 43 -8.22 -22.31 49.72
N ALA B 44 -8.01 -23.54 50.20
CA ALA B 44 -7.98 -23.75 51.65
C ALA B 44 -6.83 -22.99 52.28
N GLU B 45 -5.65 -23.00 51.64
CA GLU B 45 -4.50 -22.26 52.15
C GLU B 45 -4.80 -20.77 52.24
N GLN B 46 -5.56 -20.24 51.29
CA GLN B 46 -5.88 -18.82 51.23
C GLN B 46 -7.10 -18.44 52.06
N THR B 47 -7.61 -19.35 52.88
CA THR B 47 -8.73 -19.10 53.76
C THR B 47 -8.24 -19.21 55.20
N PRO B 48 -8.49 -18.21 56.06
CA PRO B 48 -9.21 -16.94 55.88
C PRO B 48 -8.49 -15.94 54.96
N ALA B 49 -9.29 -15.18 54.20
CA ALA B 49 -8.76 -14.13 53.35
C ALA B 49 -8.54 -12.86 54.15
N CYS B 50 -7.75 -11.96 53.58
CA CYS B 50 -7.59 -10.65 54.18
C CYS B 50 -8.94 -9.94 54.24
N LYS B 51 -9.29 -9.43 55.42
CA LYS B 51 -10.61 -8.86 55.61
C LYS B 51 -10.80 -7.58 54.79
N PHE B 52 -9.79 -6.72 54.75
CA PHE B 52 -9.90 -5.50 53.94
C PHE B 52 -10.00 -5.84 52.46
N CYS B 53 -9.15 -6.76 51.98
CA CYS B 53 -9.21 -7.14 50.57
C CYS B 53 -10.59 -7.70 50.22
N GLU B 54 -11.14 -8.53 51.10
CA GLU B 54 -12.45 -9.12 50.86
C GLU B 54 -13.55 -8.07 50.84
N LEU B 55 -13.46 -7.07 51.72
CA LEU B 55 -14.47 -6.02 51.79
C LEU B 55 -14.31 -4.96 50.71
N GLY B 56 -13.15 -4.87 50.07
CA GLY B 56 -12.86 -3.84 49.09
C GLY B 56 -12.26 -2.57 49.68
N THR B 57 -12.05 -2.54 50.99
CA THR B 57 -11.59 -1.35 51.71
C THR B 57 -10.08 -1.30 51.87
N THR B 58 -9.39 -1.52 50.75
CA THR B 58 -7.94 -1.43 50.67
C THR B 58 -7.61 -0.82 49.32
N CYS B 59 -6.60 0.05 49.30
CA CYS B 59 -6.23 0.72 48.06
C CYS B 59 -4.72 0.69 47.90
N ARG B 60 -4.28 0.39 46.67
CA ARG B 60 -2.86 0.34 46.33
C ARG B 60 -2.56 1.20 45.09
N ASN B 61 -3.38 2.22 44.86
CA ASN B 61 -3.30 2.97 43.60
C ASN B 61 -2.23 4.06 43.60
N CYS B 62 -1.51 4.26 44.69
CA CYS B 62 -0.37 5.17 44.69
C CYS B 62 0.50 4.83 45.89
N ILE B 63 1.70 5.40 45.93
CA ILE B 63 2.62 5.09 47.02
C ILE B 63 2.62 6.19 48.09
N MET B 64 1.59 7.04 48.13
CA MET B 64 1.27 7.64 49.42
C MET B 64 0.69 6.58 50.34
N GLY B 65 0.00 5.61 49.76
CA GLY B 65 -0.44 4.43 50.46
C GLY B 65 0.65 3.37 50.49
N PRO B 66 0.25 2.09 50.60
CA PRO B 66 -1.12 1.57 50.50
C PRO B 66 -1.99 1.91 51.71
N CYS B 67 -3.30 1.94 51.51
CA CYS B 67 -4.23 2.40 52.53
C CYS B 67 -5.25 1.32 52.84
N ARG B 68 -5.69 1.28 54.09
CA ARG B 68 -6.81 0.45 54.51
C ARG B 68 -7.83 1.33 55.21
N ILE B 69 -9.11 1.03 54.98
CA ILE B 69 -10.22 1.81 55.54
C ILE B 69 -10.91 0.98 56.61
N ALA B 70 -10.95 1.51 57.83
CA ALA B 70 -11.67 0.88 58.93
C ALA B 70 -12.90 1.69 59.28
N ASN B 71 -13.75 1.08 60.11
CA ASN B 71 -14.97 1.72 60.61
C ASN B 71 -14.85 1.78 62.13
N ARG B 72 -14.13 2.79 62.62
CA ARG B 72 -13.85 2.95 64.04
C ARG B 72 -14.59 4.17 64.59
N LYS B 73 -15.05 4.04 65.84
CA LYS B 73 -15.75 5.15 66.48
C LYS B 73 -14.86 6.37 66.64
N ASP B 74 -13.55 6.17 66.82
CA ASP B 74 -12.64 7.30 66.96
C ASP B 74 -12.32 7.99 65.64
N GLY B 75 -12.77 7.43 64.51
CA GLY B 75 -12.57 8.08 63.23
C GLY B 75 -11.20 7.87 62.60
N LYS B 76 -10.32 7.11 63.22
CA LYS B 76 -9.01 6.85 62.63
C LYS B 76 -9.14 5.88 61.46
N MET B 77 -8.29 6.08 60.45
CA MET B 77 -8.25 5.25 59.25
C MET B 77 -9.59 5.21 58.52
N ARG B 78 -10.37 6.28 58.67
CA ARG B 78 -11.60 6.43 57.90
C ARG B 78 -11.33 6.80 56.46
N LEU B 79 -10.19 7.44 56.20
CA LEU B 79 -9.87 7.94 54.87
C LEU B 79 -8.47 7.49 54.46
N GLY B 80 -8.28 7.36 53.16
CA GLY B 80 -6.95 7.13 52.63
C GLY B 80 -6.09 8.37 52.78
N VAL B 81 -4.80 8.22 52.46
CA VAL B 81 -3.89 9.35 52.64
C VAL B 81 -4.35 10.54 51.80
N CYS B 82 -4.85 10.29 50.59
CA CYS B 82 -5.36 11.35 49.72
C CYS B 82 -6.71 11.90 50.17
N GLY B 83 -7.35 11.28 51.17
CA GLY B 83 -8.67 11.70 51.62
C GLY B 83 -9.84 10.88 51.11
N ALA B 84 -9.58 9.88 50.26
CA ALA B 84 -10.65 9.07 49.68
C ALA B 84 -11.30 8.20 50.75
N ASP B 85 -12.63 8.09 50.69
CA ASP B 85 -13.37 7.33 51.69
C ASP B 85 -13.66 5.91 51.19
N ALA B 86 -14.35 5.14 52.01
CA ALA B 86 -14.63 3.74 51.66
C ALA B 86 -15.45 3.65 50.38
N ASP B 87 -16.40 4.56 50.18
CA ASP B 87 -17.25 4.51 49.00
C ASP B 87 -16.43 4.69 47.72
N VAL B 88 -15.53 5.68 47.72
CA VAL B 88 -14.70 5.90 46.55
C VAL B 88 -13.75 4.72 46.34
N ILE B 89 -13.09 4.27 47.40
CA ILE B 89 -12.09 3.20 47.28
C ILE B 89 -12.74 1.92 46.75
N VAL B 90 -13.87 1.54 47.33
CA VAL B 90 -14.56 0.33 46.89
C VAL B 90 -15.03 0.47 45.45
N ALA B 91 -15.57 1.64 45.09
CA ALA B 91 -16.09 1.82 43.74
C ALA B 91 -14.96 1.83 42.71
N ARG B 92 -13.81 2.45 43.04
CA ARG B 92 -12.67 2.40 42.12
C ARG B 92 -12.20 0.97 41.93
N ASN B 93 -12.07 0.23 43.02
CA ASN B 93 -11.61 -1.15 42.93
C ASN B 93 -12.55 -1.98 42.06
N PHE B 94 -13.86 -1.80 42.24
CA PHE B 94 -14.83 -2.52 41.44
C PHE B 94 -14.78 -2.07 39.98
N GLY B 95 -14.53 -0.77 39.74
CA GLY B 95 -14.41 -0.31 38.38
C GLY B 95 -13.25 -0.94 37.64
N ARG B 96 -12.09 -1.03 38.30
CA ARG B 96 -10.93 -1.66 37.68
C ARG B 96 -11.17 -3.14 37.47
N PHE B 97 -11.88 -3.76 38.42
CA PHE B 97 -12.26 -5.18 38.28
C PHE B 97 -13.07 -5.37 37.00
N ILE B 98 -14.10 -4.53 36.82
N ILE B 98 -14.08 -4.52 36.78
CA ILE B 98 -14.93 -4.58 35.61
CA ILE B 98 -14.90 -4.67 35.59
C ILE B 98 -14.08 -4.34 34.37
C ILE B 98 -14.09 -4.34 34.34
N ALA B 99 -13.19 -3.37 34.42
CA ALA B 99 -12.36 -3.03 33.26
C ALA B 99 -11.47 -4.19 32.87
N GLY B 100 -10.96 -4.95 33.84
CA GLY B 100 -10.19 -6.13 33.52
C GLY B 100 -10.99 -7.15 32.73
N GLY B 101 -12.26 -7.34 33.08
CA GLY B 101 -13.10 -8.27 32.33
C GLY B 101 -13.43 -7.76 30.94
N ALA B 102 -13.79 -6.49 30.83
CA ALA B 102 -14.04 -5.92 29.52
C ALA B 102 -12.81 -6.03 28.63
N ALA B 103 -11.62 -5.84 29.23
CA ALA B 103 -10.38 -5.89 28.46
C ALA B 103 -10.13 -7.28 27.89
N GLY B 104 -10.47 -8.33 28.63
CA GLY B 104 -10.32 -9.68 28.10
C GLY B 104 -11.18 -9.87 26.86
N HIS B 105 -12.42 -9.39 26.91
CA HIS B 105 -13.29 -9.51 25.74
C HIS B 105 -12.89 -8.57 24.62
N SER B 106 -12.31 -7.40 24.97
CA SER B 106 -11.86 -6.47 23.94
C SER B 106 -10.79 -7.11 23.07
N ASP B 107 -9.76 -7.66 23.69
CA ASP B 107 -8.67 -8.27 22.93
C ASP B 107 -9.15 -9.47 22.14
N HIS B 108 -10.10 -10.23 22.70
CA HIS B 108 -10.69 -11.36 21.99
C HIS B 108 -11.34 -10.89 20.69
N GLY B 109 -12.24 -9.88 20.78
CA GLY B 109 -12.87 -9.37 19.58
C GLY B 109 -11.88 -8.76 18.60
N ARG B 110 -10.86 -8.06 19.12
CA ARG B 110 -9.86 -7.44 18.26
C ARG B 110 -9.12 -8.48 17.42
N ASP B 111 -8.77 -9.62 18.01
CA ASP B 111 -8.11 -10.69 17.28
C ASP B 111 -8.98 -11.23 16.15
N LEU B 112 -10.31 -11.28 16.36
CA LEU B 112 -11.18 -11.69 15.27
C LEU B 112 -11.17 -10.67 14.13
N ILE B 113 -11.19 -9.37 14.46
CA ILE B 113 -11.07 -8.36 13.40
C ILE B 113 -9.79 -8.57 12.62
N GLU B 114 -8.66 -8.76 13.33
CA GLU B 114 -7.38 -8.90 12.66
C GLU B 114 -7.37 -10.13 11.75
N THR B 115 -8.05 -11.20 12.17
CA THR B 115 -8.08 -12.41 11.36
C THR B 115 -8.94 -12.22 10.12
N LEU B 116 -10.13 -11.61 10.27
CA LEU B 116 -10.96 -11.33 9.10
C LEU B 116 -10.23 -10.42 8.11
N GLU B 117 -9.52 -9.41 8.62
CA GLU B 117 -8.73 -8.56 7.75
C GLU B 117 -7.68 -9.37 7.00
N ALA B 118 -6.99 -10.27 7.69
CA ALA B 118 -5.98 -11.10 7.02
C ALA B 118 -6.61 -11.94 5.91
N VAL B 119 -7.79 -12.51 6.16
CA VAL B 119 -8.50 -13.22 5.10
C VAL B 119 -8.80 -12.29 3.93
N ALA B 120 -9.32 -11.09 4.22
CA ALA B 120 -9.66 -10.15 3.15
C ALA B 120 -8.45 -9.80 2.31
N GLU B 121 -7.26 -9.78 2.92
CA GLU B 121 -6.02 -9.42 2.25
C GLU B 121 -5.38 -10.59 1.51
N GLY B 122 -5.87 -11.81 1.70
CA GLY B 122 -5.20 -12.97 1.17
C GLY B 122 -3.94 -13.35 1.91
N LYS B 123 -3.89 -13.09 3.22
CA LYS B 123 -2.69 -13.33 4.01
C LYS B 123 -3.00 -14.15 5.25
N ALA B 124 -3.80 -15.21 5.10
CA ALA B 124 -4.16 -16.08 6.21
C ALA B 124 -4.38 -17.49 5.69
N PRO B 125 -3.31 -18.20 5.34
CA PRO B 125 -3.46 -19.55 4.79
C PRO B 125 -4.28 -20.44 5.71
N GLY B 126 -5.28 -21.09 5.12
CA GLY B 126 -6.13 -22.01 5.86
C GLY B 126 -7.32 -21.37 6.54
N TYR B 127 -7.47 -20.05 6.47
CA TYR B 127 -8.68 -19.39 6.93
C TYR B 127 -9.46 -18.89 5.72
N THR B 128 -10.78 -18.78 5.89
CA THR B 128 -11.62 -18.26 4.82
C THR B 128 -12.87 -17.64 5.44
N ILE B 129 -13.74 -17.08 4.60
N ILE B 129 -13.69 -17.03 4.58
CA ILE B 129 -15.05 -16.62 5.03
CA ILE B 129 -15.05 -16.62 4.93
C ILE B 129 -15.99 -17.81 4.90
C ILE B 129 -15.91 -17.88 4.85
N ARG B 130 -16.15 -18.54 6.01
N ARG B 130 -16.20 -18.50 5.99
CA ARG B 130 -16.99 -19.75 5.98
CA ARG B 130 -16.98 -19.73 5.95
C ARG B 130 -18.45 -19.42 5.72
C ARG B 130 -18.48 -19.47 5.83
N ASP B 131 -18.97 -18.33 6.28
CA ASP B 131 -20.38 -17.96 6.16
C ASP B 131 -20.48 -16.63 5.43
N VAL B 132 -20.45 -16.68 4.09
CA VAL B 132 -20.53 -15.46 3.28
C VAL B 132 -21.89 -14.81 3.44
N ALA B 133 -22.95 -15.62 3.55
CA ALA B 133 -24.28 -15.05 3.72
C ALA B 133 -24.33 -14.18 4.97
N LYS B 134 -23.77 -14.67 6.07
CA LYS B 134 -23.79 -13.85 7.30
C LYS B 134 -22.90 -12.63 7.16
N LEU B 135 -21.74 -12.76 6.51
CA LEU B 135 -20.91 -11.59 6.22
C LEU B 135 -21.73 -10.51 5.52
N ARG B 136 -22.47 -10.89 4.47
CA ARG B 136 -23.20 -9.89 3.71
C ARG B 136 -24.33 -9.29 4.55
N ARG B 137 -24.97 -10.10 5.40
CA ARG B 137 -26.05 -9.61 6.23
C ARG B 137 -25.54 -8.68 7.33
N ILE B 138 -24.46 -9.06 8.01
CA ILE B 138 -23.89 -8.22 9.05
C ILE B 138 -23.35 -6.92 8.46
N ALA B 139 -22.65 -7.02 7.33
CA ALA B 139 -22.12 -5.83 6.67
C ALA B 139 -23.25 -4.89 6.28
N ALA B 140 -24.32 -5.42 5.67
CA ALA B 140 -25.44 -4.55 5.31
C ALA B 140 -26.07 -3.93 6.55
N GLU B 141 -26.23 -4.72 7.61
CA GLU B 141 -26.82 -4.20 8.85
C GLU B 141 -26.05 -2.99 9.36
N LEU B 142 -24.73 -3.00 9.22
CA LEU B 142 -23.87 -1.97 9.77
C LEU B 142 -23.56 -0.87 8.75
N GLY B 143 -24.13 -0.95 7.55
CA GLY B 143 -24.08 0.15 6.60
C GLY B 143 -23.10 0.02 5.44
N VAL B 144 -22.52 -1.15 5.22
CA VAL B 144 -21.65 -1.34 4.05
C VAL B 144 -22.50 -1.26 2.78
N ALA B 145 -22.09 -0.40 1.86
CA ALA B 145 -22.84 -0.19 0.63
C ALA B 145 -22.73 -1.41 -0.29
N ASP B 146 -23.87 -1.79 -0.87
CA ASP B 146 -23.94 -2.90 -1.84
C ASP B 146 -23.32 -4.18 -1.28
N ALA B 147 -23.58 -4.43 0.01
CA ALA B 147 -23.04 -5.61 0.67
C ALA B 147 -23.60 -6.88 0.07
N ALA B 148 -24.77 -6.81 -0.56
CA ALA B 148 -25.39 -8.01 -1.09
C ALA B 148 -24.68 -8.52 -2.35
N THR B 149 -24.02 -7.63 -3.10
CA THR B 149 -23.54 -7.94 -4.43
C THR B 149 -22.03 -7.78 -4.65
N ARG B 150 -21.35 -6.93 -3.88
CA ARG B 150 -19.94 -6.69 -4.11
C ARG B 150 -19.10 -7.93 -3.80
N PRO B 151 -17.88 -8.00 -4.32
CA PRO B 151 -17.01 -9.15 -4.02
C PRO B 151 -16.85 -9.34 -2.52
N ALA B 152 -16.86 -10.59 -2.08
CA ALA B 152 -16.90 -10.90 -0.65
C ALA B 152 -15.72 -10.28 0.10
N HIS B 153 -14.52 -10.30 -0.47
CA HIS B 153 -13.38 -9.74 0.24
C HIS B 153 -13.47 -8.23 0.37
N ASP B 154 -14.05 -7.54 -0.62
CA ASP B 154 -14.28 -6.10 -0.48
C ASP B 154 -15.29 -5.81 0.63
N VAL B 155 -16.35 -6.61 0.72
CA VAL B 155 -17.32 -6.43 1.79
C VAL B 155 -16.68 -6.70 3.15
N ALA B 156 -15.88 -7.76 3.24
CA ALA B 156 -15.17 -8.06 4.49
C ALA B 156 -14.25 -6.91 4.87
N ALA B 157 -13.51 -6.35 3.91
CA ALA B 157 -12.63 -5.23 4.23
C ALA B 157 -13.42 -4.06 4.80
N ASP B 158 -14.61 -3.77 4.23
CA ASP B 158 -15.41 -2.68 4.75
C ASP B 158 -15.97 -2.97 6.14
N LEU B 159 -16.31 -4.24 6.41
CA LEU B 159 -16.77 -4.60 7.75
C LEU B 159 -15.63 -4.50 8.75
N VAL B 160 -14.42 -4.91 8.35
CA VAL B 160 -13.23 -4.75 9.19
C VAL B 160 -13.04 -3.30 9.59
N THR B 161 -13.17 -2.38 8.62
CA THR B 161 -13.05 -0.95 8.94
C THR B 161 -14.10 -0.50 9.96
N ILE B 162 -15.36 -0.93 9.80
CA ILE B 162 -16.39 -0.56 10.78
C ILE B 162 -16.03 -1.08 12.16
N CYS B 163 -15.64 -2.36 12.23
CA CYS B 163 -15.30 -2.94 13.52
C CYS B 163 -14.10 -2.24 14.16
N TYR B 164 -13.03 -1.99 13.38
CA TYR B 164 -11.88 -1.27 13.92
C TYR B 164 -12.24 0.14 14.39
N ASN B 165 -13.18 0.80 13.71
CA ASN B 165 -13.58 2.13 14.16
C ASN B 165 -14.24 2.10 15.53
N ASP B 166 -14.88 0.98 15.90
CA ASP B 166 -15.38 0.83 17.27
C ASP B 166 -14.26 0.67 18.28
N PHE B 167 -13.05 0.30 17.82
CA PHE B 167 -11.84 0.30 18.65
C PHE B 167 -11.04 1.59 18.52
N GLY B 168 -11.66 2.65 17.98
CA GLY B 168 -11.07 3.96 17.97
C GLY B 168 -11.84 4.90 18.88
N SER B 169 -11.52 6.19 18.75
CA SER B 169 -12.00 7.20 19.69
C SER B 169 -12.87 8.27 19.04
N ARG B 170 -13.52 7.98 17.89
CA ARG B 170 -14.30 8.98 17.17
C ARG B 170 -15.80 8.70 17.12
N ARG B 171 -16.26 7.58 17.65
CA ARG B 171 -17.67 7.24 17.56
C ARG B 171 -18.46 7.88 18.70
N ASN B 172 -19.73 8.16 18.42
CA ASN B 172 -20.66 8.52 19.48
C ASN B 172 -21.33 7.30 20.10
N ALA B 173 -21.38 6.19 19.38
CA ALA B 173 -22.02 4.96 19.87
C ALA B 173 -21.48 3.80 19.06
N LEU B 174 -21.26 2.67 19.73
CA LEU B 174 -20.80 1.46 19.04
C LEU B 174 -21.79 1.02 17.97
N ALA B 175 -21.24 0.37 16.93
CA ALA B 175 -22.03 0.02 15.75
C ALA B 175 -23.18 -0.92 16.09
N PHE B 176 -22.92 -1.98 16.85
CA PHE B 176 -23.98 -2.92 17.17
C PHE B 176 -25.00 -2.36 18.16
N LEU B 177 -24.73 -1.22 18.78
CA LEU B 177 -25.69 -0.66 19.73
C LEU B 177 -27.04 -0.36 19.08
N ALA B 178 -27.06 -0.16 17.75
CA ALA B 178 -28.31 0.08 17.05
C ALA B 178 -29.31 -1.07 17.22
N ARG B 179 -28.85 -2.26 17.62
CA ARG B 179 -29.77 -3.36 17.87
C ARG B 179 -30.66 -3.10 19.08
N ALA B 180 -30.17 -2.35 20.07
CA ALA B 180 -30.96 -2.15 21.28
C ALA B 180 -32.17 -1.29 20.95
N PRO B 181 -33.27 -1.47 21.67
CA PRO B 181 -34.46 -0.66 21.41
C PRO B 181 -34.16 0.82 21.61
N GLN B 182 -34.88 1.65 20.86
CA GLN B 182 -34.69 3.09 20.94
C GLN B 182 -34.81 3.60 22.36
N VAL B 183 -35.80 3.11 23.12
CA VAL B 183 -35.99 3.59 24.49
C VAL B 183 -34.76 3.32 25.35
N ARG B 184 -34.10 2.18 25.13
CA ARG B 184 -32.89 1.86 25.88
C ARG B 184 -31.73 2.75 25.45
N ARG B 185 -31.59 2.96 24.15
CA ARG B 185 -30.53 3.86 23.67
C ARG B 185 -30.73 5.28 24.19
N ASP B 186 -31.99 5.74 24.28
CA ASP B 186 -32.21 7.10 24.78
C ASP B 186 -31.85 7.20 26.26
N LEU B 187 -32.19 6.18 27.04
CA LEU B 187 -31.83 6.15 28.46
C LEU B 187 -30.33 6.16 28.66
N TRP B 188 -29.61 5.27 27.96
CA TRP B 188 -28.16 5.26 28.05
C TRP B 188 -27.57 6.62 27.70
N GLN B 189 -28.12 7.27 26.68
CA GLN B 189 -27.59 8.56 26.26
C GLN B 189 -27.75 9.60 27.36
N ARG B 190 -28.94 9.67 27.96
CA ARG B 190 -29.16 10.62 29.04
C ARG B 190 -28.28 10.32 30.26
N LEU B 191 -28.06 9.04 30.55
CA LEU B 191 -27.27 8.66 31.72
C LEU B 191 -25.78 8.87 31.53
N GLY B 192 -25.32 9.06 30.30
CA GLY B 192 -23.89 9.04 30.05
C GLY B 192 -23.32 7.64 30.06
N MET B 193 -24.13 6.65 29.68
CA MET B 193 -23.73 5.25 29.67
C MET B 193 -23.47 4.70 28.28
N THR B 194 -23.85 5.43 27.22
CA THR B 194 -23.66 4.91 25.87
C THR B 194 -22.21 4.51 25.64
N PRO B 195 -21.92 3.26 25.31
CA PRO B 195 -20.54 2.90 24.98
C PRO B 195 -20.14 3.48 23.63
N ARG B 196 -18.96 4.09 23.59
CA ARG B 196 -18.45 4.82 22.43
C ARG B 196 -17.31 4.11 21.72
N GLY B 197 -16.39 3.55 22.48
CA GLY B 197 -15.21 2.90 21.95
C GLY B 197 -14.82 1.77 22.87
N VAL B 198 -14.50 0.62 22.28
CA VAL B 198 -14.26 -0.59 23.08
C VAL B 198 -13.05 -0.40 23.98
N ASP B 199 -11.95 0.11 23.42
CA ASP B 199 -10.77 0.37 24.23
C ASP B 199 -10.90 1.67 25.01
N ARG B 200 -11.61 2.65 24.45
CA ARG B 200 -11.71 3.96 25.10
C ARG B 200 -12.33 3.85 26.49
N GLU B 201 -13.39 3.04 26.64
CA GLU B 201 -14.02 2.99 27.96
C GLU B 201 -13.11 2.37 29.00
N ILE B 202 -12.31 1.38 28.59
CA ILE B 202 -11.34 0.79 29.51
C ILE B 202 -10.30 1.82 29.93
N ALA B 203 -9.75 2.56 28.97
CA ALA B 203 -8.77 3.57 29.31
C ALA B 203 -9.36 4.63 30.23
N GLU B 204 -10.58 5.09 29.92
CA GLU B 204 -11.20 6.08 30.78
C GLU B 204 -11.44 5.54 32.18
N MET B 205 -11.78 4.25 32.31
CA MET B 205 -11.91 3.69 33.65
C MET B 205 -10.59 3.75 34.41
N MET B 206 -9.49 3.40 33.74
CA MET B 206 -8.19 3.43 34.42
C MET B 206 -7.79 4.84 34.79
N HIS B 207 -8.19 5.84 33.99
CA HIS B 207 -7.96 7.24 34.35
C HIS B 207 -8.81 7.64 35.56
N ARG B 208 -10.11 7.33 35.52
CA ARG B 208 -10.99 7.75 36.61
C ARG B 208 -10.53 7.21 37.95
N THR B 209 -9.92 6.02 37.96
CA THR B 209 -9.54 5.36 39.19
C THR B 209 -8.14 5.74 39.68
N HIS B 210 -7.39 6.53 38.91
CA HIS B 210 -6.14 7.12 39.40
C HIS B 210 -6.45 8.06 40.55
N MET B 211 -5.52 8.19 41.50
CA MET B 211 -5.71 9.11 42.62
C MET B 211 -6.18 10.47 42.11
N GLY B 212 -7.19 11.02 42.78
CA GLY B 212 -7.57 12.39 42.53
C GLY B 212 -8.23 12.65 41.20
N CYS B 213 -8.87 11.62 40.61
N CYS B 213 -8.89 11.62 40.63
CA CYS B 213 -9.67 11.82 39.41
CA CYS B 213 -9.64 11.79 39.40
C CYS B 213 -11.12 11.67 39.80
C CYS B 213 -11.12 11.67 39.75
N ASP B 214 -11.76 10.52 39.56
CA ASP B 214 -13.16 10.35 39.90
C ASP B 214 -13.27 9.93 41.37
N ASN B 215 -13.87 10.80 42.18
CA ASN B 215 -14.05 10.59 43.61
C ASN B 215 -15.53 10.71 43.96
N ASP B 216 -16.37 10.06 43.18
CA ASP B 216 -17.80 9.97 43.46
C ASP B 216 -18.24 8.58 43.09
N HIS B 217 -18.75 7.82 44.08
CA HIS B 217 -19.00 6.41 43.85
C HIS B 217 -20.09 6.20 42.81
N THR B 218 -21.07 7.10 42.75
CA THR B 218 -22.13 6.96 41.74
C THR B 218 -21.53 7.12 40.34
N SER B 219 -20.71 8.16 40.16
CA SER B 219 -20.09 8.41 38.86
C SER B 219 -19.23 7.22 38.44
N LEU B 220 -18.50 6.66 39.38
CA LEU B 220 -17.63 5.53 39.07
C LEU B 220 -18.45 4.33 38.62
N LEU B 221 -19.59 4.10 39.28
CA LEU B 221 -20.39 2.93 38.91
C LEU B 221 -21.08 3.12 37.57
N VAL B 222 -21.49 4.35 37.27
CA VAL B 222 -22.04 4.64 35.95
C VAL B 222 -21.01 4.39 34.87
N HIS B 223 -19.76 4.82 35.08
CA HIS B 223 -18.77 4.52 34.05
C HIS B 223 -18.45 3.04 34.00
N ALA B 224 -18.53 2.33 35.13
CA ALA B 224 -18.38 0.88 35.10
C ALA B 224 -19.43 0.23 34.21
N ALA B 225 -20.67 0.73 34.27
CA ALA B 225 -21.70 0.22 33.37
C ALA B 225 -21.36 0.54 31.92
N ARG B 226 -20.87 1.76 31.64
CA ARG B 226 -20.52 2.11 30.26
C ARG B 226 -19.39 1.22 29.76
N THR B 227 -18.42 0.92 30.61
CA THR B 227 -17.31 0.07 30.23
C THR B 227 -17.79 -1.34 29.92
N ALA B 228 -18.65 -1.88 30.78
CA ALA B 228 -19.18 -3.21 30.53
C ALA B 228 -20.05 -3.24 29.27
N LEU B 229 -20.86 -2.20 29.05
CA LEU B 229 -21.65 -2.14 27.82
C LEU B 229 -20.79 -2.13 26.57
N ALA B 230 -19.60 -1.52 26.63
CA ALA B 230 -18.69 -1.54 25.49
C ALA B 230 -18.14 -2.93 25.24
N ASP B 231 -18.25 -3.83 26.22
CA ASP B 231 -17.95 -5.24 26.04
C ASP B 231 -19.14 -5.97 25.40
N GLY B 232 -20.28 -6.01 26.09
CA GLY B 232 -21.41 -6.79 25.59
C GLY B 232 -21.85 -6.40 24.19
N TRP B 233 -21.87 -5.10 23.90
CA TRP B 233 -22.32 -4.57 22.62
C TRP B 233 -21.17 -4.21 21.70
N GLY B 234 -19.95 -4.55 22.09
CA GLY B 234 -18.76 -4.17 21.34
C GLY B 234 -17.80 -5.34 21.26
N GLY B 235 -16.85 -5.40 22.19
CA GLY B 235 -15.84 -6.46 22.16
C GLY B 235 -16.42 -7.86 22.00
N SER B 236 -17.39 -8.23 22.85
CA SER B 236 -17.95 -9.58 22.77
C SER B 236 -18.85 -9.76 21.54
N MET B 237 -19.69 -8.76 21.21
CA MET B 237 -20.58 -8.92 20.07
C MET B 237 -19.80 -8.98 18.76
N ILE B 238 -18.76 -8.15 18.61
CA ILE B 238 -17.88 -8.27 17.45
C ILE B 238 -17.23 -9.64 17.41
N GLY B 239 -16.74 -10.12 18.56
CA GLY B 239 -16.13 -11.44 18.60
C GLY B 239 -17.07 -12.54 18.14
N THR B 240 -18.30 -12.53 18.64
CA THR B 240 -19.27 -13.56 18.26
C THR B 240 -19.60 -13.48 16.77
N GLU B 241 -19.97 -12.30 16.29
CA GLU B 241 -20.44 -12.20 14.91
C GLU B 241 -19.32 -12.49 13.92
N LEU B 242 -18.10 -12.00 14.19
CA LEU B 242 -16.99 -12.30 13.29
C LEU B 242 -16.56 -13.76 13.39
N SER B 243 -16.69 -14.38 14.58
CA SER B 243 -16.38 -15.80 14.68
C SER B 243 -17.34 -16.62 13.83
N ASP B 244 -18.63 -16.27 13.83
CA ASP B 244 -19.57 -16.97 12.97
C ASP B 244 -19.22 -16.77 11.50
N ILE B 245 -18.80 -15.56 11.14
CA ILE B 245 -18.45 -15.29 9.75
C ILE B 245 -17.24 -16.12 9.32
N LEU B 246 -16.22 -16.19 10.18
CA LEU B 246 -14.98 -16.88 9.82
C LEU B 246 -15.09 -18.38 9.97
N PHE B 247 -15.89 -18.86 10.92
CA PHE B 247 -15.88 -20.27 11.27
C PHE B 247 -17.22 -20.97 11.12
N GLY B 248 -18.28 -20.24 10.78
CA GLY B 248 -19.58 -20.85 10.54
C GLY B 248 -20.57 -20.45 11.62
N THR B 249 -21.81 -20.25 11.22
CA THR B 249 -22.84 -19.97 12.22
C THR B 249 -23.33 -21.27 12.84
N PRO B 250 -23.33 -21.39 14.18
CA PRO B 250 -23.72 -22.66 14.80
C PRO B 250 -25.13 -23.10 14.42
N ARG B 251 -25.29 -24.41 14.28
CA ARG B 251 -26.59 -25.04 14.11
C ARG B 251 -26.62 -26.25 15.03
N PRO B 252 -27.82 -26.75 15.37
CA PRO B 252 -27.92 -27.77 16.41
C PRO B 252 -27.22 -29.06 16.01
N ARG B 253 -26.46 -29.62 16.94
CA ARG B 253 -25.76 -30.87 16.70
C ARG B 253 -25.54 -31.57 18.03
N GLN B 254 -25.41 -32.90 17.99
CA GLN B 254 -25.18 -33.67 19.20
C GLN B 254 -23.67 -33.82 19.43
N SER B 255 -23.29 -33.87 20.70
CA SER B 255 -21.93 -34.21 21.07
C SER B 255 -21.96 -34.87 22.45
N THR B 256 -20.81 -34.93 23.12
CA THR B 256 -20.68 -35.56 24.42
C THR B 256 -19.83 -34.69 25.35
N VAL B 257 -19.92 -34.99 26.65
CA VAL B 257 -19.21 -34.21 27.66
C VAL B 257 -18.75 -35.11 28.81
N ASN B 258 -17.63 -34.70 29.43
CA ASN B 258 -16.99 -35.15 30.68
C ASN B 258 -15.61 -35.71 30.41
N LEU B 259 -14.88 -36.10 31.46
CA LEU B 259 -13.49 -36.51 31.24
C LEU B 259 -13.42 -37.77 30.39
N GLY B 260 -14.51 -38.52 30.31
CA GLY B 260 -14.54 -39.70 29.46
C GLY B 260 -14.46 -39.43 27.97
N VAL B 261 -14.47 -38.15 27.56
CA VAL B 261 -14.25 -37.84 26.15
C VAL B 261 -12.80 -38.10 25.74
N LEU B 262 -11.90 -38.17 26.71
N LEU B 262 -11.89 -38.16 26.71
CA LEU B 262 -10.53 -38.56 26.43
CA LEU B 262 -10.52 -38.55 26.41
C LEU B 262 -10.48 -40.05 26.13
C LEU B 262 -10.49 -40.05 26.11
N ARG B 263 -9.58 -40.44 25.23
CA ARG B 263 -9.51 -41.81 24.74
C ARG B 263 -8.13 -42.40 24.96
N LYS B 264 -8.07 -43.52 25.67
CA LYS B 264 -6.78 -44.14 25.96
C LYS B 264 -6.00 -44.48 24.69
N ASP B 265 -6.71 -44.84 23.62
CA ASP B 265 -6.07 -45.33 22.40
C ASP B 265 -5.79 -44.23 21.38
N ALA B 266 -5.97 -42.97 21.76
CA ALA B 266 -5.73 -41.85 20.86
C ALA B 266 -4.71 -40.89 21.45
N VAL B 267 -4.12 -40.07 20.58
CA VAL B 267 -3.42 -38.87 21.02
C VAL B 267 -4.47 -37.84 21.44
N ASN B 268 -4.47 -37.46 22.72
CA ASN B 268 -5.48 -36.54 23.23
C ASN B 268 -4.89 -35.14 23.31
N ILE B 269 -5.50 -34.20 22.60
CA ILE B 269 -5.07 -32.80 22.59
C ILE B 269 -6.22 -31.99 23.19
N LEU B 270 -5.96 -31.37 24.34
CA LEU B 270 -6.96 -30.51 24.96
C LEU B 270 -6.68 -29.07 24.54
N VAL B 271 -7.67 -28.42 23.94
CA VAL B 271 -7.59 -26.99 23.65
C VAL B 271 -8.19 -26.23 24.83
N HIS B 272 -7.50 -25.20 25.29
CA HIS B 272 -7.88 -24.49 26.50
C HIS B 272 -7.70 -22.99 26.26
N GLY B 273 -8.58 -22.22 26.88
CA GLY B 273 -8.59 -20.78 26.68
C GLY B 273 -9.85 -20.35 25.94
N HIS B 274 -9.70 -19.51 24.92
CA HIS B 274 -10.85 -18.75 24.43
C HIS B 274 -11.03 -18.60 22.93
N ASN B 275 -9.97 -18.38 22.16
CA ASN B 275 -10.22 -17.86 20.83
C ASN B 275 -10.23 -18.96 19.78
N PRO B 276 -11.30 -19.10 19.01
CA PRO B 276 -11.36 -20.16 18.00
C PRO B 276 -10.37 -20.01 16.86
N VAL B 277 -9.73 -18.84 16.72
N VAL B 277 -9.72 -18.85 16.72
CA VAL B 277 -8.70 -18.66 15.70
CA VAL B 277 -8.71 -18.71 15.67
C VAL B 277 -7.60 -19.70 15.87
C VAL B 277 -7.57 -19.68 15.87
N VAL B 278 -7.34 -20.14 17.09
CA VAL B 278 -6.35 -21.18 17.36
C VAL B 278 -6.99 -22.57 17.31
N SER B 279 -8.05 -22.79 18.08
CA SER B 279 -8.56 -24.16 18.22
C SER B 279 -9.08 -24.70 16.89
N GLU B 280 -9.69 -23.85 16.06
CA GLU B 280 -10.15 -24.33 14.75
C GLU B 280 -8.98 -24.79 13.90
N MET B 281 -7.84 -24.11 14.00
CA MET B 281 -6.70 -24.51 13.20
C MET B 281 -5.96 -25.71 13.77
N ILE B 282 -6.01 -25.89 15.09
CA ILE B 282 -5.54 -27.13 15.69
C ILE B 282 -6.34 -28.32 15.16
N LEU B 283 -7.67 -28.17 15.16
CA LEU B 283 -8.52 -29.25 14.67
C LEU B 283 -8.20 -29.58 13.22
N ALA B 284 -8.02 -28.55 12.39
CA ALA B 284 -7.69 -28.78 10.99
C ALA B 284 -6.37 -29.54 10.83
N ALA B 285 -5.36 -29.18 11.64
CA ALA B 285 -4.07 -29.87 11.55
C ALA B 285 -4.21 -31.36 11.85
N THR B 286 -5.07 -31.74 12.80
CA THR B 286 -5.20 -33.14 13.18
C THR B 286 -5.85 -33.97 12.08
N ARG B 287 -6.43 -33.34 11.06
CA ARG B 287 -7.10 -34.06 9.97
C ARG B 287 -6.22 -34.20 8.73
N GLU B 288 -5.02 -33.62 8.74
CA GLU B 288 -4.12 -33.77 7.61
C GLU B 288 -3.57 -35.19 7.54
N PRO B 289 -3.51 -35.80 6.35
CA PRO B 289 -3.12 -37.22 6.26
C PRO B 289 -1.74 -37.54 6.83
N ALA B 290 -0.73 -36.69 6.57
CA ALA B 290 0.59 -36.99 7.10
C ALA B 290 0.63 -36.89 8.62
N VAL B 291 -0.15 -35.97 9.19
CA VAL B 291 -0.19 -35.83 10.63
C VAL B 291 -0.87 -37.04 11.26
N ARG B 292 -1.99 -37.47 10.69
CA ARG B 292 -2.64 -38.70 11.17
C ARG B 292 -1.72 -39.91 11.03
N GLN B 293 -0.99 -40.02 9.91
CA GLN B 293 -0.05 -41.12 9.75
C GLN B 293 1.03 -41.11 10.83
N ALA B 294 1.50 -39.93 11.22
CA ALA B 294 2.50 -39.87 12.28
C ALA B 294 1.95 -40.39 13.60
N ALA B 295 0.68 -40.07 13.89
CA ALA B 295 0.05 -40.61 15.10
C ALA B 295 -0.11 -42.12 15.00
N GLN B 296 -0.47 -42.63 13.82
CA GLN B 296 -0.57 -44.08 13.64
C GLN B 296 0.79 -44.75 13.80
N ASP B 297 1.85 -44.13 13.27
CA ASP B 297 3.19 -44.68 13.46
C ASP B 297 3.57 -44.75 14.93
N ALA B 298 3.07 -43.82 15.74
CA ALA B 298 3.31 -43.84 17.18
C ALA B 298 2.45 -44.86 17.91
N GLY B 299 1.52 -45.51 17.21
CA GLY B 299 0.70 -46.55 17.81
C GLY B 299 -0.69 -46.11 18.18
N ALA B 300 -1.03 -44.84 18.00
CA ALA B 300 -2.35 -44.35 18.32
C ALA B 300 -3.35 -44.72 17.23
N ALA B 301 -4.60 -44.91 17.65
CA ALA B 301 -5.65 -45.23 16.69
C ALA B 301 -6.22 -44.00 16.01
N ASP B 302 -6.03 -42.81 16.59
CA ASP B 302 -6.69 -41.59 16.15
C ASP B 302 -6.01 -40.44 16.88
N ILE B 303 -6.29 -39.22 16.42
CA ILE B 303 -5.97 -37.99 17.14
C ILE B 303 -7.29 -37.42 17.65
N ASN B 304 -7.38 -37.20 18.96
CA ASN B 304 -8.64 -36.84 19.61
C ASN B 304 -8.49 -35.45 20.20
N VAL B 305 -9.17 -34.46 19.60
CA VAL B 305 -9.23 -33.11 20.15
C VAL B 305 -10.43 -33.03 21.09
N ALA B 306 -10.21 -32.50 22.29
CA ALA B 306 -11.31 -32.28 23.23
C ALA B 306 -11.18 -30.89 23.82
N GLY B 307 -12.31 -30.32 24.22
CA GLY B 307 -12.37 -28.93 24.62
C GLY B 307 -12.37 -28.70 26.12
N LEU B 308 -11.75 -27.59 26.52
CA LEU B 308 -11.88 -27.05 27.87
C LEU B 308 -12.36 -25.62 27.77
N CYS B 309 -13.25 -25.24 28.69
CA CYS B 309 -13.64 -23.83 28.89
C CYS B 309 -14.16 -23.24 27.57
N CYS B 310 -13.92 -21.95 27.30
CA CYS B 310 -14.67 -21.31 26.23
C CYS B 310 -14.24 -21.76 24.84
N THR B 311 -12.93 -21.94 24.62
CA THR B 311 -12.55 -22.42 23.30
C THR B 311 -13.14 -23.81 23.04
N GLY B 312 -13.29 -24.61 24.09
CA GLY B 312 -14.06 -25.85 23.97
C GLY B 312 -15.51 -25.59 23.59
N ASN B 313 -16.13 -24.58 24.20
CA ASN B 313 -17.48 -24.21 23.80
C ASN B 313 -17.54 -23.84 22.31
N GLU B 314 -16.53 -23.14 21.81
CA GLU B 314 -16.54 -22.72 20.41
C GLU B 314 -16.48 -23.92 19.47
N LEU B 315 -15.61 -24.88 19.75
CA LEU B 315 -15.52 -26.06 18.90
C LEU B 315 -16.74 -26.94 19.04
N LEU B 316 -17.37 -26.96 20.23
CA LEU B 316 -18.63 -27.67 20.40
C LEU B 316 -19.73 -27.04 19.55
N MET B 317 -19.88 -25.71 19.63
CA MET B 317 -20.95 -25.02 18.92
C MET B 317 -20.83 -25.18 17.41
N ARG B 318 -19.62 -25.13 16.87
CA ARG B 318 -19.44 -25.11 15.42
C ARG B 318 -19.07 -26.44 14.82
N GLN B 319 -18.36 -27.29 15.56
CA GLN B 319 -17.85 -28.54 15.01
C GLN B 319 -18.32 -29.76 15.79
N GLY B 320 -19.10 -29.59 16.85
CA GLY B 320 -19.56 -30.72 17.63
C GLY B 320 -18.47 -31.44 18.40
N ILE B 321 -17.36 -30.77 18.67
CA ILE B 321 -16.23 -31.45 19.30
C ILE B 321 -16.54 -31.68 20.77
N PRO B 322 -16.39 -32.90 21.28
CA PRO B 322 -16.73 -33.17 22.68
C PRO B 322 -15.94 -32.33 23.66
N MET B 323 -16.58 -32.00 24.78
N MET B 323 -16.62 -31.96 24.75
CA MET B 323 -16.06 -31.08 25.78
CA MET B 323 -16.08 -31.11 25.80
C MET B 323 -15.62 -31.85 27.01
C MET B 323 -15.57 -31.98 26.93
N ALA B 324 -14.32 -31.75 27.35
CA ALA B 324 -13.78 -32.49 28.48
C ALA B 324 -14.19 -31.90 29.82
N GLY B 325 -14.35 -30.59 29.92
CA GLY B 325 -14.70 -30.03 31.21
C GLY B 325 -14.68 -28.52 31.21
N ASN B 326 -15.14 -27.98 32.33
CA ASN B 326 -15.17 -26.55 32.61
C ASN B 326 -14.04 -26.21 33.60
N HIS B 327 -14.12 -25.00 34.14
CA HIS B 327 -13.00 -24.38 34.87
C HIS B 327 -12.37 -25.32 35.90
N LEU B 328 -13.15 -25.79 36.87
CA LEU B 328 -12.54 -26.57 37.95
C LEU B 328 -12.20 -28.00 37.55
N MET B 329 -12.58 -28.43 36.34
CA MET B 329 -12.12 -29.70 35.82
C MET B 329 -10.74 -29.63 35.17
N THR B 330 -10.19 -28.42 34.91
CA THR B 330 -9.03 -28.31 34.04
C THR B 330 -7.80 -29.04 34.61
N GLU B 331 -7.51 -28.86 35.90
CA GLU B 331 -6.37 -29.57 36.48
C GLU B 331 -6.62 -31.07 36.49
N LEU B 332 -7.86 -31.45 36.73
CA LEU B 332 -8.19 -32.85 36.82
C LEU B 332 -8.08 -33.55 35.47
N ALA B 333 -8.27 -32.80 34.37
CA ALA B 333 -8.13 -33.39 33.04
C ALA B 333 -6.70 -33.89 32.82
N ILE B 334 -5.70 -33.15 33.31
CA ILE B 334 -4.31 -33.62 33.22
C ILE B 334 -4.09 -34.81 34.14
N VAL B 335 -4.74 -34.81 35.32
CA VAL B 335 -4.59 -35.91 36.28
C VAL B 335 -5.08 -37.26 35.73
N THR B 336 -5.88 -37.27 34.66
CA THR B 336 -6.21 -38.54 34.02
C THR B 336 -4.96 -39.27 33.52
N GLY B 337 -3.85 -38.56 33.32
CA GLY B 337 -2.67 -39.18 32.75
C GLY B 337 -2.73 -39.39 31.26
N ALA B 338 -3.82 -38.97 30.61
CA ALA B 338 -4.02 -39.20 29.19
C ALA B 338 -4.00 -37.93 28.35
N ALA B 339 -3.75 -36.78 28.97
CA ALA B 339 -3.64 -35.55 28.21
C ALA B 339 -2.23 -35.50 27.61
N ASP B 340 -2.14 -35.60 26.29
CA ASP B 340 -0.82 -35.60 25.68
C ASP B 340 -0.34 -34.18 25.40
N ALA B 341 -1.26 -33.25 25.14
CA ALA B 341 -0.92 -31.85 25.09
C ALA B 341 -2.11 -31.01 25.53
N ILE B 342 -1.82 -29.91 26.20
N ILE B 342 -1.80 -29.92 26.22
CA ILE B 342 -2.77 -28.82 26.39
CA ILE B 342 -2.70 -28.80 26.43
C ILE B 342 -2.29 -27.67 25.52
C ILE B 342 -2.25 -27.69 25.49
N VAL B 343 -3.17 -27.15 24.69
CA VAL B 343 -2.85 -26.06 23.79
C VAL B 343 -3.64 -24.85 24.25
N ALA B 344 -2.93 -23.87 24.82
CA ALA B 344 -3.54 -22.73 25.47
C ALA B 344 -3.38 -21.47 24.63
N ASP B 345 -4.34 -20.55 24.77
CA ASP B 345 -4.17 -19.20 24.23
C ASP B 345 -4.21 -18.17 25.35
N TYR B 346 -5.39 -17.80 25.84
CA TYR B 346 -5.44 -16.80 26.90
C TYR B 346 -6.75 -16.87 27.68
N GLN B 347 -6.67 -16.45 28.94
CA GLN B 347 -7.76 -16.26 29.90
C GLN B 347 -8.21 -17.53 30.59
N CYS B 348 -8.23 -17.50 31.92
CA CYS B 348 -8.73 -18.57 32.78
C CYS B 348 -7.86 -19.82 32.75
N ILE B 349 -6.66 -19.74 32.17
CA ILE B 349 -5.72 -20.85 32.12
C ILE B 349 -4.88 -20.79 33.39
N MET B 350 -5.19 -21.65 34.37
CA MET B 350 -4.48 -21.58 35.64
C MET B 350 -3.03 -21.98 35.45
N PRO B 351 -2.07 -21.16 35.93
CA PRO B 351 -0.66 -21.53 35.78
C PRO B 351 -0.27 -22.79 36.52
N SER B 352 -1.11 -23.26 37.46
CA SER B 352 -0.84 -24.54 38.11
C SER B 352 -0.78 -25.65 37.08
N LEU B 353 -1.44 -25.49 35.92
CA LEU B 353 -1.44 -26.53 34.89
C LEU B 353 -0.05 -26.79 34.35
N VAL B 354 0.82 -25.78 34.35
CA VAL B 354 2.20 -26.02 33.93
C VAL B 354 2.88 -27.00 34.88
N GLN B 355 2.68 -26.81 36.18
CA GLN B 355 3.31 -27.69 37.15
C GLN B 355 2.70 -29.10 37.13
N ILE B 356 1.38 -29.18 36.96
CA ILE B 356 0.75 -30.50 36.89
C ILE B 356 1.17 -31.24 35.63
N ALA B 357 1.19 -30.54 34.49
CA ALA B 357 1.68 -31.17 33.25
C ALA B 357 3.08 -31.75 33.45
N ALA B 358 3.95 -31.05 34.18
CA ALA B 358 5.31 -31.52 34.43
C ALA B 358 5.36 -32.78 35.30
N CYS B 359 4.29 -33.07 36.05
CA CYS B 359 4.18 -34.32 36.78
C CYS B 359 3.92 -35.50 35.84
N TYR B 360 3.57 -35.23 34.60
CA TYR B 360 3.31 -36.27 33.60
C TYR B 360 4.18 -36.02 32.38
N HIS B 361 3.77 -36.58 31.24
CA HIS B 361 4.43 -36.41 29.95
C HIS B 361 3.83 -35.27 29.15
N THR B 362 2.75 -34.69 29.65
CA THR B 362 1.94 -33.73 28.90
C THR B 362 2.74 -32.51 28.49
N ARG B 363 2.67 -32.16 27.20
CA ARG B 363 3.18 -30.88 26.71
C ARG B 363 2.19 -29.78 27.04
N PHE B 364 2.69 -28.69 27.62
CA PHE B 364 1.89 -27.49 27.84
C PHE B 364 2.38 -26.46 26.84
N VAL B 365 1.55 -26.15 25.83
CA VAL B 365 1.91 -25.32 24.70
C VAL B 365 1.14 -24.01 24.78
N THR B 366 1.87 -22.88 24.78
CA THR B 366 1.24 -21.56 24.68
C THR B 366 1.32 -21.09 23.24
N THR B 367 0.34 -20.28 22.84
CA THR B 367 0.22 -19.84 21.45
C THR B 367 0.05 -18.35 21.27
N SER B 368 -0.23 -17.59 22.35
CA SER B 368 -0.46 -16.16 22.21
C SER B 368 0.70 -15.38 22.81
N PRO B 369 1.09 -14.27 22.18
CA PRO B 369 2.06 -13.38 22.84
C PRO B 369 1.52 -12.80 24.12
N LYS B 370 0.20 -12.81 24.31
CA LYS B 370 -0.42 -12.31 25.53
C LYS B 370 -0.54 -13.37 26.61
N GLY B 371 -0.44 -14.66 26.25
CA GLY B 371 -0.65 -15.72 27.21
C GLY B 371 0.63 -16.49 27.48
N ARG B 372 1.63 -15.80 28.03
CA ARG B 372 2.92 -16.41 28.30
C ARG B 372 2.93 -17.04 29.69
N PHE B 373 3.50 -18.24 29.78
CA PHE B 373 3.57 -18.95 31.05
C PHE B 373 5.00 -19.42 31.23
N THR B 374 5.63 -19.01 32.33
CA THR B 374 7.01 -19.42 32.60
C THR B 374 7.09 -20.94 32.63
N GLY B 375 7.94 -21.50 31.77
CA GLY B 375 8.13 -22.93 31.69
C GLY B 375 7.33 -23.63 30.62
N ALA B 376 6.47 -22.91 29.91
CA ALA B 376 5.67 -23.51 28.84
C ALA B 376 6.49 -23.65 27.57
N THR B 377 6.00 -24.50 26.66
CA THR B 377 6.55 -24.60 25.31
C THR B 377 5.80 -23.58 24.44
N HIS B 378 6.48 -22.52 24.01
CA HIS B 378 5.83 -21.45 23.28
C HIS B 378 5.94 -21.67 21.77
N VAL B 379 4.80 -21.79 21.10
CA VAL B 379 4.72 -21.91 19.65
C VAL B 379 3.68 -20.88 19.21
N GLU B 380 4.13 -19.67 18.87
CA GLU B 380 3.22 -18.54 18.74
C GLU B 380 2.44 -18.62 17.43
N VAL B 381 1.16 -18.29 17.49
CA VAL B 381 0.25 -18.42 16.36
C VAL B 381 -0.28 -17.04 15.97
N HIS B 382 -0.25 -16.74 14.67
CA HIS B 382 -0.85 -15.57 14.08
C HIS B 382 -1.51 -16.03 12.79
N PRO B 383 -2.41 -15.22 12.21
CA PRO B 383 -3.11 -15.70 11.00
C PRO B 383 -2.19 -16.12 9.88
N HIS B 384 -1.09 -15.41 9.69
CA HIS B 384 -0.22 -15.73 8.56
C HIS B 384 0.52 -17.05 8.73
N ASN B 385 0.72 -17.52 9.97
CA ASN B 385 1.49 -18.74 10.19
C ASN B 385 0.73 -19.86 10.90
N ALA B 386 -0.56 -19.68 11.18
CA ALA B 386 -1.29 -20.62 12.02
C ALA B 386 -1.31 -22.03 11.44
N GLN B 387 -1.48 -22.13 10.13
CA GLN B 387 -1.56 -23.45 9.51
C GLN B 387 -0.26 -24.22 9.68
N GLU B 388 0.88 -23.56 9.51
CA GLU B 388 2.18 -24.18 9.73
C GLU B 388 2.44 -24.44 11.22
N ARG B 389 2.11 -23.47 12.07
CA ARG B 389 2.43 -23.60 13.50
C ARG B 389 1.53 -24.63 14.18
N CYS B 390 0.25 -24.68 13.80
CA CYS B 390 -0.64 -25.65 14.43
C CYS B 390 -0.24 -27.08 14.04
N ARG B 391 0.26 -27.26 12.82
CA ARG B 391 0.83 -28.54 12.43
C ARG B 391 1.98 -28.93 13.34
N GLU B 392 2.87 -27.98 13.65
N GLU B 392 2.88 -27.98 13.65
CA GLU B 392 3.99 -28.26 14.54
CA GLU B 392 3.99 -28.26 14.55
C GLU B 392 3.50 -28.61 15.95
C GLU B 392 3.48 -28.64 15.94
N ILE B 393 2.44 -27.95 16.41
CA ILE B 393 1.92 -28.22 17.75
C ILE B 393 1.34 -29.64 17.83
N VAL B 394 0.60 -30.06 16.79
CA VAL B 394 0.05 -31.41 16.81
C VAL B 394 1.16 -32.45 16.76
N MET B 395 2.22 -32.17 16.00
CA MET B 395 3.36 -33.09 15.99
C MET B 395 4.02 -33.18 17.37
N LEU B 396 4.08 -32.06 18.10
CA LEU B 396 4.58 -32.10 19.47
C LEU B 396 3.70 -32.97 20.35
N ALA B 397 2.39 -32.91 20.17
CA ALA B 397 1.49 -33.74 20.96
C ALA B 397 1.68 -35.22 20.66
N ILE B 398 1.87 -35.57 19.37
CA ILE B 398 2.11 -36.95 19.00
C ILE B 398 3.41 -37.46 19.63
N ASP B 399 4.45 -36.64 19.62
CA ASP B 399 5.70 -37.02 20.27
C ASP B 399 5.50 -37.22 21.77
N ALA B 400 4.74 -36.33 22.41
CA ALA B 400 4.45 -36.51 23.83
C ALA B 400 3.71 -37.83 24.08
N TYR B 401 2.79 -38.18 23.18
CA TYR B 401 2.02 -39.42 23.32
C TYR B 401 2.95 -40.63 23.44
N THR B 402 4.08 -40.62 22.72
CA THR B 402 5.00 -41.75 22.77
C THR B 402 5.63 -41.94 24.15
N ARG B 403 5.54 -40.93 25.02
N ARG B 403 5.57 -40.93 25.02
CA ARG B 403 6.13 -40.98 26.35
CA ARG B 403 6.14 -41.04 26.36
C ARG B 403 5.09 -41.14 27.45
C ARG B 403 5.09 -41.16 27.45
N ARG B 404 3.82 -41.34 27.08
CA ARG B 404 2.77 -41.50 28.08
C ARG B 404 3.01 -42.76 28.90
N ASP B 405 2.90 -42.64 30.23
CA ASP B 405 3.06 -43.77 31.15
C ASP B 405 1.72 -44.49 31.24
N PRO B 406 1.62 -45.74 30.77
CA PRO B 406 0.32 -46.41 30.79
C PRO B 406 -0.19 -46.66 32.20
N ALA B 407 0.71 -46.85 33.16
CA ALA B 407 0.31 -47.20 34.51
C ALA B 407 -0.31 -46.04 35.27
N ARG B 408 -0.18 -44.80 34.78
CA ARG B 408 -0.75 -43.64 35.45
C ARG B 408 -1.98 -43.11 34.75
N VAL B 409 -2.54 -43.84 33.79
CA VAL B 409 -3.74 -43.45 33.07
C VAL B 409 -4.97 -43.93 33.84
N ASP B 410 -5.91 -43.00 34.09
CA ASP B 410 -7.21 -43.35 34.66
C ASP B 410 -8.21 -42.34 34.10
N ILE B 411 -8.88 -42.74 33.01
CA ILE B 411 -9.99 -41.98 32.44
C ILE B 411 -11.25 -42.46 33.15
N PRO B 412 -11.87 -41.65 34.01
CA PRO B 412 -12.74 -42.19 35.07
C PRO B 412 -14.20 -42.44 34.74
N SER B 413 -14.70 -42.00 33.60
CA SER B 413 -16.13 -42.03 33.34
C SER B 413 -16.38 -42.30 31.87
N GLN B 414 -17.65 -42.54 31.53
CA GLN B 414 -18.08 -42.54 30.14
C GLN B 414 -18.84 -41.25 29.85
N PRO B 415 -18.67 -40.67 28.66
CA PRO B 415 -19.27 -39.36 28.39
C PRO B 415 -20.78 -39.45 28.25
N VAL B 416 -21.43 -38.30 28.42
CA VAL B 416 -22.88 -38.21 28.27
C VAL B 416 -23.25 -37.26 27.15
N SER B 417 -24.35 -37.59 26.47
N SER B 417 -24.35 -37.58 26.47
N SER B 417 -24.36 -37.58 26.49
CA SER B 417 -24.76 -36.87 25.27
CA SER B 417 -24.75 -36.86 25.27
CA SER B 417 -24.79 -36.87 25.28
C SER B 417 -25.31 -35.48 25.61
C SER B 417 -25.30 -35.48 25.61
C SER B 417 -25.33 -35.48 25.61
N ILE B 418 -25.11 -34.55 24.68
CA ILE B 418 -25.57 -33.17 24.82
C ILE B 418 -25.96 -32.69 23.43
N MET B 419 -26.83 -31.68 23.38
CA MET B 419 -27.08 -30.93 22.15
C MET B 419 -26.49 -29.55 22.30
N SER B 420 -25.81 -29.06 21.27
CA SER B 420 -25.23 -27.74 21.24
C SER B 420 -25.67 -27.05 19.95
N GLY B 421 -25.23 -25.81 19.76
CA GLY B 421 -25.41 -25.15 18.48
C GLY B 421 -26.56 -24.16 18.37
N PHE B 422 -27.09 -23.66 19.49
CA PHE B 422 -28.27 -22.79 19.43
C PHE B 422 -27.85 -21.32 19.35
N SER B 423 -27.34 -20.96 18.18
CA SER B 423 -27.22 -19.56 17.80
C SER B 423 -28.62 -18.97 17.64
N ASN B 424 -28.70 -17.63 17.63
CA ASN B 424 -30.01 -17.02 17.37
C ASN B 424 -30.54 -17.43 16.01
N GLU B 425 -29.65 -17.57 15.03
CA GLU B 425 -30.03 -18.07 13.72
C GLU B 425 -30.66 -19.47 13.83
N ALA B 426 -30.06 -20.37 14.61
CA ALA B 426 -30.63 -21.70 14.78
C ALA B 426 -31.97 -21.66 15.50
N ILE B 427 -32.10 -20.78 16.51
CA ILE B 427 -33.35 -20.69 17.24
C ILE B 427 -34.46 -20.19 16.31
N LEU B 428 -34.16 -19.16 15.53
CA LEU B 428 -35.17 -18.62 14.62
C LEU B 428 -35.55 -19.64 13.56
N GLU B 429 -34.59 -20.41 13.08
CA GLU B 429 -34.90 -21.47 12.12
C GLU B 429 -35.81 -22.51 12.75
N ALA B 430 -35.54 -22.89 14.00
CA ALA B 430 -36.41 -23.86 14.67
C ALA B 430 -37.82 -23.33 14.86
N LEU B 431 -37.97 -22.02 14.99
CA LEU B 431 -39.26 -21.37 15.17
C LEU B 431 -39.97 -21.08 13.85
N GLY B 432 -39.33 -21.34 12.72
CA GLY B 432 -39.93 -21.12 11.43
C GLY B 432 -39.52 -19.85 10.73
N GLY B 433 -38.54 -19.12 11.25
CA GLY B 433 -38.02 -17.93 10.62
C GLY B 433 -38.28 -16.64 11.38
N THR B 434 -39.29 -16.61 12.24
CA THR B 434 -39.64 -15.43 13.02
C THR B 434 -39.70 -15.81 14.48
N PRO B 435 -39.60 -14.81 15.38
CA PRO B 435 -39.75 -15.10 16.82
C PRO B 435 -41.20 -15.25 17.27
N LYS B 436 -42.17 -15.11 16.37
CA LYS B 436 -43.58 -15.13 16.75
C LYS B 436 -44.00 -16.34 17.59
N PRO B 437 -43.66 -17.58 17.23
CA PRO B 437 -44.09 -18.71 18.08
C PRO B 437 -43.52 -18.65 19.48
N LEU B 438 -42.34 -18.08 19.66
CA LEU B 438 -41.77 -17.93 21.00
C LEU B 438 -42.52 -16.84 21.77
N ILE B 439 -42.82 -15.72 21.13
CA ILE B 439 -43.59 -14.66 21.77
C ILE B 439 -44.99 -15.17 22.12
N ASP B 440 -45.60 -15.92 21.21
CA ASP B 440 -46.93 -16.47 21.49
C ASP B 440 -46.91 -17.42 22.68
N ALA B 441 -45.84 -18.21 22.83
CA ALA B 441 -45.77 -19.12 23.97
C ALA B 441 -45.60 -18.36 25.29
N VAL B 442 -44.87 -17.25 25.25
CA VAL B 442 -44.71 -16.42 26.44
C VAL B 442 -46.04 -15.75 26.80
N VAL B 443 -46.72 -15.19 25.80
CA VAL B 443 -48.00 -14.52 26.05
C VAL B 443 -49.02 -15.49 26.62
N ALA B 444 -49.05 -16.72 26.08
CA ALA B 444 -49.99 -17.72 26.55
C ALA B 444 -49.61 -18.29 27.91
N GLY B 445 -48.41 -18.00 28.41
CA GLY B 445 -48.00 -18.49 29.71
C GLY B 445 -47.38 -19.86 29.72
N GLN B 446 -47.16 -20.47 28.56
CA GLN B 446 -46.47 -21.75 28.51
C GLN B 446 -45.02 -21.63 28.95
N ILE B 447 -44.33 -20.59 28.49
CA ILE B 447 -43.02 -20.22 28.99
C ILE B 447 -43.20 -18.93 29.77
N ARG B 448 -42.89 -18.96 31.06
CA ARG B 448 -43.06 -17.76 31.88
C ARG B 448 -42.03 -16.70 31.50
N GLY B 449 -40.80 -17.12 31.23
CA GLY B 449 -39.71 -16.21 30.91
C GLY B 449 -38.48 -17.01 30.56
N PHE B 450 -37.35 -16.30 30.44
CA PHE B 450 -36.07 -16.89 30.07
C PHE B 450 -35.00 -16.41 31.05
N VAL B 451 -34.09 -17.30 31.43
CA VAL B 451 -32.95 -16.92 32.25
C VAL B 451 -31.68 -17.43 31.58
N GLY B 452 -30.71 -16.53 31.41
CA GLY B 452 -29.40 -16.98 30.99
C GLY B 452 -28.60 -17.37 32.21
N ILE B 453 -28.16 -18.62 32.27
CA ILE B 453 -27.27 -19.06 33.35
C ILE B 453 -25.88 -19.17 32.73
N VAL B 454 -24.97 -18.36 33.25
CA VAL B 454 -23.72 -18.03 32.58
C VAL B 454 -22.58 -18.14 33.60
N GLY B 455 -21.36 -18.04 33.12
CA GLY B 455 -20.25 -17.94 34.05
C GLY B 455 -19.74 -19.27 34.57
N CYS B 456 -19.09 -19.20 35.74
CA CYS B 456 -17.90 -19.98 36.06
C CYS B 456 -18.14 -21.13 37.04
N ASN B 457 -17.05 -21.63 37.61
CA ASN B 457 -16.98 -22.36 38.86
C ASN B 457 -16.14 -21.53 39.83
N ASN B 458 -16.21 -21.88 41.12
CA ASN B 458 -15.47 -21.15 42.17
C ASN B 458 -15.28 -22.14 43.32
N PRO B 459 -14.05 -22.34 43.80
N PRO B 459 -14.06 -22.34 43.81
CA PRO B 459 -13.85 -23.33 44.87
CA PRO B 459 -13.85 -23.34 44.87
C PRO B 459 -14.63 -23.04 46.14
C PRO B 459 -14.59 -23.03 46.17
N LYS B 460 -15.14 -21.82 46.31
CA LYS B 460 -15.97 -21.51 47.47
C LYS B 460 -17.29 -22.28 47.47
N ILE B 461 -17.70 -22.83 46.32
CA ILE B 461 -18.99 -23.50 46.16
C ILE B 461 -18.73 -24.89 45.61
N ARG B 462 -19.40 -25.89 46.18
CA ARG B 462 -19.25 -27.26 45.69
C ARG B 462 -19.50 -27.29 44.18
N GLN B 463 -18.53 -27.80 43.42
CA GLN B 463 -18.49 -27.52 41.99
C GLN B 463 -19.77 -27.96 41.30
N ASP B 464 -20.39 -27.01 40.59
CA ASP B 464 -21.59 -27.17 39.78
C ASP B 464 -22.86 -27.43 40.59
N SER B 465 -22.79 -27.46 41.92
CA SER B 465 -23.99 -27.71 42.73
C SER B 465 -25.05 -26.65 42.49
N ALA B 466 -24.64 -25.38 42.50
CA ALA B 466 -25.61 -24.31 42.34
C ALA B 466 -25.99 -24.12 40.88
N ASN B 467 -25.02 -24.27 39.97
CA ASN B 467 -25.32 -24.23 38.54
C ASN B 467 -26.44 -25.21 38.19
N VAL B 468 -26.32 -26.45 38.65
CA VAL B 468 -27.29 -27.47 38.27
C VAL B 468 -28.61 -27.30 39.00
N THR B 469 -28.56 -27.03 40.30
CA THR B 469 -29.81 -26.85 41.05
C THR B 469 -30.61 -25.68 40.51
N LEU B 470 -29.97 -24.55 40.23
CA LEU B 470 -30.72 -23.43 39.65
C LEU B 470 -31.35 -23.80 38.31
N THR B 471 -30.60 -24.49 37.45
CA THR B 471 -31.14 -24.89 36.15
C THR B 471 -32.37 -25.77 36.32
N ARG B 472 -32.28 -26.80 37.18
CA ARG B 472 -33.42 -27.67 37.45
C ARG B 472 -34.61 -26.89 38.00
N GLU B 473 -34.34 -25.97 38.93
CA GLU B 473 -35.42 -25.20 39.53
C GLU B 473 -36.14 -24.36 38.49
N LEU B 474 -35.38 -23.69 37.61
CA LEU B 474 -36.00 -22.79 36.65
C LEU B 474 -36.83 -23.54 35.62
N ILE B 475 -36.30 -24.62 35.04
CA ILE B 475 -37.09 -25.31 34.03
C ILE B 475 -38.34 -25.94 34.65
N ARG B 476 -38.27 -26.37 35.92
CA ARG B 476 -39.45 -26.91 36.58
C ARG B 476 -40.56 -25.85 36.68
N ARG B 477 -40.17 -24.58 36.75
CA ARG B 477 -41.09 -23.45 36.88
C ARG B 477 -41.48 -22.87 35.54
N ASP B 478 -41.23 -23.62 34.45
CA ASP B 478 -41.56 -23.19 33.08
C ASP B 478 -40.76 -21.96 32.64
N ILE B 479 -39.54 -21.83 33.13
CA ILE B 479 -38.63 -20.78 32.72
C ILE B 479 -37.53 -21.46 31.89
N MET B 480 -37.48 -21.13 30.61
CA MET B 480 -36.45 -21.70 29.74
C MET B 480 -35.09 -21.13 30.11
N VAL B 481 -34.07 -21.99 30.10
CA VAL B 481 -32.71 -21.61 30.46
C VAL B 481 -31.87 -21.51 29.19
N LEU B 482 -31.07 -20.45 29.09
CA LEU B 482 -30.07 -20.27 28.04
C LEU B 482 -28.71 -20.39 28.71
N ALA B 483 -27.92 -21.40 28.33
CA ALA B 483 -26.68 -21.71 29.01
C ALA B 483 -25.47 -21.31 28.17
N THR B 484 -24.47 -20.71 28.82
CA THR B 484 -23.22 -20.37 28.16
C THR B 484 -22.06 -20.59 29.11
N GLY B 485 -20.85 -20.60 28.55
CA GLY B 485 -19.67 -20.64 29.38
C GLY B 485 -19.54 -21.95 30.13
N CYS B 486 -18.98 -21.87 31.34
CA CYS B 486 -18.73 -23.10 32.08
C CYS B 486 -20.00 -23.73 32.63
N VAL B 487 -21.13 -23.01 32.62
CA VAL B 487 -22.42 -23.62 32.96
C VAL B 487 -22.80 -24.68 31.93
N THR B 488 -22.35 -24.53 30.69
CA THR B 488 -22.64 -25.52 29.64
C THR B 488 -22.29 -26.92 30.09
N THR B 489 -21.08 -27.09 30.65
CA THR B 489 -20.61 -28.40 31.07
C THR B 489 -21.45 -28.95 32.23
N ALA B 490 -21.85 -28.09 33.16
CA ALA B 490 -22.68 -28.50 34.28
C ALA B 490 -24.05 -29.01 33.80
N ALA B 491 -24.72 -28.21 32.96
CA ALA B 491 -26.01 -28.64 32.42
C ALA B 491 -25.87 -29.88 31.56
N GLY B 492 -24.77 -29.99 30.80
CA GLY B 492 -24.58 -31.17 29.98
C GLY B 492 -24.40 -32.42 30.81
N LYS B 493 -23.55 -32.34 31.83
CA LYS B 493 -23.28 -33.53 32.66
C LYS B 493 -24.51 -33.93 33.46
N ALA B 494 -25.38 -32.98 33.77
CA ALA B 494 -26.63 -33.24 34.45
C ALA B 494 -27.68 -33.85 33.53
N GLY B 495 -27.40 -33.96 32.24
CA GLY B 495 -28.33 -34.55 31.30
C GLY B 495 -29.42 -33.62 30.84
N LEU B 496 -29.21 -32.30 30.96
CA LEU B 496 -30.26 -31.34 30.71
C LEU B 496 -30.17 -30.69 29.34
N LEU B 497 -29.13 -30.99 28.54
CA LEU B 497 -28.96 -30.38 27.22
C LEU B 497 -29.51 -31.26 26.10
N VAL B 498 -30.47 -32.13 26.38
CA VAL B 498 -31.01 -33.02 25.36
C VAL B 498 -32.52 -32.85 25.28
N PRO B 499 -33.14 -33.16 24.15
CA PRO B 499 -34.59 -32.93 24.03
C PRO B 499 -35.41 -33.70 25.05
N GLU B 500 -34.98 -34.90 25.42
CA GLU B 500 -35.71 -35.72 26.38
C GLU B 500 -35.70 -35.10 27.78
N ALA B 501 -34.83 -34.11 28.04
CA ALA B 501 -34.86 -33.41 29.31
C ALA B 501 -36.11 -32.55 29.46
N ALA B 502 -36.93 -32.43 28.41
CA ALA B 502 -38.24 -31.82 28.57
C ALA B 502 -39.03 -32.49 29.69
N SER B 503 -38.73 -33.76 29.99
CA SER B 503 -39.45 -34.45 31.05
C SER B 503 -39.13 -33.87 32.42
N LYS B 504 -38.05 -33.10 32.52
CA LYS B 504 -37.68 -32.43 33.78
C LYS B 504 -38.23 -31.01 33.88
N ALA B 505 -38.85 -30.50 32.81
CA ALA B 505 -39.43 -29.17 32.82
C ALA B 505 -40.89 -29.21 33.28
N GLY B 506 -41.42 -28.05 33.63
CA GLY B 506 -42.85 -27.92 33.88
C GLY B 506 -43.65 -28.19 32.61
N GLU B 507 -44.98 -28.26 32.79
CA GLU B 507 -45.84 -28.70 31.68
C GLU B 507 -45.79 -27.75 30.49
N GLY B 508 -45.77 -26.43 30.73
CA GLY B 508 -45.76 -25.49 29.61
C GLY B 508 -44.46 -25.54 28.82
N LEU B 509 -43.33 -25.50 29.53
CA LEU B 509 -42.04 -25.54 28.84
C LEU B 509 -41.82 -26.89 28.16
N ALA B 510 -42.22 -27.98 28.83
CA ALA B 510 -42.10 -29.29 28.20
C ALA B 510 -42.87 -29.35 26.90
N ALA B 511 -44.06 -28.78 26.85
CA ALA B 511 -44.87 -28.84 25.63
C ALA B 511 -44.23 -28.05 24.50
N VAL B 512 -43.76 -26.83 24.79
CA VAL B 512 -43.09 -26.05 23.75
C VAL B 512 -41.85 -26.79 23.26
N CYS B 513 -41.04 -27.30 24.19
CA CYS B 513 -39.80 -27.97 23.83
C CYS B 513 -40.06 -29.18 22.94
N ARG B 514 -41.05 -29.99 23.29
CA ARG B 514 -41.38 -31.15 22.46
C ARG B 514 -41.91 -30.73 21.10
N SER B 515 -42.68 -29.66 21.05
N SER B 515 -42.67 -29.64 21.04
N SER B 515 -42.69 -29.66 21.05
CA SER B 515 -43.21 -29.17 19.78
CA SER B 515 -43.21 -29.19 19.77
CA SER B 515 -43.22 -29.17 19.78
C SER B 515 -42.09 -28.75 18.84
C SER B 515 -42.11 -28.71 18.82
C SER B 515 -42.10 -28.74 18.84
N LEU B 516 -41.02 -28.18 19.38
CA LEU B 516 -39.89 -27.73 18.58
C LEU B 516 -38.79 -28.76 18.47
N GLY B 517 -38.80 -29.81 19.29
CA GLY B 517 -37.76 -30.81 19.31
C GLY B 517 -36.45 -30.35 19.94
N VAL B 518 -36.50 -29.46 20.91
CA VAL B 518 -35.30 -28.83 21.47
C VAL B 518 -35.27 -29.11 22.97
N PRO B 519 -34.09 -29.03 23.58
CA PRO B 519 -33.99 -29.20 25.04
C PRO B 519 -34.63 -28.01 25.76
N PRO B 520 -34.93 -28.14 27.05
CA PRO B 520 -35.38 -27.00 27.86
C PRO B 520 -34.24 -26.07 28.27
N VAL B 521 -33.00 -26.49 28.06
CA VAL B 521 -31.80 -25.70 28.29
C VAL B 521 -31.09 -25.60 26.94
N LEU B 522 -30.99 -24.39 26.40
CA LEU B 522 -30.38 -24.17 25.08
C LEU B 522 -28.94 -23.69 25.25
N HIS B 523 -27.99 -24.45 24.70
CA HIS B 523 -26.60 -24.03 24.74
C HIS B 523 -26.37 -22.94 23.69
N MET B 524 -26.07 -21.73 24.15
CA MET B 524 -25.89 -20.60 23.25
C MET B 524 -24.44 -20.19 23.06
N GLY B 525 -23.49 -20.89 23.68
CA GLY B 525 -22.10 -20.81 23.29
C GLY B 525 -21.17 -20.45 24.43
N SER B 526 -20.08 -19.76 24.07
CA SER B 526 -19.03 -19.36 24.98
C SER B 526 -19.44 -18.07 25.70
N CYS B 527 -18.50 -17.55 26.50
N CYS B 527 -18.50 -17.52 26.49
CA CYS B 527 -18.78 -16.33 27.27
CA CYS B 527 -18.82 -16.32 27.26
C CYS B 527 -18.99 -15.12 26.37
C CYS B 527 -18.96 -15.09 26.39
N VAL B 528 -18.21 -15.00 25.28
CA VAL B 528 -18.47 -13.89 24.35
C VAL B 528 -19.85 -14.03 23.75
N ASP B 529 -20.35 -15.26 23.62
CA ASP B 529 -21.65 -15.53 23.03
C ASP B 529 -22.80 -15.13 23.94
N ASN B 530 -22.53 -14.69 25.18
CA ASN B 530 -23.56 -13.96 25.90
C ASN B 530 -24.04 -12.75 25.10
N SER B 531 -23.23 -12.25 24.16
CA SER B 531 -23.72 -11.25 23.22
C SER B 531 -24.93 -11.76 22.43
N ARG B 532 -25.01 -13.08 22.18
CA ARG B 532 -26.20 -13.62 21.53
C ARG B 532 -27.44 -13.41 22.38
N ILE B 533 -27.28 -13.54 23.71
CA ILE B 533 -28.42 -13.31 24.60
C ILE B 533 -28.85 -11.85 24.54
N LEU B 534 -27.88 -10.92 24.53
CA LEU B 534 -28.25 -9.51 24.33
C LEU B 534 -28.99 -9.31 23.02
N GLN B 535 -28.49 -9.92 21.94
CA GLN B 535 -29.13 -9.75 20.63
C GLN B 535 -30.55 -10.28 20.64
N LEU B 536 -30.75 -11.44 21.29
CA LEU B 536 -32.08 -12.04 21.36
C LEU B 536 -33.04 -11.16 22.15
N CYS B 537 -32.60 -10.69 23.32
CA CYS B 537 -33.41 -9.78 24.14
C CYS B 537 -33.78 -8.52 23.36
N ALA B 538 -32.80 -7.91 22.68
CA ALA B 538 -33.08 -6.71 21.89
C ALA B 538 -34.07 -7.00 20.77
N LEU B 539 -33.98 -8.17 20.13
CA LEU B 539 -34.94 -8.52 19.08
C LEU B 539 -36.35 -8.65 19.64
N LEU B 540 -36.51 -9.37 20.76
CA LEU B 540 -37.83 -9.51 21.36
C LEU B 540 -38.39 -8.16 21.77
N ALA B 541 -37.55 -7.31 22.38
CA ALA B 541 -38.03 -6.00 22.83
C ALA B 541 -38.42 -5.11 21.66
N THR B 542 -37.59 -5.09 20.61
CA THR B 542 -37.90 -4.31 19.42
C THR B 542 -39.16 -4.82 18.73
N THR B 543 -39.36 -6.14 18.71
CA THR B 543 -40.56 -6.71 18.11
C THR B 543 -41.80 -6.30 18.89
N LEU B 544 -41.73 -6.30 20.22
CA LEU B 544 -42.86 -5.96 21.05
C LEU B 544 -43.03 -4.47 21.26
N GLY B 545 -42.07 -3.65 20.82
CA GLY B 545 -42.16 -2.21 21.05
C GLY B 545 -41.90 -1.78 22.48
N VAL B 546 -41.09 -2.54 23.22
CA VAL B 546 -40.83 -2.28 24.63
C VAL B 546 -39.32 -2.20 24.84
N ASP B 547 -38.92 -1.97 26.09
CA ASP B 547 -37.53 -1.99 26.51
C ASP B 547 -37.14 -3.42 26.91
N ILE B 548 -35.83 -3.68 26.91
CA ILE B 548 -35.35 -4.95 27.49
C ILE B 548 -35.79 -5.06 28.95
N SER B 549 -35.88 -3.93 29.65
CA SER B 549 -36.27 -3.93 31.07
C SER B 549 -37.74 -4.26 31.27
N ASP B 550 -38.52 -4.37 30.19
CA ASP B 550 -39.90 -4.82 30.23
C ASP B 550 -40.06 -6.31 29.96
N LEU B 551 -38.99 -7.00 29.51
CA LEU B 551 -39.08 -8.41 29.13
C LEU B 551 -38.99 -9.32 30.36
N PRO B 552 -39.70 -10.45 30.33
CA PRO B 552 -39.56 -11.47 31.41
C PRO B 552 -38.29 -12.30 31.24
N VAL B 553 -37.17 -11.67 31.60
CA VAL B 553 -35.84 -12.24 31.45
C VAL B 553 -35.07 -12.06 32.75
N GLY B 554 -33.97 -12.80 32.86
CA GLY B 554 -33.03 -12.68 33.96
C GLY B 554 -31.73 -13.32 33.54
N ALA B 555 -30.71 -13.11 34.37
CA ALA B 555 -29.39 -13.69 34.16
C ALA B 555 -28.85 -14.12 35.51
N SER B 556 -27.97 -15.13 35.50
CA SER B 556 -27.45 -15.65 36.75
C SER B 556 -26.08 -16.28 36.52
N SER B 557 -25.15 -16.00 37.44
CA SER B 557 -23.89 -16.74 37.53
C SER B 557 -23.77 -17.24 38.96
N PRO B 558 -24.29 -18.43 39.23
CA PRO B 558 -24.26 -18.96 40.61
C PRO B 558 -22.86 -19.22 41.16
N GLU B 559 -21.88 -19.47 40.30
CA GLU B 559 -20.55 -19.88 40.77
C GLU B 559 -19.43 -19.07 40.10
N TRP B 560 -19.67 -17.78 39.90
CA TRP B 560 -18.70 -16.96 39.17
C TRP B 560 -17.41 -16.78 39.95
N TYR B 561 -16.33 -16.48 39.21
CA TYR B 561 -15.06 -16.11 39.82
C TYR B 561 -14.38 -14.92 39.14
N SER B 562 -14.54 -14.72 37.83
CA SER B 562 -13.62 -13.90 37.07
C SER B 562 -14.07 -12.45 36.92
N GLU B 563 -13.10 -11.58 36.58
CA GLU B 563 -13.43 -10.23 36.14
C GLU B 563 -14.36 -10.24 34.93
N LYS B 564 -14.16 -11.17 33.99
CA LYS B 564 -15.05 -11.23 32.84
C LYS B 564 -16.50 -11.49 33.26
N ALA B 565 -16.71 -12.39 34.22
CA ALA B 565 -18.07 -12.67 34.67
C ALA B 565 -18.70 -11.44 35.29
N ALA B 566 -17.93 -10.65 36.05
CA ALA B 566 -18.50 -9.42 36.60
C ALA B 566 -18.85 -8.43 35.51
N ALA B 567 -18.01 -8.34 34.47
CA ALA B 567 -18.33 -7.46 33.34
C ALA B 567 -19.61 -7.90 32.64
N ILE B 568 -19.79 -9.21 32.47
CA ILE B 568 -21.01 -9.73 31.85
C ILE B 568 -22.23 -9.41 32.71
N ALA B 569 -22.12 -9.64 34.01
CA ALA B 569 -23.22 -9.32 34.91
C ALA B 569 -23.57 -7.85 34.86
N MET B 570 -22.54 -6.98 34.82
CA MET B 570 -22.79 -5.54 34.76
C MET B 570 -23.43 -5.13 33.44
N TYR B 571 -22.98 -5.70 32.30
CA TYR B 571 -23.63 -5.30 31.06
C TYR B 571 -25.04 -5.86 30.94
N ALA B 572 -25.30 -7.00 31.56
CA ALA B 572 -26.68 -7.49 31.64
C ALA B 572 -27.55 -6.51 32.42
N VAL B 573 -27.12 -6.16 33.63
CA VAL B 573 -27.88 -5.22 34.46
C VAL B 573 -28.09 -3.91 33.72
N ALA B 574 -27.03 -3.37 33.15
CA ALA B 574 -27.14 -2.06 32.48
C ALA B 574 -28.02 -2.12 31.25
N SER B 575 -28.24 -3.30 30.70
CA SER B 575 -29.14 -3.46 29.56
C SER B 575 -30.58 -3.77 29.97
N GLY B 576 -30.86 -3.83 31.27
CA GLY B 576 -32.22 -4.08 31.74
C GLY B 576 -32.53 -5.49 32.21
N ILE B 577 -31.52 -6.34 32.38
CA ILE B 577 -31.71 -7.74 32.76
C ILE B 577 -31.36 -7.91 34.24
N PRO B 578 -32.32 -8.28 35.10
CA PRO B 578 -31.99 -8.61 36.50
C PRO B 578 -30.96 -9.72 36.54
N THR B 579 -29.89 -9.52 37.30
CA THR B 579 -28.77 -10.47 37.29
C THR B 579 -28.42 -10.94 38.69
N HIS B 580 -28.45 -12.26 38.87
CA HIS B 580 -28.12 -12.91 40.12
C HIS B 580 -26.66 -13.38 40.11
N LEU B 581 -25.97 -13.19 41.24
CA LEU B 581 -24.64 -13.71 41.48
C LEU B 581 -24.65 -14.59 42.73
N GLY B 582 -23.97 -15.73 42.69
CA GLY B 582 -23.99 -16.61 43.85
C GLY B 582 -23.17 -16.08 45.01
N LEU B 583 -22.15 -15.29 44.72
CA LEU B 583 -21.17 -14.77 45.67
C LEU B 583 -21.00 -13.28 45.45
N PRO B 584 -20.66 -12.53 46.50
CA PRO B 584 -20.56 -11.08 46.37
C PRO B 584 -19.21 -10.69 45.78
N PRO B 585 -19.18 -9.68 44.90
CA PRO B 585 -17.91 -9.03 44.60
C PRO B 585 -17.35 -8.42 45.87
N ASN B 586 -16.09 -8.01 45.80
CA ASN B 586 -15.40 -7.46 46.97
C ASN B 586 -15.81 -6.00 47.19
N ILE B 587 -17.06 -5.83 47.63
CA ILE B 587 -17.65 -4.50 47.74
C ILE B 587 -18.37 -4.26 49.07
N LEU B 588 -18.47 -5.30 49.92
CA LEU B 588 -19.33 -5.14 51.09
C LEU B 588 -18.78 -4.17 52.14
N GLY B 589 -17.53 -3.74 52.01
CA GLY B 589 -16.99 -2.70 52.87
C GLY B 589 -17.60 -1.34 52.67
N SER B 590 -18.35 -1.15 51.58
CA SER B 590 -19.10 0.09 51.35
C SER B 590 -20.59 -0.22 51.28
N GLU B 591 -21.34 0.20 52.30
CA GLU B 591 -22.79 0.01 52.27
C GLU B 591 -23.43 0.79 51.12
N ASN B 592 -22.88 1.95 50.78
CA ASN B 592 -23.47 2.74 49.70
C ASN B 592 -23.26 2.08 48.33
N VAL B 593 -22.04 1.61 48.05
CA VAL B 593 -21.82 0.92 46.79
C VAL B 593 -22.66 -0.35 46.73
N THR B 594 -22.72 -1.08 47.84
CA THR B 594 -23.51 -2.31 47.88
C THR B 594 -24.99 -1.99 47.62
N ALA B 595 -25.51 -0.93 48.23
CA ALA B 595 -26.92 -0.59 48.05
C ALA B 595 -27.21 -0.15 46.63
N MET B 596 -26.25 0.56 46.00
CA MET B 596 -26.42 0.91 44.59
C MET B 596 -26.50 -0.33 43.72
N ALA B 597 -25.60 -1.29 43.94
CA ALA B 597 -25.60 -2.50 43.13
C ALA B 597 -26.89 -3.30 43.30
N LEU B 598 -27.38 -3.42 44.54
CA LEU B 598 -28.52 -4.29 44.81
C LEU B 598 -29.87 -3.60 44.69
N HIS B 599 -29.92 -2.28 44.75
CA HIS B 599 -31.21 -1.59 44.79
C HIS B 599 -31.20 -0.32 43.95
N GLY B 600 -30.20 0.54 44.15
CA GLY B 600 -30.20 1.83 43.50
C GLY B 600 -30.24 1.74 41.99
N LEU B 601 -29.59 0.73 41.41
CA LEU B 601 -29.53 0.63 39.95
C LEU B 601 -30.89 0.33 39.35
N GLN B 602 -31.80 -0.25 40.12
CA GLN B 602 -33.15 -0.50 39.64
C GLN B 602 -33.78 0.79 39.12
N ASP B 603 -33.54 1.91 39.80
CA ASP B 603 -34.11 3.21 39.45
C ASP B 603 -33.22 4.01 38.50
N VAL B 604 -32.13 3.43 38.03
CA VAL B 604 -31.27 4.04 37.02
C VAL B 604 -31.41 3.33 35.69
N VAL B 605 -31.19 2.02 35.66
CA VAL B 605 -31.19 1.24 34.43
C VAL B 605 -32.35 0.25 34.35
N GLY B 606 -33.19 0.17 35.38
CA GLY B 606 -34.30 -0.76 35.29
C GLY B 606 -33.97 -2.18 35.66
N ALA B 607 -32.81 -2.43 36.27
CA ALA B 607 -32.44 -3.75 36.75
C ALA B 607 -31.37 -3.54 37.82
N ALA B 608 -31.07 -4.61 38.56
CA ALA B 608 -30.10 -4.55 39.64
C ALA B 608 -29.45 -5.92 39.80
N PHE B 609 -28.35 -5.95 40.56
CA PHE B 609 -27.71 -7.20 40.95
C PHE B 609 -28.46 -7.82 42.13
N MET B 610 -28.33 -9.14 42.24
CA MET B 610 -28.77 -9.89 43.42
C MET B 610 -27.61 -10.79 43.83
N VAL B 611 -27.41 -10.97 45.13
CA VAL B 611 -26.39 -11.86 45.65
C VAL B 611 -27.08 -12.88 46.57
N GLU B 612 -26.96 -14.16 46.24
CA GLU B 612 -27.73 -15.18 46.95
C GLU B 612 -27.09 -16.54 46.73
N PRO B 613 -26.53 -17.16 47.78
CA PRO B 613 -25.82 -18.43 47.60
C PRO B 613 -26.72 -19.65 47.60
N ASP B 614 -27.98 -19.51 47.99
CA ASP B 614 -28.93 -20.63 47.98
C ASP B 614 -29.57 -20.64 46.60
N PRO B 615 -29.30 -21.63 45.75
CA PRO B 615 -29.84 -21.59 44.38
C PRO B 615 -31.37 -21.70 44.30
N VAL B 616 -32.02 -22.29 45.31
CA VAL B 616 -33.48 -22.32 45.31
C VAL B 616 -34.02 -20.91 45.60
N LYS B 617 -33.43 -20.21 46.57
CA LYS B 617 -33.84 -18.83 46.81
C LYS B 617 -33.53 -17.95 45.60
N ALA B 618 -32.42 -18.21 44.90
CA ALA B 618 -32.12 -17.44 43.70
C ALA B 618 -33.19 -17.66 42.63
N ALA B 619 -33.64 -18.92 42.49
CA ALA B 619 -34.74 -19.19 41.56
C ALA B 619 -36.00 -18.42 41.96
N ASP B 620 -36.31 -18.39 43.26
CA ASP B 620 -37.45 -17.60 43.74
C ASP B 620 -37.31 -16.13 43.34
N MET B 621 -36.11 -15.56 43.46
CA MET B 621 -35.93 -14.14 43.15
C MET B 621 -36.00 -13.89 41.66
N LEU B 622 -35.41 -14.76 40.85
CA LEU B 622 -35.51 -14.61 39.40
C LEU B 622 -36.95 -14.77 38.93
N GLU B 623 -37.68 -15.74 39.48
CA GLU B 623 -39.08 -15.91 39.13
C GLU B 623 -39.90 -14.68 39.52
N ALA B 624 -39.60 -14.08 40.67
CA ALA B 624 -40.34 -12.91 41.11
C ALA B 624 -40.19 -11.75 40.12
N HIS B 625 -38.97 -11.53 39.60
CA HIS B 625 -38.80 -10.49 38.60
C HIS B 625 -39.59 -10.82 37.33
N ILE B 626 -39.59 -12.09 36.92
CA ILE B 626 -40.32 -12.48 35.73
C ILE B 626 -41.82 -12.25 35.92
N VAL B 627 -42.35 -12.60 37.11
CA VAL B 627 -43.76 -12.31 37.42
C VAL B 627 -44.06 -10.82 37.28
N ALA B 628 -43.18 -9.97 37.81
CA ALA B 628 -43.41 -8.52 37.75
C ALA B 628 -43.35 -8.00 36.32
N ARG B 629 -42.42 -8.52 35.51
CA ARG B 629 -42.32 -8.05 34.14
C ARG B 629 -43.52 -8.53 33.32
N ARG B 630 -43.98 -9.76 33.55
CA ARG B 630 -45.20 -10.20 32.89
C ARG B 630 -46.35 -9.25 33.21
N ALA B 631 -46.42 -8.76 34.45
CA ALA B 631 -47.45 -7.79 34.82
C ALA B 631 -47.23 -6.44 34.14
N ARG B 632 -45.98 -6.00 34.02
CA ARG B 632 -45.67 -4.78 33.27
C ARG B 632 -46.15 -4.89 31.81
N LEU B 633 -46.14 -6.10 31.24
CA LEU B 633 -46.61 -6.35 29.89
C LEU B 633 -48.11 -6.57 29.80
N GLY B 634 -48.80 -6.59 30.94
CA GLY B 634 -50.24 -6.78 30.93
C GLY B 634 -50.68 -8.20 30.66
N LEU B 635 -49.78 -9.17 30.80
CA LEU B 635 -50.16 -10.55 30.55
C LEU B 635 -51.09 -11.06 31.66
N THR B 636 -51.98 -12.00 31.30
CA THR B 636 -53.00 -12.49 32.22
C THR B 636 -53.01 -14.00 32.34
N SER B 637 -51.93 -14.67 31.92
CA SER B 637 -51.91 -16.12 31.82
C SER B 637 -50.99 -16.73 32.87
N SER C 12 20.60 22.37 3.97
CA SER C 12 20.85 21.00 4.41
C SER C 12 21.80 20.28 3.46
N LYS C 13 22.41 19.20 3.93
CA LYS C 13 23.30 18.42 3.09
C LYS C 13 22.52 17.65 2.03
N THR C 14 21.29 17.24 2.32
CA THR C 14 20.48 16.55 1.31
C THR C 14 20.22 17.46 0.12
N ILE C 15 19.73 18.68 0.39
CA ILE C 15 19.47 19.62 -0.70
C ILE C 15 20.75 19.91 -1.48
N ARG C 16 21.86 20.11 -0.79
CA ARG C 16 23.13 20.38 -1.48
C ARG C 16 23.54 19.21 -2.36
N SER C 17 23.23 17.97 -1.95
CA SER C 17 23.62 16.79 -2.71
C SER C 17 22.83 16.64 -4.00
N ARG C 18 21.74 17.40 -4.16
CA ARG C 18 20.85 17.20 -5.30
C ARG C 18 21.29 17.96 -6.54
N SER C 19 22.06 19.03 -6.39
CA SER C 19 22.41 19.85 -7.54
C SER C 19 23.66 20.64 -7.19
N ILE C 20 24.38 21.06 -8.22
CA ILE C 20 25.53 21.94 -8.03
C ILE C 20 25.15 23.42 -8.03
N TRP C 21 23.91 23.76 -8.36
CA TRP C 21 23.53 25.14 -8.63
C TRP C 21 22.79 25.81 -7.47
N ASP C 22 23.11 27.09 -7.27
N ASP C 22 23.08 27.09 -7.27
CA ASP C 22 22.44 27.89 -6.24
CA ASP C 22 22.41 27.82 -6.20
C ASP C 22 20.95 28.01 -6.51
C ASP C 22 20.95 28.09 -6.50
N ASP C 23 20.58 28.27 -7.77
CA ASP C 23 19.17 28.44 -8.09
C ASP C 23 18.36 27.19 -7.76
N ALA C 24 18.93 26.01 -8.01
CA ALA C 24 18.29 24.77 -7.61
C ALA C 24 18.19 24.64 -6.09
N HIS C 25 19.28 24.94 -5.38
CA HIS C 25 19.25 24.85 -3.92
C HIS C 25 18.14 25.73 -3.35
N ALA C 26 18.08 26.98 -3.80
CA ALA C 26 17.10 27.93 -3.29
C ALA C 26 15.68 27.42 -3.50
N MET C 27 15.40 26.89 -4.69
CA MET C 27 14.06 26.39 -4.96
C MET C 27 13.77 25.06 -4.27
N LEU C 28 14.79 24.23 -4.06
CA LEU C 28 14.59 23.02 -3.27
C LEU C 28 14.25 23.37 -1.82
N GLU C 29 14.89 24.41 -1.27
CA GLU C 29 14.53 24.85 0.07
C GLU C 29 13.10 25.36 0.12
N LYS C 30 12.71 26.15 -0.89
CA LYS C 30 11.37 26.70 -0.95
C LYS C 30 10.33 25.60 -1.14
N ALA C 31 10.66 24.62 -1.99
CA ALA C 31 9.75 23.50 -2.20
C ALA C 31 9.52 22.74 -0.90
N LYS C 32 10.60 22.47 -0.16
CA LYS C 32 10.45 21.75 1.10
C LYS C 32 9.63 22.55 2.10
N ALA C 33 9.88 23.86 2.18
CA ALA C 33 9.10 24.71 3.09
C ALA C 33 7.61 24.64 2.76
N GLU C 34 7.28 24.62 1.48
CA GLU C 34 5.88 24.67 1.05
C GLU C 34 5.26 23.30 0.89
N GLY C 35 5.99 22.24 1.20
CA GLY C 35 5.44 20.90 1.13
C GLY C 35 5.29 20.37 -0.28
N ILE C 36 6.08 20.87 -1.22
CA ILE C 36 6.01 20.45 -2.62
C ILE C 36 7.08 19.38 -2.86
N SER C 37 6.65 18.19 -3.26
CA SER C 37 7.58 17.13 -3.57
C SER C 37 8.10 17.27 -4.99
N THR C 38 9.33 16.85 -5.20
CA THR C 38 10.01 17.01 -6.47
C THR C 38 10.44 15.64 -7.00
N VAL C 39 11.04 15.68 -8.18
CA VAL C 39 11.58 14.48 -8.82
C VAL C 39 12.58 13.76 -7.92
N TRP C 40 13.34 14.51 -7.10
CA TRP C 40 14.29 13.88 -6.20
C TRP C 40 13.58 13.10 -5.08
N ASP C 41 12.46 13.63 -4.58
CA ASP C 41 11.72 12.94 -3.54
C ASP C 41 11.12 11.65 -4.09
N ARG C 42 10.60 11.69 -5.32
CA ARG C 42 10.02 10.49 -5.91
C ARG C 42 11.11 9.47 -6.25
N ALA C 43 12.28 9.94 -6.70
CA ALA C 43 13.39 9.03 -6.95
C ALA C 43 13.77 8.27 -5.69
N ALA C 44 13.78 8.95 -4.54
CA ALA C 44 14.10 8.28 -3.28
C ALA C 44 13.05 7.23 -2.92
N GLU C 45 11.76 7.52 -3.18
CA GLU C 45 10.72 6.53 -2.94
C GLU C 45 10.89 5.30 -3.83
N GLN C 46 11.44 5.48 -5.02
CA GLN C 46 11.60 4.38 -5.96
C GLN C 46 12.96 3.68 -5.83
N THR C 47 13.71 3.99 -4.77
CA THR C 47 14.95 3.32 -4.43
C THR C 47 14.75 2.57 -3.13
N PRO C 48 15.09 1.26 -3.05
CA PRO C 48 15.68 0.44 -4.11
C PRO C 48 14.72 0.06 -5.24
N ALA C 49 15.27 -0.09 -6.44
CA ALA C 49 14.48 -0.49 -7.59
C ALA C 49 14.30 -2.00 -7.60
N CYS C 50 13.34 -2.45 -8.40
CA CYS C 50 13.22 -3.88 -8.67
C CYS C 50 14.47 -4.37 -9.37
N LYS C 51 15.09 -5.42 -8.81
CA LYS C 51 16.37 -5.89 -9.33
C LYS C 51 16.24 -6.47 -10.74
N PHE C 52 15.13 -7.15 -11.03
CA PHE C 52 14.95 -7.69 -12.37
C PHE C 52 14.75 -6.57 -13.39
N CYS C 53 13.93 -5.58 -13.05
CA CYS C 53 13.75 -4.43 -13.95
C CYS C 53 15.07 -3.71 -14.18
N GLU C 54 15.88 -3.55 -13.14
CA GLU C 54 17.16 -2.85 -13.27
C GLU C 54 18.11 -3.61 -14.19
N LEU C 55 18.14 -4.94 -14.07
CA LEU C 55 19.04 -5.75 -14.86
C LEU C 55 18.56 -5.99 -16.28
N GLY C 56 17.27 -5.76 -16.54
CA GLY C 56 16.67 -6.07 -17.82
C GLY C 56 16.15 -7.49 -17.94
N THR C 57 16.22 -8.28 -16.87
CA THR C 57 15.86 -9.70 -16.89
C THR C 57 14.40 -9.93 -16.50
N THR C 58 13.52 -9.13 -17.08
CA THR C 58 12.09 -9.27 -16.89
C THR C 58 11.43 -9.03 -18.23
N CYS C 59 10.38 -9.79 -18.52
CA CYS C 59 9.70 -9.67 -19.80
C CYS C 59 8.19 -9.67 -19.60
N ARG C 60 7.51 -8.74 -20.29
CA ARG C 60 6.07 -8.61 -20.24
C ARG C 60 5.49 -8.57 -21.64
N ASN C 61 6.13 -9.25 -22.58
CA ASN C 61 5.75 -9.15 -23.99
C ASN C 61 4.60 -10.07 -24.37
N CYS C 62 4.13 -10.92 -23.47
CA CYS C 62 2.93 -11.72 -23.74
C CYS C 62 2.35 -12.17 -22.40
N ILE C 63 1.15 -12.73 -22.43
CA ILE C 63 0.51 -13.17 -21.19
C ILE C 63 0.66 -14.69 -20.96
N MET C 64 1.58 -15.34 -21.67
CA MET C 64 2.15 -16.54 -21.06
C MET C 64 3.00 -16.15 -19.86
N GLY C 65 3.62 -14.98 -19.93
CA GLY C 65 4.29 -14.41 -18.79
C GLY C 65 3.32 -13.65 -17.91
N PRO C 66 3.82 -12.65 -17.17
CA PRO C 66 5.18 -12.10 -17.26
C PRO C 66 6.27 -12.99 -16.66
N CYS C 67 7.50 -12.78 -17.10
CA CYS C 67 8.60 -13.69 -16.78
C CYS C 67 9.74 -12.93 -16.15
N ARG C 68 10.48 -13.61 -15.27
CA ARG C 68 11.72 -13.10 -14.72
C ARG C 68 12.80 -14.16 -14.90
N ILE C 69 14.01 -13.73 -15.24
CA ILE C 69 15.15 -14.61 -15.33
C ILE C 69 15.96 -14.47 -14.05
N ALA C 70 16.09 -15.56 -13.30
CA ALA C 70 16.76 -15.57 -12.01
C ALA C 70 17.95 -16.52 -12.05
N ASN C 71 18.85 -16.34 -11.09
CA ASN C 71 20.01 -17.21 -10.88
C ASN C 71 19.74 -18.03 -9.63
N ARG C 72 19.12 -19.19 -9.81
CA ARG C 72 18.71 -20.04 -8.71
C ARG C 72 19.56 -21.30 -8.67
N LYS C 73 19.77 -21.82 -7.46
CA LYS C 73 20.55 -23.03 -7.29
C LYS C 73 19.87 -24.21 -7.98
N ASP C 74 18.54 -24.27 -7.91
CA ASP C 74 17.78 -25.34 -8.53
C ASP C 74 17.67 -25.20 -10.05
N GLY C 75 18.17 -24.10 -10.62
CA GLY C 75 18.13 -23.92 -12.06
C GLY C 75 16.79 -23.51 -12.63
N LYS C 76 15.78 -23.31 -11.79
CA LYS C 76 14.50 -22.83 -12.29
C LYS C 76 14.60 -21.35 -12.67
N MET C 77 13.67 -20.92 -13.51
CA MET C 77 13.56 -19.52 -13.94
C MET C 77 14.80 -19.04 -14.71
N ARG C 78 15.48 -19.96 -15.39
CA ARG C 78 16.56 -19.59 -16.30
C ARG C 78 16.00 -19.09 -17.64
N LEU C 79 14.80 -19.54 -18.00
CA LEU C 79 14.19 -19.24 -19.29
C LEU C 79 12.78 -18.72 -19.07
N GLY C 80 12.31 -17.88 -19.99
CA GLY C 80 10.91 -17.48 -20.01
C GLY C 80 10.01 -18.63 -20.43
N VAL C 81 8.70 -18.42 -20.30
CA VAL C 81 7.73 -19.47 -20.60
C VAL C 81 7.88 -19.94 -22.05
N CYS C 82 8.19 -19.01 -22.95
CA CYS C 82 8.40 -19.34 -24.36
C CYS C 82 9.76 -19.97 -24.64
N GLY C 83 10.66 -20.00 -23.64
CA GLY C 83 11.99 -20.54 -23.81
C GLY C 83 13.07 -19.49 -24.00
N ALA C 84 12.71 -18.21 -24.02
CA ALA C 84 13.69 -17.15 -24.27
C ALA C 84 14.64 -17.03 -23.08
N ASP C 85 15.91 -16.78 -23.38
CA ASP C 85 16.91 -16.65 -22.32
C ASP C 85 17.16 -15.17 -21.98
N ALA C 86 18.09 -14.96 -21.05
CA ALA C 86 18.37 -13.59 -20.61
C ALA C 86 18.90 -12.74 -21.76
N ASP C 87 19.74 -13.31 -22.64
CA ASP C 87 20.29 -12.55 -23.76
C ASP C 87 19.18 -12.02 -24.65
N VAL C 88 18.23 -12.88 -25.02
CA VAL C 88 17.11 -12.44 -25.86
C VAL C 88 16.25 -11.42 -25.13
N ILE C 89 15.85 -11.72 -23.89
CA ILE C 89 14.97 -10.82 -23.14
C ILE C 89 15.61 -9.44 -22.98
N VAL C 90 16.89 -9.41 -22.60
CA VAL C 90 17.56 -8.12 -22.39
C VAL C 90 17.68 -7.37 -23.71
N ALA C 91 18.03 -8.07 -24.78
CA ALA C 91 18.23 -7.42 -26.07
C ALA C 91 16.92 -6.88 -26.63
N ARG C 92 15.82 -7.64 -26.45
CA ARG C 92 14.52 -7.14 -26.90
C ARG C 92 14.12 -5.92 -26.11
N ASN C 93 14.29 -5.95 -24.78
CA ASN C 93 13.94 -4.79 -23.96
C ASN C 93 14.73 -3.57 -24.39
N PHE C 94 16.03 -3.74 -24.65
CA PHE C 94 16.87 -2.62 -25.09
C PHE C 94 16.43 -2.13 -26.46
N GLY C 95 16.06 -3.07 -27.34
CA GLY C 95 15.57 -2.69 -28.66
C GLY C 95 14.32 -1.85 -28.61
N ARG C 96 13.35 -2.24 -27.77
CA ARG C 96 12.13 -1.43 -27.63
C ARG C 96 12.44 -0.07 -27.00
N PHE C 97 13.36 -0.04 -26.04
CA PHE C 97 13.82 1.22 -25.44
C PHE C 97 14.34 2.17 -26.51
N ILE C 98 15.23 1.68 -27.38
N ILE C 98 15.22 1.68 -27.39
CA ILE C 98 15.79 2.47 -28.47
CA ILE C 98 15.77 2.51 -28.45
C ILE C 98 14.69 2.93 -29.41
C ILE C 98 14.69 2.94 -29.44
N ALA C 99 13.74 2.05 -29.72
CA ALA C 99 12.68 2.39 -30.66
C ALA C 99 11.80 3.51 -30.10
N GLY C 100 11.58 3.52 -28.78
CA GLY C 100 10.83 4.61 -28.18
C GLY C 100 11.50 5.95 -28.38
N GLY C 101 12.83 5.98 -28.24
CA GLY C 101 13.57 7.21 -28.47
C GLY C 101 13.53 7.64 -29.92
N ALA C 102 13.78 6.69 -30.83
CA ALA C 102 13.70 6.98 -32.26
C ALA C 102 12.31 7.49 -32.62
N ALA C 103 11.27 6.93 -32.00
CA ALA C 103 9.90 7.36 -32.33
C ALA C 103 9.65 8.79 -31.95
N GLY C 104 10.17 9.23 -30.80
CA GLY C 104 10.01 10.62 -30.43
C GLY C 104 10.62 11.56 -31.46
N HIS C 105 11.81 11.23 -31.96
CA HIS C 105 12.42 12.02 -33.01
C HIS C 105 11.73 11.86 -34.35
N SER C 106 11.16 10.67 -34.62
CA SER C 106 10.40 10.47 -35.85
C SER C 106 9.23 11.44 -35.93
N ASP C 107 8.39 11.47 -34.89
CA ASP C 107 7.22 12.36 -34.91
C ASP C 107 7.63 13.83 -34.94
N HIS C 108 8.73 14.18 -34.27
CA HIS C 108 9.23 15.55 -34.30
C HIS C 108 9.52 15.97 -35.74
N GLY C 109 10.29 15.16 -36.46
CA GLY C 109 10.57 15.49 -37.85
C GLY C 109 9.34 15.45 -38.74
N ARG C 110 8.44 14.50 -38.49
CA ARG C 110 7.20 14.46 -39.27
C ARG C 110 6.43 15.77 -39.15
N ASP C 111 6.34 16.33 -37.94
CA ASP C 111 5.63 17.60 -37.75
C ASP C 111 6.28 18.73 -38.54
N LEU C 112 7.60 18.72 -38.69
CA LEU C 112 8.25 19.75 -39.49
C LEU C 112 7.90 19.57 -40.97
N ILE C 113 7.87 18.33 -41.46
CA ILE C 113 7.46 18.11 -42.85
C ILE C 113 6.06 18.66 -43.07
N GLU C 114 5.13 18.31 -42.16
CA GLU C 114 3.75 18.77 -42.29
C GLU C 114 3.66 20.29 -42.29
N THR C 115 4.47 20.94 -41.45
CA THR C 115 4.45 22.40 -41.39
C THR C 115 5.01 23.02 -42.68
N LEU C 116 6.12 22.48 -43.19
CA LEU C 116 6.66 22.99 -44.45
C LEU C 116 5.67 22.77 -45.59
N GLU C 117 4.99 21.63 -45.62
CA GLU C 117 4.00 21.39 -46.65
C GLU C 117 2.86 22.41 -46.56
N ALA C 118 2.43 22.73 -45.35
CA ALA C 118 1.36 23.71 -45.19
C ALA C 118 1.78 25.08 -45.70
N VAL C 119 3.04 25.46 -45.46
CA VAL C 119 3.57 26.71 -46.00
C VAL C 119 3.56 26.68 -47.52
N ALA C 120 4.04 25.58 -48.10
CA ALA C 120 4.06 25.44 -49.55
C ALA C 120 2.67 25.55 -50.16
N GLU C 121 1.64 25.12 -49.44
CA GLU C 121 0.27 25.15 -49.92
C GLU C 121 -0.42 26.48 -49.63
N GLY C 122 0.22 27.38 -48.89
CA GLY C 122 -0.44 28.62 -48.52
C GLY C 122 -1.48 28.45 -47.42
N LYS C 123 -1.28 27.48 -46.52
CA LYS C 123 -2.27 27.12 -45.52
C LYS C 123 -1.66 27.08 -44.13
N ALA C 124 -0.81 28.05 -43.81
CA ALA C 124 -0.12 28.08 -42.52
C ALA C 124 0.13 29.53 -42.14
N PRO C 125 -0.91 30.26 -41.75
CA PRO C 125 -0.76 31.69 -41.48
C PRO C 125 0.30 31.96 -40.42
N GLY C 126 1.20 32.90 -40.70
CA GLY C 126 2.28 33.22 -39.79
C GLY C 126 3.54 32.40 -39.96
N TYR C 127 3.49 31.34 -40.76
CA TYR C 127 4.68 30.56 -41.06
C TYR C 127 5.15 30.89 -42.47
N THR C 128 6.46 30.84 -42.67
CA THR C 128 7.03 31.16 -43.98
C THR C 128 8.30 30.32 -44.18
N ILE C 129 8.84 30.40 -45.40
CA ILE C 129 10.18 29.87 -45.64
C ILE C 129 11.15 30.98 -45.24
N ARG C 130 11.70 30.88 -44.02
CA ARG C 130 12.57 31.90 -43.47
C ARG C 130 14.00 31.83 -44.03
N ASP C 131 14.44 30.67 -44.51
CA ASP C 131 15.76 30.54 -45.12
C ASP C 131 15.59 29.89 -46.50
N VAL C 132 15.26 30.72 -47.50
CA VAL C 132 15.06 30.20 -48.85
C VAL C 132 16.37 29.67 -49.43
N ALA C 133 17.48 30.35 -49.15
CA ALA C 133 18.77 29.87 -49.61
C ALA C 133 19.03 28.46 -49.11
N LYS C 134 18.75 28.20 -47.84
CA LYS C 134 19.00 26.85 -47.33
C LYS C 134 17.99 25.85 -47.90
N LEU C 135 16.74 26.28 -48.10
CA LEU C 135 15.78 25.43 -48.81
C LEU C 135 16.31 24.98 -50.17
N ARG C 136 16.83 25.93 -50.96
CA ARG C 136 17.28 25.57 -52.30
C ARG C 136 18.51 24.67 -52.24
N ARG C 137 19.40 24.92 -51.28
CA ARG C 137 20.61 24.10 -51.14
C ARG C 137 20.27 22.67 -50.71
N ILE C 138 19.41 22.53 -49.69
CA ILE C 138 19.01 21.20 -49.23
C ILE C 138 18.24 20.47 -50.33
N ALA C 139 17.31 21.14 -50.99
CA ALA C 139 16.56 20.51 -52.08
C ALA C 139 17.49 20.02 -53.18
N ALA C 140 18.42 20.87 -53.61
CA ALA C 140 19.40 20.45 -54.61
C ALA C 140 20.19 19.24 -54.13
N GLU C 141 20.64 19.27 -52.87
CA GLU C 141 21.44 18.18 -52.33
C GLU C 141 20.70 16.86 -52.40
N LEU C 142 19.40 16.87 -52.15
CA LEU C 142 18.61 15.66 -52.13
C LEU C 142 17.98 15.33 -53.48
N GLY C 143 18.24 16.12 -54.50
CA GLY C 143 17.91 15.76 -55.86
C GLY C 143 16.73 16.47 -56.51
N VAL C 144 16.29 17.62 -56.00
CA VAL C 144 15.19 18.33 -56.63
C VAL C 144 15.71 19.06 -57.87
N ALA C 145 15.07 18.81 -59.00
CA ALA C 145 15.49 19.42 -60.26
C ALA C 145 15.28 20.93 -60.23
N ASP C 146 16.30 21.66 -60.69
CA ASP C 146 16.24 23.12 -60.85
C ASP C 146 15.88 23.81 -59.54
N ALA C 147 16.39 23.24 -58.43
CA ALA C 147 16.11 23.78 -57.10
C ALA C 147 16.65 25.20 -56.97
N ALA C 148 17.66 25.55 -57.78
CA ALA C 148 18.28 26.87 -57.67
C ALA C 148 17.39 27.98 -58.24
N THR C 149 16.51 27.66 -59.20
CA THR C 149 15.79 28.68 -59.94
C THR C 149 14.27 28.64 -59.85
N ARG C 150 13.67 27.51 -59.50
CA ARG C 150 12.22 27.40 -59.50
C ARG C 150 11.61 28.19 -58.34
N PRO C 151 10.32 28.53 -58.42
CA PRO C 151 9.69 29.25 -57.31
C PRO C 151 9.88 28.47 -56.01
N ALA C 152 10.17 29.20 -54.94
CA ALA C 152 10.52 28.58 -53.66
C ALA C 152 9.46 27.61 -53.18
N HIS C 153 8.17 27.98 -53.26
CA HIS C 153 7.13 27.07 -52.81
C HIS C 153 7.05 25.80 -53.66
N ASP C 154 7.41 25.88 -54.95
CA ASP C 154 7.48 24.67 -55.75
C ASP C 154 8.63 23.79 -55.28
N VAL C 155 9.79 24.39 -54.99
CA VAL C 155 10.93 23.63 -54.50
C VAL C 155 10.61 23.00 -53.15
N ALA C 156 9.95 23.76 -52.26
CA ALA C 156 9.52 23.22 -50.96
C ALA C 156 8.60 22.02 -51.12
N ALA C 157 7.67 22.07 -52.08
CA ALA C 157 6.76 20.94 -52.28
C ALA C 157 7.52 19.68 -52.66
N ASP C 158 8.57 19.83 -53.49
CA ASP C 158 9.34 18.66 -53.90
C ASP C 158 10.22 18.15 -52.77
N LEU C 159 10.75 19.05 -51.93
CA LEU C 159 11.50 18.60 -50.76
C LEU C 159 10.59 17.86 -49.78
N VAL C 160 9.37 18.40 -49.57
CA VAL C 160 8.38 17.71 -48.74
C VAL C 160 8.18 16.28 -49.22
N THR C 161 8.02 16.10 -50.53
CA THR C 161 7.81 14.76 -51.06
C THR C 161 9.01 13.85 -50.77
N ILE C 162 10.23 14.35 -50.95
CA ILE C 162 11.42 13.56 -50.62
C ILE C 162 11.40 13.16 -49.15
N CYS C 163 11.12 14.12 -48.26
CA CYS C 163 11.14 13.80 -46.83
C CYS C 163 10.05 12.79 -46.47
N TYR C 164 8.82 13.00 -46.99
CA TYR C 164 7.75 12.03 -46.71
C TYR C 164 8.09 10.64 -47.25
N ASN C 165 8.77 10.57 -48.38
CA ASN C 165 9.15 9.26 -48.90
C ASN C 165 10.09 8.53 -47.94
N ASP C 166 10.88 9.28 -47.17
CA ASP C 166 11.71 8.66 -46.14
C ASP C 166 10.87 8.13 -44.97
N PHE C 167 9.64 8.62 -44.82
CA PHE C 167 8.65 8.05 -43.92
C PHE C 167 7.73 7.03 -44.62
N GLY C 168 8.12 6.56 -45.79
CA GLY C 168 7.48 5.45 -46.45
C GLY C 168 8.33 4.19 -46.42
N SER C 169 7.90 3.21 -47.21
CA SER C 169 8.43 1.85 -47.14
C SER C 169 9.08 1.39 -48.45
N ARG C 170 9.45 2.31 -49.34
CA ARG C 170 10.00 1.93 -50.64
C ARG C 170 11.46 2.28 -50.84
N ARG C 171 12.10 2.97 -49.90
CA ARG C 171 13.48 3.39 -50.14
C ARG C 171 14.45 2.28 -49.81
N ASN C 172 15.61 2.30 -50.46
CA ASN C 172 16.71 1.45 -50.04
C ASN C 172 17.60 2.10 -49.00
N ALA C 173 17.61 3.43 -48.93
CA ALA C 173 18.41 4.16 -47.95
C ALA C 173 17.81 5.54 -47.78
N LEU C 174 17.84 6.05 -46.56
CA LEU C 174 17.33 7.39 -46.29
C LEU C 174 18.10 8.44 -47.09
N ALA C 175 17.41 9.53 -47.42
CA ALA C 175 17.96 10.55 -48.31
C ALA C 175 19.24 11.18 -47.75
N PHE C 176 19.23 11.55 -46.47
CA PHE C 176 20.41 12.22 -45.90
C PHE C 176 21.57 11.27 -45.67
N LEU C 177 21.37 9.97 -45.79
CA LEU C 177 22.46 9.02 -45.59
C LEU C 177 23.59 9.25 -46.56
N ALA C 178 23.31 9.87 -47.72
CA ALA C 178 24.35 10.15 -48.70
C ALA C 178 25.44 11.05 -48.15
N ARG C 179 25.19 11.75 -47.04
CA ARG C 179 26.24 12.58 -46.43
C ARG C 179 27.36 11.73 -45.83
N ALA C 180 27.03 10.53 -45.36
CA ALA C 180 28.04 9.68 -44.75
C ALA C 180 29.08 9.26 -45.78
N PRO C 181 30.33 9.08 -45.38
CA PRO C 181 31.35 8.66 -46.35
C PRO C 181 31.00 7.29 -46.93
N GLN C 182 31.48 7.04 -48.15
CA GLN C 182 31.14 5.80 -48.86
C GLN C 182 31.54 4.57 -48.07
N VAL C 183 32.72 4.60 -47.43
CA VAL C 183 33.17 3.45 -46.64
C VAL C 183 32.17 3.11 -45.55
N ARG C 184 31.57 4.13 -44.94
CA ARG C 184 30.59 3.91 -43.88
C ARG C 184 29.27 3.38 -44.44
N ARG C 185 28.81 3.96 -45.56
CA ARG C 185 27.61 3.44 -46.21
C ARG C 185 27.78 2.00 -46.65
N ASP C 186 28.96 1.65 -47.21
CA ASP C 186 29.18 0.27 -47.62
C ASP C 186 29.14 -0.68 -46.43
N LEU C 187 29.77 -0.29 -45.32
CA LEU C 187 29.76 -1.11 -44.12
C LEU C 187 28.34 -1.31 -43.59
N TRP C 188 27.55 -0.23 -43.50
CA TRP C 188 26.18 -0.38 -43.06
C TRP C 188 25.40 -1.32 -43.96
N GLN C 189 25.61 -1.20 -45.28
CA GLN C 189 24.88 -2.05 -46.21
C GLN C 189 25.18 -3.52 -46.00
N ARG C 190 26.47 -3.86 -45.86
CA ARG C 190 26.82 -5.26 -45.62
C ARG C 190 26.31 -5.76 -44.29
N LEU C 191 26.28 -4.90 -43.27
CA LEU C 191 25.85 -5.31 -41.94
C LEU C 191 24.34 -5.46 -41.83
N GLY C 192 23.58 -5.00 -42.81
CA GLY C 192 22.14 -4.92 -42.62
C GLY C 192 21.72 -3.79 -41.71
N MET C 193 22.51 -2.72 -41.65
CA MET C 193 22.27 -1.59 -40.77
C MET C 193 21.72 -0.37 -41.49
N THR C 194 21.78 -0.33 -42.83
CA THR C 194 21.38 0.86 -43.57
C THR C 194 19.95 1.23 -43.23
N PRO C 195 19.69 2.42 -42.70
CA PRO C 195 18.29 2.80 -42.43
C PRO C 195 17.55 3.07 -43.73
N ARG C 196 16.32 2.56 -43.81
CA ARG C 196 15.52 2.61 -45.03
C ARG C 196 14.30 3.49 -44.91
N GLY C 197 13.64 3.46 -43.76
CA GLY C 197 12.46 4.27 -43.56
C GLY C 197 12.36 4.64 -42.10
N VAL C 198 11.99 5.90 -41.82
CA VAL C 198 12.02 6.39 -40.45
C VAL C 198 11.03 5.62 -39.57
N ASP C 199 9.79 5.49 -40.05
CA ASP C 199 8.80 4.70 -39.33
C ASP C 199 9.01 3.21 -39.52
N ARG C 200 9.51 2.80 -40.70
CA ARG C 200 9.64 1.37 -40.97
C ARG C 200 10.54 0.68 -39.94
N GLU C 201 11.68 1.28 -39.60
CA GLU C 201 12.59 0.59 -38.69
C GLU C 201 11.98 0.45 -37.29
N ILE C 202 11.23 1.46 -36.85
CA ILE C 202 10.53 1.35 -35.57
C ILE C 202 9.54 0.19 -35.61
N ALA C 203 8.74 0.13 -36.66
CA ALA C 203 7.75 -0.94 -36.78
C ALA C 203 8.43 -2.30 -36.82
N GLU C 204 9.52 -2.42 -37.59
CA GLU C 204 10.21 -3.69 -37.62
C GLU C 204 10.78 -4.06 -36.25
N MET C 205 11.23 -3.08 -35.46
CA MET C 205 11.73 -3.40 -34.13
C MET C 205 10.63 -3.97 -33.25
N MET C 206 9.44 -3.36 -33.30
CA MET C 206 8.33 -3.87 -32.51
C MET C 206 7.91 -5.26 -32.98
N HIS C 207 8.06 -5.55 -34.27
CA HIS C 207 7.80 -6.90 -34.77
C HIS C 207 8.84 -7.89 -34.25
N ARG C 208 10.13 -7.56 -34.42
CA ARG C 208 11.19 -8.45 -34.00
C ARG C 208 11.09 -8.82 -32.53
N THR C 209 10.56 -7.92 -31.72
CA THR C 209 10.54 -8.12 -30.27
C THR C 209 9.26 -8.78 -29.78
N HIS C 210 8.29 -9.02 -30.67
CA HIS C 210 7.14 -9.87 -30.33
C HIS C 210 7.65 -11.27 -29.99
N MET C 211 6.92 -11.99 -29.12
CA MET C 211 7.32 -13.36 -28.82
C MET C 211 7.56 -14.14 -30.10
N GLY C 212 8.63 -14.92 -30.13
CA GLY C 212 8.80 -15.87 -31.20
C GLY C 212 9.14 -15.27 -32.54
N CYS C 213 9.71 -14.06 -32.56
N CYS C 213 9.75 -14.08 -32.56
CA CYS C 213 10.23 -13.47 -33.79
CA CYS C 213 10.23 -13.46 -33.78
C CYS C 213 11.74 -13.48 -33.71
C CYS C 213 11.74 -13.47 -33.73
N ASP C 214 12.39 -12.36 -33.40
CA ASP C 214 13.85 -12.32 -33.34
C ASP C 214 14.31 -12.82 -31.97
N ASN C 215 14.99 -13.98 -31.97
CA ASN C 215 15.47 -14.63 -30.76
C ASN C 215 16.97 -14.83 -30.82
N ASP C 216 17.67 -13.79 -31.27
CA ASP C 216 19.12 -13.78 -31.33
C ASP C 216 19.56 -12.38 -30.91
N HIS C 217 20.32 -12.31 -29.82
CA HIS C 217 20.68 -11.01 -29.27
C HIS C 217 21.53 -10.19 -30.23
N THR C 218 22.38 -10.84 -31.04
CA THR C 218 23.19 -10.09 -32.01
C THR C 218 22.30 -9.45 -33.07
N SER C 219 21.37 -10.23 -33.64
CA SER C 219 20.46 -9.70 -34.65
C SER C 219 19.64 -8.55 -34.09
N LEU C 220 19.20 -8.68 -32.83
CA LEU C 220 18.37 -7.64 -32.21
C LEU C 220 19.15 -6.33 -32.02
N LEU C 221 20.42 -6.42 -31.61
CA LEU C 221 21.22 -5.23 -31.42
C LEU C 221 21.58 -4.59 -32.76
N VAL C 222 21.82 -5.39 -33.81
CA VAL C 222 22.04 -4.84 -35.14
C VAL C 222 20.82 -4.06 -35.61
N HIS C 223 19.62 -4.62 -35.40
CA HIS C 223 18.44 -3.84 -35.78
C HIS C 223 18.24 -2.63 -34.89
N ALA C 224 18.65 -2.69 -33.61
CA ALA C 224 18.58 -1.49 -32.77
C ALA C 224 19.46 -0.38 -33.36
N ALA C 225 20.64 -0.75 -33.86
CA ALA C 225 21.49 0.22 -34.53
C ALA C 225 20.81 0.79 -35.77
N ARG C 226 20.19 -0.07 -36.60
CA ARG C 226 19.51 0.41 -37.80
C ARG C 226 18.37 1.36 -37.44
N THR C 227 17.62 1.03 -36.40
CA THR C 227 16.53 1.89 -35.92
C THR C 227 17.08 3.25 -35.46
N ALA C 228 18.16 3.24 -34.68
CA ALA C 228 18.72 4.51 -34.22
C ALA C 228 19.29 5.31 -35.39
N LEU C 229 19.92 4.64 -36.37
CA LEU C 229 20.44 5.37 -37.53
C LEU C 229 19.32 6.03 -38.33
N ALA C 230 18.11 5.44 -38.34
CA ALA C 230 16.98 6.05 -39.03
C ALA C 230 16.49 7.29 -38.30
N ASP C 231 16.86 7.44 -37.04
CA ASP C 231 16.66 8.68 -36.29
C ASP C 231 17.75 9.69 -36.67
N GLY C 232 19.01 9.38 -36.36
CA GLY C 232 20.09 10.35 -36.55
C GLY C 232 20.19 10.87 -37.97
N TRP C 233 20.02 10.01 -38.96
CA TRP C 233 20.12 10.36 -40.37
C TRP C 233 18.76 10.51 -41.03
N GLY C 234 17.69 10.51 -40.26
CA GLY C 234 16.33 10.57 -40.77
C GLY C 234 15.47 11.50 -39.93
N GLY C 235 14.78 10.95 -38.93
CA GLY C 235 13.87 11.77 -38.13
C GLY C 235 14.50 13.04 -37.57
N SER C 236 15.67 12.91 -36.93
CA SER C 236 16.32 14.09 -36.34
C SER C 236 16.91 15.00 -37.42
N MET C 237 17.54 14.43 -38.44
CA MET C 237 18.20 15.28 -39.44
C MET C 237 17.17 16.04 -40.27
N ILE C 238 16.07 15.39 -40.63
CA ILE C 238 14.97 16.11 -41.26
C ILE C 238 14.44 17.18 -40.32
N GLY C 239 14.28 16.85 -39.04
CA GLY C 239 13.81 17.84 -38.08
C GLY C 239 14.70 19.07 -38.03
N THR C 240 16.02 18.86 -37.91
CA THR C 240 16.96 19.98 -37.84
C THR C 240 16.94 20.81 -39.11
N GLU C 241 17.07 20.15 -40.28
CA GLU C 241 17.25 20.89 -41.52
C GLU C 241 15.98 21.63 -41.92
N LEU C 242 14.81 21.01 -41.71
CA LEU C 242 13.56 21.73 -42.00
C LEU C 242 13.31 22.83 -40.98
N SER C 243 13.75 22.66 -39.74
CA SER C 243 13.60 23.73 -38.75
C SER C 243 14.41 24.96 -39.14
N ASP C 244 15.62 24.75 -39.68
CA ASP C 244 16.41 25.88 -40.17
C ASP C 244 15.72 26.54 -41.37
N ILE C 245 15.10 25.74 -42.24
CA ILE C 245 14.44 26.30 -43.41
C ILE C 245 13.25 27.14 -42.99
N LEU C 246 12.45 26.66 -42.03
CA LEU C 246 11.23 27.34 -41.62
C LEU C 246 11.51 28.51 -40.68
N PHE C 247 12.54 28.42 -39.83
CA PHE C 247 12.76 29.40 -38.79
C PHE C 247 14.10 30.10 -38.84
N GLY C 248 14.96 29.72 -39.76
CA GLY C 248 16.24 30.38 -39.96
C GLY C 248 17.39 29.53 -39.48
N THR C 249 18.52 29.64 -40.17
CA THR C 249 19.71 28.91 -39.75
C THR C 249 20.37 29.66 -38.59
N PRO C 250 20.67 28.97 -37.49
CA PRO C 250 21.28 29.65 -36.34
C PRO C 250 22.60 30.33 -36.69
N ARG C 251 22.83 31.49 -36.07
CA ARG C 251 24.07 32.23 -36.17
C ARG C 251 24.44 32.67 -34.75
N PRO C 252 25.72 32.96 -34.51
CA PRO C 252 26.13 33.21 -33.13
C PRO C 252 25.46 34.45 -32.56
N ARG C 253 24.99 34.33 -31.31
CA ARG C 253 24.33 35.44 -30.65
C ARG C 253 24.45 35.29 -29.14
N GLN C 254 24.25 36.40 -28.43
N GLN C 254 24.24 36.41 -28.44
CA GLN C 254 24.37 36.44 -26.98
CA GLN C 254 24.31 36.47 -26.99
C GLN C 254 23.01 36.24 -26.31
C GLN C 254 22.97 36.09 -26.39
N SER C 255 23.03 35.55 -25.17
CA SER C 255 21.81 35.34 -24.40
C SER C 255 22.20 35.11 -22.93
N THR C 256 21.24 34.61 -22.15
CA THR C 256 21.44 34.34 -20.74
C THR C 256 20.75 33.05 -20.35
N VAL C 257 21.14 32.53 -19.18
N VAL C 257 21.18 32.49 -19.21
CA VAL C 257 20.65 31.25 -18.68
CA VAL C 257 20.61 31.26 -18.67
C VAL C 257 20.51 31.31 -17.16
C VAL C 257 20.45 31.35 -17.16
N ASN C 258 19.53 30.53 -16.66
CA ASN C 258 19.24 30.24 -15.24
C ASN C 258 17.90 30.80 -14.80
N LEU C 259 17.44 30.44 -13.59
CA LEU C 259 16.10 30.87 -13.19
C LEU C 259 15.98 32.38 -13.08
N GLY C 260 17.12 33.07 -12.98
CA GLY C 260 17.12 34.51 -12.94
C GLY C 260 16.70 35.19 -14.22
N VAL C 261 16.46 34.44 -15.30
CA VAL C 261 15.91 35.03 -16.50
C VAL C 261 14.43 35.34 -16.33
N LEU C 262 13.79 34.75 -15.32
CA LEU C 262 12.42 35.12 -14.98
C LEU C 262 12.44 36.47 -14.30
N ARG C 263 11.40 37.27 -14.55
CA ARG C 263 11.34 38.63 -14.04
C ARG C 263 10.08 38.82 -13.22
N LYS C 264 10.23 39.37 -12.01
CA LYS C 264 9.07 39.64 -11.18
C LYS C 264 8.09 40.60 -11.86
N ASP C 265 8.60 41.57 -12.62
CA ASP C 265 7.77 42.60 -13.24
C ASP C 265 7.28 42.24 -14.64
N ALA C 266 7.39 40.98 -15.05
CA ALA C 266 6.98 40.60 -16.39
C ALA C 266 5.99 39.46 -16.31
N VAL C 267 5.19 39.32 -17.37
CA VAL C 267 4.44 38.09 -17.60
C VAL C 267 5.44 37.04 -18.07
N ASN C 268 5.70 36.02 -17.26
CA ASN C 268 6.70 35.01 -17.60
C ASN C 268 6.02 33.81 -18.25
N ILE C 269 6.39 33.50 -19.49
CA ILE C 269 5.83 32.40 -20.25
C ILE C 269 6.96 31.44 -20.53
N LEU C 270 6.90 30.26 -19.94
CA LEU C 270 7.92 29.23 -20.14
C LEU C 270 7.44 28.28 -21.24
N VAL C 271 8.22 28.15 -22.29
CA VAL C 271 7.96 27.14 -23.33
C VAL C 271 8.74 25.88 -22.98
N HIS C 272 8.08 24.73 -23.04
CA HIS C 272 8.65 23.47 -22.58
C HIS C 272 8.32 22.42 -23.61
N GLY C 273 9.18 21.41 -23.72
CA GLY C 273 8.98 20.42 -24.76
C GLY C 273 10.02 20.55 -25.85
N HIS C 274 9.60 20.44 -27.11
CA HIS C 274 10.56 20.17 -28.18
C HIS C 274 10.40 20.92 -29.49
N ASN C 275 9.17 21.14 -29.96
CA ASN C 275 9.14 21.52 -31.37
C ASN C 275 9.00 23.03 -31.55
N PRO C 276 9.90 23.65 -32.32
CA PRO C 276 9.82 25.11 -32.52
C PRO C 276 8.58 25.54 -33.30
N VAL C 277 7.84 24.62 -33.92
CA VAL C 277 6.61 25.03 -34.61
C VAL C 277 5.64 25.65 -33.64
N VAL C 278 5.72 25.30 -32.36
CA VAL C 278 4.91 25.96 -31.34
C VAL C 278 5.64 27.15 -30.73
N SER C 279 6.85 26.92 -30.18
CA SER C 279 7.52 27.97 -29.42
C SER C 279 7.80 29.21 -30.26
N GLU C 280 8.14 29.03 -31.55
CA GLU C 280 8.34 30.22 -32.39
C GLU C 280 7.05 31.01 -32.54
N MET C 281 5.92 30.31 -32.60
CA MET C 281 4.66 31.03 -32.77
C MET C 281 4.17 31.65 -31.46
N ILE C 282 4.48 31.05 -30.32
CA ILE C 282 4.26 31.71 -29.04
C ILE C 282 5.05 33.00 -28.98
N LEU C 283 6.35 32.91 -29.32
CA LEU C 283 7.19 34.11 -29.31
C LEU C 283 6.62 35.18 -30.23
N ALA C 284 6.17 34.79 -31.42
CA ALA C 284 5.62 35.77 -32.36
C ALA C 284 4.37 36.44 -31.79
N ALA C 285 3.54 35.66 -31.10
CA ALA C 285 2.34 36.24 -30.48
C ALA C 285 2.70 37.30 -29.45
N THR C 286 3.72 37.04 -28.62
CA THR C 286 4.08 38.01 -27.58
C THR C 286 4.61 39.30 -28.17
N ARG C 287 5.03 39.31 -29.44
CA ARG C 287 5.59 40.49 -30.06
C ARG C 287 4.56 41.32 -30.81
N GLU C 288 3.30 40.88 -30.86
CA GLU C 288 2.25 41.66 -31.52
C GLU C 288 1.89 42.86 -30.66
N PRO C 289 1.68 44.03 -31.29
CA PRO C 289 1.44 45.26 -30.50
C PRO C 289 0.24 45.17 -29.56
N ALA C 290 -0.88 44.59 -30.02
CA ALA C 290 -2.07 44.55 -29.17
C ALA C 290 -1.87 43.61 -27.99
N VAL C 291 -1.15 42.51 -28.20
CA VAL C 291 -0.82 41.61 -27.09
C VAL C 291 0.07 42.31 -26.07
N ARG C 292 1.12 43.00 -26.54
CA ARG C 292 2.00 43.74 -25.64
C ARG C 292 1.22 44.76 -24.82
N GLN C 293 0.29 45.48 -25.46
CA GLN C 293 -0.50 46.47 -24.71
C GLN C 293 -1.37 45.79 -23.66
N ALA C 294 -1.89 44.60 -23.96
CA ALA C 294 -2.70 43.89 -22.97
C ALA C 294 -1.89 43.55 -21.72
N ALA C 295 -0.63 43.15 -21.90
CA ALA C 295 0.20 42.86 -20.73
C ALA C 295 0.47 44.11 -19.91
N GLN C 296 0.73 45.24 -20.57
CA GLN C 296 0.94 46.49 -19.83
C GLN C 296 -0.33 46.91 -19.10
N ASP C 297 -1.50 46.73 -19.73
CA ASP C 297 -2.74 47.07 -19.05
C ASP C 297 -2.99 46.18 -17.83
N ALA C 298 -2.44 44.96 -17.84
CA ALA C 298 -2.51 44.04 -16.71
C ALA C 298 -1.55 44.41 -15.59
N GLY C 299 -0.67 45.37 -15.82
CA GLY C 299 0.28 45.82 -14.82
C GLY C 299 1.69 45.30 -14.97
N ALA C 300 1.97 44.50 -15.99
CA ALA C 300 3.32 44.01 -16.21
C ALA C 300 4.15 45.04 -16.97
N ALA C 301 5.46 44.97 -16.80
CA ALA C 301 6.36 45.83 -17.58
C ALA C 301 6.50 45.34 -19.01
N ASP C 302 6.44 44.04 -19.25
CA ASP C 302 6.46 43.47 -20.58
C ASP C 302 6.15 41.99 -20.47
N ILE C 303 6.28 41.28 -21.58
CA ILE C 303 6.11 39.83 -21.65
C ILE C 303 7.49 39.22 -21.80
N ASN C 304 7.76 38.18 -21.02
CA ASN C 304 9.09 37.58 -20.93
C ASN C 304 8.96 36.11 -21.27
N VAL C 305 9.33 35.74 -22.49
CA VAL C 305 9.37 34.33 -22.87
C VAL C 305 10.72 33.76 -22.45
N ALA C 306 10.70 32.58 -21.85
CA ALA C 306 11.94 31.91 -21.47
C ALA C 306 11.79 30.42 -21.74
N GLY C 307 12.88 29.78 -22.10
CA GLY C 307 12.85 28.41 -22.56
C GLY C 307 13.21 27.38 -21.51
N LEU C 308 12.61 26.19 -21.65
CA LEU C 308 13.00 25.00 -20.91
C LEU C 308 13.32 23.90 -21.90
N CYS C 309 14.37 23.14 -21.60
CA CYS C 309 14.65 21.91 -22.34
C CYS C 309 14.86 22.22 -23.84
N CYS C 310 14.44 21.31 -24.73
CA CYS C 310 14.89 21.42 -26.12
C CYS C 310 14.21 22.55 -26.86
N THR C 311 12.90 22.75 -26.64
CA THR C 311 12.29 23.90 -27.28
C THR C 311 12.96 25.21 -26.82
N GLY C 312 13.45 25.24 -25.57
CA GLY C 312 14.26 26.37 -25.15
C GLY C 312 15.57 26.46 -25.91
N ASN C 313 16.22 25.32 -26.14
CA ASN C 313 17.42 25.31 -27.00
C ASN C 313 17.12 25.90 -28.36
N GLU C 314 15.97 25.56 -28.94
CA GLU C 314 15.63 26.02 -30.30
C GLU C 314 15.48 27.53 -30.32
N LEU C 315 14.75 28.08 -29.34
CA LEU C 315 14.58 29.54 -29.29
C LEU C 315 15.88 30.25 -28.97
N LEU C 316 16.75 29.63 -28.17
CA LEU C 316 18.08 30.17 -27.93
C LEU C 316 18.88 30.25 -29.23
N MET C 317 18.93 29.15 -29.99
CA MET C 317 19.74 29.07 -31.19
C MET C 317 19.31 30.08 -32.25
N ARG C 318 18.00 30.30 -32.41
CA ARG C 318 17.50 31.08 -33.53
C ARG C 318 17.05 32.48 -33.16
N GLN C 319 16.73 32.73 -31.89
CA GLN C 319 16.20 34.02 -31.46
C GLN C 319 16.92 34.58 -30.25
N GLY C 320 17.86 33.84 -29.67
CA GLY C 320 18.56 34.31 -28.49
C GLY C 320 17.72 34.40 -27.25
N ILE C 321 16.61 33.67 -27.20
CA ILE C 321 15.71 33.77 -26.04
C ILE C 321 16.35 33.11 -24.83
N PRO C 322 16.39 33.77 -23.68
CA PRO C 322 17.05 33.19 -22.49
C PRO C 322 16.43 31.87 -22.08
N MET C 323 17.29 30.97 -21.58
N MET C 323 17.29 30.97 -21.58
N MET C 323 17.29 30.99 -21.57
CA MET C 323 16.89 29.62 -21.17
CA MET C 323 16.89 29.63 -21.17
CA MET C 323 16.91 29.63 -21.16
C MET C 323 16.82 29.57 -19.66
C MET C 323 16.82 29.58 -19.65
C MET C 323 16.82 29.59 -19.64
N ALA C 324 15.63 29.29 -19.12
CA ALA C 324 15.45 29.23 -17.68
C ALA C 324 16.10 27.98 -17.08
N GLY C 325 16.15 26.88 -17.82
CA GLY C 325 16.70 25.69 -17.18
C GLY C 325 16.53 24.46 -18.04
N ASN C 326 17.16 23.40 -17.55
CA ASN C 326 17.14 22.07 -18.16
C ASN C 326 16.25 21.13 -17.33
N HIS C 327 16.33 19.83 -17.64
CA HIS C 327 15.38 18.82 -17.15
C HIS C 327 15.03 18.94 -15.68
N LEU C 328 16.02 18.83 -14.79
CA LEU C 328 15.71 18.81 -13.37
C LEU C 328 15.43 20.19 -12.79
N MET C 329 15.58 21.26 -13.57
CA MET C 329 15.13 22.59 -13.15
C MET C 329 13.64 22.83 -13.40
N THR C 330 12.94 21.94 -14.11
CA THR C 330 11.61 22.30 -14.61
C THR C 330 10.60 22.51 -13.49
N GLU C 331 10.56 21.60 -12.52
CA GLU C 331 9.64 21.78 -11.39
C GLU C 331 10.03 23.01 -10.59
N LEU C 332 11.34 23.25 -10.44
CA LEU C 332 11.86 24.35 -9.64
C LEU C 332 11.54 25.68 -10.28
N ALA C 333 11.41 25.73 -11.61
CA ALA C 333 10.99 26.96 -12.28
C ALA C 333 9.58 27.38 -11.86
N ILE C 334 8.69 26.42 -11.60
CA ILE C 334 7.35 26.78 -11.13
C ILE C 334 7.39 27.23 -9.68
N VAL C 335 8.26 26.60 -8.88
CA VAL C 335 8.41 26.92 -7.46
C VAL C 335 8.87 28.36 -7.23
N THR C 336 9.46 29.01 -8.24
CA THR C 336 9.74 30.45 -8.11
C THR C 336 8.50 31.25 -7.82
N GLY C 337 7.32 30.69 -8.11
CA GLY C 337 6.08 31.45 -7.95
C GLY C 337 5.84 32.49 -9.00
N ALA C 338 6.72 32.61 -10.01
CA ALA C 338 6.61 33.62 -11.05
C ALA C 338 6.32 33.05 -12.43
N ALA C 339 6.08 31.74 -12.54
CA ALA C 339 5.73 31.17 -13.84
C ALA C 339 4.26 31.41 -14.08
N ASP C 340 3.94 32.27 -15.05
CA ASP C 340 2.54 32.61 -15.29
C ASP C 340 1.87 31.60 -16.22
N ALA C 341 2.62 31.06 -17.18
CA ALA C 341 2.17 29.92 -17.94
C ALA C 341 3.37 29.06 -18.33
N ILE C 342 3.13 27.75 -18.37
CA ILE C 342 4.00 26.78 -19.04
C ILE C 342 3.25 26.33 -20.28
N VAL C 343 3.89 26.44 -21.44
CA VAL C 343 3.27 26.05 -22.70
C VAL C 343 4.03 24.85 -23.22
N ALA C 344 3.39 23.68 -23.18
CA ALA C 344 4.04 22.40 -23.46
C ALA C 344 3.55 21.82 -24.78
N ASP C 345 4.43 21.04 -25.42
CA ASP C 345 4.03 20.22 -26.57
C ASP C 345 4.23 18.73 -26.30
N TYR C 346 5.46 18.22 -26.43
CA TYR C 346 5.66 16.80 -26.16
C TYR C 346 7.10 16.48 -25.79
N GLN C 347 7.23 15.40 -25.00
CA GLN C 347 8.49 14.74 -24.60
C GLN C 347 9.20 15.43 -23.45
N CYS C 348 9.52 14.65 -22.41
CA CYS C 348 10.28 15.08 -21.26
C CYS C 348 9.52 16.04 -20.35
N ILE C 349 8.23 16.21 -20.58
CA ILE C 349 7.40 17.10 -19.76
C ILE C 349 6.86 16.27 -18.60
N MET C 350 7.43 16.47 -17.42
CA MET C 350 7.01 15.64 -16.28
C MET C 350 5.58 15.96 -15.89
N PRO C 351 4.69 14.96 -15.79
CA PRO C 351 3.31 15.25 -15.37
C PRO C 351 3.22 15.86 -13.99
N SER C 352 4.25 15.72 -13.16
CA SER C 352 4.24 16.40 -11.87
C SER C 352 4.07 17.91 -12.04
N LEU C 353 4.49 18.46 -13.19
CA LEU C 353 4.34 19.90 -13.41
C LEU C 353 2.89 20.35 -13.34
N VAL C 354 1.94 19.50 -13.72
CA VAL C 354 0.53 19.86 -13.61
C VAL C 354 0.14 20.08 -12.15
N GLN C 355 0.59 19.19 -11.27
CA GLN C 355 0.25 19.31 -9.85
C GLN C 355 0.96 20.49 -9.20
N ILE C 356 2.22 20.74 -9.58
CA ILE C 356 2.92 21.89 -9.01
C ILE C 356 2.30 23.20 -9.50
N ALA C 357 1.96 23.26 -10.79
CA ALA C 357 1.29 24.44 -11.32
C ALA C 357 0.00 24.71 -10.57
N ALA C 358 -0.73 23.66 -10.19
CA ALA C 358 -1.98 23.81 -9.46
C ALA C 358 -1.76 24.34 -8.04
N CYS C 359 -0.56 24.16 -7.48
CA CYS C 359 -0.22 24.76 -6.19
C CYS C 359 -0.10 26.28 -6.28
N TYR C 360 0.15 26.81 -7.48
CA TYR C 360 0.25 28.24 -7.68
C TYR C 360 -0.87 28.70 -8.60
N HIS C 361 -0.68 29.84 -9.26
CA HIS C 361 -1.61 30.40 -10.22
C HIS C 361 -1.30 29.97 -11.66
N THR C 362 -0.18 29.29 -11.86
CA THR C 362 0.36 28.99 -13.19
C THR C 362 -0.61 28.23 -14.09
N ARG C 363 -0.77 28.73 -15.32
CA ARG C 363 -1.51 27.98 -16.34
C ARG C 363 -0.60 26.94 -16.96
N PHE C 364 -1.05 25.69 -17.00
CA PHE C 364 -0.34 24.61 -17.67
C PHE C 364 -1.12 24.29 -18.94
N VAL C 365 -0.56 24.69 -20.09
CA VAL C 365 -1.22 24.61 -21.39
C VAL C 365 -0.56 23.53 -22.23
N THR C 366 -1.35 22.54 -22.68
CA THR C 366 -0.90 21.58 -23.66
C THR C 366 -1.35 22.02 -25.05
N THR C 367 -0.54 21.68 -26.06
CA THR C 367 -0.78 22.13 -27.43
C THR C 367 -0.80 21.02 -28.46
N SER C 368 -0.39 19.77 -28.11
CA SER C 368 -0.28 18.71 -29.08
C SER C 368 -1.31 17.63 -28.82
N PRO C 369 -1.92 17.07 -29.87
CA PRO C 369 -2.78 15.90 -29.67
C PRO C 369 -2.02 14.70 -29.12
N LYS C 370 -0.69 14.69 -29.23
CA LYS C 370 0.13 13.64 -28.67
C LYS C 370 0.54 13.90 -27.22
N GLY C 371 0.53 15.16 -26.78
CA GLY C 371 0.98 15.49 -25.45
C GLY C 371 -0.16 15.87 -24.52
N ARG C 372 -1.06 14.93 -24.26
CA ARG C 372 -2.20 15.19 -23.40
C ARG C 372 -1.86 14.90 -21.96
N PHE C 373 -2.28 15.79 -21.06
CA PHE C 373 -2.03 15.67 -19.63
C PHE C 373 -3.36 15.85 -18.92
N THR C 374 -3.79 14.82 -18.18
CA THR C 374 -5.03 14.94 -17.44
C THR C 374 -4.97 16.15 -16.53
N GLY C 375 -5.94 17.06 -16.69
CA GLY C 375 -6.03 18.27 -15.89
C GLY C 375 -5.41 19.50 -16.52
N ALA C 376 -4.76 19.37 -17.68
CA ALA C 376 -4.17 20.53 -18.33
C ALA C 376 -5.23 21.34 -19.07
N THR C 377 -4.89 22.59 -19.37
CA THR C 377 -5.69 23.40 -20.28
C THR C 377 -5.20 23.12 -21.70
N HIS C 378 -6.04 22.49 -22.51
CA HIS C 378 -5.64 22.07 -23.84
C HIS C 378 -6.08 23.12 -24.87
N VAL C 379 -5.10 23.66 -25.59
CA VAL C 379 -5.33 24.61 -26.68
C VAL C 379 -4.50 24.07 -27.85
N GLU C 380 -5.14 23.29 -28.71
CA GLU C 380 -4.39 22.47 -29.66
C GLU C 380 -3.91 23.31 -30.84
N VAL C 381 -2.68 23.06 -31.28
CA VAL C 381 -2.00 23.87 -32.27
C VAL C 381 -1.68 23.00 -33.48
N HIS C 382 -2.06 23.48 -34.66
CA HIS C 382 -1.71 22.91 -35.95
C HIS C 382 -1.26 24.05 -36.85
N PRO C 383 -0.61 23.76 -37.98
CA PRO C 383 -0.13 24.86 -38.85
C PRO C 383 -1.22 25.84 -39.22
N HIS C 384 -2.43 25.35 -39.50
CA HIS C 384 -3.49 26.23 -39.97
C HIS C 384 -4.01 27.18 -38.91
N ASN C 385 -3.83 26.87 -37.62
CA ASN C 385 -4.41 27.68 -36.55
C ASN C 385 -3.41 28.21 -35.53
N ALA C 386 -2.10 27.99 -35.74
CA ALA C 386 -1.12 28.29 -34.71
C ALA C 386 -1.09 29.77 -34.38
N GLN C 387 -1.19 30.63 -35.40
CA GLN C 387 -1.13 32.07 -35.16
C GLN C 387 -2.28 32.53 -34.28
N GLU C 388 -3.48 32.01 -34.54
N GLU C 388 -3.48 32.02 -34.54
CA GLU C 388 -4.64 32.39 -33.74
CA GLU C 388 -4.64 32.39 -33.73
C GLU C 388 -4.60 31.74 -32.36
C GLU C 388 -4.56 31.75 -32.35
N ARG C 389 -4.24 30.46 -32.29
CA ARG C 389 -4.24 29.74 -31.02
C ARG C 389 -3.12 30.22 -30.11
N CYS C 390 -1.95 30.55 -30.67
CA CYS C 390 -0.86 31.01 -29.82
C CYS C 390 -1.15 32.40 -29.25
N ARG C 391 -1.85 33.24 -30.02
CA ARG C 391 -2.32 34.49 -29.45
C ARG C 391 -3.25 34.23 -28.27
N GLU C 392 -4.16 33.27 -28.43
N GLU C 392 -4.17 33.27 -28.43
CA GLU C 392 -5.06 32.90 -27.34
CA GLU C 392 -5.06 32.91 -27.33
C GLU C 392 -4.29 32.42 -26.12
C GLU C 392 -4.27 32.44 -26.12
N ILE C 393 -3.23 31.64 -26.33
CA ILE C 393 -2.44 31.13 -25.20
C ILE C 393 -1.74 32.26 -24.46
N VAL C 394 -1.19 33.22 -25.20
CA VAL C 394 -0.50 34.31 -24.53
C VAL C 394 -1.48 35.14 -23.70
N MET C 395 -2.69 35.36 -24.23
CA MET C 395 -3.70 36.09 -23.47
C MET C 395 -4.05 35.35 -22.16
N LEU C 396 -4.08 34.02 -22.19
CA LEU C 396 -4.31 33.25 -20.97
C LEU C 396 -3.19 33.46 -19.96
N ALA C 397 -1.95 33.55 -20.45
CA ALA C 397 -0.81 33.78 -19.56
C ALA C 397 -0.91 35.16 -18.92
N ILE C 398 -1.32 36.17 -19.69
CA ILE C 398 -1.50 37.52 -19.15
C ILE C 398 -2.57 37.52 -18.08
N ASP C 399 -3.68 36.83 -18.34
CA ASP C 399 -4.72 36.72 -17.33
C ASP C 399 -4.20 36.02 -16.08
N ALA C 400 -3.41 34.96 -16.26
CA ALA C 400 -2.83 34.26 -15.13
C ALA C 400 -1.93 35.17 -14.31
N TYR C 401 -1.15 36.01 -14.99
CA TYR C 401 -0.26 36.96 -14.31
C TYR C 401 -1.03 37.85 -13.33
N THR C 402 -2.25 38.25 -13.70
CA THR C 402 -3.05 39.08 -12.79
C THR C 402 -3.48 38.34 -11.54
N ARG C 403 -3.34 37.02 -11.50
N ARG C 403 -3.35 37.01 -11.51
CA ARG C 403 -3.73 36.24 -10.32
CA ARG C 403 -3.72 36.21 -10.36
C ARG C 403 -2.52 35.75 -9.53
C ARG C 403 -2.53 35.76 -9.53
N ARG C 404 -1.31 36.21 -9.86
CA ARG C 404 -0.13 35.76 -9.16
C ARG C 404 -0.16 36.23 -7.71
N ASP C 405 0.27 35.37 -6.79
CA ASP C 405 0.34 35.72 -5.37
C ASP C 405 1.73 36.27 -5.10
N PRO C 406 1.91 37.58 -4.91
CA PRO C 406 3.27 38.10 -4.72
C PRO C 406 3.97 37.59 -3.47
N ALA C 407 3.23 37.08 -2.48
CA ALA C 407 3.85 36.57 -1.28
C ALA C 407 4.68 35.31 -1.53
N ARG C 408 4.44 34.60 -2.63
CA ARG C 408 5.11 33.33 -2.88
C ARG C 408 6.13 33.42 -4.00
N VAL C 409 6.50 34.62 -4.42
CA VAL C 409 7.48 34.83 -5.48
C VAL C 409 8.88 34.87 -4.88
N ASP C 410 9.79 34.08 -5.44
CA ASP C 410 11.20 34.13 -5.05
C ASP C 410 12.00 33.67 -6.27
N ILE C 411 12.47 34.62 -7.06
CA ILE C 411 13.31 34.33 -8.22
C ILE C 411 14.77 34.42 -7.78
N PRO C 412 15.53 33.31 -7.81
N PRO C 412 15.47 33.30 -7.71
CA PRO C 412 16.72 33.20 -6.94
CA PRO C 412 16.86 33.31 -7.23
C PRO C 412 18.07 33.79 -7.37
C PRO C 412 17.83 33.55 -8.36
N SER C 413 18.32 34.09 -8.65
N SER C 413 18.99 34.08 -7.97
CA SER C 413 19.69 34.29 -9.10
CA SER C 413 20.14 34.25 -8.84
C SER C 413 19.79 35.43 -10.10
C SER C 413 19.95 35.35 -9.88
N GLN C 414 21.06 35.77 -10.45
CA GLN C 414 21.23 36.67 -11.57
C GLN C 414 21.63 35.85 -12.78
N PRO C 415 21.06 36.13 -13.96
CA PRO C 415 21.33 35.28 -15.13
C PRO C 415 22.81 35.31 -15.53
N VAL C 416 23.25 34.20 -16.13
CA VAL C 416 24.64 34.04 -16.59
C VAL C 416 24.66 34.19 -18.11
N SER C 417 25.60 35.00 -18.61
CA SER C 417 25.65 35.25 -20.05
C SER C 417 26.21 34.04 -20.79
N ILE C 418 25.68 33.81 -21.99
CA ILE C 418 26.09 32.71 -22.85
C ILE C 418 26.14 33.21 -24.29
N MET C 419 26.80 32.43 -25.13
CA MET C 419 26.75 32.59 -26.58
C MET C 419 26.19 31.31 -27.18
N SER C 420 25.23 31.46 -28.09
CA SER C 420 24.56 30.32 -28.71
C SER C 420 24.65 30.48 -30.23
N GLY C 421 24.14 29.49 -30.95
CA GLY C 421 23.93 29.63 -32.37
C GLY C 421 24.96 29.00 -33.27
N PHE C 422 25.70 28.01 -32.80
CA PHE C 422 26.74 27.37 -33.61
C PHE C 422 26.17 26.21 -34.43
N SER C 423 25.37 26.57 -35.44
CA SER C 423 25.08 25.63 -36.52
C SER C 423 26.38 25.32 -37.26
N ASN C 424 26.33 24.26 -38.08
CA ASN C 424 27.49 23.98 -38.93
C ASN C 424 27.76 25.12 -39.90
N GLU C 425 26.69 25.77 -40.38
CA GLU C 425 26.84 26.94 -41.25
C GLU C 425 27.58 28.06 -40.54
N ALA C 426 27.25 28.29 -39.26
CA ALA C 426 27.94 29.31 -38.47
C ALA C 426 29.39 28.93 -38.21
N ILE C 427 29.64 27.66 -37.88
CA ILE C 427 31.01 27.19 -37.67
C ILE C 427 31.85 27.40 -38.92
N LEU C 428 31.34 26.96 -40.07
CA LEU C 428 32.07 27.12 -41.31
C LEU C 428 32.30 28.58 -41.65
N GLU C 429 31.32 29.45 -41.38
N GLU C 429 31.31 29.44 -41.40
CA GLU C 429 31.52 30.88 -41.64
CA GLU C 429 31.49 30.87 -41.62
C GLU C 429 32.62 31.45 -40.76
C GLU C 429 32.63 31.42 -40.76
N ALA C 430 32.67 31.03 -39.49
CA ALA C 430 33.74 31.49 -38.60
C ALA C 430 35.10 31.02 -39.06
N LEU C 431 35.15 29.87 -39.73
CA LEU C 431 36.40 29.33 -40.26
C LEU C 431 36.78 29.91 -41.61
N GLY C 432 35.95 30.78 -42.18
CA GLY C 432 36.23 31.37 -43.47
C GLY C 432 35.56 30.70 -44.66
N GLY C 433 34.65 29.76 -44.43
CA GLY C 433 33.91 29.13 -45.50
C GLY C 433 34.29 27.69 -45.79
N THR C 434 35.38 27.19 -45.23
CA THR C 434 35.81 25.82 -45.42
C THR C 434 36.22 25.24 -44.08
N PRO C 435 36.29 23.91 -43.95
CA PRO C 435 36.77 23.30 -42.70
C PRO C 435 38.27 23.28 -42.56
N LYS C 436 39.02 23.75 -43.56
CA LYS C 436 40.47 23.63 -43.55
C LYS C 436 41.16 24.19 -42.31
N PRO C 437 40.82 25.40 -41.82
CA PRO C 437 41.48 25.85 -40.57
C PRO C 437 41.25 24.92 -39.40
N LEU C 438 40.09 24.25 -39.34
CA LEU C 438 39.83 23.32 -38.25
C LEU C 438 40.67 22.06 -38.40
N ILE C 439 40.69 21.48 -39.61
CA ILE C 439 41.57 20.35 -39.88
C ILE C 439 43.03 20.69 -39.57
N ASP C 440 43.48 21.89 -39.96
CA ASP C 440 44.87 22.25 -39.72
C ASP C 440 45.18 22.33 -38.23
N ALA C 441 44.24 22.83 -37.43
CA ALA C 441 44.47 22.89 -35.98
C ALA C 441 44.54 21.50 -35.37
N VAL C 442 43.75 20.56 -35.88
CA VAL C 442 43.81 19.17 -35.43
C VAL C 442 45.14 18.55 -35.81
N VAL C 443 45.53 18.70 -37.09
CA VAL C 443 46.80 18.16 -37.55
C VAL C 443 47.96 18.70 -36.74
N ALA C 444 47.95 20.00 -36.43
CA ALA C 444 49.04 20.63 -35.68
C ALA C 444 49.01 20.28 -34.20
N GLY C 445 47.92 19.69 -33.71
CA GLY C 445 47.85 19.32 -32.31
C GLY C 445 47.31 20.39 -31.39
N GLN C 446 46.91 21.55 -31.92
CA GLN C 446 46.32 22.58 -31.06
C GLN C 446 44.99 22.12 -30.50
N ILE C 447 44.16 21.49 -31.33
CA ILE C 447 42.95 20.81 -30.90
C ILE C 447 43.18 19.31 -31.08
N ARG C 448 43.15 18.57 -29.97
CA ARG C 448 43.41 17.13 -30.05
C ARG C 448 42.24 16.41 -30.73
N GLY C 449 41.02 16.85 -30.43
CA GLY C 449 39.84 16.18 -30.94
C GLY C 449 38.61 16.94 -30.47
N PHE C 450 37.45 16.32 -30.66
CA PHE C 450 36.17 16.96 -30.34
C PHE C 450 35.30 15.96 -29.62
N VAL C 451 34.56 16.41 -28.61
CA VAL C 451 33.59 15.53 -27.95
C VAL C 451 32.26 16.26 -27.92
N GLY C 452 31.21 15.59 -28.41
CA GLY C 452 29.87 16.10 -28.18
C GLY C 452 29.40 15.65 -26.82
N ILE C 453 29.08 16.60 -25.94
CA ILE C 453 28.48 16.29 -24.65
C ILE C 453 27.01 16.64 -24.75
N VAL C 454 26.17 15.62 -24.61
CA VAL C 454 24.79 15.65 -25.06
C VAL C 454 23.91 15.08 -23.96
N GLY C 455 22.61 15.31 -24.06
CA GLY C 455 21.70 14.62 -23.16
C GLY C 455 21.41 15.35 -21.86
N CYS C 456 21.02 14.54 -20.86
CA CYS C 456 19.98 14.89 -19.88
C CYS C 456 20.56 15.24 -18.49
N ASN C 457 19.67 15.31 -17.50
CA ASN C 457 19.96 15.15 -16.09
C ASN C 457 19.31 13.86 -15.62
N ASN C 458 19.69 13.40 -14.42
CA ASN C 458 19.13 12.18 -13.86
C ASN C 458 19.25 12.30 -12.35
N PRO C 459 18.15 12.14 -11.59
CA PRO C 459 18.25 12.29 -10.13
C PRO C 459 19.26 11.37 -9.45
N LYS C 460 19.74 10.32 -10.14
CA LYS C 460 20.78 9.44 -9.61
C LYS C 460 22.12 10.13 -9.45
N ILE C 461 22.31 11.28 -10.11
CA ILE C 461 23.59 11.97 -10.17
C ILE C 461 23.32 13.41 -9.74
N ARG C 462 24.17 13.94 -8.84
CA ARG C 462 24.03 15.33 -8.45
C ARG C 462 23.96 16.21 -9.68
N GLN C 463 22.89 17.01 -9.77
CA GLN C 463 22.51 17.62 -11.04
C GLN C 463 23.62 18.47 -11.63
N ASP C 464 24.02 18.14 -12.86
CA ASP C 464 25.02 18.83 -13.66
C ASP C 464 26.45 18.66 -13.17
N SER C 465 26.68 17.94 -12.06
CA SER C 465 28.04 17.77 -11.55
C SER C 465 28.93 17.09 -12.58
N ALA C 466 28.44 16.03 -13.23
CA ALA C 466 29.26 15.33 -14.22
C ALA C 466 29.27 16.05 -15.55
N ASN C 467 28.14 16.65 -15.95
CA ASN C 467 28.11 17.46 -17.16
C ASN C 467 29.18 18.53 -17.12
N VAL C 468 29.27 19.25 -16.00
CA VAL C 468 30.23 20.35 -15.88
C VAL C 468 31.65 19.84 -15.74
N THR C 469 31.86 18.81 -14.91
CA THR C 469 33.23 18.37 -14.68
C THR C 469 33.84 17.78 -15.95
N LEU C 470 33.07 16.98 -16.69
CA LEU C 470 33.59 16.47 -17.96
C LEU C 470 33.91 17.59 -18.93
N THR C 471 33.04 18.60 -19.04
CA THR C 471 33.29 19.71 -19.94
C THR C 471 34.60 20.41 -19.59
N ARG C 472 34.80 20.72 -18.30
CA ARG C 472 36.02 21.38 -17.86
C ARG C 472 37.24 20.52 -18.14
N GLU C 473 37.16 19.22 -17.82
CA GLU C 473 38.29 18.33 -18.02
C GLU C 473 38.69 18.27 -19.49
N LEU C 474 37.70 18.18 -20.39
CA LEU C 474 38.03 18.02 -21.81
C LEU C 474 38.66 19.29 -22.38
N ILE C 475 38.09 20.46 -22.10
CA ILE C 475 38.67 21.68 -22.67
C ILE C 475 40.07 21.95 -22.12
N ARG C 476 40.34 21.60 -20.86
CA ARG C 476 41.69 21.74 -20.33
C ARG C 476 42.68 20.87 -21.08
N ARG C 477 42.21 19.73 -21.62
CA ARG C 477 43.02 18.80 -22.39
C ARG C 477 43.06 19.13 -23.88
N ASP C 478 42.64 20.33 -24.27
CA ASP C 478 42.66 20.77 -25.68
C ASP C 478 41.70 19.96 -26.54
N ILE C 479 40.61 19.47 -25.96
CA ILE C 479 39.54 18.79 -26.68
C ILE C 479 38.34 19.75 -26.71
N MET C 480 37.96 20.19 -27.89
CA MET C 480 36.81 21.10 -28.01
C MET C 480 35.53 20.34 -27.72
N VAL C 481 34.60 20.98 -27.03
CA VAL C 481 33.34 20.37 -26.65
C VAL C 481 32.24 20.97 -27.51
N LEU C 482 31.37 20.12 -28.04
CA LEU C 482 30.15 20.55 -28.72
C LEU C 482 28.99 20.17 -27.81
N ALA C 483 28.20 21.14 -27.37
CA ALA C 483 27.18 20.91 -26.36
C ALA C 483 25.80 21.00 -26.97
N THR C 484 24.94 20.02 -26.66
CA THR C 484 23.54 20.08 -27.07
C THR C 484 22.65 19.65 -25.91
N GLY C 485 21.34 19.91 -26.08
CA GLY C 485 20.36 19.39 -25.14
C GLY C 485 20.48 20.03 -23.78
N CYS C 486 20.25 19.23 -22.74
CA CYS C 486 20.24 19.76 -21.39
C CYS C 486 21.66 20.06 -20.88
N VAL C 487 22.68 19.53 -21.54
CA VAL C 487 24.06 19.92 -21.21
C VAL C 487 24.27 21.39 -21.48
N THR C 488 23.55 21.96 -22.46
CA THR C 488 23.70 23.37 -22.79
C THR C 488 23.56 24.23 -21.55
N THR C 489 22.53 23.99 -20.75
CA THR C 489 22.29 24.81 -19.56
C THR C 489 23.40 24.64 -18.55
N ALA C 490 23.93 23.42 -18.42
CA ALA C 490 25.02 23.16 -17.48
C ALA C 490 26.27 23.92 -17.87
N ALA C 491 26.68 23.77 -19.14
CA ALA C 491 27.86 24.50 -19.60
C ALA C 491 27.65 26.01 -19.52
N GLY C 492 26.44 26.48 -19.83
CA GLY C 492 26.15 27.90 -19.75
C GLY C 492 26.22 28.44 -18.34
N LYS C 493 25.56 27.75 -17.39
CA LYS C 493 25.61 28.17 -15.99
C LYS C 493 27.01 28.11 -15.41
N ALA C 494 27.87 27.24 -15.97
CA ALA C 494 29.26 27.16 -15.56
C ALA C 494 30.11 28.28 -16.14
N GLY C 495 29.52 29.13 -16.98
CA GLY C 495 30.25 30.22 -17.62
C GLY C 495 31.12 29.82 -18.78
N LEU C 496 30.89 28.65 -19.38
CA LEU C 496 31.80 28.11 -20.38
C LEU C 496 31.34 28.34 -21.80
N LEU C 497 30.16 28.94 -22.01
CA LEU C 497 29.64 29.18 -23.34
C LEU C 497 29.98 30.57 -23.86
N VAL C 498 31.05 31.18 -23.38
CA VAL C 498 31.42 32.51 -23.86
C VAL C 498 32.84 32.49 -24.41
N PRO C 499 33.18 33.40 -25.34
CA PRO C 499 34.55 33.40 -25.89
C PRO C 499 35.63 33.51 -24.84
N GLU C 500 35.41 34.32 -23.80
CA GLU C 500 36.45 34.49 -22.79
C GLU C 500 36.67 33.24 -21.94
N ALA C 501 35.79 32.23 -22.06
CA ALA C 501 36.05 30.94 -21.42
C ALA C 501 37.24 30.22 -22.04
N ALA C 502 37.78 30.73 -23.15
CA ALA C 502 39.02 30.17 -23.69
C ALA C 502 40.11 30.15 -22.63
N SER C 503 40.07 31.09 -21.68
CA SER C 503 41.02 31.11 -20.58
C SER C 503 40.92 29.89 -19.68
N LYS C 504 39.84 29.10 -19.79
CA LYS C 504 39.70 27.85 -19.06
C LYS C 504 40.21 26.66 -19.84
N ALA C 505 40.51 26.82 -21.12
CA ALA C 505 40.96 25.73 -21.96
C ALA C 505 42.48 25.61 -21.90
N GLY C 506 42.98 24.48 -22.39
CA GLY C 506 44.41 24.33 -22.58
C GLY C 506 44.94 25.30 -23.61
N GLU C 507 46.28 25.35 -23.70
CA GLU C 507 46.94 26.39 -24.49
C GLU C 507 46.56 26.32 -25.97
N GLY C 508 46.45 25.10 -26.52
CA GLY C 508 46.18 24.98 -27.94
C GLY C 508 44.74 25.35 -28.30
N LEU C 509 43.78 24.85 -27.54
CA LEU C 509 42.38 25.16 -27.81
C LEU C 509 42.09 26.63 -27.53
N ALA C 510 42.67 27.17 -26.47
CA ALA C 510 42.50 28.60 -26.19
C ALA C 510 43.00 29.44 -27.36
N ALA C 511 44.14 29.06 -27.96
CA ALA C 511 44.69 29.84 -29.04
C ALA C 511 43.79 29.81 -30.27
N VAL C 512 43.25 28.63 -30.59
CA VAL C 512 42.37 28.54 -31.75
C VAL C 512 41.08 29.31 -31.48
N CYS C 513 40.49 29.11 -30.30
CA CYS C 513 39.26 29.80 -29.94
C CYS C 513 39.42 31.30 -30.06
N ARG C 514 40.56 31.83 -29.57
CA ARG C 514 40.76 33.28 -29.63
C ARG C 514 40.94 33.76 -31.05
N SER C 515 41.59 32.95 -31.90
CA SER C 515 41.77 33.35 -33.29
C SER C 515 40.44 33.43 -34.01
N LEU C 516 39.51 32.53 -33.67
CA LEU C 516 38.20 32.51 -34.30
C LEU C 516 37.18 33.38 -33.59
N GLY C 517 37.46 33.76 -32.34
CA GLY C 517 36.49 34.49 -31.53
C GLY C 517 35.34 33.66 -31.00
N VAL C 518 35.55 32.37 -30.77
CA VAL C 518 34.47 31.46 -30.37
C VAL C 518 34.78 30.89 -28.99
N PRO C 519 33.76 30.41 -28.28
CA PRO C 519 33.98 29.74 -26.99
C PRO C 519 34.67 28.40 -27.21
N PRO C 520 35.24 27.81 -26.15
CA PRO C 520 35.76 26.43 -26.27
C PRO C 520 34.67 25.38 -26.22
N VAL C 521 33.46 25.78 -25.88
CA VAL C 521 32.30 24.91 -25.86
C VAL C 521 31.29 25.55 -26.80
N LEU C 522 30.99 24.89 -27.92
CA LEU C 522 30.09 25.42 -28.94
C LEU C 522 28.69 24.86 -28.71
N HIS C 523 27.72 25.74 -28.53
CA HIS C 523 26.33 25.32 -28.43
C HIS C 523 25.81 24.99 -29.82
N MET C 524 25.54 23.71 -30.09
CA MET C 524 25.09 23.29 -31.41
C MET C 524 23.60 22.97 -31.47
N GLY C 525 22.88 23.13 -30.36
CA GLY C 525 21.43 23.11 -30.41
C GLY C 525 20.74 22.14 -29.48
N SER C 526 19.58 21.69 -29.93
CA SER C 526 18.69 20.81 -29.19
C SER C 526 19.13 19.36 -29.42
N CYS C 527 18.33 18.41 -28.92
N CYS C 527 18.32 18.41 -28.93
CA CYS C 527 18.70 17.01 -29.10
CA CYS C 527 18.67 17.00 -29.07
C CYS C 527 18.59 16.57 -30.54
C CYS C 527 18.55 16.53 -30.51
N VAL C 528 17.59 17.07 -31.28
CA VAL C 528 17.52 16.71 -32.70
C VAL C 528 18.76 17.22 -33.41
N ASP C 529 19.32 18.35 -32.93
CA ASP C 529 20.49 18.99 -33.51
C ASP C 529 21.78 18.20 -33.28
N ASN C 530 21.73 17.08 -32.56
CA ASN C 530 22.85 16.15 -32.64
C ASN C 530 23.05 15.67 -34.08
N SER C 531 22.03 15.81 -34.92
CA SER C 531 22.21 15.54 -36.35
C SER C 531 23.25 16.47 -36.96
N ARG C 532 23.36 17.70 -36.44
CA ARG C 532 24.42 18.59 -36.90
C ARG C 532 25.79 17.98 -36.62
N ILE C 533 25.95 17.33 -35.47
CA ILE C 533 27.22 16.69 -35.16
C ILE C 533 27.50 15.56 -36.15
N LEU C 534 26.49 14.77 -36.48
CA LEU C 534 26.69 13.75 -37.52
C LEU C 534 27.10 14.39 -38.84
N GLN C 535 26.42 15.47 -39.23
CA GLN C 535 26.75 16.15 -40.47
C GLN C 535 28.20 16.64 -40.48
N LEU C 536 28.65 17.21 -39.35
CA LEU C 536 30.00 17.74 -39.28
C LEU C 536 31.03 16.62 -39.35
N CYS C 537 30.80 15.54 -38.61
CA CYS C 537 31.69 14.38 -38.67
C CYS C 537 31.76 13.84 -40.09
N ALA C 538 30.60 13.69 -40.75
CA ALA C 538 30.60 13.19 -42.12
C ALA C 538 31.36 14.11 -43.06
N LEU C 539 31.21 15.42 -42.89
CA LEU C 539 31.93 16.38 -43.72
C LEU C 539 33.44 16.27 -43.51
N LEU C 540 33.89 16.17 -42.25
CA LEU C 540 35.31 16.05 -41.99
C LEU C 540 35.86 14.75 -42.59
N ALA C 541 35.12 13.66 -42.45
CA ALA C 541 35.62 12.37 -42.93
C ALA C 541 35.66 12.33 -44.45
N THR C 542 34.62 12.85 -45.10
N THR C 542 34.63 12.86 -45.10
CA THR C 542 34.62 12.92 -46.56
CA THR C 542 34.63 12.91 -46.57
C THR C 542 35.74 13.81 -47.07
C THR C 542 35.73 13.82 -47.09
N THR C 543 35.98 14.95 -46.41
CA THR C 543 37.05 15.85 -46.82
C THR C 543 38.41 15.17 -46.72
N LEU C 544 38.62 14.42 -45.64
CA LEU C 544 39.88 13.71 -45.42
C LEU C 544 39.93 12.37 -46.16
N GLY C 545 38.82 11.89 -46.70
CA GLY C 545 38.82 10.61 -47.38
C GLY C 545 38.94 9.43 -46.47
N VAL C 546 38.37 9.52 -45.27
CA VAL C 546 38.43 8.49 -44.24
C VAL C 546 37.01 8.21 -43.75
N ASP C 547 36.89 7.28 -42.81
CA ASP C 547 35.61 7.00 -42.18
C ASP C 547 35.44 7.91 -40.97
N ILE C 548 34.19 8.04 -40.50
CA ILE C 548 33.94 8.72 -39.24
C ILE C 548 34.70 8.02 -38.11
N SER C 549 34.83 6.69 -38.20
CA SER C 549 35.53 5.90 -37.19
C SER C 549 37.04 6.12 -37.21
N ASP C 550 37.55 6.94 -38.13
CA ASP C 550 38.95 7.33 -38.14
C ASP C 550 39.18 8.70 -37.51
N LEU C 551 38.10 9.43 -37.17
CA LEU C 551 38.24 10.81 -36.70
C LEU C 551 38.45 10.87 -35.19
N PRO C 552 39.20 11.85 -34.71
CA PRO C 552 39.38 12.03 -33.25
C PRO C 552 38.18 12.74 -32.64
N VAL C 553 37.11 11.95 -32.48
CA VAL C 553 35.83 12.42 -31.97
C VAL C 553 35.32 11.46 -30.91
N GLY C 554 34.36 11.93 -30.14
CA GLY C 554 33.69 11.12 -29.15
C GLY C 554 32.38 11.80 -28.81
N ALA C 555 31.53 11.08 -28.08
CA ALA C 555 30.29 11.61 -27.57
C ALA C 555 30.11 11.14 -26.14
N SER C 556 29.36 11.91 -25.37
CA SER C 556 29.16 11.56 -23.97
C SER C 556 27.83 12.12 -23.49
N SER C 557 27.07 11.29 -22.75
CA SER C 557 25.95 11.77 -21.95
C SER C 557 26.16 11.34 -20.51
N PRO C 558 26.82 12.18 -19.71
CA PRO C 558 27.13 11.77 -18.33
C PRO C 558 25.91 11.61 -17.42
N GLU C 559 24.79 12.25 -17.71
CA GLU C 559 23.63 12.24 -16.82
C GLU C 559 22.35 11.89 -17.58
N TRP C 560 22.43 10.96 -18.53
CA TRP C 560 21.28 10.68 -19.39
C TRP C 560 20.17 9.99 -18.60
N TYR C 561 18.94 10.11 -19.11
CA TYR C 561 17.81 9.37 -18.57
C TYR C 561 16.89 8.78 -19.63
N SER C 562 16.73 9.40 -20.80
CA SER C 562 15.60 9.13 -21.68
C SER C 562 15.90 8.05 -22.72
N GLU C 563 14.82 7.49 -23.25
CA GLU C 563 14.93 6.63 -24.43
C GLU C 563 15.57 7.37 -25.60
N LYS C 564 15.23 8.65 -25.77
CA LYS C 564 15.84 9.46 -26.84
C LYS C 564 17.36 9.52 -26.70
N ALA C 565 17.87 9.67 -25.48
CA ALA C 565 19.31 9.76 -25.29
C ALA C 565 19.97 8.43 -25.66
N ALA C 566 19.32 7.31 -25.34
CA ALA C 566 19.88 6.02 -25.70
C ALA C 566 19.92 5.85 -27.21
N ALA C 567 18.88 6.32 -27.91
CA ALA C 567 18.86 6.27 -29.37
C ALA C 567 19.98 7.12 -29.96
N ILE C 568 20.17 8.33 -29.43
CA ILE C 568 21.29 9.18 -29.84
C ILE C 568 22.62 8.46 -29.63
N ALA C 569 22.84 7.93 -28.42
CA ALA C 569 24.09 7.21 -28.17
C ALA C 569 24.26 6.05 -29.13
N MET C 570 23.19 5.33 -29.44
CA MET C 570 23.29 4.20 -30.36
C MET C 570 23.61 4.66 -31.78
N TYR C 571 23.00 5.74 -32.25
CA TYR C 571 23.33 6.17 -33.61
C TYR C 571 24.72 6.78 -33.69
N ALA C 572 25.22 7.37 -32.59
CA ALA C 572 26.59 7.82 -32.56
C ALA C 572 27.55 6.65 -32.69
N VAL C 573 27.34 5.62 -31.87
CA VAL C 573 28.18 4.42 -31.90
C VAL C 573 28.12 3.78 -33.27
N ALA C 574 26.91 3.60 -33.81
CA ALA C 574 26.76 2.94 -35.10
C ALA C 574 27.36 3.76 -36.24
N SER C 575 27.54 5.07 -36.04
CA SER C 575 28.20 5.91 -37.02
C SER C 575 29.71 5.99 -36.84
N GLY C 576 30.27 5.32 -35.83
CA GLY C 576 31.70 5.30 -35.62
C GLY C 576 32.24 6.21 -34.54
N ILE C 577 31.38 6.73 -33.67
CA ILE C 577 31.74 7.70 -32.64
C ILE C 577 31.75 6.97 -31.29
N PRO C 578 32.89 6.83 -30.62
CA PRO C 578 32.89 6.22 -29.28
C PRO C 578 32.02 7.07 -28.36
N THR C 579 31.15 6.42 -27.58
CA THR C 579 30.13 7.14 -26.82
C THR C 579 30.10 6.69 -25.37
N HIS C 580 30.25 7.65 -24.47
CA HIS C 580 30.26 7.42 -23.03
C HIS C 580 28.90 7.72 -22.43
N LEU C 581 28.43 6.84 -21.53
CA LEU C 581 27.24 7.07 -20.71
C LEU C 581 27.65 7.04 -19.24
N GLY C 582 27.12 7.97 -18.45
CA GLY C 582 27.47 7.98 -17.04
C GLY C 582 26.82 6.85 -16.25
N LEU C 583 25.70 6.34 -16.73
CA LEU C 583 24.90 5.32 -16.07
C LEU C 583 24.60 4.20 -17.08
N PRO C 584 24.46 2.97 -16.61
CA PRO C 584 24.21 1.86 -17.54
C PRO C 584 22.74 1.81 -17.92
N PRO C 585 22.43 1.54 -19.19
CA PRO C 585 21.08 1.08 -19.53
C PRO C 585 20.79 -0.21 -18.76
N ASN C 586 19.51 -0.58 -18.71
CA ASN C 586 19.07 -1.78 -17.98
C ASN C 586 19.38 -3.05 -18.78
N ILE C 587 20.66 -3.38 -18.85
CA ILE C 587 21.15 -4.51 -19.65
C ILE C 587 22.10 -5.42 -18.89
N LEU C 588 22.48 -5.06 -17.65
CA LEU C 588 23.56 -5.80 -17.00
C LEU C 588 23.19 -7.24 -16.65
N GLY C 589 21.90 -7.58 -16.68
CA GLY C 589 21.46 -8.96 -16.51
C GLY C 589 21.91 -9.90 -17.60
N SER C 590 22.43 -9.39 -18.72
CA SER C 590 22.99 -10.22 -19.78
C SER C 590 24.44 -9.81 -19.95
N GLU C 591 25.36 -10.70 -19.56
CA GLU C 591 26.77 -10.43 -19.80
C GLU C 591 27.06 -10.34 -21.29
N ASN C 592 26.38 -11.15 -22.11
CA ASN C 592 26.64 -11.14 -23.56
C ASN C 592 26.18 -9.84 -24.22
N VAL C 593 25.00 -9.36 -23.87
CA VAL C 593 24.54 -8.07 -24.40
C VAL C 593 25.45 -6.94 -23.93
N THR C 594 25.81 -6.96 -22.65
CA THR C 594 26.70 -5.94 -22.08
C THR C 594 28.05 -5.97 -22.78
N ALA C 595 28.61 -7.15 -23.00
CA ALA C 595 29.91 -7.26 -23.66
C ALA C 595 29.84 -6.76 -25.10
N MET C 596 28.72 -7.02 -25.77
CA MET C 596 28.55 -6.49 -27.13
C MET C 596 28.53 -4.96 -27.13
N ALA C 597 27.77 -4.37 -26.19
CA ALA C 597 27.69 -2.93 -26.13
C ALA C 597 29.04 -2.30 -25.84
N LEU C 598 29.81 -2.89 -24.91
CA LEU C 598 31.02 -2.26 -24.44
C LEU C 598 32.25 -2.65 -25.24
N HIS C 599 32.19 -3.76 -25.99
CA HIS C 599 33.39 -4.29 -26.62
C HIS C 599 33.11 -4.83 -28.01
N GLY C 600 32.10 -5.71 -28.12
CA GLY C 600 31.83 -6.36 -29.39
C GLY C 600 31.57 -5.40 -30.54
N LEU C 601 30.84 -4.31 -30.27
CA LEU C 601 30.51 -3.39 -31.36
C LEU C 601 31.74 -2.72 -31.96
N GLN C 602 32.84 -2.61 -31.19
CA GLN C 602 34.06 -2.06 -31.74
C GLN C 602 34.47 -2.78 -33.02
N ASP C 603 34.27 -4.10 -33.08
CA ASP C 603 34.64 -4.90 -34.24
C ASP C 603 33.52 -5.02 -35.27
N VAL C 604 32.40 -4.36 -35.03
CA VAL C 604 31.28 -4.33 -35.96
C VAL C 604 31.19 -2.97 -36.66
N VAL C 605 31.10 -1.89 -35.88
CA VAL C 605 30.90 -0.54 -36.42
C VAL C 605 32.08 0.39 -36.16
N GLY C 606 33.13 -0.08 -35.48
CA GLY C 606 34.30 0.75 -35.26
C GLY C 606 34.20 1.68 -34.08
N ALA C 607 33.24 1.45 -33.20
CA ALA C 607 33.05 2.23 -31.97
C ALA C 607 32.22 1.38 -31.02
N ALA C 608 32.19 1.80 -29.74
CA ALA C 608 31.43 1.08 -28.72
C ALA C 608 30.96 2.05 -27.65
N PHE C 609 30.06 1.56 -26.80
CA PHE C 609 29.62 2.29 -25.62
C PHE C 609 30.66 2.16 -24.51
N MET C 610 30.68 3.15 -23.63
CA MET C 610 31.41 3.12 -22.36
C MET C 610 30.43 3.52 -21.28
N VAL C 611 30.57 2.92 -20.09
CA VAL C 611 29.77 3.30 -18.92
C VAL C 611 30.72 3.63 -17.79
N GLU C 612 30.67 4.86 -17.32
CA GLU C 612 31.63 5.31 -16.31
C GLU C 612 31.05 6.49 -15.53
N PRO C 613 30.76 6.33 -14.24
CA PRO C 613 30.12 7.42 -13.48
C PRO C 613 31.09 8.48 -12.98
N ASP C 614 32.39 8.24 -13.02
CA ASP C 614 33.37 9.24 -12.59
C ASP C 614 33.71 10.09 -13.81
N PRO C 615 33.34 11.36 -13.85
CA PRO C 615 33.57 12.15 -15.07
C PRO C 615 35.03 12.40 -15.39
N VAL C 616 35.91 12.36 -14.39
CA VAL C 616 37.34 12.48 -14.67
C VAL C 616 37.84 11.23 -15.37
N LYS C 617 37.39 10.06 -14.90
CA LYS C 617 37.74 8.82 -15.58
C LYS C 617 37.11 8.76 -16.97
N ALA C 618 35.90 9.30 -17.12
CA ALA C 618 35.30 9.38 -18.45
C ALA C 618 36.15 10.24 -19.38
N ALA C 619 36.65 11.37 -18.88
CA ALA C 619 37.55 12.20 -19.69
C ALA C 619 38.79 11.42 -20.10
N ASP C 620 39.36 10.64 -19.18
CA ASP C 620 40.52 9.82 -19.52
C ASP C 620 40.20 8.84 -20.64
N MET C 621 39.01 8.22 -20.61
CA MET C 621 38.67 7.22 -21.62
C MET C 621 38.38 7.87 -22.96
N LEU C 622 37.71 9.02 -22.96
CA LEU C 622 37.45 9.73 -24.21
C LEU C 622 38.74 10.25 -24.82
N GLU C 623 39.63 10.79 -23.98
CA GLU C 623 40.93 11.21 -24.46
C GLU C 623 41.69 10.04 -25.06
N ALA C 624 41.63 8.87 -24.42
CA ALA C 624 42.36 7.71 -24.93
C ALA C 624 41.90 7.33 -26.33
N HIS C 625 40.58 7.39 -26.58
CA HIS C 625 40.09 7.14 -27.94
C HIS C 625 40.60 8.18 -28.91
N ILE C 626 40.58 9.45 -28.50
CA ILE C 626 41.11 10.51 -29.36
C ILE C 626 42.59 10.28 -29.69
N VAL C 627 43.38 9.90 -28.67
CA VAL C 627 44.79 9.59 -28.91
C VAL C 627 44.94 8.46 -29.93
N ALA C 628 44.11 7.43 -29.83
CA ALA C 628 44.22 6.30 -30.76
C ALA C 628 43.80 6.71 -32.17
N ARG C 629 42.77 7.55 -32.28
N ARG C 629 42.77 7.55 -32.29
CA ARG C 629 42.31 8.01 -33.59
CA ARG C 629 42.36 7.96 -33.63
C ARG C 629 43.35 8.90 -34.25
C ARG C 629 43.34 8.93 -34.27
N ARG C 630 43.99 9.79 -33.48
CA ARG C 630 45.08 10.58 -34.03
C ARG C 630 46.19 9.68 -34.59
N ALA C 631 46.49 8.59 -33.88
CA ALA C 631 47.50 7.66 -34.37
C ALA C 631 47.05 6.98 -35.66
N ARG C 632 45.76 6.60 -35.73
CA ARG C 632 45.20 6.04 -36.95
C ARG C 632 45.32 7.01 -38.13
N LEU C 633 45.27 8.33 -37.87
CA LEU C 633 45.46 9.31 -38.92
C LEU C 633 46.93 9.62 -39.18
N GLY C 634 47.83 9.04 -38.40
CA GLY C 634 49.25 9.26 -38.60
C GLY C 634 49.75 10.59 -38.10
N LEU C 635 49.04 11.23 -37.17
CA LEU C 635 49.45 12.54 -36.69
C LEU C 635 50.62 12.42 -35.71
N THR C 636 51.57 13.34 -35.81
CA THR C 636 52.80 13.31 -35.01
C THR C 636 52.89 14.44 -34.00
N SER C 637 51.81 15.17 -33.78
CA SER C 637 51.88 16.44 -33.06
C SER C 637 51.32 16.33 -31.64
N SER D 11 -2.71 -41.44 -18.93
CA SER D 11 -1.75 -40.40 -18.60
C SER D 11 -2.02 -39.82 -17.21
N SER D 12 -1.04 -39.09 -16.67
CA SER D 12 -1.12 -38.64 -15.29
C SER D 12 -2.21 -37.57 -15.14
N LYS D 13 -2.60 -37.33 -13.88
CA LYS D 13 -3.54 -36.25 -13.59
C LYS D 13 -2.99 -34.90 -14.05
N THR D 14 -1.70 -34.67 -13.80
CA THR D 14 -1.08 -33.40 -14.21
C THR D 14 -1.16 -33.25 -15.72
N ILE D 15 -0.87 -34.32 -16.45
CA ILE D 15 -0.90 -34.24 -17.90
C ILE D 15 -2.32 -34.03 -18.41
N ARG D 16 -3.30 -34.70 -17.79
CA ARG D 16 -4.68 -34.47 -18.19
C ARG D 16 -5.16 -33.05 -17.89
N SER D 17 -4.54 -32.38 -16.93
CA SER D 17 -4.90 -30.99 -16.65
C SER D 17 -4.27 -30.01 -17.62
N ARG D 18 -3.29 -30.45 -18.41
CA ARG D 18 -2.54 -29.56 -19.30
C ARG D 18 -3.17 -29.46 -20.68
N SER D 19 -3.91 -30.47 -21.12
CA SER D 19 -4.53 -30.43 -22.44
C SER D 19 -5.72 -31.37 -22.42
N ILE D 20 -6.66 -31.14 -23.35
CA ILE D 20 -7.80 -32.05 -23.52
C ILE D 20 -7.54 -33.17 -24.53
N TRP D 21 -6.41 -33.15 -25.22
CA TRP D 21 -6.21 -33.98 -26.41
C TRP D 21 -5.36 -35.21 -26.13
N ASP D 22 -5.74 -36.33 -26.75
CA ASP D 22 -4.97 -37.56 -26.62
C ASP D 22 -3.57 -37.43 -27.21
N ASP D 23 -3.43 -36.76 -28.37
CA ASP D 23 -2.08 -36.61 -28.93
C ASP D 23 -1.18 -35.80 -28.01
N ALA D 24 -1.72 -34.74 -27.40
CA ALA D 24 -0.97 -33.96 -26.43
C ALA D 24 -0.62 -34.79 -25.20
N HIS D 25 -1.59 -35.56 -24.67
CA HIS D 25 -1.28 -36.41 -23.51
C HIS D 25 -0.14 -37.37 -23.80
N ALA D 26 -0.17 -37.98 -24.98
CA ALA D 26 0.83 -38.99 -25.32
C ALA D 26 2.22 -38.37 -25.43
N MET D 27 2.31 -37.18 -26.05
CA MET D 27 3.61 -36.55 -26.19
C MET D 27 4.10 -35.92 -24.90
N LEU D 28 3.18 -35.46 -24.04
CA LEU D 28 3.59 -34.97 -22.72
C LEU D 28 4.15 -36.10 -21.85
N GLU D 29 3.55 -37.29 -21.94
CA GLU D 29 4.11 -38.46 -21.26
C GLU D 29 5.50 -38.77 -21.79
N LYS D 30 5.67 -38.74 -23.11
CA LYS D 30 6.97 -39.01 -23.71
C LYS D 30 7.99 -37.94 -23.31
N ALA D 31 7.58 -36.67 -23.35
CA ALA D 31 8.48 -35.58 -22.94
C ALA D 31 8.86 -35.72 -21.46
N LYS D 32 7.88 -36.08 -20.63
CA LYS D 32 8.13 -36.27 -19.20
C LYS D 32 9.19 -37.35 -18.97
N ALA D 33 9.05 -38.48 -19.64
CA ALA D 33 10.00 -39.58 -19.46
C ALA D 33 11.39 -39.21 -19.96
N GLU D 34 11.49 -38.41 -21.03
CA GLU D 34 12.77 -38.07 -21.62
C GLU D 34 13.42 -36.85 -21.01
N GLY D 35 12.75 -36.17 -20.08
CA GLY D 35 13.32 -34.98 -19.47
C GLY D 35 13.25 -33.74 -20.33
N ILE D 36 12.31 -33.67 -21.26
CA ILE D 36 12.18 -32.51 -22.14
C ILE D 36 11.31 -31.46 -21.47
N SER D 37 11.84 -30.25 -21.37
CA SER D 37 11.13 -29.11 -20.79
C SER D 37 10.15 -28.54 -21.80
N THR D 38 8.87 -28.45 -21.43
CA THR D 38 7.85 -27.86 -22.28
C THR D 38 7.41 -26.51 -21.75
N VAL D 39 6.57 -25.86 -22.55
CA VAL D 39 5.98 -24.58 -22.18
C VAL D 39 5.22 -24.68 -20.86
N TRP D 40 4.58 -25.83 -20.59
CA TRP D 40 3.85 -25.98 -19.33
C TRP D 40 4.81 -26.04 -18.14
N ASP D 41 5.95 -26.72 -18.30
CA ASP D 41 6.93 -26.79 -17.22
C ASP D 41 7.49 -25.42 -16.90
N ARG D 42 7.77 -24.62 -17.93
CA ARG D 42 8.33 -23.30 -17.69
C ARG D 42 7.27 -22.35 -17.13
N ALA D 43 6.01 -22.51 -17.53
CA ALA D 43 4.94 -21.74 -16.92
C ALA D 43 4.88 -21.97 -15.42
N ALA D 44 4.99 -23.23 -14.98
CA ALA D 44 4.98 -23.49 -13.54
C ALA D 44 6.17 -22.84 -12.85
N GLU D 45 7.33 -22.83 -13.51
CA GLU D 45 8.51 -22.19 -12.93
C GLU D 45 8.29 -20.70 -12.76
N GLN D 46 7.56 -20.06 -13.68
CA GLN D 46 7.27 -18.64 -13.63
C GLN D 46 6.02 -18.30 -12.83
N THR D 47 5.48 -19.26 -12.08
CA THR D 47 4.35 -19.05 -11.19
C THR D 47 4.81 -19.24 -9.76
N PRO D 48 4.59 -18.28 -8.85
CA PRO D 48 3.83 -17.03 -9.06
C PRO D 48 4.60 -15.99 -9.87
N ALA D 49 3.85 -15.12 -10.55
CA ALA D 49 4.46 -14.04 -11.32
C ALA D 49 4.66 -12.81 -10.45
N CYS D 50 5.51 -11.90 -10.94
CA CYS D 50 5.66 -10.60 -10.30
C CYS D 50 4.33 -9.88 -10.28
N LYS D 51 3.92 -9.44 -9.09
CA LYS D 51 2.60 -8.83 -8.95
C LYS D 51 2.50 -7.50 -9.70
N PHE D 52 3.56 -6.69 -9.70
CA PHE D 52 3.50 -5.43 -10.42
C PHE D 52 3.44 -5.65 -11.92
N CYS D 53 4.28 -6.57 -12.43
CA CYS D 53 4.22 -6.92 -13.85
C CYS D 53 2.83 -7.42 -14.23
N GLU D 54 2.23 -8.29 -13.42
CA GLU D 54 0.91 -8.83 -13.75
C GLU D 54 -0.16 -7.73 -13.75
N LEU D 55 -0.05 -6.77 -12.84
CA LEU D 55 -1.04 -5.69 -12.74
C LEU D 55 -0.81 -4.58 -13.74
N GLY D 56 0.37 -4.53 -14.34
CA GLY D 56 0.75 -3.47 -15.25
C GLY D 56 1.32 -2.24 -14.56
N THR D 57 1.51 -2.29 -13.25
CA THR D 57 1.92 -1.13 -12.45
C THR D 57 3.42 -1.08 -12.25
N THR D 58 4.14 -1.23 -13.36
CA THR D 58 5.60 -1.16 -13.37
C THR D 58 6.01 -0.51 -14.68
N CYS D 59 7.05 0.30 -14.63
CA CYS D 59 7.45 1.06 -15.81
C CYS D 59 8.96 1.03 -15.92
N ARG D 60 9.44 0.78 -17.15
CA ARG D 60 10.86 0.72 -17.44
C ARG D 60 11.19 1.63 -18.62
N ASN D 61 10.42 2.70 -18.79
CA ASN D 61 10.54 3.53 -19.99
C ASN D 61 11.64 4.58 -19.91
N CYS D 62 12.32 4.71 -18.78
CA CYS D 62 13.51 5.56 -18.71
C CYS D 62 14.35 5.12 -17.52
N ILE D 63 15.56 5.66 -17.40
CA ILE D 63 16.44 5.26 -16.30
C ILE D 63 16.44 6.28 -15.15
N MET D 64 15.46 7.20 -15.10
CA MET D 64 15.07 7.71 -13.79
C MET D 64 14.44 6.61 -12.97
N GLY D 65 13.76 5.69 -13.64
CA GLY D 65 13.24 4.48 -13.04
C GLY D 65 14.32 3.42 -13.00
N PRO D 66 13.92 2.13 -12.96
CA PRO D 66 12.54 1.67 -13.15
C PRO D 66 11.64 1.95 -11.95
N CYS D 67 10.33 2.02 -12.19
CA CYS D 67 9.36 2.42 -11.19
C CYS D 67 8.31 1.34 -11.00
N ARG D 68 7.80 1.25 -9.77
CA ARG D 68 6.63 0.43 -9.45
C ARG D 68 5.61 1.32 -8.76
N ILE D 69 4.33 1.07 -9.02
CA ILE D 69 3.25 1.81 -8.37
C ILE D 69 2.57 0.86 -7.39
N ALA D 70 2.58 1.23 -6.11
CA ALA D 70 1.88 0.51 -5.08
C ALA D 70 0.69 1.34 -4.60
N ASN D 71 -0.21 0.67 -3.88
CA ASN D 71 -1.35 1.30 -3.22
C ASN D 71 -1.12 1.11 -1.73
N ARG D 72 -0.37 2.03 -1.12
CA ARG D 72 0.14 1.85 0.23
C ARG D 72 -0.46 2.84 1.20
N LYS D 73 -0.53 2.42 2.47
CA LYS D 73 -1.11 3.25 3.51
C LYS D 73 -0.33 4.55 3.68
N ASP D 74 1.00 4.46 3.70
CA ASP D 74 1.82 5.66 3.90
C ASP D 74 1.88 6.56 2.67
N GLY D 75 1.27 6.16 1.55
CA GLY D 75 1.24 6.99 0.37
C GLY D 75 2.48 6.95 -0.50
N LYS D 76 3.52 6.24 -0.10
CA LYS D 76 4.71 6.23 -0.93
C LYS D 76 4.52 5.30 -2.13
N MET D 77 5.31 5.58 -3.17
CA MET D 77 5.29 4.82 -4.43
C MET D 77 3.94 4.89 -5.13
N ARG D 78 3.21 5.99 -4.92
CA ARG D 78 2.00 6.24 -5.69
C ARG D 78 2.31 6.70 -7.10
N LEU D 79 3.46 7.34 -7.31
CA LEU D 79 3.81 7.93 -8.60
C LEU D 79 5.20 7.49 -9.00
N GLY D 80 5.43 7.44 -10.31
CA GLY D 80 6.77 7.21 -10.82
C GLY D 80 7.64 8.43 -10.60
N VAL D 81 8.94 8.26 -10.88
CA VAL D 81 9.89 9.35 -10.65
C VAL D 81 9.48 10.59 -11.44
N CYS D 82 8.99 10.42 -12.67
CA CYS D 82 8.54 11.56 -13.47
C CYS D 82 7.19 12.12 -13.03
N GLY D 83 6.52 11.48 -12.07
CA GLY D 83 5.20 11.91 -11.65
C GLY D 83 4.04 11.13 -12.24
N ALA D 84 4.30 10.16 -13.13
CA ALA D 84 3.22 9.41 -13.77
C ALA D 84 2.51 8.54 -12.75
N ASP D 85 1.18 8.46 -12.88
CA ASP D 85 0.35 7.66 -12.00
C ASP D 85 0.06 6.28 -12.60
N ALA D 86 -0.69 5.47 -11.86
CA ALA D 86 -0.94 4.11 -12.30
C ALA D 86 -1.74 4.08 -13.60
N ASP D 87 -2.68 5.02 -13.76
CA ASP D 87 -3.49 5.06 -14.97
C ASP D 87 -2.62 5.29 -16.20
N VAL D 88 -1.69 6.25 -16.11
CA VAL D 88 -0.80 6.52 -17.24
C VAL D 88 0.13 5.34 -17.49
N ILE D 89 0.74 4.80 -16.44
CA ILE D 89 1.70 3.72 -16.61
C ILE D 89 1.05 2.49 -17.22
N VAL D 90 -0.13 2.11 -16.71
CA VAL D 90 -0.82 0.93 -17.24
C VAL D 90 -1.23 1.17 -18.69
N ALA D 91 -1.75 2.36 -18.97
CA ALA D 91 -2.20 2.67 -20.33
C ALA D 91 -1.04 2.70 -21.33
N ARG D 92 0.11 3.26 -20.95
CA ARG D 92 1.25 3.23 -21.84
C ARG D 92 1.71 1.80 -22.09
N ASN D 93 1.74 0.98 -21.03
CA ASN D 93 2.15 -0.40 -21.18
C ASN D 93 1.22 -1.15 -22.12
N PHE D 94 -0.09 -0.96 -21.94
CA PHE D 94 -1.06 -1.60 -22.82
C PHE D 94 -0.93 -1.07 -24.26
N GLY D 95 -0.62 0.21 -24.41
CA GLY D 95 -0.47 0.77 -25.75
C GLY D 95 0.71 0.18 -26.49
N ARG D 96 1.85 0.05 -25.81
CA ARG D 96 3.02 -0.60 -26.42
C ARG D 96 2.73 -2.08 -26.73
N PHE D 97 1.97 -2.74 -25.86
CA PHE D 97 1.59 -4.14 -26.08
C PHE D 97 0.81 -4.27 -27.38
N ILE D 98 -0.22 -3.43 -27.54
N ILE D 98 -0.21 -3.42 -27.56
CA ILE D 98 -1.00 -3.39 -28.79
CA ILE D 98 -0.98 -3.42 -28.80
C ILE D 98 -0.09 -3.07 -29.98
C ILE D 98 -0.11 -3.06 -30.00
N ALA D 99 0.82 -2.12 -29.81
CA ALA D 99 1.70 -1.75 -30.91
C ALA D 99 2.56 -2.91 -31.37
N GLY D 100 3.04 -3.72 -30.43
CA GLY D 100 3.79 -4.90 -30.83
C GLY D 100 2.98 -5.86 -31.69
N GLY D 101 1.71 -6.04 -31.35
CA GLY D 101 0.86 -6.91 -32.14
C GLY D 101 0.59 -6.34 -33.53
N ALA D 102 0.25 -5.04 -33.57
CA ALA D 102 0.03 -4.40 -34.87
C ALA D 102 1.28 -4.47 -35.73
N ALA D 103 2.46 -4.34 -35.11
CA ALA D 103 3.70 -4.38 -35.87
C ALA D 103 3.94 -5.76 -36.48
N GLY D 104 3.55 -6.83 -35.78
CA GLY D 104 3.71 -8.15 -36.37
C GLY D 104 2.91 -8.29 -37.65
N HIS D 105 1.66 -7.83 -37.63
CA HIS D 105 0.84 -7.88 -38.83
C HIS D 105 1.29 -6.86 -39.87
N SER D 106 1.85 -5.74 -39.43
CA SER D 106 2.36 -4.74 -40.38
C SER D 106 3.45 -5.33 -41.26
N ASP D 107 4.45 -5.94 -40.64
CA ASP D 107 5.57 -6.48 -41.39
C ASP D 107 5.12 -7.64 -42.26
N HIS D 108 4.15 -8.42 -41.80
CA HIS D 108 3.61 -9.51 -42.60
C HIS D 108 3.01 -8.96 -43.89
N GLY D 109 2.11 -7.98 -43.79
CA GLY D 109 1.51 -7.41 -44.99
C GLY D 109 2.54 -6.73 -45.88
N ARG D 110 3.51 -6.05 -45.27
CA ARG D 110 4.57 -5.42 -46.05
C ARG D 110 5.31 -6.45 -46.91
N ASP D 111 5.62 -7.62 -46.34
CA ASP D 111 6.28 -8.67 -47.09
C ASP D 111 5.46 -9.10 -48.30
N LEU D 112 4.13 -9.16 -48.16
CA LEU D 112 3.29 -9.50 -49.30
C LEU D 112 3.34 -8.43 -50.37
N ILE D 113 3.38 -7.15 -49.98
CA ILE D 113 3.52 -6.10 -50.99
C ILE D 113 4.82 -6.29 -51.75
N GLU D 114 5.91 -6.54 -51.02
N GLU D 114 5.91 -6.53 -51.02
CA GLU D 114 7.21 -6.70 -51.66
CA GLU D 114 7.22 -6.71 -51.65
C GLU D 114 7.22 -7.89 -52.61
C GLU D 114 7.22 -7.90 -52.60
N THR D 115 6.52 -8.98 -52.24
CA THR D 115 6.48 -10.15 -53.10
C THR D 115 5.66 -9.88 -54.35
N LEU D 116 4.49 -9.23 -54.22
CA LEU D 116 3.71 -8.90 -55.41
C LEU D 116 4.50 -7.97 -56.33
N GLU D 117 5.22 -7.02 -55.75
CA GLU D 117 6.05 -6.13 -56.56
C GLU D 117 7.11 -6.92 -57.34
N ALA D 118 7.76 -7.89 -56.68
CA ALA D 118 8.78 -8.69 -57.34
C ALA D 118 8.19 -9.48 -58.50
N VAL D 119 6.97 -10.02 -58.33
CA VAL D 119 6.28 -10.68 -59.44
C VAL D 119 6.03 -9.69 -60.58
N ALA D 120 5.55 -8.50 -60.25
CA ALA D 120 5.24 -7.52 -61.29
C ALA D 120 6.48 -7.08 -62.04
N GLU D 121 7.64 -7.15 -61.38
CA GLU D 121 8.92 -6.79 -62.00
C GLU D 121 9.57 -7.96 -62.75
N GLY D 122 9.02 -9.16 -62.64
CA GLY D 122 9.69 -10.31 -63.24
C GLY D 122 10.92 -10.76 -62.49
N LYS D 123 10.97 -10.52 -61.18
CA LYS D 123 12.12 -10.86 -60.35
C LYS D 123 11.75 -11.77 -59.19
N ALA D 124 10.88 -12.76 -59.44
CA ALA D 124 10.46 -13.70 -58.40
C ALA D 124 10.24 -15.07 -59.02
N PRO D 125 11.31 -15.78 -59.36
CA PRO D 125 11.16 -17.09 -60.03
C PRO D 125 10.31 -18.04 -59.19
N GLY D 126 9.32 -18.64 -59.82
CA GLY D 126 8.44 -19.57 -59.15
C GLY D 126 7.20 -18.93 -58.55
N TYR D 127 7.14 -17.61 -58.47
CA TYR D 127 5.93 -16.93 -58.03
C TYR D 127 5.19 -16.38 -59.24
N THR D 128 3.86 -16.39 -59.17
CA THR D 128 3.02 -15.80 -60.20
C THR D 128 1.79 -15.20 -59.54
N ILE D 129 1.00 -14.49 -60.34
CA ILE D 129 -0.30 -14.01 -59.89
C ILE D 129 -1.28 -15.16 -60.13
N ARG D 130 -1.51 -15.97 -59.09
CA ARG D 130 -2.38 -17.13 -59.26
C ARG D 130 -3.85 -16.74 -59.42
N ASP D 131 -4.26 -15.58 -58.91
CA ASP D 131 -5.67 -15.16 -59.01
C ASP D 131 -5.71 -13.79 -59.67
N VAL D 132 -5.62 -13.78 -61.01
CA VAL D 132 -5.67 -12.51 -61.75
C VAL D 132 -7.03 -11.86 -61.61
N ALA D 133 -8.11 -12.64 -61.59
CA ALA D 133 -9.43 -12.03 -61.45
C ALA D 133 -9.55 -11.22 -60.16
N LYS D 134 -9.01 -11.77 -59.05
CA LYS D 134 -9.06 -11.03 -57.79
C LYS D 134 -8.12 -9.83 -57.82
N LEU D 135 -6.96 -9.95 -58.46
CA LEU D 135 -6.09 -8.79 -58.66
C LEU D 135 -6.86 -7.66 -59.33
N ARG D 136 -7.54 -7.95 -60.43
CA ARG D 136 -8.26 -6.90 -61.15
C ARG D 136 -9.40 -6.35 -60.31
N ARG D 137 -10.10 -7.21 -59.56
CA ARG D 137 -11.20 -6.75 -58.72
C ARG D 137 -10.71 -5.83 -57.60
N ILE D 138 -9.67 -6.26 -56.89
CA ILE D 138 -9.15 -5.48 -55.76
C ILE D 138 -8.55 -4.17 -56.26
N ALA D 139 -7.82 -4.22 -57.37
CA ALA D 139 -7.23 -3.01 -57.94
C ALA D 139 -8.32 -2.02 -58.34
N ALA D 140 -9.37 -2.49 -59.01
CA ALA D 140 -10.48 -1.60 -59.37
C ALA D 140 -11.13 -1.01 -58.13
N GLU D 141 -11.33 -1.85 -57.10
CA GLU D 141 -11.94 -1.39 -55.86
C GLU D 141 -11.16 -0.25 -55.24
N LEU D 142 -9.83 -0.32 -55.31
CA LEU D 142 -8.96 0.68 -54.71
C LEU D 142 -8.61 1.82 -55.65
N GLY D 143 -9.15 1.84 -56.88
CA GLY D 143 -9.04 3.00 -57.74
C GLY D 143 -8.05 2.93 -58.87
N VAL D 144 -7.50 1.75 -59.20
CA VAL D 144 -6.59 1.64 -60.32
C VAL D 144 -7.37 1.81 -61.62
N ALA D 145 -6.87 2.69 -62.48
CA ALA D 145 -7.57 2.96 -63.73
C ALA D 145 -7.48 1.74 -64.67
N ASP D 146 -8.62 1.43 -65.29
CA ASP D 146 -8.72 0.37 -66.30
C ASP D 146 -8.15 -0.94 -65.79
N ALA D 147 -8.41 -1.24 -64.52
CA ALA D 147 -7.90 -2.48 -63.94
C ALA D 147 -8.48 -3.71 -64.64
N ALA D 148 -9.64 -3.58 -65.29
CA ALA D 148 -10.26 -4.75 -65.91
C ALA D 148 -9.53 -5.21 -67.16
N THR D 149 -8.81 -4.29 -67.84
CA THR D 149 -8.30 -4.55 -69.18
C THR D 149 -6.79 -4.41 -69.34
N ARG D 150 -6.11 -3.66 -68.47
CA ARG D 150 -4.68 -3.40 -68.66
C ARG D 150 -3.86 -4.67 -68.38
N PRO D 151 -2.60 -4.70 -68.84
CA PRO D 151 -1.75 -5.88 -68.58
C PRO D 151 -1.66 -6.14 -67.08
N ALA D 152 -1.75 -7.42 -66.72
CA ALA D 152 -1.87 -7.80 -65.31
C ALA D 152 -0.72 -7.25 -64.47
N HIS D 153 0.50 -7.24 -65.01
CA HIS D 153 1.64 -6.77 -64.22
C HIS D 153 1.61 -5.25 -64.05
N ASP D 154 1.05 -4.53 -65.03
CA ASP D 154 0.83 -3.10 -64.86
C ASP D 154 -0.20 -2.83 -63.76
N VAL D 155 -1.27 -3.61 -63.74
CA VAL D 155 -2.29 -3.47 -62.71
C VAL D 155 -1.71 -3.81 -61.34
N ALA D 156 -0.92 -4.89 -61.28
CA ALA D 156 -0.26 -5.28 -60.04
C ALA D 156 0.64 -4.16 -59.52
N ALA D 157 1.41 -3.53 -60.42
CA ALA D 157 2.31 -2.47 -59.97
C ALA D 157 1.56 -1.28 -59.39
N ASP D 158 0.42 -0.93 -59.98
CA ASP D 158 -0.40 0.15 -59.44
C ASP D 158 -1.01 -0.22 -58.09
N LEU D 159 -1.40 -1.48 -57.91
CA LEU D 159 -1.90 -1.92 -56.62
C LEU D 159 -0.79 -1.89 -55.57
N VAL D 160 0.41 -2.32 -55.94
CA VAL D 160 1.57 -2.23 -55.05
C VAL D 160 1.76 -0.80 -54.58
N THR D 161 1.65 0.16 -55.50
CA THR D 161 1.82 1.56 -55.12
C THR D 161 0.75 1.99 -54.12
N ILE D 162 -0.51 1.60 -54.34
CA ILE D 162 -1.57 1.94 -53.38
C ILE D 162 -1.25 1.35 -52.02
N CYS D 163 -0.86 0.06 -51.98
CA CYS D 163 -0.60 -0.57 -50.70
C CYS D 163 0.59 0.07 -49.99
N TYR D 164 1.66 0.37 -50.73
CA TYR D 164 2.80 1.02 -50.10
C TYR D 164 2.45 2.41 -49.58
N ASN D 165 1.57 3.12 -50.28
CA ASN D 165 1.18 4.44 -49.78
C ASN D 165 0.50 4.35 -48.42
N ASP D 166 -0.16 3.22 -48.13
CA ASP D 166 -0.73 3.01 -46.80
C ASP D 166 0.34 2.77 -45.75
N PHE D 167 1.56 2.47 -46.17
CA PHE D 167 2.74 2.39 -45.30
C PHE D 167 3.56 3.66 -45.36
N GLY D 168 2.98 4.76 -45.85
CA GLY D 168 3.60 6.06 -45.80
C GLY D 168 2.83 6.97 -44.87
N SER D 169 3.17 8.25 -44.94
CA SER D 169 2.71 9.22 -43.94
C SER D 169 1.89 10.36 -44.56
N ARG D 170 1.27 10.14 -45.73
CA ARG D 170 0.53 11.21 -46.39
C ARG D 170 -0.97 10.97 -46.49
N ARG D 171 -1.47 9.82 -46.07
CA ARG D 171 -2.89 9.52 -46.21
C ARG D 171 -3.67 10.11 -45.04
N ASN D 172 -4.93 10.44 -45.32
CA ASN D 172 -5.85 10.72 -44.22
C ASN D 172 -6.61 9.49 -43.74
N ALA D 173 -6.70 8.44 -44.55
CA ALA D 173 -7.36 7.20 -44.14
C ALA D 173 -6.81 6.07 -45.01
N LEU D 174 -6.65 4.90 -44.40
CA LEU D 174 -6.17 3.74 -45.15
C LEU D 174 -7.12 3.36 -46.28
N ALA D 175 -6.55 2.76 -47.32
CA ALA D 175 -7.30 2.45 -48.54
C ALA D 175 -8.49 1.54 -48.26
N PHE D 176 -8.28 0.44 -47.53
CA PHE D 176 -9.37 -0.50 -47.30
C PHE D 176 -10.41 0.02 -46.31
N LEU D 177 -10.14 1.12 -45.62
CA LEU D 177 -11.15 1.69 -44.71
C LEU D 177 -12.45 2.04 -45.43
N ALA D 178 -12.40 2.28 -46.74
CA ALA D 178 -13.61 2.58 -47.49
C ALA D 178 -14.64 1.45 -47.41
N ARG D 179 -14.21 0.23 -47.09
CA ARG D 179 -15.16 -0.87 -46.92
C ARG D 179 -16.08 -0.65 -45.72
N ALA D 180 -15.61 0.03 -44.68
CA ALA D 180 -16.43 0.23 -43.50
C ALA D 180 -17.64 1.11 -43.86
N PRO D 181 -18.78 0.88 -43.21
CA PRO D 181 -19.94 1.73 -43.47
C PRO D 181 -19.66 3.17 -43.10
N GLN D 182 -20.34 4.09 -43.80
CA GLN D 182 -20.13 5.51 -43.59
C GLN D 182 -20.28 5.90 -42.11
N VAL D 183 -21.32 5.39 -41.45
CA VAL D 183 -21.55 5.73 -40.04
C VAL D 183 -20.33 5.42 -39.18
N ARG D 184 -19.64 4.32 -39.49
CA ARG D 184 -18.48 3.92 -38.69
C ARG D 184 -17.28 4.79 -39.01
N ARG D 185 -17.09 5.11 -40.29
CA ARG D 185 -16.02 6.03 -40.65
C ARG D 185 -16.24 7.41 -40.04
N ASP D 186 -17.49 7.89 -40.02
CA ASP D 186 -17.74 9.18 -39.40
C ASP D 186 -17.45 9.14 -37.92
N LEU D 187 -17.78 8.03 -37.26
CA LEU D 187 -17.50 7.89 -35.85
C LEU D 187 -16.00 7.90 -35.57
N TRP D 188 -15.24 7.08 -36.30
CA TRP D 188 -13.80 7.09 -36.11
C TRP D 188 -13.21 8.47 -36.33
N GLN D 189 -13.72 9.18 -37.35
CA GLN D 189 -13.21 10.53 -37.63
C GLN D 189 -13.40 11.46 -36.43
N ARG D 190 -14.60 11.47 -35.84
N ARG D 190 -14.61 11.45 -35.84
CA ARG D 190 -14.84 12.36 -34.71
CA ARG D 190 -14.90 12.31 -34.70
C ARG D 190 -14.02 11.96 -33.49
C ARG D 190 -14.03 11.96 -33.50
N LEU D 191 -13.77 10.66 -33.30
CA LEU D 191 -13.00 10.20 -32.15
C LEU D 191 -11.50 10.36 -32.33
N GLY D 192 -11.03 10.67 -33.53
CA GLY D 192 -9.61 10.68 -33.79
C GLY D 192 -9.02 9.29 -33.90
N MET D 193 -9.82 8.31 -34.34
CA MET D 193 -9.39 6.91 -34.43
C MET D 193 -9.09 6.44 -35.85
N THR D 194 -9.39 7.24 -36.86
CA THR D 194 -9.20 6.83 -38.24
C THR D 194 -7.76 6.43 -38.46
N PRO D 195 -7.47 5.19 -38.86
CA PRO D 195 -6.09 4.83 -39.14
C PRO D 195 -5.63 5.49 -40.44
N ARG D 196 -4.43 6.07 -40.40
CA ARG D 196 -3.89 6.85 -41.51
C ARG D 196 -2.72 6.18 -42.21
N GLY D 197 -1.83 5.55 -41.45
CA GLY D 197 -0.69 4.87 -42.03
C GLY D 197 -0.32 3.69 -41.16
N VAL D 198 0.03 2.56 -41.78
CA VAL D 198 0.19 1.32 -41.02
C VAL D 198 1.37 1.44 -40.06
N ASP D 199 2.53 1.89 -40.58
CA ASP D 199 3.69 2.13 -39.72
C ASP D 199 3.54 3.38 -38.88
N ARG D 200 2.84 4.41 -39.41
CA ARG D 200 2.76 5.69 -38.70
C ARG D 200 2.11 5.53 -37.33
N GLU D 201 1.02 4.77 -37.25
CA GLU D 201 0.33 4.66 -35.96
C GLU D 201 1.22 3.95 -34.94
N ILE D 202 2.00 2.95 -35.37
CA ILE D 202 2.91 2.26 -34.46
C ILE D 202 3.96 3.24 -33.95
N ALA D 203 4.57 4.01 -34.85
CA ALA D 203 5.58 4.98 -34.44
C ALA D 203 4.98 6.01 -33.50
N GLU D 204 3.79 6.53 -33.81
CA GLU D 204 3.17 7.50 -32.89
C GLU D 204 2.89 6.89 -31.52
N MET D 205 2.48 5.61 -31.48
CA MET D 205 2.29 4.99 -30.16
C MET D 205 3.59 4.97 -29.37
N MET D 206 4.70 4.62 -30.02
CA MET D 206 5.97 4.57 -29.32
C MET D 206 6.41 5.95 -28.86
N HIS D 207 6.08 7.00 -29.63
CA HIS D 207 6.32 8.37 -29.20
C HIS D 207 5.44 8.72 -28.00
N ARG D 208 4.14 8.48 -28.11
CA ARG D 208 3.22 8.85 -27.03
C ARG D 208 3.61 8.22 -25.72
N THR D 209 4.23 7.04 -25.75
CA THR D 209 4.54 6.32 -24.54
C THR D 209 5.94 6.63 -23.98
N HIS D 210 6.72 7.46 -24.67
CA HIS D 210 7.95 7.98 -24.11
C HIS D 210 7.62 8.84 -22.90
N MET D 211 8.53 8.89 -21.92
CA MET D 211 8.34 9.76 -20.76
C MET D 211 7.93 11.16 -21.20
N GLY D 212 6.90 11.69 -20.54
CA GLY D 212 6.58 13.10 -20.73
C GLY D 212 5.95 13.44 -22.06
N CYS D 213 5.32 12.48 -22.73
N CYS D 213 5.29 12.48 -22.70
CA CYS D 213 4.53 12.78 -23.92
CA CYS D 213 4.55 12.74 -23.93
C CYS D 213 3.06 12.60 -23.56
C CYS D 213 3.07 12.60 -23.59
N ASP D 214 2.43 11.47 -23.92
CA ASP D 214 1.02 11.29 -23.61
C ASP D 214 0.87 10.80 -22.17
N ASN D 215 0.25 11.63 -21.32
CA ASN D 215 0.03 11.37 -19.91
C ASN D 215 -1.45 11.50 -19.58
N ASP D 216 -2.29 10.96 -20.47
CA ASP D 216 -3.72 10.90 -20.23
C ASP D 216 -4.18 9.51 -20.67
N HIS D 217 -4.72 8.74 -19.73
CA HIS D 217 -5.00 7.34 -20.04
C HIS D 217 -6.07 7.19 -21.12
N THR D 218 -7.04 8.10 -21.17
CA THR D 218 -8.06 8.02 -22.21
C THR D 218 -7.46 8.26 -23.59
N SER D 219 -6.59 9.28 -23.70
CA SER D 219 -5.95 9.56 -24.98
C SER D 219 -5.09 8.37 -25.42
N LEU D 220 -4.40 7.75 -24.49
CA LEU D 220 -3.54 6.61 -24.83
C LEU D 220 -4.38 5.45 -25.36
N LEU D 221 -5.53 5.19 -24.76
CA LEU D 221 -6.37 4.08 -25.21
C LEU D 221 -7.00 4.38 -26.57
N VAL D 222 -7.36 5.64 -26.82
CA VAL D 222 -7.93 5.99 -28.12
C VAL D 222 -6.89 5.80 -29.22
N HIS D 223 -5.63 6.18 -28.96
CA HIS D 223 -4.59 5.88 -29.94
C HIS D 223 -4.30 4.39 -30.05
N ALA D 224 -4.42 3.61 -28.95
CA ALA D 224 -4.33 2.16 -29.09
C ALA D 224 -5.37 1.61 -30.06
N ALA D 225 -6.60 2.12 -29.99
CA ALA D 225 -7.61 1.74 -30.96
C ALA D 225 -7.19 2.11 -32.38
N ARG D 226 -6.66 3.34 -32.56
CA ARG D 226 -6.25 3.76 -33.90
C ARG D 226 -5.13 2.87 -34.44
N THR D 227 -4.18 2.51 -33.58
CA THR D 227 -3.07 1.64 -33.95
C THR D 227 -3.57 0.27 -34.36
N ALA D 228 -4.51 -0.30 -33.59
CA ALA D 228 -5.05 -1.61 -33.93
C ALA D 228 -5.88 -1.56 -35.21
N LEU D 229 -6.64 -0.48 -35.41
CA LEU D 229 -7.40 -0.34 -36.65
C LEU D 229 -6.50 -0.29 -37.87
N ALA D 230 -5.29 0.28 -37.73
CA ALA D 230 -4.34 0.29 -38.84
C ALA D 230 -3.83 -1.10 -39.15
N ASP D 231 -3.96 -2.03 -38.21
CA ASP D 231 -3.68 -3.44 -38.47
C ASP D 231 -4.86 -4.08 -39.19
N GLY D 232 -6.04 -4.11 -38.54
CA GLY D 232 -7.16 -4.87 -39.11
C GLY D 232 -7.59 -4.39 -40.48
N TRP D 233 -7.60 -3.07 -40.69
CA TRP D 233 -8.00 -2.48 -41.96
C TRP D 233 -6.80 -2.08 -42.81
N GLY D 234 -5.60 -2.51 -42.42
CA GLY D 234 -4.37 -2.13 -43.10
C GLY D 234 -3.41 -3.30 -43.22
N GLY D 235 -2.51 -3.45 -42.24
CA GLY D 235 -1.51 -4.52 -42.31
C GLY D 235 -2.10 -5.89 -42.58
N SER D 236 -3.13 -6.27 -41.81
CA SER D 236 -3.71 -7.62 -41.96
C SER D 236 -4.54 -7.74 -43.23
N MET D 237 -5.34 -6.70 -43.55
CA MET D 237 -6.20 -6.81 -44.73
C MET D 237 -5.39 -6.81 -46.01
N ILE D 238 -4.34 -5.98 -46.08
CA ILE D 238 -3.41 -6.06 -47.20
C ILE D 238 -2.76 -7.44 -47.26
N GLY D 239 -2.36 -7.98 -46.11
CA GLY D 239 -1.77 -9.31 -46.10
C GLY D 239 -2.70 -10.38 -46.66
N THR D 240 -3.95 -10.38 -46.20
CA THR D 240 -4.92 -11.37 -46.66
C THR D 240 -5.20 -11.22 -48.15
N GLU D 241 -5.56 -10.00 -48.59
CA GLU D 241 -5.99 -9.84 -49.98
C GLU D 241 -4.85 -10.10 -50.95
N LEU D 242 -3.63 -9.64 -50.63
CA LEU D 242 -2.50 -9.92 -51.50
C LEU D 242 -2.10 -11.39 -51.47
N SER D 243 -2.27 -12.06 -50.33
CA SER D 243 -1.98 -13.49 -50.29
C SER D 243 -2.93 -14.27 -51.20
N ASP D 244 -4.21 -13.90 -51.24
CA ASP D 244 -5.14 -14.55 -52.16
C ASP D 244 -4.75 -14.28 -53.61
N ILE D 245 -4.26 -13.07 -53.89
CA ILE D 245 -3.87 -12.72 -55.26
C ILE D 245 -2.68 -13.56 -55.70
N LEU D 246 -1.68 -13.72 -54.82
CA LEU D 246 -0.47 -14.43 -55.20
C LEU D 246 -0.64 -15.94 -55.14
N PHE D 247 -1.43 -16.44 -54.18
CA PHE D 247 -1.45 -17.88 -53.92
C PHE D 247 -2.80 -18.53 -54.15
N GLY D 248 -3.82 -17.75 -54.46
CA GLY D 248 -5.13 -18.28 -54.79
C GLY D 248 -6.16 -17.93 -53.73
N THR D 249 -7.40 -17.69 -54.17
CA THR D 249 -8.45 -17.44 -53.19
C THR D 249 -8.98 -18.77 -52.68
N PRO D 250 -9.06 -18.95 -51.36
CA PRO D 250 -9.50 -20.24 -50.81
C PRO D 250 -10.92 -20.63 -51.24
N ARG D 251 -11.09 -21.93 -51.45
N ARG D 251 -11.10 -21.92 -51.46
CA ARG D 251 -12.35 -22.58 -51.74
CA ARG D 251 -12.40 -22.53 -51.70
C ARG D 251 -12.50 -23.76 -50.79
C ARG D 251 -12.51 -23.75 -50.80
N PRO D 252 -13.72 -24.20 -50.52
CA PRO D 252 -13.90 -25.28 -49.55
C PRO D 252 -13.20 -26.56 -49.99
N ARG D 253 -12.49 -27.18 -49.04
CA ARG D 253 -11.77 -28.41 -49.33
C ARG D 253 -11.56 -29.18 -48.04
N GLN D 254 -11.38 -30.50 -48.19
CA GLN D 254 -11.18 -31.39 -47.05
C GLN D 254 -9.69 -31.52 -46.73
N SER D 255 -9.41 -31.77 -45.46
CA SER D 255 -8.05 -32.08 -45.03
C SER D 255 -8.13 -32.83 -43.71
N THR D 256 -7.00 -32.94 -43.01
CA THR D 256 -6.96 -33.65 -41.73
C THR D 256 -6.15 -32.83 -40.74
N VAL D 257 -6.27 -33.19 -39.46
CA VAL D 257 -5.63 -32.45 -38.38
C VAL D 257 -5.19 -33.42 -37.30
N ASN D 258 -4.12 -33.02 -36.58
CA ASN D 258 -3.53 -33.60 -35.37
C ASN D 258 -2.16 -34.21 -35.66
N LEU D 259 -1.45 -34.64 -34.61
CA LEU D 259 -0.09 -35.13 -34.84
C LEU D 259 -0.09 -36.37 -35.72
N GLY D 260 -1.22 -37.07 -35.83
CA GLY D 260 -1.32 -38.20 -36.72
C GLY D 260 -1.24 -37.87 -38.20
N VAL D 261 -1.13 -36.58 -38.56
CA VAL D 261 -0.86 -36.24 -39.95
C VAL D 261 0.60 -36.45 -40.30
N LEU D 262 1.47 -36.64 -39.31
N LEU D 262 1.47 -36.65 -39.32
CA LEU D 262 2.83 -37.06 -39.59
CA LEU D 262 2.84 -37.05 -39.62
C LEU D 262 2.82 -38.53 -40.02
C LEU D 262 2.87 -38.54 -39.97
N ARG D 263 3.86 -38.92 -40.79
CA ARG D 263 3.93 -40.27 -41.31
C ARG D 263 5.28 -40.90 -41.02
N LYS D 264 5.25 -42.10 -40.43
CA LYS D 264 6.51 -42.78 -40.11
C LYS D 264 7.37 -42.99 -41.35
N ASP D 265 6.75 -43.35 -42.48
CA ASP D 265 7.51 -43.72 -43.67
C ASP D 265 7.99 -42.55 -44.50
N ALA D 266 7.56 -41.32 -44.20
CA ALA D 266 7.87 -40.17 -45.03
C ALA D 266 8.93 -39.29 -44.37
N VAL D 267 9.57 -38.45 -45.19
CA VAL D 267 10.22 -37.24 -44.67
C VAL D 267 9.12 -36.27 -44.25
N ASN D 268 9.07 -35.93 -42.97
CA ASN D 268 8.08 -34.99 -42.45
C ASN D 268 8.71 -33.61 -42.33
N ILE D 269 8.13 -32.64 -43.02
CA ILE D 269 8.57 -31.25 -42.98
C ILE D 269 7.43 -30.43 -42.43
N LEU D 270 7.65 -29.82 -41.27
CA LEU D 270 6.64 -28.96 -40.63
C LEU D 270 6.98 -27.50 -40.91
N VAL D 271 6.05 -26.80 -41.56
CA VAL D 271 6.17 -25.36 -41.73
C VAL D 271 5.55 -24.65 -40.53
N HIS D 272 6.26 -23.65 -39.99
CA HIS D 272 5.88 -23.01 -38.74
C HIS D 272 6.10 -21.50 -38.89
N GLY D 273 5.25 -20.74 -38.24
CA GLY D 273 5.29 -19.29 -38.39
C GLY D 273 4.06 -18.78 -39.10
N HIS D 274 4.23 -17.84 -40.04
CA HIS D 274 3.11 -17.04 -40.52
C HIS D 274 3.05 -16.79 -42.02
N ASN D 275 4.16 -16.64 -42.71
CA ASN D 275 3.91 -16.05 -44.02
C ASN D 275 3.96 -17.10 -45.12
N PRO D 276 2.92 -17.17 -45.96
CA PRO D 276 2.86 -18.21 -47.01
C PRO D 276 3.86 -18.03 -48.13
N VAL D 277 4.50 -16.86 -48.23
N VAL D 277 4.51 -16.87 -48.24
CA VAL D 277 5.53 -16.66 -49.24
CA VAL D 277 5.53 -16.69 -49.27
C VAL D 277 6.62 -17.72 -49.12
C VAL D 277 6.65 -17.70 -49.12
N VAL D 278 6.86 -18.22 -47.91
CA VAL D 278 7.83 -19.29 -47.67
C VAL D 278 7.18 -20.66 -47.81
N SER D 279 6.06 -20.90 -47.10
CA SER D 279 5.50 -22.25 -47.03
C SER D 279 4.99 -22.74 -48.38
N GLU D 280 4.42 -21.83 -49.20
CA GLU D 280 4.00 -22.23 -50.54
C GLU D 280 5.17 -22.67 -51.40
N MET D 281 6.34 -22.05 -51.20
CA MET D 281 7.49 -22.41 -52.01
C MET D 281 8.20 -23.67 -51.48
N ILE D 282 8.13 -23.92 -50.18
CA ILE D 282 8.56 -25.21 -49.65
C ILE D 282 7.72 -26.34 -50.25
N LEU D 283 6.40 -26.15 -50.28
CA LEU D 283 5.54 -27.19 -50.85
C LEU D 283 5.88 -27.48 -52.31
N ALA D 284 6.03 -26.43 -53.12
CA ALA D 284 6.41 -26.62 -54.52
C ALA D 284 7.72 -27.39 -54.64
N ALA D 285 8.70 -27.07 -53.79
CA ALA D 285 9.99 -27.76 -53.86
C ALA D 285 9.84 -29.26 -53.59
N THR D 286 8.97 -29.64 -52.65
CA THR D 286 8.79 -31.05 -52.35
C THR D 286 8.13 -31.84 -53.48
N ARG D 287 7.56 -31.15 -54.47
CA ARG D 287 6.91 -31.81 -55.60
C ARG D 287 7.80 -31.92 -56.82
N GLU D 288 9.02 -31.40 -56.76
CA GLU D 288 9.94 -31.52 -57.90
C GLU D 288 10.46 -32.95 -58.02
N PRO D 289 10.57 -33.47 -59.25
CA PRO D 289 10.99 -34.88 -59.42
C PRO D 289 12.34 -35.22 -58.81
N ALA D 290 13.37 -34.40 -59.01
CA ALA D 290 14.69 -34.74 -58.48
C ALA D 290 14.68 -34.75 -56.96
N VAL D 291 13.90 -33.85 -56.34
CA VAL D 291 13.79 -33.80 -54.90
C VAL D 291 13.10 -35.06 -54.36
N ARG D 292 12.00 -35.45 -54.99
CA ARG D 292 11.34 -36.68 -54.58
C ARG D 292 12.23 -37.90 -54.77
N GLN D 293 13.06 -37.89 -55.82
CA GLN D 293 13.96 -39.02 -56.04
C GLN D 293 15.00 -39.12 -54.93
N ALA D 294 15.51 -37.98 -54.45
CA ALA D 294 16.45 -37.99 -53.34
C ALA D 294 15.81 -38.52 -52.07
N ALA D 295 14.55 -38.17 -51.81
CA ALA D 295 13.84 -38.75 -50.68
C ALA D 295 13.74 -40.26 -50.81
N GLN D 296 13.37 -40.75 -52.00
CA GLN D 296 13.33 -42.18 -52.27
C GLN D 296 14.70 -42.84 -52.07
N ASP D 297 15.76 -42.21 -52.58
CA ASP D 297 17.10 -42.77 -52.41
C ASP D 297 17.51 -42.82 -50.94
N ALA D 298 16.98 -41.88 -50.14
CA ALA D 298 17.23 -41.87 -48.70
C ALA D 298 16.44 -42.93 -47.94
N GLY D 299 15.56 -43.67 -48.62
CA GLY D 299 14.75 -44.69 -48.00
C GLY D 299 13.35 -44.26 -47.62
N ALA D 300 12.97 -43.01 -47.88
CA ALA D 300 11.65 -42.52 -47.54
C ALA D 300 10.64 -42.87 -48.62
N ALA D 301 9.39 -43.03 -48.20
CA ALA D 301 8.30 -43.36 -49.11
C ALA D 301 7.60 -42.14 -49.69
N ASP D 302 7.89 -40.95 -49.19
CA ASP D 302 7.13 -39.76 -49.52
C ASP D 302 7.84 -38.58 -48.87
N ILE D 303 7.49 -37.37 -49.32
CA ILE D 303 7.82 -36.15 -48.59
C ILE D 303 6.49 -35.57 -48.14
N ASN D 304 6.31 -35.46 -46.83
CA ASN D 304 5.03 -35.13 -46.22
C ASN D 304 5.15 -33.76 -45.56
N VAL D 305 4.50 -32.76 -46.15
CA VAL D 305 4.46 -31.41 -45.59
C VAL D 305 3.23 -31.31 -44.69
N ALA D 306 3.42 -30.77 -43.49
CA ALA D 306 2.30 -30.50 -42.60
C ALA D 306 2.52 -29.15 -41.93
N GLY D 307 1.43 -28.54 -41.48
CA GLY D 307 1.46 -27.17 -41.01
C GLY D 307 1.40 -27.05 -39.49
N LEU D 308 2.04 -26.00 -38.99
CA LEU D 308 1.87 -25.54 -37.62
C LEU D 308 1.43 -24.08 -37.65
N CYS D 309 0.53 -23.74 -36.73
CA CYS D 309 0.17 -22.34 -36.47
C CYS D 309 -0.31 -21.66 -37.76
N CYS D 310 0.01 -20.39 -37.98
CA CYS D 310 -0.72 -19.65 -39.00
C CYS D 310 -0.25 -19.98 -40.41
N THR D 311 1.06 -20.21 -40.61
CA THR D 311 1.46 -20.66 -41.93
C THR D 311 0.84 -22.01 -42.25
N GLY D 312 0.61 -22.83 -41.23
CA GLY D 312 -0.19 -24.03 -41.42
C GLY D 312 -1.61 -23.72 -41.86
N ASN D 313 -2.23 -22.73 -41.21
CA ASN D 313 -3.56 -22.30 -41.63
C ASN D 313 -3.58 -21.88 -43.10
N GLU D 314 -2.53 -21.17 -43.54
CA GLU D 314 -2.50 -20.67 -44.91
C GLU D 314 -2.43 -21.82 -45.91
N LEU D 315 -1.58 -22.81 -45.66
CA LEU D 315 -1.46 -23.95 -46.57
C LEU D 315 -2.71 -24.83 -46.51
N LEU D 316 -3.36 -24.87 -45.35
CA LEU D 316 -4.62 -25.61 -45.25
C LEU D 316 -5.71 -24.93 -46.08
N MET D 317 -5.86 -23.60 -45.89
CA MET D 317 -6.88 -22.84 -46.61
C MET D 317 -6.73 -22.94 -48.12
N ARG D 318 -5.49 -22.89 -48.62
CA ARG D 318 -5.30 -22.81 -50.06
C ARG D 318 -4.94 -24.13 -50.70
N GLN D 319 -4.23 -25.00 -50.00
CA GLN D 319 -3.75 -26.24 -50.61
C GLN D 319 -4.26 -27.48 -49.90
N GLY D 320 -5.08 -27.33 -48.87
CA GLY D 320 -5.58 -28.46 -48.10
C GLY D 320 -4.50 -29.27 -47.42
N ILE D 321 -3.36 -28.64 -47.11
CA ILE D 321 -2.25 -29.35 -46.46
C ILE D 321 -2.63 -29.62 -45.00
N PRO D 322 -2.48 -30.86 -44.53
CA PRO D 322 -2.90 -31.20 -43.16
C PRO D 322 -2.18 -30.37 -42.12
N MET D 323 -2.88 -30.09 -41.02
N MET D 323 -2.91 -30.05 -41.06
CA MET D 323 -2.40 -29.23 -39.95
CA MET D 323 -2.42 -29.26 -39.94
C MET D 323 -2.00 -30.09 -38.76
C MET D 323 -1.97 -30.23 -38.85
N ALA D 324 -0.71 -30.12 -38.45
CA ALA D 324 -0.22 -30.95 -37.36
C ALA D 324 -0.61 -30.41 -35.98
N GLY D 325 -0.72 -29.10 -35.81
CA GLY D 325 -1.00 -28.59 -34.47
C GLY D 325 -1.04 -27.08 -34.44
N ASN D 326 -1.52 -26.59 -33.30
CA ASN D 326 -1.55 -25.18 -32.93
C ASN D 326 -0.45 -24.91 -31.91
N HIS D 327 -0.46 -23.72 -31.33
CA HIS D 327 0.61 -23.19 -30.49
C HIS D 327 1.16 -24.21 -29.50
N LEU D 328 0.31 -24.72 -28.60
CA LEU D 328 0.87 -25.57 -27.54
C LEU D 328 1.17 -27.00 -28.00
N MET D 329 0.86 -27.35 -29.24
CA MET D 329 1.33 -28.61 -29.81
C MET D 329 2.73 -28.52 -30.41
N THR D 330 3.28 -27.32 -30.59
CA THR D 330 4.48 -27.19 -31.42
C THR D 330 5.68 -27.95 -30.86
N GLU D 331 5.93 -27.85 -29.53
CA GLU D 331 7.03 -28.62 -28.96
C GLU D 331 6.74 -30.11 -29.04
N LEU D 332 5.48 -30.47 -28.83
CA LEU D 332 5.08 -31.87 -28.85
C LEU D 332 5.24 -32.49 -30.23
N ALA D 333 5.13 -31.70 -31.29
CA ALA D 333 5.33 -32.23 -32.63
C ALA D 333 6.75 -32.75 -32.80
N ILE D 334 7.75 -32.08 -32.22
CA ILE D 334 9.12 -32.59 -32.29
C ILE D 334 9.28 -33.84 -31.41
N VAL D 335 8.57 -33.91 -30.29
CA VAL D 335 8.65 -35.04 -29.38
C VAL D 335 8.19 -36.34 -30.01
N THR D 336 7.43 -36.28 -31.12
CA THR D 336 7.10 -37.50 -31.84
C THR D 336 8.34 -38.20 -32.36
N GLY D 337 9.48 -37.50 -32.45
CA GLY D 337 10.67 -38.09 -33.04
C GLY D 337 10.62 -38.26 -34.54
N ALA D 338 9.56 -37.78 -35.19
CA ALA D 338 9.40 -37.96 -36.63
C ALA D 338 9.46 -36.65 -37.41
N ALA D 339 9.74 -35.53 -36.75
CA ALA D 339 9.82 -34.24 -37.42
C ALA D 339 11.24 -34.10 -37.97
N ASP D 340 11.38 -34.21 -39.28
CA ASP D 340 12.73 -34.21 -39.84
C ASP D 340 13.25 -32.79 -40.05
N ALA D 341 12.35 -31.84 -40.30
CA ALA D 341 12.73 -30.44 -40.31
C ALA D 341 11.56 -29.61 -39.83
N ILE D 342 11.86 -28.55 -39.06
CA ILE D 342 10.95 -27.42 -38.85
C ILE D 342 11.45 -26.28 -39.71
N VAL D 343 10.58 -25.72 -40.55
CA VAL D 343 10.95 -24.60 -41.42
C VAL D 343 10.22 -23.37 -40.91
N ALA D 344 10.96 -22.45 -40.29
CA ALA D 344 10.37 -21.34 -39.56
C ALA D 344 10.57 -20.03 -40.32
N ASP D 345 9.62 -19.12 -40.14
CA ASP D 345 9.82 -17.75 -40.59
C ASP D 345 9.75 -16.76 -39.43
N TYR D 346 8.55 -16.36 -39.01
CA TYR D 346 8.50 -15.42 -37.89
C TYR D 346 7.16 -15.46 -37.15
N GLN D 347 7.24 -15.07 -35.86
CA GLN D 347 6.13 -14.87 -34.93
C GLN D 347 5.62 -16.17 -34.32
N CYS D 348 5.56 -16.24 -32.99
CA CYS D 348 5.01 -17.35 -32.22
C CYS D 348 5.85 -18.61 -32.25
N ILE D 349 7.06 -18.55 -32.79
CA ILE D 349 7.95 -19.71 -32.85
C ILE D 349 8.75 -19.71 -31.56
N MET D 350 8.43 -20.63 -30.66
CA MET D 350 9.08 -20.62 -29.35
C MET D 350 10.54 -21.03 -29.49
N PRO D 351 11.48 -20.26 -28.93
CA PRO D 351 12.89 -20.64 -29.02
C PRO D 351 13.22 -21.96 -28.35
N SER D 352 12.36 -22.44 -27.46
CA SER D 352 12.53 -23.79 -26.92
C SER D 352 12.61 -24.84 -28.04
N LEU D 353 12.02 -24.56 -29.20
CA LEU D 353 12.05 -25.55 -30.28
C LEU D 353 13.48 -25.83 -30.76
N VAL D 354 14.38 -24.86 -30.67
CA VAL D 354 15.76 -25.13 -31.06
C VAL D 354 16.38 -26.17 -30.15
N GLN D 355 16.12 -26.05 -28.84
CA GLN D 355 16.72 -27.00 -27.89
C GLN D 355 16.05 -28.36 -28.00
N ILE D 356 14.73 -28.38 -28.18
CA ILE D 356 14.05 -29.67 -28.34
C ILE D 356 14.49 -30.36 -29.61
N ALA D 357 14.66 -29.60 -30.70
CA ALA D 357 15.18 -30.19 -31.93
C ALA D 357 16.55 -30.80 -31.73
N ALA D 358 17.40 -30.15 -30.92
CA ALA D 358 18.72 -30.66 -30.61
C ALA D 358 18.69 -31.94 -29.80
N CYS D 359 17.58 -32.23 -29.11
CA CYS D 359 17.44 -33.53 -28.44
C CYS D 359 17.20 -34.66 -29.43
N TYR D 360 16.84 -34.32 -30.68
CA TYR D 360 16.55 -35.28 -31.74
C TYR D 360 17.45 -35.03 -32.93
N HIS D 361 17.07 -35.56 -34.10
CA HIS D 361 17.79 -35.36 -35.35
C HIS D 361 17.27 -34.17 -36.13
N THR D 362 16.19 -33.56 -35.64
CA THR D 362 15.43 -32.57 -36.38
C THR D 362 16.29 -31.35 -36.74
N ARG D 363 16.21 -30.94 -38.00
CA ARG D 363 16.77 -29.67 -38.43
C ARG D 363 15.79 -28.55 -38.10
N PHE D 364 16.27 -27.51 -37.42
CA PHE D 364 15.49 -26.30 -37.17
C PHE D 364 16.04 -25.22 -38.10
N VAL D 365 15.27 -24.86 -39.12
CA VAL D 365 15.71 -23.99 -40.20
C VAL D 365 14.97 -22.67 -40.10
N THR D 366 15.72 -21.57 -39.98
CA THR D 366 15.14 -20.23 -40.06
C THR D 366 15.31 -19.69 -41.48
N THR D 367 14.38 -18.82 -41.89
CA THR D 367 14.33 -18.35 -43.27
C THR D 367 14.19 -16.84 -43.39
N SER D 368 13.89 -16.13 -42.29
CA SER D 368 13.68 -14.70 -42.38
C SER D 368 14.80 -13.93 -41.70
N PRO D 369 15.25 -12.81 -42.27
CA PRO D 369 16.20 -11.94 -41.54
C PRO D 369 15.62 -11.41 -40.24
N LYS D 370 14.29 -11.45 -40.08
CA LYS D 370 13.63 -11.02 -38.87
C LYS D 370 13.49 -12.13 -37.84
N GLY D 371 13.50 -13.38 -38.28
CA GLY D 371 13.29 -14.50 -37.37
C GLY D 371 14.57 -15.27 -37.12
N ARG D 372 15.54 -14.62 -36.47
CA ARG D 372 16.81 -15.25 -36.20
C ARG D 372 16.77 -15.93 -34.83
N PHE D 373 17.32 -17.15 -34.77
CA PHE D 373 17.32 -17.93 -33.55
C PHE D 373 18.73 -18.46 -33.33
N THR D 374 19.34 -18.10 -32.19
CA THR D 374 20.70 -18.57 -31.90
C THR D 374 20.73 -20.09 -31.92
N GLY D 375 21.58 -20.64 -32.77
CA GLY D 375 21.74 -22.09 -32.91
C GLY D 375 20.98 -22.71 -34.06
N ALA D 376 20.11 -21.97 -34.73
CA ALA D 376 19.35 -22.49 -35.86
C ALA D 376 20.23 -22.58 -37.10
N THR D 377 19.80 -23.38 -38.07
CA THR D 377 20.40 -23.39 -39.40
C THR D 377 19.67 -22.35 -40.24
N HIS D 378 20.38 -21.31 -40.65
CA HIS D 378 19.76 -20.18 -41.31
C HIS D 378 19.94 -20.28 -42.82
N VAL D 379 18.83 -20.36 -43.55
CA VAL D 379 18.82 -20.40 -45.01
C VAL D 379 17.84 -19.32 -45.43
N GLU D 380 18.36 -18.12 -45.69
CA GLU D 380 17.49 -16.94 -45.80
C GLU D 380 16.76 -16.92 -47.14
N VAL D 381 15.46 -16.62 -47.10
CA VAL D 381 14.59 -16.68 -48.27
C VAL D 381 14.08 -15.27 -48.60
N HIS D 382 14.13 -14.92 -49.87
CA HIS D 382 13.56 -13.71 -50.43
C HIS D 382 12.91 -14.12 -51.74
N PRO D 383 12.02 -13.28 -52.29
CA PRO D 383 11.36 -13.67 -53.55
C PRO D 383 12.32 -14.06 -54.67
N HIS D 384 13.46 -13.37 -54.77
CA HIS D 384 14.36 -13.64 -55.89
C HIS D 384 15.08 -14.98 -55.77
N ASN D 385 15.19 -15.53 -54.56
CA ASN D 385 15.92 -16.78 -54.38
C ASN D 385 15.09 -17.91 -53.79
N ALA D 386 13.81 -17.69 -53.49
CA ALA D 386 13.03 -18.68 -52.74
C ALA D 386 13.03 -20.04 -53.42
N GLN D 387 12.88 -20.06 -54.74
CA GLN D 387 12.78 -21.34 -55.44
C GLN D 387 14.07 -22.16 -55.26
N GLU D 388 15.22 -21.51 -55.34
CA GLU D 388 16.49 -22.19 -55.13
C GLU D 388 16.69 -22.54 -53.65
N ARG D 389 16.36 -21.61 -52.74
N ARG D 389 16.37 -21.61 -52.75
CA ARG D 389 16.65 -21.83 -51.33
CA ARG D 389 16.65 -21.84 -51.33
C ARG D 389 15.70 -22.83 -50.70
C ARG D 389 15.70 -22.86 -50.72
N CYS D 390 14.43 -22.84 -51.12
CA CYS D 390 13.49 -23.82 -50.59
C CYS D 390 13.86 -25.23 -51.02
N ARG D 391 14.37 -25.37 -52.25
CA ARG D 391 14.92 -26.64 -52.69
C ARG D 391 16.06 -27.10 -51.76
N GLU D 392 16.96 -26.18 -51.42
N GLU D 392 16.98 -26.19 -51.43
CA GLU D 392 18.06 -26.48 -50.50
CA GLU D 392 18.05 -26.51 -50.49
C GLU D 392 17.52 -26.91 -49.14
C GLU D 392 17.48 -26.95 -49.14
N ILE D 393 16.44 -26.26 -48.68
CA ILE D 393 15.89 -26.57 -47.36
C ILE D 393 15.28 -27.97 -47.34
N VAL D 394 14.57 -28.34 -48.41
CA VAL D 394 14.00 -29.69 -48.45
C VAL D 394 15.11 -30.73 -48.49
N MET D 395 16.21 -30.44 -49.18
CA MET D 395 17.32 -31.38 -49.19
C MET D 395 17.90 -31.57 -47.79
N LEU D 396 17.94 -30.49 -46.99
CA LEU D 396 18.39 -30.63 -45.60
C LEU D 396 17.44 -31.53 -44.81
N ALA D 397 16.14 -31.41 -45.07
CA ALA D 397 15.16 -32.25 -44.38
C ALA D 397 15.37 -33.72 -44.73
N ILE D 398 15.62 -34.00 -46.02
CA ILE D 398 15.86 -35.38 -46.46
C ILE D 398 17.10 -35.94 -45.80
N ASP D 399 18.15 -35.13 -45.71
CA ASP D 399 19.37 -35.58 -45.05
C ASP D 399 19.14 -35.85 -43.57
N ALA D 400 18.38 -34.99 -42.90
CA ALA D 400 18.04 -35.23 -41.51
C ALA D 400 17.27 -36.53 -41.33
N TYR D 401 16.36 -36.84 -42.28
CA TYR D 401 15.59 -38.07 -42.19
C TYR D 401 16.49 -39.30 -42.07
N THR D 402 17.64 -39.29 -42.76
CA THR D 402 18.52 -40.44 -42.72
C THR D 402 19.13 -40.68 -41.35
N ARG D 403 19.07 -39.68 -40.47
CA ARG D 403 19.61 -39.79 -39.12
C ARG D 403 18.53 -39.97 -38.06
N ARG D 404 17.29 -40.16 -38.47
CA ARG D 404 16.23 -40.39 -37.50
C ARG D 404 16.50 -41.67 -36.72
N ASP D 405 16.28 -41.61 -35.41
CA ASP D 405 16.36 -42.80 -34.56
C ASP D 405 14.98 -43.46 -34.51
N PRO D 406 14.77 -44.57 -35.22
CA PRO D 406 13.44 -45.19 -35.23
C PRO D 406 12.96 -45.58 -33.84
N ALA D 407 13.87 -45.80 -32.89
CA ALA D 407 13.45 -46.24 -31.57
C ALA D 407 12.75 -45.13 -30.79
N ARG D 408 12.98 -43.87 -31.15
CA ARG D 408 12.36 -42.76 -30.44
C ARG D 408 11.17 -42.17 -31.18
N VAL D 409 10.68 -42.86 -32.21
CA VAL D 409 9.51 -42.39 -32.95
C VAL D 409 8.25 -42.89 -32.25
N ASP D 410 7.28 -41.99 -32.05
CA ASP D 410 5.95 -42.35 -31.56
C ASP D 410 4.99 -41.30 -32.09
N ILE D 411 4.37 -41.60 -33.22
CA ILE D 411 3.32 -40.75 -33.79
C ILE D 411 2.00 -41.21 -33.17
N PRO D 412 1.43 -40.47 -32.22
N PRO D 412 1.36 -40.41 -32.30
CA PRO D 412 0.20 -40.90 -31.56
CA PRO D 412 0.46 -41.00 -31.29
C PRO D 412 -0.99 -40.43 -32.38
C PRO D 412 -0.98 -41.29 -31.70
N SER D 413 -2.13 -41.05 -32.09
N SER D 413 -1.51 -40.72 -32.79
CA SER D 413 -3.40 -40.65 -32.67
CA SER D 413 -2.95 -40.70 -32.98
C SER D 413 -3.45 -40.88 -34.18
C SER D 413 -3.33 -40.97 -34.43
N GLN D 414 -4.64 -41.06 -34.68
CA GLN D 414 -5.13 -41.14 -36.04
C GLN D 414 -5.67 -39.78 -36.43
N PRO D 415 -5.41 -39.32 -37.64
CA PRO D 415 -5.80 -37.95 -38.01
C PRO D 415 -7.32 -37.82 -38.12
N VAL D 416 -7.79 -36.58 -37.93
CA VAL D 416 -9.21 -36.28 -37.88
C VAL D 416 -9.58 -35.41 -39.07
N SER D 417 -10.72 -35.71 -39.70
CA SER D 417 -11.16 -35.02 -40.90
C SER D 417 -11.66 -33.61 -40.59
N ILE D 418 -11.32 -32.66 -41.49
CA ILE D 418 -11.76 -31.27 -41.38
C ILE D 418 -12.11 -30.74 -42.77
N MET D 419 -12.87 -29.65 -42.79
N MET D 419 -12.92 -29.68 -42.77
CA MET D 419 -13.13 -28.89 -44.00
CA MET D 419 -13.14 -28.85 -43.94
C MET D 419 -12.69 -27.45 -43.80
C MET D 419 -12.51 -27.49 -43.69
N SER D 420 -11.89 -26.95 -44.72
CA SER D 420 -11.29 -25.62 -44.65
C SER D 420 -11.66 -24.85 -45.90
N GLY D 421 -11.17 -23.62 -45.99
CA GLY D 421 -11.25 -22.83 -47.20
C GLY D 421 -12.40 -21.83 -47.30
N PHE D 422 -12.97 -21.40 -46.18
CA PHE D 422 -14.13 -20.50 -46.24
C PHE D 422 -13.69 -19.03 -46.25
N SER D 423 -13.11 -18.62 -47.39
CA SER D 423 -12.96 -17.20 -47.67
C SER D 423 -14.34 -16.57 -47.84
N ASN D 424 -14.39 -15.23 -47.82
CA ASN D 424 -15.67 -14.57 -48.08
C ASN D 424 -16.16 -14.88 -49.49
N GLU D 425 -15.24 -14.98 -50.45
CA GLU D 425 -15.61 -15.37 -51.79
C GLU D 425 -16.23 -16.78 -51.81
N ALA D 426 -15.67 -17.69 -51.00
CA ALA D 426 -16.22 -19.05 -50.91
C ALA D 426 -17.61 -19.05 -50.26
N ILE D 427 -17.79 -18.27 -49.20
CA ILE D 427 -19.08 -18.18 -48.54
C ILE D 427 -20.14 -17.66 -49.50
N LEU D 428 -19.84 -16.56 -50.19
CA LEU D 428 -20.82 -15.99 -51.11
C LEU D 428 -21.17 -16.98 -52.22
N GLU D 429 -20.19 -17.74 -52.71
CA GLU D 429 -20.47 -18.76 -53.71
C GLU D 429 -21.39 -19.85 -53.16
N ALA D 430 -21.16 -20.28 -51.91
CA ALA D 430 -22.06 -21.27 -51.30
C ALA D 430 -23.47 -20.72 -51.13
N LEU D 431 -23.62 -19.41 -51.02
CA LEU D 431 -24.92 -18.76 -50.90
C LEU D 431 -25.54 -18.44 -52.26
N GLY D 432 -24.81 -18.66 -53.35
CA GLY D 432 -25.33 -18.40 -54.68
C GLY D 432 -24.97 -17.05 -55.27
N GLY D 433 -24.02 -16.33 -54.69
CA GLY D 433 -23.50 -15.09 -55.27
C GLY D 433 -23.77 -13.86 -54.44
N THR D 434 -24.86 -13.85 -53.68
CA THR D 434 -25.22 -12.70 -52.87
C THR D 434 -25.38 -13.11 -51.42
N PRO D 435 -25.29 -12.17 -50.48
CA PRO D 435 -25.50 -12.50 -49.06
C PRO D 435 -26.96 -12.69 -48.68
N LYS D 436 -27.89 -12.50 -49.62
CA LYS D 436 -29.32 -12.54 -49.30
C LYS D 436 -29.76 -13.80 -48.57
N PRO D 437 -29.39 -15.01 -48.99
CA PRO D 437 -29.78 -16.20 -48.21
C PRO D 437 -29.26 -16.20 -46.78
N LEU D 438 -28.10 -15.59 -46.55
CA LEU D 438 -27.57 -15.53 -45.18
C LEU D 438 -28.36 -14.52 -44.35
N ILE D 439 -28.68 -13.37 -44.95
CA ILE D 439 -29.48 -12.37 -44.27
C ILE D 439 -30.88 -12.92 -43.97
N ASP D 440 -31.46 -13.64 -44.94
CA ASP D 440 -32.78 -14.24 -44.70
C ASP D 440 -32.75 -15.20 -43.52
N ALA D 441 -31.69 -16.00 -43.40
CA ALA D 441 -31.60 -16.93 -42.28
C ALA D 441 -31.44 -16.20 -40.95
N VAL D 442 -30.75 -15.06 -40.95
CA VAL D 442 -30.61 -14.28 -39.73
C VAL D 442 -31.95 -13.64 -39.36
N VAL D 443 -32.64 -13.06 -40.35
CA VAL D 443 -33.94 -12.47 -40.09
C VAL D 443 -34.91 -13.52 -39.55
N ALA D 444 -34.89 -14.72 -40.12
CA ALA D 444 -35.79 -15.78 -39.67
C ALA D 444 -35.40 -16.35 -38.32
N GLY D 445 -34.22 -16.01 -37.80
CA GLY D 445 -33.80 -16.57 -36.54
C GLY D 445 -33.24 -17.96 -36.62
N GLN D 446 -33.06 -18.50 -37.83
CA GLN D 446 -32.38 -19.78 -37.97
C GLN D 446 -30.92 -19.68 -37.52
N ILE D 447 -30.23 -18.64 -37.98
CA ILE D 447 -28.91 -18.27 -37.48
C ILE D 447 -29.10 -17.00 -36.67
N ARG D 448 -28.86 -17.09 -35.36
CA ARG D 448 -29.16 -15.94 -34.52
C ARG D 448 -28.08 -14.89 -34.59
N GLY D 449 -26.84 -15.30 -34.78
CA GLY D 449 -25.74 -14.38 -34.95
C GLY D 449 -24.50 -15.17 -35.30
N PHE D 450 -23.37 -14.46 -35.37
CA PHE D 450 -22.08 -15.03 -35.71
C PHE D 450 -21.06 -14.61 -34.66
N VAL D 451 -20.18 -15.52 -34.27
CA VAL D 451 -19.08 -15.23 -33.37
C VAL D 451 -17.79 -15.71 -34.01
N GLY D 452 -16.83 -14.80 -34.18
CA GLY D 452 -15.49 -15.19 -34.57
C GLY D 452 -14.76 -15.66 -33.34
N ILE D 453 -14.34 -16.93 -33.32
CA ILE D 453 -13.50 -17.44 -32.24
C ILE D 453 -12.09 -17.57 -32.80
N VAL D 454 -11.17 -16.81 -32.20
CA VAL D 454 -9.90 -16.45 -32.81
C VAL D 454 -8.81 -16.63 -31.75
N GLY D 455 -7.57 -16.56 -32.18
CA GLY D 455 -6.50 -16.54 -31.21
C GLY D 455 -6.00 -17.91 -30.75
N CYS D 456 -5.40 -17.91 -29.57
CA CYS D 456 -4.24 -18.71 -29.23
C CYS D 456 -4.56 -19.90 -28.29
N ASN D 457 -3.49 -20.49 -27.77
CA ASN D 457 -3.47 -21.29 -26.54
C ASN D 457 -2.65 -20.52 -25.50
N ASN D 458 -2.79 -20.92 -24.24
CA ASN D 458 -2.06 -20.27 -23.15
C ASN D 458 -1.95 -21.33 -22.06
N PRO D 459 -0.75 -21.61 -21.55
CA PRO D 459 -0.60 -22.64 -20.50
C PRO D 459 -1.36 -22.37 -19.21
N LYS D 460 -1.85 -21.14 -18.99
CA LYS D 460 -2.73 -20.87 -17.85
C LYS D 460 -4.06 -21.61 -17.95
N ILE D 461 -4.44 -22.10 -19.13
CA ILE D 461 -5.74 -22.73 -19.37
C ILE D 461 -5.47 -24.09 -19.99
N ARG D 462 -6.15 -25.13 -19.48
N ARG D 462 -6.15 -25.12 -19.47
CA ARG D 462 -6.02 -26.46 -20.05
CA ARG D 462 -6.07 -26.45 -20.06
C ARG D 462 -6.24 -26.38 -21.55
C ARG D 462 -6.24 -26.35 -21.57
N GLN D 463 -5.26 -26.84 -22.32
CA GLN D 463 -5.20 -26.53 -23.76
C GLN D 463 -6.47 -26.92 -24.48
N ASP D 464 -7.09 -25.93 -25.13
CA ASP D 464 -8.26 -26.02 -26.00
C ASP D 464 -9.57 -26.31 -25.25
N SER D 465 -9.54 -26.42 -23.92
N SER D 465 -9.54 -26.42 -23.92
CA SER D 465 -10.77 -26.69 -23.19
CA SER D 465 -10.76 -26.69 -23.18
C SER D 465 -11.78 -25.56 -23.36
C SER D 465 -11.77 -25.56 -23.37
N ALA D 466 -11.31 -24.31 -23.28
CA ALA D 466 -12.21 -23.17 -23.40
C ALA D 466 -12.57 -22.90 -24.86
N ASN D 467 -11.58 -23.04 -25.77
CA ASN D 467 -11.84 -22.93 -27.20
C ASN D 467 -12.96 -23.86 -27.63
N VAL D 468 -12.88 -25.13 -27.22
CA VAL D 468 -13.88 -26.10 -27.65
C VAL D 468 -15.22 -25.85 -26.96
N THR D 469 -15.20 -25.58 -25.66
CA THR D 469 -16.45 -25.37 -24.93
C THR D 469 -17.22 -24.19 -25.52
N LEU D 470 -16.54 -23.06 -25.76
CA LEU D 470 -17.26 -21.92 -26.32
C LEU D 470 -17.79 -22.24 -27.71
N THR D 471 -17.00 -22.94 -28.55
CA THR D 471 -17.49 -23.31 -29.87
C THR D 471 -18.75 -24.15 -29.78
N ARG D 472 -18.72 -25.20 -28.95
N ARG D 472 -18.71 -25.21 -28.96
CA ARG D 472 -19.87 -26.08 -28.81
CA ARG D 472 -19.86 -26.09 -28.79
C ARG D 472 -21.09 -25.35 -28.25
C ARG D 472 -21.07 -25.32 -28.27
N GLU D 473 -20.85 -24.46 -27.27
CA GLU D 473 -21.97 -23.75 -26.66
C GLU D 473 -22.65 -22.83 -27.66
N LEU D 474 -21.87 -22.15 -28.49
CA LEU D 474 -22.48 -21.19 -29.41
C LEU D 474 -23.24 -21.88 -30.54
N ILE D 475 -22.68 -22.94 -31.12
CA ILE D 475 -23.41 -23.57 -32.22
C ILE D 475 -24.69 -24.22 -31.70
N ARG D 476 -24.68 -24.72 -30.47
CA ARG D 476 -25.89 -25.26 -29.86
C ARG D 476 -26.99 -24.21 -29.78
N ARG D 477 -26.60 -22.94 -29.61
CA ARG D 477 -27.52 -21.81 -29.48
C ARG D 477 -27.81 -21.16 -30.83
N ASP D 478 -27.56 -21.87 -31.92
CA ASP D 478 -27.84 -21.35 -33.27
C ASP D 478 -26.99 -20.13 -33.63
N ILE D 479 -25.80 -20.05 -33.04
CA ILE D 479 -24.85 -18.99 -33.38
C ILE D 479 -23.72 -19.64 -34.19
N MET D 480 -23.60 -19.25 -35.46
CA MET D 480 -22.56 -19.79 -36.31
C MET D 480 -21.20 -19.26 -35.87
N VAL D 481 -20.19 -20.13 -35.91
CA VAL D 481 -18.85 -19.78 -35.44
C VAL D 481 -17.94 -19.65 -36.65
N LEU D 482 -17.15 -18.58 -36.68
CA LEU D 482 -16.13 -18.37 -37.69
C LEU D 482 -14.78 -18.51 -36.99
N ALA D 483 -14.01 -19.52 -37.38
CA ALA D 483 -12.79 -19.90 -36.66
C ALA D 483 -11.55 -19.47 -37.43
N THR D 484 -10.58 -18.92 -36.72
CA THR D 484 -9.29 -18.56 -37.32
C THR D 484 -8.17 -18.90 -36.36
N GLY D 485 -6.93 -18.88 -36.88
CA GLY D 485 -5.80 -19.02 -35.98
C GLY D 485 -5.73 -20.37 -35.29
N CYS D 486 -5.24 -20.36 -34.05
CA CYS D 486 -5.05 -21.62 -33.34
C CYS D 486 -6.35 -22.26 -32.90
N VAL D 487 -7.46 -21.51 -32.90
CA VAL D 487 -8.76 -22.11 -32.65
C VAL D 487 -9.14 -23.10 -33.75
N THR D 488 -8.67 -22.85 -34.98
CA THR D 488 -8.92 -23.78 -36.09
C THR D 488 -8.63 -25.20 -35.67
N THR D 489 -7.43 -25.42 -35.10
CA THR D 489 -7.01 -26.76 -34.76
C THR D 489 -7.89 -27.37 -33.67
N ALA D 490 -8.31 -26.54 -32.71
CA ALA D 490 -9.19 -27.00 -31.62
C ALA D 490 -10.54 -27.45 -32.18
N ALA D 491 -11.17 -26.61 -32.99
CA ALA D 491 -12.46 -26.98 -33.56
C ALA D 491 -12.32 -28.20 -34.47
N GLY D 492 -11.21 -28.27 -35.21
CA GLY D 492 -10.99 -29.43 -36.07
C GLY D 492 -10.83 -30.72 -35.29
N LYS D 493 -10.00 -30.68 -34.23
CA LYS D 493 -9.77 -31.88 -33.44
C LYS D 493 -11.01 -32.30 -32.66
N ALA D 494 -11.90 -31.35 -32.38
CA ALA D 494 -13.19 -31.64 -31.76
C ALA D 494 -14.22 -32.18 -32.76
N GLY D 495 -13.85 -32.30 -34.03
CA GLY D 495 -14.76 -32.80 -35.04
C GLY D 495 -15.82 -31.83 -35.51
N LEU D 496 -15.57 -30.53 -35.35
CA LEU D 496 -16.60 -29.53 -35.59
C LEU D 496 -16.47 -28.82 -36.94
N LEU D 497 -15.41 -29.10 -37.70
CA LEU D 497 -15.19 -28.45 -38.98
C LEU D 497 -15.72 -29.25 -40.16
N VAL D 498 -16.67 -30.15 -39.95
CA VAL D 498 -17.22 -30.96 -41.05
C VAL D 498 -18.72 -30.74 -41.12
N PRO D 499 -19.34 -30.96 -42.29
CA PRO D 499 -20.79 -30.72 -42.43
C PRO D 499 -21.63 -31.53 -41.47
N GLU D 500 -21.22 -32.75 -41.13
CA GLU D 500 -22.01 -33.58 -40.22
C GLU D 500 -22.02 -33.03 -38.80
N ALA D 501 -21.15 -32.08 -38.47
CA ALA D 501 -21.18 -31.48 -37.14
C ALA D 501 -22.40 -30.59 -36.94
N ALA D 502 -23.21 -30.43 -37.99
CA ALA D 502 -24.53 -29.82 -37.84
C ALA D 502 -25.36 -30.54 -36.77
N SER D 503 -25.09 -31.83 -36.53
CA SER D 503 -25.81 -32.55 -35.50
C SER D 503 -25.54 -31.99 -34.11
N LYS D 504 -24.44 -31.25 -33.93
CA LYS D 504 -24.11 -30.64 -32.66
C LYS D 504 -24.61 -29.21 -32.54
N ALA D 505 -25.19 -28.68 -33.60
CA ALA D 505 -25.74 -27.34 -33.63
C ALA D 505 -27.20 -27.38 -33.21
N GLY D 506 -27.76 -26.21 -32.90
CA GLY D 506 -29.19 -26.10 -32.67
C GLY D 506 -29.98 -26.31 -33.96
N GLU D 507 -31.31 -26.41 -33.81
CA GLU D 507 -32.15 -26.80 -34.93
C GLU D 507 -32.05 -25.80 -36.09
N GLY D 508 -32.01 -24.51 -35.80
CA GLY D 508 -31.97 -23.53 -36.87
C GLY D 508 -30.65 -23.55 -37.64
N LEU D 509 -29.54 -23.57 -36.90
CA LEU D 509 -28.23 -23.57 -37.56
C LEU D 509 -27.97 -24.89 -38.27
N ALA D 510 -28.39 -26.00 -37.66
CA ALA D 510 -28.27 -27.30 -38.33
C ALA D 510 -29.01 -27.30 -39.67
N ALA D 511 -30.20 -26.72 -39.70
CA ALA D 511 -30.98 -26.69 -40.93
C ALA D 511 -30.30 -25.86 -42.00
N VAL D 512 -29.76 -24.69 -41.63
CA VAL D 512 -29.08 -23.84 -42.62
C VAL D 512 -27.82 -24.53 -43.13
N CYS D 513 -27.02 -25.07 -42.21
CA CYS D 513 -25.79 -25.78 -42.58
C CYS D 513 -26.08 -26.92 -43.54
N ARG D 514 -27.10 -27.72 -43.25
CA ARG D 514 -27.41 -28.85 -44.13
C ARG D 514 -27.95 -28.38 -45.48
N SER D 515 -28.67 -27.27 -45.51
CA SER D 515 -29.16 -26.77 -46.80
C SER D 515 -28.02 -26.25 -47.67
N LEU D 516 -26.96 -25.72 -47.06
CA LEU D 516 -25.81 -25.20 -47.79
C LEU D 516 -24.70 -26.23 -47.96
N GLY D 517 -24.74 -27.33 -47.20
CA GLY D 517 -23.67 -28.31 -47.25
C GLY D 517 -22.41 -27.88 -46.54
N VAL D 518 -22.51 -27.05 -45.51
CA VAL D 518 -21.34 -26.48 -44.84
C VAL D 518 -21.36 -26.90 -43.38
N PRO D 519 -20.20 -26.83 -42.70
CA PRO D 519 -20.15 -27.07 -41.25
C PRO D 519 -20.75 -25.92 -40.47
N PRO D 520 -21.07 -26.12 -39.19
CA PRO D 520 -21.52 -25.01 -38.33
C PRO D 520 -20.38 -24.13 -37.85
N VAL D 521 -19.14 -24.55 -38.08
CA VAL D 521 -17.94 -23.77 -37.77
C VAL D 521 -17.19 -23.62 -39.08
N LEU D 522 -17.05 -22.38 -39.55
CA LEU D 522 -16.42 -22.10 -40.83
C LEU D 522 -14.98 -21.66 -40.60
N HIS D 523 -14.03 -22.39 -41.16
CA HIS D 523 -12.64 -21.98 -41.04
C HIS D 523 -12.35 -20.85 -42.02
N MET D 524 -12.06 -19.67 -41.49
CA MET D 524 -11.84 -18.49 -42.33
C MET D 524 -10.38 -18.10 -42.44
N GLY D 525 -9.48 -18.87 -41.83
CA GLY D 525 -8.06 -18.69 -42.13
C GLY D 525 -7.14 -18.46 -40.96
N SER D 526 -6.04 -17.77 -41.26
CA SER D 526 -5.00 -17.47 -40.29
C SER D 526 -5.40 -16.22 -39.50
N CYS D 527 -4.47 -15.74 -38.67
N CYS D 527 -4.47 -15.72 -38.68
CA CYS D 527 -4.75 -14.56 -37.85
CA CYS D 527 -4.76 -14.56 -37.85
C CYS D 527 -4.90 -13.30 -38.70
C CYS D 527 -4.86 -13.27 -38.67
N VAL D 528 -4.10 -13.15 -39.76
CA VAL D 528 -4.31 -11.98 -40.63
C VAL D 528 -5.68 -12.06 -41.26
N ASP D 529 -6.18 -13.27 -41.52
CA ASP D 529 -7.47 -13.47 -42.14
C ASP D 529 -8.63 -13.10 -41.23
N ASN D 530 -8.38 -12.73 -39.96
CA ASN D 530 -9.43 -12.04 -39.23
C ASN D 530 -9.89 -10.79 -39.97
N SER D 531 -9.04 -10.28 -40.87
CA SER D 531 -9.50 -9.23 -41.77
C SER D 531 -10.69 -9.67 -42.62
N ARG D 532 -10.80 -10.96 -42.94
CA ARG D 532 -11.98 -11.44 -43.68
C ARG D 532 -13.25 -11.21 -42.86
N ILE D 533 -13.14 -11.38 -41.54
CA ILE D 533 -14.30 -11.18 -40.68
C ILE D 533 -14.68 -9.70 -40.69
N LEU D 534 -13.68 -8.80 -40.68
CA LEU D 534 -14.02 -7.38 -40.79
C LEU D 534 -14.73 -7.09 -42.11
N GLN D 535 -14.19 -7.62 -43.21
CA GLN D 535 -14.79 -7.39 -44.52
C GLN D 535 -16.23 -7.91 -44.57
N LEU D 536 -16.47 -9.09 -43.99
CA LEU D 536 -17.81 -9.67 -43.99
C LEU D 536 -18.77 -8.82 -43.17
N CYS D 537 -18.33 -8.39 -41.98
CA CYS D 537 -19.15 -7.50 -41.17
C CYS D 537 -19.44 -6.20 -41.90
N ALA D 538 -18.41 -5.60 -42.49
CA ALA D 538 -18.60 -4.36 -43.25
C ALA D 538 -19.61 -4.57 -44.37
N LEU D 539 -19.55 -5.71 -45.06
CA LEU D 539 -20.48 -5.96 -46.15
C LEU D 539 -21.91 -6.11 -45.63
N LEU D 540 -22.09 -6.84 -44.53
CA LEU D 540 -23.43 -7.00 -43.97
C LEU D 540 -23.99 -5.67 -43.49
N ALA D 541 -23.16 -4.88 -42.81
CA ALA D 541 -23.63 -3.59 -42.31
C ALA D 541 -24.00 -2.65 -43.46
N THR D 542 -23.15 -2.58 -44.48
CA THR D 542 -23.41 -1.70 -45.61
C THR D 542 -24.69 -2.11 -46.35
N THR D 543 -24.85 -3.42 -46.55
CA THR D 543 -26.06 -3.92 -47.21
C THR D 543 -27.31 -3.54 -46.43
N LEU D 544 -27.28 -3.73 -45.10
N LEU D 544 -27.28 -3.73 -45.10
CA LEU D 544 -28.43 -3.40 -44.28
CA LEU D 544 -28.40 -3.41 -44.25
C LEU D 544 -28.56 -1.91 -43.99
C LEU D 544 -28.52 -1.93 -43.93
N GLY D 545 -27.53 -1.11 -44.29
CA GLY D 545 -27.59 0.30 -43.99
C GLY D 545 -27.47 0.64 -42.52
N VAL D 546 -26.72 -0.16 -41.77
CA VAL D 546 -26.50 0.03 -40.34
C VAL D 546 -24.99 0.04 -40.08
N ASP D 547 -24.63 0.16 -38.80
CA ASP D 547 -23.23 0.09 -38.38
C ASP D 547 -22.90 -1.37 -38.06
N ILE D 548 -21.60 -1.67 -38.05
CA ILE D 548 -21.14 -2.97 -37.55
C ILE D 548 -21.60 -3.16 -36.10
N SER D 549 -21.68 -2.09 -35.32
CA SER D 549 -22.13 -2.15 -33.94
C SER D 549 -23.62 -2.47 -33.81
N ASP D 550 -24.34 -2.56 -34.92
CA ASP D 550 -25.74 -2.99 -34.93
C ASP D 550 -25.89 -4.45 -35.35
N LEU D 551 -24.81 -5.10 -35.80
CA LEU D 551 -24.95 -6.45 -36.32
C LEU D 551 -24.92 -7.47 -35.19
N PRO D 552 -25.59 -8.61 -35.36
CA PRO D 552 -25.60 -9.67 -34.33
C PRO D 552 -24.33 -10.51 -34.41
N VAL D 553 -23.23 -9.92 -33.91
CA VAL D 553 -21.91 -10.50 -34.03
C VAL D 553 -21.17 -10.41 -32.70
N GLY D 554 -20.09 -11.17 -32.61
CA GLY D 554 -19.20 -11.12 -31.47
C GLY D 554 -17.88 -11.71 -31.87
N ALA D 555 -16.90 -11.57 -30.98
CA ALA D 555 -15.59 -12.19 -31.16
C ALA D 555 -15.10 -12.68 -29.82
N SER D 556 -14.23 -13.70 -29.85
CA SER D 556 -13.74 -14.24 -28.61
C SER D 556 -12.37 -14.87 -28.83
N SER D 557 -11.46 -14.66 -27.88
CA SER D 557 -10.23 -15.42 -27.81
C SER D 557 -10.13 -16.02 -26.41
N PRO D 558 -10.68 -17.22 -26.21
CA PRO D 558 -10.72 -17.79 -24.86
C PRO D 558 -9.35 -18.08 -24.27
N GLU D 559 -8.33 -18.35 -25.10
CA GLU D 559 -7.03 -18.81 -24.63
C GLU D 559 -5.89 -17.99 -25.24
N TRP D 560 -6.11 -16.70 -25.41
CA TRP D 560 -5.11 -15.84 -26.04
C TRP D 560 -3.85 -15.74 -25.18
N TYR D 561 -2.73 -15.41 -25.86
CA TYR D 561 -1.48 -15.11 -25.19
C TYR D 561 -0.74 -13.91 -25.79
N SER D 562 -0.87 -13.64 -27.08
CA SER D 562 0.10 -12.81 -27.79
C SER D 562 -0.33 -11.35 -27.88
N GLU D 563 0.67 -10.48 -28.14
CA GLU D 563 0.37 -9.09 -28.46
C GLU D 563 -0.51 -8.99 -29.71
N LYS D 564 -0.29 -9.86 -30.69
CA LYS D 564 -1.12 -9.87 -31.90
C LYS D 564 -2.58 -10.11 -31.56
N ALA D 565 -2.85 -11.07 -30.67
CA ALA D 565 -4.23 -11.35 -30.29
C ALA D 565 -4.88 -10.15 -29.61
N ALA D 566 -4.11 -9.42 -28.80
CA ALA D 566 -4.66 -8.22 -28.16
C ALA D 566 -4.96 -7.15 -29.20
N ALA D 567 -4.12 -7.01 -30.24
CA ALA D 567 -4.39 -6.04 -31.30
C ALA D 567 -5.64 -6.42 -32.08
N ILE D 568 -5.81 -7.71 -32.38
CA ILE D 568 -7.04 -8.20 -33.02
C ILE D 568 -8.26 -7.86 -32.18
N ALA D 569 -8.19 -8.18 -30.88
CA ALA D 569 -9.31 -7.88 -29.99
C ALA D 569 -9.60 -6.39 -29.98
N MET D 570 -8.56 -5.55 -29.95
CA MET D 570 -8.79 -4.12 -29.93
C MET D 570 -9.39 -3.62 -31.24
N TYR D 571 -8.91 -4.10 -32.39
CA TYR D 571 -9.53 -3.64 -33.63
C TYR D 571 -10.95 -4.16 -33.81
N ALA D 572 -11.25 -5.35 -33.28
CA ALA D 572 -12.64 -5.81 -33.30
C ALA D 572 -13.53 -4.88 -32.49
N VAL D 573 -13.15 -4.62 -31.24
CA VAL D 573 -13.89 -3.70 -30.38
C VAL D 573 -14.07 -2.35 -31.06
N ALA D 574 -12.97 -1.78 -31.58
CA ALA D 574 -13.05 -0.44 -32.14
C ALA D 574 -13.88 -0.41 -33.41
N SER D 575 -14.08 -1.55 -34.06
CA SER D 575 -14.95 -1.65 -35.21
C SER D 575 -16.41 -1.95 -34.86
N GLY D 576 -16.73 -2.10 -33.58
CA GLY D 576 -18.09 -2.33 -33.14
C GLY D 576 -18.44 -3.77 -32.81
N ILE D 577 -17.45 -4.64 -32.60
CA ILE D 577 -17.68 -6.07 -32.38
C ILE D 577 -17.41 -6.36 -30.90
N PRO D 578 -18.41 -6.78 -30.11
CA PRO D 578 -18.13 -7.15 -28.72
C PRO D 578 -17.11 -8.29 -28.72
N THR D 579 -16.07 -8.15 -27.90
CA THR D 579 -14.94 -9.10 -27.92
C THR D 579 -14.63 -9.63 -26.54
N HIS D 580 -14.68 -10.97 -26.40
CA HIS D 580 -14.41 -11.65 -25.15
C HIS D 580 -12.96 -12.14 -25.13
N LEU D 581 -12.31 -11.99 -23.97
CA LEU D 581 -11.00 -12.57 -23.69
C LEU D 581 -11.10 -13.50 -22.49
N GLY D 582 -10.47 -14.66 -22.56
CA GLY D 582 -10.52 -15.59 -21.44
C GLY D 582 -9.72 -15.13 -20.23
N LEU D 583 -8.64 -14.37 -20.46
CA LEU D 583 -7.70 -13.93 -19.45
C LEU D 583 -7.52 -12.43 -19.56
N PRO D 584 -7.22 -11.75 -18.46
CA PRO D 584 -7.06 -10.29 -18.52
C PRO D 584 -5.70 -9.91 -19.09
N PRO D 585 -5.65 -8.85 -19.91
CA PRO D 585 -4.37 -8.20 -20.15
C PRO D 585 -3.81 -7.70 -18.83
N ASN D 586 -2.55 -7.29 -18.84
CA ASN D 586 -1.89 -6.84 -17.61
C ASN D 586 -2.26 -5.38 -17.35
N ILE D 587 -3.52 -5.18 -16.97
CA ILE D 587 -4.09 -3.85 -16.79
C ILE D 587 -4.85 -3.67 -15.49
N LEU D 588 -4.99 -4.73 -14.68
CA LEU D 588 -5.91 -4.61 -13.55
C LEU D 588 -5.37 -3.72 -12.42
N GLY D 589 -4.11 -3.30 -12.50
CA GLY D 589 -3.57 -2.34 -11.55
C GLY D 589 -4.15 -0.95 -11.70
N SER D 590 -4.85 -0.67 -12.81
CA SER D 590 -5.55 0.60 -13.00
C SER D 590 -7.03 0.30 -13.15
N GLU D 591 -7.81 0.65 -12.13
CA GLU D 591 -9.25 0.49 -12.24
C GLU D 591 -9.82 1.32 -13.37
N ASN D 592 -9.26 2.53 -13.57
CA ASN D 592 -9.77 3.39 -14.63
C ASN D 592 -9.52 2.82 -16.02
N VAL D 593 -8.31 2.30 -16.27
CA VAL D 593 -8.04 1.69 -17.57
C VAL D 593 -8.91 0.46 -17.77
N THR D 594 -9.01 -0.37 -16.73
CA THR D 594 -9.87 -1.55 -16.80
C THR D 594 -11.32 -1.16 -17.07
N ALA D 595 -11.82 -0.12 -16.39
CA ALA D 595 -13.18 0.32 -16.62
C ALA D 595 -13.39 0.83 -18.05
N MET D 596 -12.37 1.47 -18.63
N MET D 596 -12.38 1.48 -18.62
CA MET D 596 -12.51 1.92 -20.02
CA MET D 596 -12.47 1.91 -20.01
C MET D 596 -12.57 0.74 -20.98
C MET D 596 -12.60 0.72 -20.95
N ALA D 597 -11.77 -0.30 -20.74
CA ALA D 597 -11.78 -1.46 -21.63
C ALA D 597 -13.11 -2.22 -21.53
N LEU D 598 -13.65 -2.35 -20.31
CA LEU D 598 -14.84 -3.18 -20.11
C LEU D 598 -16.15 -2.41 -20.27
N HIS D 599 -16.13 -1.09 -20.12
CA HIS D 599 -17.38 -0.33 -20.04
C HIS D 599 -17.34 0.96 -20.84
N GLY D 600 -16.30 1.77 -20.62
CA GLY D 600 -16.24 3.06 -21.29
C GLY D 600 -16.24 2.95 -22.81
N LEU D 601 -15.55 1.94 -23.36
CA LEU D 601 -15.51 1.80 -24.81
C LEU D 601 -16.90 1.54 -25.38
N GLN D 602 -17.78 0.87 -24.63
CA GLN D 602 -19.14 0.67 -25.11
C GLN D 602 -19.78 2.00 -25.47
N ASP D 603 -19.60 3.01 -24.62
CA ASP D 603 -20.20 4.31 -24.87
C ASP D 603 -19.63 4.95 -26.14
N VAL D 604 -18.38 4.68 -26.44
N VAL D 604 -18.38 4.70 -26.45
CA VAL D 604 -17.63 5.44 -27.43
CA VAL D 604 -17.68 5.48 -27.47
C VAL D 604 -17.65 4.78 -28.80
C VAL D 604 -17.65 4.78 -28.82
N VAL D 605 -17.36 3.48 -28.88
CA VAL D 605 -17.28 2.76 -30.15
C VAL D 605 -18.40 1.76 -30.33
N GLY D 606 -19.30 1.62 -29.36
CA GLY D 606 -20.40 0.69 -29.48
C GLY D 606 -20.06 -0.76 -29.20
N ALA D 607 -18.91 -1.03 -28.59
CA ALA D 607 -18.50 -2.37 -28.21
C ALA D 607 -17.45 -2.21 -27.12
N ALA D 608 -17.17 -3.32 -26.42
CA ALA D 608 -16.22 -3.32 -25.32
C ALA D 608 -15.60 -4.71 -25.18
N PHE D 609 -14.51 -4.76 -24.42
CA PHE D 609 -13.91 -6.03 -24.05
C PHE D 609 -14.73 -6.69 -22.94
N MET D 610 -14.70 -8.02 -22.91
CA MET D 610 -15.16 -8.79 -21.76
C MET D 610 -14.01 -9.68 -21.33
N VAL D 611 -13.87 -9.90 -20.03
CA VAL D 611 -12.86 -10.82 -19.51
C VAL D 611 -13.58 -11.87 -18.67
N GLU D 612 -13.55 -13.13 -19.12
CA GLU D 612 -14.34 -14.15 -18.46
C GLU D 612 -13.71 -15.52 -18.65
N PRO D 613 -13.18 -16.14 -17.59
CA PRO D 613 -12.52 -17.45 -17.75
C PRO D 613 -13.46 -18.63 -17.86
N ASP D 614 -14.74 -18.48 -17.49
CA ASP D 614 -15.71 -19.56 -17.59
C ASP D 614 -16.28 -19.51 -19.00
N PRO D 615 -15.99 -20.50 -19.85
CA PRO D 615 -16.43 -20.39 -21.25
C PRO D 615 -17.93 -20.48 -21.44
N VAL D 616 -18.65 -21.14 -20.52
CA VAL D 616 -20.11 -21.15 -20.64
C VAL D 616 -20.69 -19.77 -20.31
N LYS D 617 -20.15 -19.11 -19.28
CA LYS D 617 -20.57 -17.75 -18.98
C LYS D 617 -20.19 -16.81 -20.12
N ALA D 618 -19.04 -17.03 -20.75
CA ALA D 618 -18.67 -16.23 -21.91
C ALA D 618 -19.68 -16.41 -23.03
N ALA D 619 -20.12 -17.64 -23.27
CA ALA D 619 -21.16 -17.87 -24.27
C ALA D 619 -22.43 -17.11 -23.91
N ASP D 620 -22.81 -17.15 -22.63
CA ASP D 620 -23.98 -16.39 -22.17
C ASP D 620 -23.84 -14.91 -22.51
N MET D 621 -22.66 -14.33 -22.26
CA MET D 621 -22.47 -12.91 -22.46
C MET D 621 -22.45 -12.55 -23.93
N LEU D 622 -21.79 -13.37 -24.75
CA LEU D 622 -21.82 -13.14 -26.19
C LEU D 622 -23.23 -13.27 -26.75
N GLU D 623 -23.98 -14.28 -26.30
CA GLU D 623 -25.36 -14.43 -26.76
C GLU D 623 -26.20 -13.23 -26.38
N ALA D 624 -26.01 -12.73 -25.16
CA ALA D 624 -26.76 -11.57 -24.69
C ALA D 624 -26.56 -10.36 -25.59
N HIS D 625 -25.30 -10.08 -26.00
CA HIS D 625 -25.08 -8.98 -26.94
C HIS D 625 -25.80 -9.24 -28.25
N ILE D 626 -25.73 -10.47 -28.75
CA ILE D 626 -26.37 -10.81 -30.01
C ILE D 626 -27.87 -10.61 -29.92
N VAL D 627 -28.48 -11.05 -28.82
CA VAL D 627 -29.92 -10.89 -28.63
C VAL D 627 -30.31 -9.42 -28.56
N ALA D 628 -29.54 -8.60 -27.85
CA ALA D 628 -29.85 -7.18 -27.78
C ALA D 628 -29.74 -6.51 -29.15
N ARG D 629 -28.73 -6.89 -29.94
CA ARG D 629 -28.59 -6.33 -31.28
C ARG D 629 -29.71 -6.79 -32.19
N ARG D 630 -30.13 -8.06 -32.09
CA ARG D 630 -31.27 -8.51 -32.89
C ARG D 630 -32.51 -7.67 -32.62
N ALA D 631 -32.73 -7.30 -31.36
CA ALA D 631 -33.92 -6.53 -31.04
C ALA D 631 -33.91 -5.16 -31.74
N ARG D 632 -32.76 -4.49 -31.76
CA ARG D 632 -32.68 -3.18 -32.41
C ARG D 632 -32.78 -3.28 -33.93
N LEU D 633 -32.54 -4.45 -34.49
CA LEU D 633 -32.80 -4.68 -35.90
C LEU D 633 -34.25 -5.05 -36.17
N GLY D 634 -35.05 -5.23 -35.13
CA GLY D 634 -36.43 -5.61 -35.28
C GLY D 634 -36.69 -7.10 -35.35
N LEU D 635 -35.80 -7.92 -34.82
CA LEU D 635 -35.86 -9.36 -34.95
C LEU D 635 -36.23 -10.02 -33.62
N THR D 636 -36.86 -11.18 -33.70
CA THR D 636 -37.14 -11.98 -32.52
C THR D 636 -35.90 -12.80 -32.16
FE1 SF4 E . -5.15 -13.24 41.91
FE2 SF4 E . -5.75 -15.21 43.65
FE3 SF4 E . -4.99 -15.85 41.05
FE4 SF4 E . -7.45 -14.64 41.57
S1 SF4 E . -6.76 -16.73 42.29
S2 SF4 E . -5.92 -14.05 39.94
S3 SF4 E . -6.96 -13.29 43.31
S4 SF4 E . -3.71 -14.87 42.64
FE1 XCC F . 0.52 14.82 40.25
FE2 XCC F . 0.59 16.40 37.31
FE3 XCC F . 3.00 14.13 40.47
FE4 XCC F . 2.44 16.71 40.75
S1 XCC F . 4.12 15.83 39.53
S2 XCC F . 1.76 15.10 42.11
S4 XCC F . 1.55 13.25 39.07
S3 XCC F . 0.49 16.96 39.52
FE FE G . 2.29 15.56 38.16
C1 GOL H . -3.28 -8.67 55.65
O1 GOL H . -2.82 -9.88 56.18
C2 GOL H . -3.22 -7.66 56.81
O2 GOL H . -3.70 -8.22 57.97
C3 GOL H . -4.05 -6.43 56.34
O3 GOL H . -4.25 -5.66 57.48
MG MG I . -16.58 17.33 19.18
FE1 FES J . -5.38 -7.12 52.11
FE2 FES J . -3.01 -5.67 52.20
S1 FES J . -5.05 -5.05 52.78
S2 FES J . -3.33 -7.79 51.67
FE1 SF4 K . -5.43 4.88 47.21
FE2 SF4 K . -4.26 5.64 49.55
FE3 SF4 K . -5.59 7.49 47.99
FE4 SF4 K . -3.18 6.39 47.13
S1 SF4 K . -3.52 7.71 48.99
S2 SF4 K . -5.11 6.65 45.89
S3 SF4 K . -3.33 4.28 47.94
S4 SF4 K . -6.51 5.74 49.06
FE1 XCC L . -13.52 -18.41 32.51
FE2 XCC L . -14.48 -18.24 29.27
FE3 XCC L . -15.79 -18.11 33.69
FE4 XCC L . -15.41 -20.43 32.44
S1 XCC L . -17.24 -19.12 32.35
S2 XCC L . -14.28 -19.72 34.22
S4 XCC L . -14.69 -16.55 32.68
S3 XCC L . -13.86 -19.87 30.73
FE FE M . -15.81 -18.06 30.93
MG MG N . -2.70 -8.07 9.53
MG MG O . 6.41 -10.79 20.47
CL CL P . -21.23 7.20 15.98
FE1 SF4 Q . 8.41 -12.63 -22.67
FE2 SF4 Q . 7.71 -14.64 -21.04
FE3 SF4 Q . 8.53 -15.19 -23.65
FE4 SF4 Q . 6.10 -13.93 -23.16
S1 SF4 Q . 6.71 -16.06 -22.51
S2 SF4 Q . 7.70 -13.30 -24.69
S3 SF4 Q . 6.57 -12.68 -21.33
S4 SF4 Q . 9.78 -14.31 -21.96
FE1 XCC R . 14.87 15.40 -22.61
FE2 XCC R . 15.08 17.14 -25.44
FE3 XCC R . 17.33 14.61 -22.34
FE4 XCC R . 16.85 17.18 -21.90
S1 XCC R . 18.48 16.28 -23.13
S2 XCC R . 16.07 15.53 -20.71
S4 XCC R . 15.86 13.80 -23.85
S3 XCC R . 14.93 17.61 -23.24
FE FE S . 16.78 16.08 -24.70
C1 GOL T . 25.19 -14.53 -20.28
O1 GOL T . 24.90 -13.43 -21.11
C2 GOL T . 24.45 -14.34 -18.91
O2 GOL T . 24.80 -13.17 -18.26
C3 GOL T . 22.94 -14.42 -19.19
O3 GOL T . 22.63 -15.76 -19.41
MG MG U . -1.52 19.68 -44.23
MG MG V . -7.68 14.79 -31.85
CL CL W . 16.58 4.68 -52.08
FE1 FES X . 7.96 -7.02 -12.17
FE2 FES X . 10.37 -5.64 -11.92
S1 FES X . 8.33 -4.99 -11.35
S2 FES X . 10.01 -7.72 -12.56
FE1 SF4 Y . 8.39 5.25 -16.36
FE2 SF4 Y . 9.49 5.87 -13.96
FE3 SF4 Y . 8.25 7.82 -15.45
FE4 SF4 Y . 10.68 6.70 -16.28
S1 SF4 Y . 10.30 7.93 -14.37
S2 SF4 Y . 8.79 7.09 -17.58
S3 SF4 Y . 10.46 4.56 -15.59
S4 SF4 Y . 7.26 6.03 -14.51
FE1 XCC Z . 0.25 -17.07 -32.55
FE2 XCC Z . -0.66 -16.71 -35.79
FE3 XCC Z . -2.03 -16.78 -31.41
FE4 XCC Z . -1.72 -19.02 -32.77
S1 XCC Z . -3.49 -17.71 -32.85
S2 XCC Z . -0.60 -18.43 -31.01
S4 XCC Z . -0.91 -15.17 -32.33
S3 XCC Z . -0.10 -18.49 -34.38
FE FE AA . -1.99 -16.62 -34.12
C1 GOL BA . -5.13 3.44 -9.93
O1 GOL BA . -4.82 4.72 -9.47
C2 GOL BA . -6.59 3.13 -9.49
O2 GOL BA . -6.88 1.80 -9.72
C3 GOL BA . -7.52 4.09 -10.31
O3 GOL BA . -7.49 3.70 -11.66
MG MG CA . 11.93 -5.92 -54.58
MG MG DA . -2.50 -44.26 -38.22
MG MG EA . 20.40 -9.22 -43.12
#